data_5W4B
#
_entry.id   5W4B
#
_cell.length_a   94.511
_cell.length_b   406.464
_cell.length_c   186.724
_cell.angle_alpha   90.000
_cell.angle_beta   90.000
_cell.angle_gamma   90.000
#
_symmetry.space_group_name_H-M   'C 2 2 21'
#
loop_
_entity.id
_entity.type
_entity.pdbx_description
1 polymer Adenosylhomocysteinase
2 non-polymer NICOTINAMIDE-ADENINE-DINUCLEOTIDE
3 non-polymer 4-[(2,5-dioxo-2,5-dihydro-1H-imidazol-1-yl)methyl]-N-[2-(morpholin-4-yl)-1,3-benzothiazol-6-yl]benzamide
4 non-polymer 1,2-ETHANEDIOL
5 water water
#
_entity_poly.entity_id   1
_entity_poly.type   'polypeptide(L)'
_entity_poly.pdbx_seq_one_letter_code
;KLPYKVADIGLAAWGRKALDIAENEMPGLMRMRERYSASKPLKGARIAGCLHMTVETAVLIETLVTLGAEVQWSSCNIFS
TQDHAAAAIAKAGIPVYAWKGETDEEYLWCIEQTLYFKDGPLNMILDDGGDLTNLIHTKYPQLLPGIRGISEETTTGVHN
LYKMMANGILKVPAINVNDSVTKSKFDNLYGCRESLIDGIKRATDVMIAGKVAVVAGYGDVGKGCAQALRGFGARVIITE
IDPINALQAAMEGYEVTTMDEACQEGNIFVTTTGCIDIILGRHFEQMKDDAIVCNIGHFDVEIDVKWLNENAVEKVNIKP
QVDRYRLKNGRRIILLAEGRLVNLGCAMGHPSFVMSNSFTNQVMAQIELWTHPDKYPVGVHFLPKKLDEAVAEAHLGKLN
VKLTKLTEKQAQYLGMSCDGPFKPDHYRY
;
_entity_poly.pdbx_strand_id   A,B,C,D,E,F
#
loop_
_chem_comp.id
_chem_comp.type
_chem_comp.name
_chem_comp.formula
9W4 non-polymer 4-[(2,5-dioxo-2,5-dihydro-1H-imidazol-1-yl)methyl]-N-[2-(morpholin-4-yl)-1,3-benzothiazol-6-yl]benzamide 'C22 H19 N5 O4 S'
EDO non-polymer 1,2-ETHANEDIOL 'C2 H6 O2'
NAD non-polymer NICOTINAMIDE-ADENINE-DINUCLEOTIDE 'C21 H27 N7 O14 P2'
#
# COMPACT_ATOMS: atom_id res chain seq x y z
N LEU A 2 -26.05 45.66 44.81
CA LEU A 2 -25.14 44.50 45.11
C LEU A 2 -24.18 44.22 43.95
N PRO A 3 -22.87 44.03 44.25
CA PRO A 3 -21.88 43.76 43.19
C PRO A 3 -21.96 42.33 42.62
N TYR A 4 -22.32 41.37 43.47
CA TYR A 4 -22.51 39.97 43.08
C TYR A 4 -23.41 39.28 44.12
N LYS A 5 -23.62 37.97 43.94
CA LYS A 5 -24.23 37.14 44.99
C LYS A 5 -23.90 35.65 44.81
N VAL A 6 -23.18 35.10 45.79
CA VAL A 6 -22.74 33.70 45.78
C VAL A 6 -23.09 33.09 47.15
N ALA A 7 -23.09 31.76 47.23
CA ALA A 7 -23.18 31.05 48.50
C ALA A 7 -22.03 31.43 49.45
N ASP A 8 -20.80 31.16 49.02
CA ASP A 8 -19.59 31.40 49.81
C ASP A 8 -18.45 31.85 48.92
N ILE A 9 -18.12 33.15 48.95
CA ILE A 9 -16.97 33.70 48.19
C ILE A 9 -15.59 33.20 48.66
N GLY A 10 -15.54 32.53 49.81
CA GLY A 10 -14.35 31.82 50.27
C GLY A 10 -14.18 30.38 49.81
N LEU A 11 -14.78 30.04 48.66
CA LEU A 11 -14.53 28.77 47.95
C LEU A 11 -13.68 29.00 46.68
N ALA A 12 -13.12 30.20 46.54
CA ALA A 12 -12.48 30.64 45.30
C ALA A 12 -11.13 29.98 45.00
N ALA A 13 -10.44 29.50 46.05
CA ALA A 13 -9.17 28.77 45.90
C ALA A 13 -9.41 27.46 45.17
N TRP A 14 -10.45 26.78 45.63
CA TRP A 14 -10.93 25.53 45.06
C TRP A 14 -11.43 25.72 43.63
N GLY A 15 -12.17 26.81 43.42
CA GLY A 15 -12.67 27.19 42.11
C GLY A 15 -11.56 27.41 41.09
N ARG A 16 -10.60 28.26 41.46
CA ARG A 16 -9.43 28.56 40.63
C ARG A 16 -8.61 27.31 40.27
N LYS A 17 -8.54 26.36 41.19
CA LYS A 17 -7.86 25.08 40.95
C LYS A 17 -8.59 24.27 39.86
N ALA A 18 -9.90 24.13 40.03
CA ALA A 18 -10.75 23.43 39.05
C ALA A 18 -10.84 24.16 37.70
N LEU A 19 -10.76 25.48 37.72
CA LEU A 19 -10.64 26.29 36.50
C LEU A 19 -9.36 25.97 35.73
N ASP A 20 -8.25 25.96 36.48
CA ASP A 20 -6.92 25.69 35.93
C ASP A 20 -6.82 24.30 35.28
N ILE A 21 -7.53 23.32 35.85
CA ILE A 21 -7.65 21.99 35.25
C ILE A 21 -8.53 22.03 34.00
N ALA A 22 -9.69 22.67 34.13
CA ALA A 22 -10.67 22.73 33.02
C ALA A 22 -10.22 23.58 31.84
N GLU A 23 -9.33 24.54 32.07
CA GLU A 23 -8.77 25.35 30.96
C GLU A 23 -7.96 24.51 29.97
N ASN A 24 -7.18 23.56 30.48
CA ASN A 24 -6.40 22.66 29.62
C ASN A 24 -7.25 21.75 28.74
N GLU A 25 -8.42 21.37 29.24
CA GLU A 25 -9.39 20.56 28.49
C GLU A 25 -10.40 21.40 27.69
N MET A 26 -10.24 22.72 27.70
CA MET A 26 -11.07 23.61 26.90
C MET A 26 -10.22 24.52 26.00
N PRO A 27 -9.51 23.93 25.02
CA PRO A 27 -8.60 24.70 24.15
C PRO A 27 -9.30 25.67 23.21
N GLY A 28 -10.57 25.41 22.93
CA GLY A 28 -11.39 26.28 22.09
C GLY A 28 -11.54 27.67 22.64
N LEU A 29 -11.88 27.76 23.92
CA LEU A 29 -11.96 29.04 24.63
C LEU A 29 -10.59 29.69 24.84
N MET A 30 -9.56 28.88 25.10
CA MET A 30 -8.18 29.39 25.27
C MET A 30 -7.55 29.89 23.97
N ARG A 31 -7.89 29.26 22.85
CA ARG A 31 -7.46 29.74 21.54
C ARG A 31 -8.07 31.10 21.22
N MET A 32 -9.30 31.35 21.71
CA MET A 32 -9.96 32.65 21.55
C MET A 32 -9.24 33.74 22.36
N ARG A 33 -8.79 33.41 23.56
CA ARG A 33 -7.95 34.33 24.36
C ARG A 33 -6.62 34.64 23.66
N GLU A 34 -5.99 33.63 23.08
CA GLU A 34 -4.72 33.81 22.34
C GLU A 34 -4.86 34.75 21.12
N ARG A 35 -5.84 34.47 20.26
CA ARG A 35 -6.09 35.29 19.05
C ARG A 35 -6.52 36.74 19.34
N TYR A 36 -7.39 36.94 20.34
CA TYR A 36 -8.18 38.18 20.47
C TYR A 36 -7.96 39.06 21.70
N SER A 37 -7.20 38.62 22.70
CA SER A 37 -7.02 39.42 23.93
C SER A 37 -6.42 40.81 23.70
N ALA A 38 -5.56 40.94 22.69
CA ALA A 38 -4.94 42.23 22.35
C ALA A 38 -5.85 43.15 21.54
N SER A 39 -6.67 42.57 20.65
CA SER A 39 -7.55 43.34 19.76
C SER A 39 -8.89 43.72 20.38
N LYS A 40 -9.30 42.98 21.42
CA LYS A 40 -10.56 43.21 22.16
C LYS A 40 -11.72 43.54 21.21
N PRO A 41 -12.11 42.59 20.34
CA PRO A 41 -13.18 42.92 19.38
C PRO A 41 -14.53 43.25 20.03
N LEU A 42 -14.75 42.79 21.26
CA LEU A 42 -15.98 43.06 22.01
C LEU A 42 -15.98 44.38 22.79
N LYS A 43 -14.84 45.07 22.84
CA LYS A 43 -14.74 46.40 23.50
C LYS A 43 -15.97 47.28 23.29
N GLY A 44 -16.69 47.51 24.38
CA GLY A 44 -17.98 48.22 24.36
C GLY A 44 -19.19 47.30 24.46
N ALA A 45 -18.95 45.99 24.60
CA ALA A 45 -20.02 45.02 24.80
C ALA A 45 -20.30 44.83 26.29
N ARG A 46 -21.52 45.18 26.68
CA ARG A 46 -22.11 44.79 27.96
C ARG A 46 -22.94 43.51 27.76
N ILE A 47 -22.31 42.36 27.95
CA ILE A 47 -22.94 41.04 27.74
C ILE A 47 -23.61 40.53 29.02
N ALA A 48 -24.94 40.43 28.99
CA ALA A 48 -25.71 39.78 30.07
C ALA A 48 -25.91 38.31 29.73
N GLY A 49 -25.26 37.44 30.49
CA GLY A 49 -25.35 36.00 30.29
C GLY A 49 -26.43 35.39 31.15
N CYS A 50 -26.89 34.22 30.74
CA CYS A 50 -27.81 33.40 31.53
C CYS A 50 -27.59 31.93 31.20
N LEU A 51 -26.69 31.30 31.95
CA LEU A 51 -26.26 29.94 31.69
C LEU A 51 -25.67 29.31 32.95
N HIS A 52 -25.94 28.02 33.10
CA HIS A 52 -25.42 27.18 34.19
C HIS A 52 -24.07 27.63 34.67
N MET A 53 -24.02 28.10 35.91
CA MET A 53 -22.82 28.69 36.46
C MET A 53 -21.86 27.62 37.00
N THR A 54 -21.16 27.01 36.06
CA THR A 54 -20.22 25.91 36.31
C THR A 54 -18.77 26.31 36.08
N VAL A 55 -17.87 25.40 36.49
CA VAL A 55 -16.44 25.55 36.25
C VAL A 55 -16.21 25.78 34.75
N GLU A 56 -16.93 25.01 33.94
CA GLU A 56 -16.83 25.10 32.49
C GLU A 56 -17.25 26.51 32.05
N THR A 57 -18.48 26.89 32.39
CA THR A 57 -19.02 28.22 32.05
C THR A 57 -18.18 29.37 32.61
N ALA A 58 -17.59 29.15 33.78
CA ALA A 58 -16.66 30.11 34.38
C ALA A 58 -15.49 30.46 33.45
N VAL A 59 -15.02 29.47 32.69
CA VAL A 59 -13.97 29.68 31.68
C VAL A 59 -14.50 30.56 30.53
N LEU A 60 -15.72 30.29 30.09
CA LEU A 60 -16.40 31.10 29.08
C LEU A 60 -16.55 32.57 29.51
N ILE A 61 -16.91 32.78 30.78
CA ILE A 61 -17.10 34.12 31.33
C ILE A 61 -15.80 34.92 31.28
N GLU A 62 -14.71 34.30 31.71
CA GLU A 62 -13.39 34.96 31.73
C GLU A 62 -12.78 35.18 30.32
N THR A 63 -13.14 34.32 29.35
CA THR A 63 -12.75 34.51 27.94
C THR A 63 -13.40 35.76 27.32
N LEU A 64 -14.66 36.01 27.65
CA LEU A 64 -15.39 37.20 27.19
C LEU A 64 -14.80 38.50 27.74
N VAL A 65 -14.45 38.48 29.03
CA VAL A 65 -13.76 39.58 29.71
C VAL A 65 -12.42 39.88 29.03
N THR A 66 -11.59 38.83 28.90
CA THR A 66 -10.32 38.88 28.16
C THR A 66 -10.45 39.52 26.77
N LEU A 67 -11.55 39.18 26.07
CA LEU A 67 -11.86 39.75 24.75
C LEU A 67 -12.49 41.15 24.78
N GLY A 68 -12.47 41.79 25.94
CA GLY A 68 -12.77 43.21 26.10
C GLY A 68 -14.21 43.58 26.36
N ALA A 69 -14.96 42.67 26.97
CA ALA A 69 -16.38 42.90 27.23
C ALA A 69 -16.65 43.04 28.72
N GLU A 70 -17.62 43.89 29.06
CA GLU A 70 -18.24 43.89 30.38
C GLU A 70 -19.22 42.74 30.38
N VAL A 71 -19.21 41.93 31.43
CA VAL A 71 -20.10 40.75 31.50
C VAL A 71 -20.74 40.61 32.89
N GLN A 72 -22.04 40.36 32.91
CA GLN A 72 -22.79 40.09 34.15
C GLN A 72 -23.61 38.83 33.97
N TRP A 73 -23.58 37.94 34.96
CA TRP A 73 -24.06 36.57 34.79
C TRP A 73 -25.08 36.12 35.83
N SER A 74 -25.95 35.20 35.39
CA SER A 74 -26.88 34.44 36.23
C SER A 74 -26.94 33.02 35.69
N SER A 75 -27.45 32.10 36.49
CA SER A 75 -27.65 30.70 36.04
C SER A 75 -29.02 30.54 35.36
N CYS A 76 -29.06 29.73 34.30
CA CYS A 76 -30.32 29.36 33.62
C CYS A 76 -31.04 28.17 34.27
N ASN A 77 -30.46 27.65 35.35
CA ASN A 77 -31.09 26.60 36.15
C ASN A 77 -30.82 26.82 37.63
N ILE A 78 -31.74 26.30 38.43
CA ILE A 78 -31.76 26.43 39.88
C ILE A 78 -30.62 25.67 40.56
N PHE A 79 -30.44 24.39 40.21
CA PHE A 79 -29.52 23.46 40.89
C PHE A 79 -28.13 23.28 40.26
N SER A 80 -27.96 23.71 39.01
CA SER A 80 -26.77 23.38 38.22
C SER A 80 -25.49 24.14 38.56
N THR A 81 -25.62 25.22 39.33
CA THR A 81 -24.48 26.05 39.73
C THR A 81 -23.52 25.29 40.65
N GLN A 82 -22.23 25.35 40.32
CA GLN A 82 -21.17 24.88 41.21
C GLN A 82 -20.71 26.12 41.98
N ASP A 83 -20.82 26.06 43.31
CA ASP A 83 -20.62 27.25 44.16
C ASP A 83 -19.18 27.73 44.27
N HIS A 84 -18.25 26.78 44.23
CA HIS A 84 -16.82 27.11 44.13
C HIS A 84 -16.45 27.83 42.82
N ALA A 85 -17.11 27.47 41.73
CA ALA A 85 -16.96 28.18 40.46
C ALA A 85 -17.65 29.55 40.49
N ALA A 86 -18.80 29.62 41.16
CA ALA A 86 -19.52 30.88 41.36
C ALA A 86 -18.69 31.88 42.16
N ALA A 87 -18.09 31.39 43.26
CA ALA A 87 -17.21 32.18 44.12
C ALA A 87 -16.05 32.80 43.37
N ALA A 88 -15.33 31.98 42.62
CA ALA A 88 -14.14 32.38 41.86
C ALA A 88 -14.40 33.52 40.86
N ILE A 89 -15.56 33.47 40.21
CA ILE A 89 -15.98 34.52 39.27
C ILE A 89 -16.34 35.83 39.98
N ALA A 90 -17.02 35.72 41.12
CA ALA A 90 -17.31 36.88 41.98
C ALA A 90 -16.03 37.57 42.47
N LYS A 91 -15.02 36.76 42.81
CA LYS A 91 -13.73 37.26 43.31
C LYS A 91 -12.97 38.09 42.26
N ALA A 92 -13.03 37.66 41.00
CA ALA A 92 -12.36 38.37 39.89
C ALA A 92 -13.08 39.66 39.42
N GLY A 93 -14.02 40.16 40.23
CA GLY A 93 -14.71 41.42 39.96
C GLY A 93 -15.81 41.37 38.92
N ILE A 94 -16.42 40.20 38.74
CA ILE A 94 -17.46 39.98 37.73
C ILE A 94 -18.80 39.76 38.47
N PRO A 95 -19.85 40.55 38.14
CA PRO A 95 -21.17 40.33 38.75
C PRO A 95 -21.86 38.99 38.40
N VAL A 96 -21.71 38.03 39.31
CA VAL A 96 -22.27 36.68 39.17
C VAL A 96 -23.27 36.43 40.30
N TYR A 97 -24.53 36.22 39.93
CA TYR A 97 -25.62 35.97 40.89
C TYR A 97 -26.14 34.53 40.73
N ALA A 98 -25.54 33.59 41.46
CA ALA A 98 -25.94 32.19 41.39
C ALA A 98 -25.41 31.33 42.53
N TRP A 99 -26.23 30.37 42.96
CA TRP A 99 -25.82 29.32 43.91
C TRP A 99 -26.69 28.07 43.76
N LYS A 100 -26.27 26.98 44.41
CA LYS A 100 -26.98 25.71 44.34
C LYS A 100 -28.20 25.73 45.27
N GLY A 101 -29.37 25.38 44.74
CA GLY A 101 -30.60 25.30 45.53
C GLY A 101 -31.36 26.62 45.65
N GLU A 102 -31.48 27.33 44.54
CA GLU A 102 -32.22 28.61 44.49
C GLU A 102 -33.73 28.36 44.57
N THR A 103 -34.49 29.39 44.95
CA THR A 103 -35.96 29.35 44.84
C THR A 103 -36.35 29.92 43.48
N ASP A 104 -37.54 29.58 43.00
CA ASP A 104 -38.08 30.12 41.72
C ASP A 104 -38.17 31.66 41.68
N GLU A 105 -38.34 32.27 42.85
CA GLU A 105 -38.41 33.74 42.98
C GLU A 105 -37.02 34.36 42.94
N GLU A 106 -36.10 33.82 43.74
CA GLU A 106 -34.68 34.21 43.72
C GLU A 106 -34.05 34.04 42.34
N TYR A 107 -34.45 32.99 41.63
CA TYR A 107 -34.02 32.72 40.25
C TYR A 107 -34.30 33.91 39.34
N LEU A 108 -35.56 34.36 39.34
CA LEU A 108 -35.99 35.52 38.55
C LEU A 108 -35.28 36.81 38.96
N TRP A 109 -35.00 36.95 40.26
CA TRP A 109 -34.27 38.11 40.79
C TRP A 109 -32.82 38.14 40.29
N CYS A 110 -32.13 37.01 40.37
CA CYS A 110 -30.73 36.87 39.91
C CYS A 110 -30.55 37.32 38.46
N ILE A 111 -31.51 36.95 37.61
CA ILE A 111 -31.49 37.28 36.18
C ILE A 111 -31.80 38.77 35.96
N GLU A 112 -32.67 39.33 36.81
CA GLU A 112 -32.98 40.77 36.79
C GLU A 112 -31.81 41.68 37.15
N GLN A 113 -30.95 41.22 38.06
CA GLN A 113 -29.75 41.99 38.45
C GLN A 113 -28.73 42.16 37.32
N THR A 114 -28.68 41.20 36.39
CA THR A 114 -27.72 41.23 35.28
C THR A 114 -28.01 42.25 34.18
N LEU A 115 -29.24 42.77 34.11
CA LEU A 115 -29.65 43.66 33.02
C LEU A 115 -28.99 45.03 33.01
N TYR A 116 -28.63 45.53 34.19
CA TYR A 116 -28.10 46.91 34.35
C TYR A 116 -26.65 46.96 34.84
N PHE A 117 -25.78 47.48 33.99
CA PHE A 117 -24.34 47.55 34.23
C PHE A 117 -23.98 48.87 34.93
N LYS A 118 -22.70 49.01 35.25
CA LYS A 118 -22.13 50.29 35.70
C LYS A 118 -22.40 51.47 34.75
N ASP A 119 -22.34 51.22 33.44
CA ASP A 119 -22.44 52.27 32.41
C ASP A 119 -23.76 52.31 31.61
N GLY A 120 -24.78 51.55 32.02
CA GLY A 120 -26.09 51.53 31.33
C GLY A 120 -26.67 50.13 31.15
N PRO A 121 -27.63 49.98 30.22
CA PRO A 121 -28.25 48.67 29.97
C PRO A 121 -27.41 47.74 29.07
N LEU A 122 -27.76 46.45 29.08
CA LEU A 122 -27.04 45.41 28.33
C LEU A 122 -27.00 45.65 26.81
N ASN A 123 -25.87 45.33 26.19
CA ASN A 123 -25.68 45.43 24.72
C ASN A 123 -26.01 44.14 24.00
N MET A 124 -25.74 43.02 24.65
CA MET A 124 -25.85 41.70 24.04
C MET A 124 -26.49 40.72 25.02
N ILE A 125 -27.03 39.64 24.45
CA ILE A 125 -27.56 38.53 25.24
C ILE A 125 -26.84 37.24 24.84
N LEU A 126 -26.43 36.48 25.85
CA LEU A 126 -25.91 35.14 25.70
C LEU A 126 -26.83 34.26 26.55
N ASP A 127 -27.40 33.22 25.94
CA ASP A 127 -28.52 32.51 26.56
C ASP A 127 -28.53 30.99 26.34
N ASP A 128 -29.09 30.28 27.31
CA ASP A 128 -29.27 28.83 27.28
C ASP A 128 -30.65 28.54 27.88
N GLY A 129 -31.61 28.17 27.04
CA GLY A 129 -32.97 27.87 27.47
C GLY A 129 -33.99 28.96 27.17
N GLY A 130 -33.50 30.16 26.84
CA GLY A 130 -34.34 31.27 26.37
C GLY A 130 -34.97 32.15 27.43
N ASP A 131 -34.64 31.93 28.70
CA ASP A 131 -35.29 32.64 29.81
C ASP A 131 -34.91 34.13 29.91
N LEU A 132 -33.64 34.45 29.64
CA LEU A 132 -33.18 35.86 29.59
C LEU A 132 -33.75 36.61 28.38
N THR A 133 -33.83 35.94 27.24
CA THR A 133 -34.48 36.50 26.05
C THR A 133 -35.97 36.80 26.33
N ASN A 134 -36.68 35.81 26.88
CA ASN A 134 -38.12 35.94 27.21
C ASN A 134 -38.43 36.98 28.27
N LEU A 135 -37.48 37.22 29.18
CA LEU A 135 -37.68 38.19 30.26
C LEU A 135 -37.70 39.63 29.75
N ILE A 136 -36.71 40.00 28.92
CA ILE A 136 -36.65 41.37 28.38
C ILE A 136 -37.77 41.72 27.38
N HIS A 137 -38.25 40.75 26.61
CA HIS A 137 -39.31 41.03 25.63
C HIS A 137 -40.65 41.27 26.31
N THR A 138 -41.02 40.37 27.22
CA THR A 138 -42.31 40.42 27.90
C THR A 138 -42.31 41.43 29.06
N LYS A 139 -41.26 41.42 29.87
CA LYS A 139 -41.22 42.20 31.13
C LYS A 139 -40.48 43.56 31.02
N TYR A 140 -39.46 43.65 30.16
CA TYR A 140 -38.69 44.91 29.95
C TYR A 140 -38.60 45.33 28.47
N PRO A 141 -39.76 45.49 27.78
CA PRO A 141 -39.73 45.85 26.34
C PRO A 141 -39.03 47.18 25.94
N GLN A 142 -38.61 47.98 26.93
CA GLN A 142 -37.94 49.25 26.71
C GLN A 142 -36.47 49.09 26.27
N LEU A 143 -35.85 47.97 26.67
CA LEU A 143 -34.42 47.74 26.45
C LEU A 143 -34.07 47.12 25.07
N LEU A 144 -35.07 46.68 24.32
CA LEU A 144 -34.89 45.95 23.05
C LEU A 144 -34.09 46.70 21.96
N PRO A 145 -34.40 47.99 21.71
CA PRO A 145 -33.65 48.78 20.72
C PRO A 145 -32.15 48.97 20.99
N GLY A 146 -31.74 48.92 22.25
CA GLY A 146 -30.33 49.06 22.64
C GLY A 146 -29.55 47.76 22.82
N ILE A 147 -30.08 46.66 22.28
CA ILE A 147 -29.44 45.34 22.33
C ILE A 147 -29.18 44.91 20.89
N ARG A 148 -27.91 44.72 20.55
CA ARG A 148 -27.50 44.43 19.16
C ARG A 148 -27.80 43.00 18.71
N GLY A 149 -27.70 42.02 19.63
CA GLY A 149 -27.97 40.62 19.28
C GLY A 149 -28.08 39.61 20.40
N ILE A 150 -28.56 38.42 20.05
CA ILE A 150 -28.75 37.29 20.98
C ILE A 150 -27.97 36.07 20.48
N SER A 151 -27.37 35.34 21.43
CA SER A 151 -26.80 34.01 21.17
C SER A 151 -27.61 32.98 21.97
N GLU A 152 -28.09 31.94 21.27
CA GLU A 152 -28.88 30.87 21.88
C GLU A 152 -28.33 29.51 21.44
N GLU A 153 -28.32 28.54 22.36
CA GLU A 153 -27.68 27.23 22.16
C GLU A 153 -28.51 26.03 22.66
N THR A 154 -29.83 26.13 22.59
CA THR A 154 -30.71 25.13 23.16
C THR A 154 -31.85 24.82 22.19
N THR A 155 -32.27 23.55 22.13
CA THR A 155 -33.43 23.13 21.31
C THR A 155 -34.68 23.90 21.76
N THR A 156 -34.97 23.83 23.06
CA THR A 156 -35.97 24.68 23.74
C THR A 156 -35.93 26.15 23.31
N GLY A 157 -34.76 26.74 23.44
CA GLY A 157 -34.54 28.16 23.18
C GLY A 157 -34.76 28.63 21.75
N VAL A 158 -34.28 27.85 20.78
CA VAL A 158 -34.41 28.21 19.35
C VAL A 158 -35.84 28.06 18.83
N HIS A 159 -36.56 27.03 19.29
CA HIS A 159 -37.98 26.85 18.96
C HIS A 159 -38.81 28.02 19.46
N ASN A 160 -38.52 28.46 20.67
CA ASN A 160 -39.11 29.67 21.24
C ASN A 160 -38.71 30.94 20.44
N LEU A 161 -37.45 31.03 20.02
CA LEU A 161 -37.00 32.12 19.12
C LEU A 161 -37.77 32.14 17.78
N TYR A 162 -37.98 30.95 17.19
CA TYR A 162 -38.75 30.82 15.93
C TYR A 162 -40.25 31.14 16.13
N LYS A 163 -40.80 30.77 17.28
CA LYS A 163 -42.19 31.13 17.67
C LYS A 163 -42.37 32.64 17.85
N MET A 164 -41.43 33.26 18.57
CA MET A 164 -41.42 34.72 18.74
C MET A 164 -41.34 35.44 17.40
N MET A 165 -40.47 34.97 16.51
CA MET A 165 -40.32 35.56 15.17
C MET A 165 -41.55 35.31 14.29
N ALA A 166 -42.16 34.14 14.43
CA ALA A 166 -43.40 33.81 13.71
C ALA A 166 -44.53 34.79 14.03
N ASN A 167 -44.65 35.14 15.31
CA ASN A 167 -45.72 36.01 15.81
C ASN A 167 -45.39 37.51 15.85
N GLY A 168 -44.13 37.87 15.57
CA GLY A 168 -43.69 39.28 15.51
C GLY A 168 -43.31 39.93 16.84
N ILE A 169 -43.01 39.12 17.87
CA ILE A 169 -42.58 39.62 19.19
C ILE A 169 -41.05 39.53 19.45
N LEU A 170 -40.27 39.23 18.41
CA LEU A 170 -38.79 39.28 18.43
C LEU A 170 -38.33 40.54 17.71
N LYS A 171 -37.75 41.48 18.45
CA LYS A 171 -37.27 42.78 17.93
C LYS A 171 -35.74 42.91 17.87
N VAL A 172 -35.02 41.82 18.14
CA VAL A 172 -33.54 41.79 18.07
C VAL A 172 -33.10 40.52 17.32
N PRO A 173 -32.08 40.64 16.43
CA PRO A 173 -31.60 39.44 15.73
C PRO A 173 -30.83 38.48 16.61
N ALA A 174 -30.89 37.20 16.26
CA ALA A 174 -30.30 36.13 17.05
C ALA A 174 -29.49 35.16 16.20
N ILE A 175 -28.47 34.57 16.81
CA ILE A 175 -27.73 33.45 16.23
C ILE A 175 -28.12 32.18 16.96
N ASN A 176 -28.63 31.22 16.20
CA ASN A 176 -28.81 29.83 16.62
C ASN A 176 -27.45 29.11 16.51
N VAL A 177 -26.90 28.80 17.67
CA VAL A 177 -25.65 28.02 17.83
C VAL A 177 -25.96 26.51 17.97
N ASN A 178 -27.17 26.18 18.42
CA ASN A 178 -27.57 24.79 18.70
C ASN A 178 -27.43 23.81 17.51
N ASP A 179 -27.72 24.28 16.31
CA ASP A 179 -27.63 23.49 15.07
C ASP A 179 -26.30 23.69 14.29
N SER A 180 -25.26 24.13 15.01
CA SER A 180 -23.89 24.05 14.52
C SER A 180 -23.43 22.62 14.63
N VAL A 181 -22.58 22.21 13.70
CA VAL A 181 -22.06 20.86 13.67
C VAL A 181 -21.24 20.65 14.94
N THR A 182 -20.29 21.54 15.19
CA THR A 182 -19.41 21.45 16.37
C THR A 182 -20.15 21.52 17.72
N LYS A 183 -21.31 22.16 17.77
CA LYS A 183 -22.14 22.15 18.97
C LYS A 183 -22.93 20.85 19.05
N SER A 184 -23.69 20.58 17.99
CA SER A 184 -24.63 19.46 17.99
C SER A 184 -23.93 18.12 18.24
N LYS A 185 -22.87 17.82 17.50
CA LYS A 185 -22.12 16.55 17.64
C LYS A 185 -21.53 16.32 19.03
N PHE A 186 -20.98 17.36 19.63
CA PHE A 186 -20.34 17.23 20.95
C PHE A 186 -21.38 17.13 22.07
N ASP A 187 -22.36 18.02 22.04
CA ASP A 187 -23.43 18.06 23.05
C ASP A 187 -24.34 16.84 22.97
N ASN A 188 -24.67 16.39 21.76
CA ASN A 188 -25.59 15.27 21.56
C ASN A 188 -24.88 13.91 21.45
N LEU A 189 -23.95 13.78 20.52
CA LEU A 189 -23.35 12.48 20.22
C LEU A 189 -22.17 12.13 21.14
N TYR A 190 -21.08 12.89 21.02
CA TYR A 190 -19.83 12.54 21.69
C TYR A 190 -19.97 12.62 23.21
N GLY A 191 -20.66 13.64 23.71
CA GLY A 191 -20.90 13.82 25.14
C GLY A 191 -21.65 12.68 25.81
N CYS A 192 -22.79 12.29 25.23
CA CYS A 192 -23.63 11.20 25.76
C CYS A 192 -22.98 9.82 25.63
N ARG A 193 -22.25 9.62 24.52
CA ARG A 193 -21.41 8.43 24.35
C ARG A 193 -20.43 8.30 25.51
N GLU A 194 -19.93 9.45 25.94
CA GLU A 194 -18.93 9.53 26.99
C GLU A 194 -19.53 9.40 28.42
N SER A 195 -20.70 9.96 28.65
CA SER A 195 -21.24 10.10 30.02
C SER A 195 -22.44 9.21 30.40
N LEU A 196 -23.04 8.52 29.43
CA LEU A 196 -24.14 7.59 29.71
C LEU A 196 -23.67 6.48 30.64
N ILE A 197 -22.63 5.78 30.20
CA ILE A 197 -22.15 4.61 30.91
C ILE A 197 -21.53 4.98 32.25
N ASP A 198 -20.94 6.17 32.33
CA ASP A 198 -20.47 6.70 33.61
C ASP A 198 -21.66 6.83 34.57
N GLY A 199 -22.76 7.36 34.06
CA GLY A 199 -24.02 7.46 34.80
C GLY A 199 -24.57 6.13 35.30
N ILE A 200 -24.63 5.13 34.43
CA ILE A 200 -25.12 3.80 34.79
C ILE A 200 -24.23 3.12 35.82
N LYS A 201 -22.92 3.18 35.60
CA LYS A 201 -21.93 2.54 36.47
C LYS A 201 -21.92 3.08 37.89
N ARG A 202 -21.92 4.41 38.03
CA ARG A 202 -21.96 5.04 39.37
C ARG A 202 -23.22 4.69 40.15
N ALA A 203 -24.32 4.49 39.43
CA ALA A 203 -25.58 4.08 40.03
C ALA A 203 -25.63 2.61 40.44
N THR A 204 -25.13 1.74 39.55
CA THR A 204 -25.34 0.28 39.67
C THR A 204 -24.06 -0.57 39.86
N ASP A 205 -22.95 -0.11 39.27
CA ASP A 205 -21.71 -0.87 39.15
C ASP A 205 -21.92 -2.18 38.37
N VAL A 206 -22.92 -2.19 37.48
CA VAL A 206 -23.33 -3.41 36.79
C VAL A 206 -22.39 -3.73 35.63
N MET A 207 -22.22 -5.02 35.35
CA MET A 207 -21.52 -5.49 34.17
C MET A 207 -22.38 -5.11 32.96
N ILE A 208 -21.78 -4.41 32.00
CA ILE A 208 -22.42 -4.06 30.73
C ILE A 208 -22.29 -5.21 29.73
N ALA A 209 -21.10 -5.78 29.64
CA ALA A 209 -20.81 -6.81 28.67
C ALA A 209 -21.78 -7.96 28.87
N GLY A 210 -22.22 -8.56 27.76
CA GLY A 210 -23.11 -9.71 27.82
C GLY A 210 -24.58 -9.40 28.08
N LYS A 211 -24.93 -8.12 28.15
CA LYS A 211 -26.32 -7.73 28.35
C LYS A 211 -26.95 -7.22 27.06
N VAL A 212 -28.26 -7.41 26.97
CA VAL A 212 -29.06 -6.82 25.93
C VAL A 212 -29.39 -5.42 26.43
N ALA A 213 -28.98 -4.42 25.67
CA ALA A 213 -29.29 -3.03 25.97
C ALA A 213 -30.20 -2.47 24.88
N VAL A 214 -31.41 -2.07 25.27
CA VAL A 214 -32.40 -1.52 24.34
C VAL A 214 -32.31 0.00 24.37
N VAL A 215 -32.04 0.60 23.22
CA VAL A 215 -31.94 2.05 23.11
C VAL A 215 -33.08 2.56 22.24
N ALA A 216 -34.00 3.29 22.87
CA ALA A 216 -35.08 3.93 22.15
C ALA A 216 -34.56 5.17 21.45
N GLY A 217 -34.72 5.22 20.13
CA GLY A 217 -34.25 6.33 19.29
C GLY A 217 -32.80 6.20 18.83
N TYR A 218 -32.56 6.51 17.54
CA TYR A 218 -31.23 6.43 16.92
C TYR A 218 -30.87 7.76 16.25
N GLY A 219 -31.17 8.85 16.93
CA GLY A 219 -30.66 10.17 16.54
C GLY A 219 -29.25 10.32 17.08
N ASP A 220 -28.77 11.55 17.18
CA ASP A 220 -27.40 11.79 17.63
C ASP A 220 -27.12 11.21 19.03
N VAL A 221 -28.08 11.32 19.94
CA VAL A 221 -27.96 10.76 21.30
C VAL A 221 -27.95 9.23 21.26
N GLY A 222 -28.94 8.65 20.57
CA GLY A 222 -29.04 7.21 20.39
C GLY A 222 -27.77 6.59 19.84
N LYS A 223 -27.28 7.18 18.74
CA LYS A 223 -26.01 6.79 18.11
C LYS A 223 -24.85 6.79 19.10
N GLY A 224 -24.77 7.87 19.87
CA GLY A 224 -23.78 7.97 20.94
C GLY A 224 -23.91 6.85 21.96
N CYS A 225 -25.12 6.69 22.47
CA CYS A 225 -25.42 5.70 23.50
C CYS A 225 -25.20 4.27 23.01
N ALA A 226 -25.66 4.00 21.79
CA ALA A 226 -25.53 2.67 21.17
C ALA A 226 -24.08 2.30 20.90
N GLN A 227 -23.30 3.25 20.41
CA GLN A 227 -21.87 3.03 20.16
C GLN A 227 -21.13 2.69 21.47
N ALA A 228 -21.42 3.44 22.53
CA ALA A 228 -20.80 3.22 23.85
C ALA A 228 -21.12 1.84 24.42
N LEU A 229 -22.40 1.52 24.49
CA LEU A 229 -22.85 0.22 25.00
C LEU A 229 -22.26 -0.94 24.22
N ARG A 230 -22.26 -0.82 22.89
CA ARG A 230 -21.64 -1.80 22.00
C ARG A 230 -20.16 -1.99 22.30
N GLY A 231 -19.46 -0.89 22.55
CA GLY A 231 -18.04 -0.90 22.86
C GLY A 231 -17.67 -1.68 24.12
N PHE A 232 -18.59 -1.78 25.06
CA PHE A 232 -18.40 -2.61 26.27
C PHE A 232 -18.81 -4.07 26.12
N GLY A 233 -19.27 -4.48 24.93
CA GLY A 233 -19.65 -5.88 24.68
C GLY A 233 -21.12 -6.21 24.96
N ALA A 234 -21.97 -5.18 24.97
CA ALA A 234 -23.42 -5.37 25.10
C ALA A 234 -24.07 -5.52 23.72
N ARG A 235 -25.08 -6.38 23.65
CA ARG A 235 -25.92 -6.53 22.46
C ARG A 235 -27.00 -5.45 22.42
N VAL A 236 -26.79 -4.44 21.58
CA VAL A 236 -27.67 -3.26 21.51
C VAL A 236 -28.82 -3.47 20.52
N ILE A 237 -30.05 -3.36 21.03
CA ILE A 237 -31.26 -3.34 20.19
C ILE A 237 -31.75 -1.89 20.10
N ILE A 238 -32.30 -1.51 18.95
CA ILE A 238 -32.74 -0.14 18.67
C ILE A 238 -34.22 -0.11 18.35
N THR A 239 -34.89 0.98 18.74
CA THR A 239 -36.25 1.26 18.31
C THR A 239 -36.25 2.62 17.60
N GLU A 240 -37.08 2.77 16.58
CA GLU A 240 -37.16 4.01 15.81
C GLU A 240 -38.51 4.17 15.11
N ILE A 241 -38.88 5.43 14.92
CA ILE A 241 -40.05 5.84 14.11
C ILE A 241 -39.67 6.43 12.75
N ASP A 242 -38.42 6.89 12.61
CA ASP A 242 -37.92 7.42 11.35
C ASP A 242 -37.22 6.29 10.57
N PRO A 243 -37.69 6.00 9.34
CA PRO A 243 -37.08 4.91 8.56
C PRO A 243 -35.62 5.13 8.14
N ILE A 244 -35.19 6.38 8.00
CA ILE A 244 -33.80 6.68 7.64
C ILE A 244 -32.89 6.31 8.82
N ASN A 245 -33.19 6.89 9.97
CA ASN A 245 -32.51 6.54 11.23
C ASN A 245 -32.47 5.02 11.49
N ALA A 246 -33.61 4.35 11.30
CA ALA A 246 -33.69 2.89 11.46
C ALA A 246 -32.80 2.14 10.45
N LEU A 247 -32.78 2.62 9.22
CA LEU A 247 -31.89 2.09 8.20
C LEU A 247 -30.42 2.21 8.62
N GLN A 248 -30.04 3.36 9.17
CA GLN A 248 -28.67 3.60 9.66
C GLN A 248 -28.25 2.57 10.71
N ALA A 249 -29.11 2.36 11.69
CA ALA A 249 -28.85 1.38 12.74
C ALA A 249 -28.66 -0.03 12.18
N ALA A 250 -29.54 -0.42 11.25
CA ALA A 250 -29.43 -1.70 10.55
C ALA A 250 -28.11 -1.81 9.78
N MET A 251 -27.71 -0.74 9.11
CA MET A 251 -26.46 -0.74 8.37
C MET A 251 -25.20 -0.84 9.24
N GLU A 252 -25.31 -0.56 10.54
CA GLU A 252 -24.23 -0.81 11.51
C GLU A 252 -24.35 -2.14 12.26
N GLY A 253 -25.37 -2.93 11.95
CA GLY A 253 -25.51 -4.27 12.51
C GLY A 253 -26.38 -4.38 13.75
N TYR A 254 -27.05 -3.29 14.14
CA TYR A 254 -27.99 -3.32 15.26
C TYR A 254 -29.35 -3.90 14.86
N GLU A 255 -29.92 -4.74 15.74
CA GLU A 255 -31.30 -5.17 15.58
C GLU A 255 -32.20 -3.95 15.79
N VAL A 256 -33.23 -3.86 14.95
CA VAL A 256 -34.20 -2.76 15.05
C VAL A 256 -35.60 -3.37 15.11
N THR A 257 -36.26 -3.20 16.26
CA THR A 257 -37.59 -3.73 16.50
C THR A 257 -38.37 -2.75 17.39
N THR A 258 -39.61 -3.10 17.72
CA THR A 258 -40.46 -2.24 18.56
C THR A 258 -40.17 -2.44 20.07
N MET A 259 -40.49 -1.42 20.86
CA MET A 259 -40.40 -1.54 22.33
C MET A 259 -41.35 -2.59 22.89
N ASP A 260 -42.52 -2.73 22.26
CA ASP A 260 -43.49 -3.81 22.57
C ASP A 260 -42.88 -5.20 22.53
N GLU A 261 -41.95 -5.43 21.59
CA GLU A 261 -41.18 -6.68 21.49
C GLU A 261 -39.95 -6.68 22.39
N ALA A 262 -39.20 -5.58 22.35
CA ALA A 262 -37.86 -5.50 22.96
C ALA A 262 -37.86 -5.42 24.49
N CYS A 263 -39.01 -5.08 25.07
CA CYS A 263 -39.12 -5.02 26.53
C CYS A 263 -38.97 -6.40 27.21
N GLN A 264 -39.19 -7.47 26.47
CA GLN A 264 -38.99 -8.84 26.96
C GLN A 264 -37.53 -9.28 26.92
N GLU A 265 -36.72 -8.58 26.12
CA GLU A 265 -35.32 -8.90 25.89
C GLU A 265 -34.32 -8.18 26.80
N GLY A 266 -34.56 -6.89 27.04
CA GLY A 266 -33.55 -6.01 27.61
C GLY A 266 -33.20 -6.15 29.08
N ASN A 267 -31.91 -6.16 29.37
CA ASN A 267 -31.39 -6.01 30.73
C ASN A 267 -31.17 -4.54 31.11
N ILE A 268 -31.04 -3.68 30.09
CA ILE A 268 -30.83 -2.24 30.27
C ILE A 268 -31.68 -1.52 29.22
N PHE A 269 -32.43 -0.52 29.67
CA PHE A 269 -33.23 0.31 28.78
C PHE A 269 -32.78 1.76 28.90
N VAL A 270 -32.61 2.42 27.74
CA VAL A 270 -32.13 3.82 27.67
C VAL A 270 -32.99 4.57 26.65
N THR A 271 -33.63 5.64 27.08
CA THR A 271 -34.52 6.41 26.22
C THR A 271 -33.86 7.71 25.75
N THR A 272 -33.95 7.98 24.43
CA THR A 272 -33.27 9.12 23.80
C THR A 272 -34.15 9.85 22.77
N THR A 273 -35.45 9.62 22.80
CA THR A 273 -36.34 10.00 21.71
C THR A 273 -36.71 11.49 21.67
N GLY A 274 -36.69 12.14 22.83
CA GLY A 274 -37.29 13.46 22.97
C GLY A 274 -38.82 13.46 22.95
N CYS A 275 -39.42 12.29 23.19
CA CYS A 275 -40.85 12.06 22.99
C CYS A 275 -41.48 11.40 24.23
N ILE A 276 -42.79 11.54 24.35
CA ILE A 276 -43.57 10.97 25.45
C ILE A 276 -43.92 9.50 25.22
N ASP A 277 -44.20 8.79 26.31
CA ASP A 277 -44.80 7.44 26.27
C ASP A 277 -43.97 6.41 25.53
N ILE A 278 -42.70 6.30 25.92
CA ILE A 278 -41.75 5.36 25.33
C ILE A 278 -41.72 4.08 26.15
N ILE A 279 -41.55 4.22 27.46
CA ILE A 279 -41.59 3.08 28.38
C ILE A 279 -42.78 3.27 29.35
N LEU A 280 -43.65 2.26 29.36
CA LEU A 280 -44.99 2.31 29.93
C LEU A 280 -45.18 1.10 30.83
N GLY A 281 -46.31 1.08 31.54
CA GLY A 281 -46.65 -0.02 32.44
C GLY A 281 -46.57 -1.40 31.83
N ARG A 282 -47.15 -1.56 30.64
CA ARG A 282 -47.16 -2.86 29.94
C ARG A 282 -45.79 -3.32 29.44
N HIS A 283 -44.86 -2.38 29.30
CA HIS A 283 -43.45 -2.71 29.06
C HIS A 283 -42.79 -3.15 30.37
N PHE A 284 -43.05 -2.41 31.45
CA PHE A 284 -42.55 -2.77 32.77
C PHE A 284 -42.95 -4.19 33.23
N GLU A 285 -44.20 -4.56 32.97
CA GLU A 285 -44.70 -5.91 33.33
C GLU A 285 -43.99 -7.08 32.63
N GLN A 286 -43.41 -6.84 31.45
CA GLN A 286 -42.73 -7.88 30.66
CA GLN A 286 -42.74 -7.90 30.66
C GLN A 286 -41.22 -7.97 30.90
N MET A 287 -40.66 -7.02 31.65
CA MET A 287 -39.21 -6.93 31.81
C MET A 287 -38.59 -8.04 32.66
N LYS A 288 -37.33 -8.36 32.37
CA LYS A 288 -36.58 -9.31 33.17
C LYS A 288 -36.38 -8.76 34.56
N ASP A 289 -36.08 -9.65 35.51
CA ASP A 289 -35.87 -9.23 36.89
C ASP A 289 -34.63 -8.33 36.96
N ASP A 290 -34.82 -7.19 37.63
CA ASP A 290 -33.78 -6.16 37.86
C ASP A 290 -33.30 -5.44 36.59
N ALA A 291 -34.19 -5.31 35.61
CA ALA A 291 -33.90 -4.49 34.44
C ALA A 291 -33.61 -3.05 34.91
N ILE A 292 -32.51 -2.50 34.42
CA ILE A 292 -32.16 -1.11 34.65
C ILE A 292 -32.85 -0.24 33.59
N VAL A 293 -33.59 0.77 34.03
CA VAL A 293 -34.33 1.66 33.15
C VAL A 293 -33.91 3.10 33.43
N CYS A 294 -33.48 3.80 32.38
CA CYS A 294 -33.02 5.19 32.53
C CYS A 294 -33.29 6.02 31.29
N ASN A 295 -33.14 7.33 31.45
CA ASN A 295 -33.41 8.30 30.39
C ASN A 295 -32.22 9.26 30.27
N ILE A 296 -31.85 9.59 29.04
CA ILE A 296 -30.78 10.56 28.75
C ILE A 296 -31.24 11.58 27.69
N GLY A 297 -32.52 11.59 27.37
CA GLY A 297 -33.03 12.40 26.28
C GLY A 297 -33.71 13.63 26.83
N HIS A 298 -35.03 13.61 26.80
CA HIS A 298 -35.81 14.77 27.22
C HIS A 298 -36.35 14.67 28.64
N PHE A 299 -35.99 15.68 29.42
CA PHE A 299 -36.42 15.87 30.81
C PHE A 299 -36.89 14.61 31.57
N ASP A 300 -38.20 14.39 31.74
CA ASP A 300 -38.72 13.17 32.38
C ASP A 300 -40.01 12.57 31.77
N VAL A 301 -40.30 12.94 30.52
CA VAL A 301 -41.53 12.49 29.84
C VAL A 301 -41.45 11.11 29.17
N GLU A 302 -40.23 10.60 28.99
CA GLU A 302 -40.02 9.41 28.15
C GLU A 302 -40.45 8.13 28.86
N ILE A 303 -40.10 8.03 30.14
CA ILE A 303 -40.47 6.90 30.99
C ILE A 303 -41.68 7.26 31.85
N ASP A 304 -42.64 6.36 31.95
CA ASP A 304 -43.82 6.55 32.82
C ASP A 304 -43.45 6.14 34.24
N VAL A 305 -42.76 7.03 34.92
CA VAL A 305 -42.28 6.81 36.29
C VAL A 305 -43.45 6.78 37.27
N LYS A 306 -44.42 7.66 37.05
CA LYS A 306 -45.67 7.71 37.82
C LYS A 306 -46.32 6.35 37.95
N TRP A 307 -46.40 5.60 36.85
CA TRP A 307 -46.94 4.25 36.85
C TRP A 307 -46.28 3.37 37.92
N LEU A 308 -44.95 3.33 37.93
CA LEU A 308 -44.18 2.54 38.91
C LEU A 308 -44.54 2.91 40.34
N ASN A 309 -44.61 4.21 40.62
CA ASN A 309 -45.00 4.71 41.93
C ASN A 309 -46.41 4.24 42.30
N GLU A 310 -47.34 4.32 41.35
CA GLU A 310 -48.74 3.93 41.56
C GLU A 310 -49.02 2.42 41.60
N ASN A 311 -48.22 1.62 40.90
CA ASN A 311 -48.52 0.18 40.72
C ASN A 311 -47.58 -0.81 41.40
N ALA A 312 -46.45 -0.34 41.94
CA ALA A 312 -45.48 -1.23 42.58
C ALA A 312 -45.92 -1.59 44.00
N VAL A 313 -45.50 -2.77 44.46
CA VAL A 313 -45.77 -3.21 45.84
C VAL A 313 -44.66 -2.80 46.84
N GLU A 314 -43.43 -2.71 46.34
CA GLU A 314 -42.32 -2.11 47.08
C GLU A 314 -41.71 -0.94 46.31
N LYS A 315 -41.13 0.00 47.05
CA LYS A 315 -40.25 1.03 46.50
C LYS A 315 -39.11 1.31 47.47
N VAL A 316 -37.91 0.85 47.12
CA VAL A 316 -36.73 0.97 47.98
C VAL A 316 -35.71 1.91 47.31
N ASN A 317 -35.16 2.81 48.10
CA ASN A 317 -34.06 3.67 47.66
C ASN A 317 -32.76 2.94 47.98
N ILE A 318 -31.93 2.71 46.97
CA ILE A 318 -30.66 2.00 47.15
C ILE A 318 -29.61 3.03 47.57
N LYS A 319 -29.47 4.06 46.75
CA LYS A 319 -28.55 5.18 46.97
C LYS A 319 -29.20 6.38 46.28
N PRO A 320 -28.64 7.61 46.45
CA PRO A 320 -29.28 8.76 45.82
C PRO A 320 -29.44 8.60 44.30
N GLN A 321 -30.64 8.90 43.80
CA GLN A 321 -30.99 8.80 42.36
C GLN A 321 -31.02 7.36 41.83
N VAL A 322 -31.24 6.39 42.71
CA VAL A 322 -31.33 4.98 42.34
C VAL A 322 -32.48 4.39 43.15
N ASP A 323 -33.56 4.04 42.46
CA ASP A 323 -34.76 3.46 43.08
C ASP A 323 -35.03 2.07 42.54
N ARG A 324 -35.34 1.13 43.44
CA ARG A 324 -35.63 -0.26 43.08
C ARG A 324 -37.09 -0.57 43.45
N TYR A 325 -37.92 -0.74 42.42
CA TYR A 325 -39.33 -1.09 42.56
C TYR A 325 -39.53 -2.59 42.50
N ARG A 326 -40.49 -3.09 43.28
CA ARG A 326 -41.02 -4.45 43.11
C ARG A 326 -42.44 -4.35 42.59
N LEU A 327 -42.73 -5.11 41.54
CA LEU A 327 -44.05 -5.12 40.91
C LEU A 327 -44.92 -6.25 41.46
N LYS A 328 -46.18 -6.26 41.06
CA LYS A 328 -47.13 -7.30 41.47
C LYS A 328 -46.68 -8.71 41.05
N ASN A 329 -46.06 -8.82 39.88
CA ASN A 329 -45.54 -10.10 39.40
C ASN A 329 -44.32 -10.61 40.19
N GLY A 330 -43.79 -9.80 41.10
CA GLY A 330 -42.68 -10.21 41.97
C GLY A 330 -41.31 -9.86 41.42
N ARG A 331 -41.28 -9.26 40.23
CA ARG A 331 -40.05 -8.85 39.58
C ARG A 331 -39.70 -7.39 39.89
N ARG A 332 -38.42 -7.07 39.77
CA ARG A 332 -37.88 -5.77 40.15
C ARG A 332 -37.43 -4.90 38.97
N ILE A 333 -37.57 -3.60 39.17
CA ILE A 333 -37.13 -2.58 38.22
C ILE A 333 -36.16 -1.65 38.94
N ILE A 334 -34.99 -1.40 38.35
CA ILE A 334 -34.06 -0.41 38.88
C ILE A 334 -34.20 0.84 38.01
N LEU A 335 -34.75 1.90 38.59
CA LEU A 335 -34.93 3.16 37.88
C LEU A 335 -33.86 4.14 38.30
N LEU A 336 -33.18 4.74 37.33
CA LEU A 336 -32.14 5.71 37.59
C LEU A 336 -32.71 7.13 37.50
N ALA A 337 -32.23 8.00 38.40
CA ALA A 337 -32.52 9.45 38.38
C ALA A 337 -34.00 9.84 38.32
N GLU A 338 -34.89 8.97 38.78
CA GLU A 338 -36.34 9.23 38.77
C GLU A 338 -36.86 9.58 37.37
N GLY A 339 -36.28 8.95 36.35
CA GLY A 339 -36.63 9.25 34.96
C GLY A 339 -36.05 10.53 34.36
N ARG A 340 -35.29 11.29 35.15
CA ARG A 340 -34.59 12.47 34.65
C ARG A 340 -33.34 12.05 33.88
N LEU A 341 -32.48 13.00 33.49
CA LEU A 341 -31.31 12.68 32.67
C LEU A 341 -30.25 11.96 33.50
N VAL A 342 -29.97 10.73 33.13
CA VAL A 342 -29.05 9.87 33.87
C VAL A 342 -27.63 10.44 33.93
N ASN A 343 -27.16 11.02 32.82
CA ASN A 343 -25.80 11.56 32.75
C ASN A 343 -25.59 12.78 33.66
N LEU A 344 -26.65 13.56 33.86
CA LEU A 344 -26.64 14.67 34.82
C LEU A 344 -27.10 14.29 36.24
N GLY A 345 -27.99 13.29 36.32
CA GLY A 345 -28.53 12.84 37.60
C GLY A 345 -27.60 11.94 38.40
N CYS A 346 -26.96 10.99 37.72
CA CYS A 346 -26.12 9.98 38.37
C CYS A 346 -24.62 10.14 38.16
N ALA A 347 -24.22 11.07 37.30
CA ALA A 347 -22.81 11.39 37.01
C ALA A 347 -22.64 12.92 36.90
N MET A 348 -21.53 13.38 36.31
CA MET A 348 -21.23 14.82 36.25
C MET A 348 -21.62 15.54 34.95
N GLY A 349 -22.31 14.83 34.05
CA GLY A 349 -22.68 15.39 32.76
C GLY A 349 -21.55 15.24 31.77
N HIS A 350 -21.52 16.12 30.77
CA HIS A 350 -20.49 16.06 29.72
C HIS A 350 -19.13 16.49 30.21
N PRO A 351 -18.05 15.91 29.65
CA PRO A 351 -16.72 16.42 29.97
C PRO A 351 -16.47 17.84 29.50
N SER A 352 -15.42 18.44 30.07
CA SER A 352 -15.02 19.81 29.76
C SER A 352 -14.79 20.07 28.25
N PHE A 353 -14.13 19.12 27.57
CA PHE A 353 -13.82 19.25 26.14
C PHE A 353 -15.07 19.36 25.28
N VAL A 354 -16.11 18.61 25.63
CA VAL A 354 -17.42 18.73 24.99
C VAL A 354 -17.99 20.14 25.16
N MET A 355 -17.95 20.60 26.40
CA MET A 355 -18.44 21.95 26.72
C MET A 355 -17.68 23.06 26.00
N SER A 356 -16.38 22.86 25.80
CA SER A 356 -15.55 23.82 25.08
C SER A 356 -16.03 24.06 23.67
N ASN A 357 -16.50 23.01 23.01
CA ASN A 357 -17.05 23.12 21.67
C ASN A 357 -18.39 23.89 21.64
N SER A 358 -19.24 23.66 22.65
CA SER A 358 -20.49 24.41 22.76
C SER A 358 -20.29 25.89 23.06
N PHE A 359 -19.39 26.21 24.00
CA PHE A 359 -19.16 27.60 24.40
C PHE A 359 -18.30 28.41 23.43
N THR A 360 -17.37 27.76 22.75
CA THR A 360 -16.61 28.44 21.69
C THR A 360 -17.58 28.88 20.58
N ASN A 361 -18.61 28.08 20.31
CA ASN A 361 -19.72 28.50 19.43
C ASN A 361 -20.40 29.79 19.91
N GLN A 362 -20.61 29.90 21.22
CA GLN A 362 -21.14 31.14 21.84
C GLN A 362 -20.27 32.36 21.65
N VAL A 363 -18.99 32.22 22.00
CA VAL A 363 -18.00 33.29 21.82
C VAL A 363 -17.97 33.79 20.38
N MET A 364 -17.99 32.87 19.41
CA MET A 364 -18.05 33.22 17.99
C MET A 364 -19.31 34.01 17.62
N ALA A 365 -20.45 33.61 18.20
CA ALA A 365 -21.73 34.28 17.99
C ALA A 365 -21.74 35.72 18.51
N GLN A 366 -21.10 35.94 19.65
CA GLN A 366 -20.98 37.27 20.25
C GLN A 366 -20.13 38.21 19.39
N ILE A 367 -18.94 37.73 18.98
CA ILE A 367 -18.05 38.45 18.07
C ILE A 367 -18.74 38.74 16.72
N GLU A 368 -19.46 37.78 16.17
CA GLU A 368 -20.13 37.94 14.87
C GLU A 368 -21.25 38.99 14.87
N LEU A 369 -22.10 38.97 15.90
CA LEU A 369 -23.21 39.92 16.03
C LEU A 369 -22.74 41.34 16.36
N TRP A 370 -21.86 41.44 17.35
CA TRP A 370 -21.34 42.71 17.83
C TRP A 370 -20.45 43.44 16.80
N THR A 371 -19.50 42.72 16.22
CA THR A 371 -18.55 43.30 15.24
C THR A 371 -19.21 43.65 13.88
N HIS A 372 -20.33 42.99 13.56
CA HIS A 372 -21.07 43.26 12.32
C HIS A 372 -22.54 43.65 12.61
N PRO A 373 -22.78 44.90 13.06
CA PRO A 373 -24.14 45.40 13.34
C PRO A 373 -25.06 45.43 12.12
N ASP A 374 -24.56 45.99 11.02
CA ASP A 374 -25.31 46.16 9.78
C ASP A 374 -25.12 44.96 8.84
N LYS A 375 -25.34 43.76 9.37
CA LYS A 375 -25.22 42.50 8.62
C LYS A 375 -26.44 41.62 8.84
N TYR A 376 -26.76 41.33 10.10
CA TYR A 376 -27.91 40.49 10.50
C TYR A 376 -29.17 41.28 10.84
N PRO A 377 -30.19 41.27 9.93
CA PRO A 377 -31.49 41.83 10.31
C PRO A 377 -32.25 40.98 11.32
N VAL A 378 -33.26 41.58 11.93
CA VAL A 378 -34.05 40.95 13.02
C VAL A 378 -34.60 39.60 12.59
N GLY A 379 -33.91 38.54 12.98
CA GLY A 379 -34.39 37.18 12.81
C GLY A 379 -33.55 36.13 13.49
N VAL A 380 -33.79 34.87 13.12
CA VAL A 380 -33.05 33.73 13.65
C VAL A 380 -32.11 33.27 12.54
N HIS A 381 -30.84 33.13 12.86
CA HIS A 381 -29.81 32.73 11.90
C HIS A 381 -28.96 31.61 12.45
N PHE A 382 -28.48 30.76 11.55
CA PHE A 382 -27.45 29.79 11.91
C PHE A 382 -26.14 30.54 11.98
N LEU A 383 -25.30 30.16 12.93
CA LEU A 383 -23.91 30.63 12.96
C LEU A 383 -23.28 30.33 11.60
N PRO A 384 -22.60 31.31 10.99
CA PRO A 384 -21.94 31.03 9.71
C PRO A 384 -20.98 29.85 9.74
N LYS A 385 -20.98 29.09 8.64
CA LYS A 385 -20.21 27.85 8.53
C LYS A 385 -18.72 28.07 8.76
N LYS A 386 -18.17 29.14 8.21
CA LYS A 386 -16.76 29.50 8.42
C LYS A 386 -16.39 29.68 9.90
N LEU A 387 -17.35 30.11 10.71
CA LEU A 387 -17.17 30.19 12.15
C LEU A 387 -17.39 28.86 12.84
N ASP A 388 -18.34 28.07 12.35
CA ASP A 388 -18.49 26.67 12.80
C ASP A 388 -17.18 25.93 12.58
N GLU A 389 -16.61 26.10 11.39
CA GLU A 389 -15.29 25.56 11.05
C GLU A 389 -14.19 26.03 12.01
N ALA A 390 -14.19 27.33 12.31
CA ALA A 390 -13.19 27.93 13.21
C ALA A 390 -13.22 27.38 14.65
N VAL A 391 -14.39 26.94 15.10
CA VAL A 391 -14.52 26.26 16.40
C VAL A 391 -13.72 24.96 16.37
N ALA A 392 -13.97 24.14 15.35
CA ALA A 392 -13.28 22.86 15.18
C ALA A 392 -11.78 23.05 15.11
N GLU A 393 -11.34 23.97 14.26
CA GLU A 393 -9.92 24.32 14.08
C GLU A 393 -9.23 24.61 15.42
N ALA A 394 -9.91 25.37 16.27
CA ALA A 394 -9.39 25.75 17.58
C ALA A 394 -9.04 24.57 18.50
N HIS A 395 -9.76 23.45 18.36
CA HIS A 395 -9.52 22.25 19.17
C HIS A 395 -8.50 21.24 18.60
N LEU A 396 -8.13 21.40 17.33
CA LEU A 396 -7.25 20.45 16.65
C LEU A 396 -5.86 20.33 17.27
N GLY A 397 -5.34 21.44 17.80
CA GLY A 397 -4.05 21.45 18.48
C GLY A 397 -4.00 20.47 19.63
N LYS A 398 -5.00 20.56 20.50
CA LYS A 398 -5.13 19.68 21.66
C LYS A 398 -5.25 18.21 21.23
N LEU A 399 -5.95 17.98 20.12
CA LEU A 399 -6.16 16.62 19.58
C LEU A 399 -4.96 15.99 18.89
N ASN A 400 -3.86 16.74 18.79
CA ASN A 400 -2.63 16.28 18.16
C ASN A 400 -2.84 16.14 16.65
N VAL A 401 -3.71 16.98 16.10
CA VAL A 401 -4.09 16.94 14.68
C VAL A 401 -3.27 17.94 13.88
N LYS A 402 -2.72 17.47 12.76
CA LYS A 402 -2.05 18.30 11.77
C LYS A 402 -2.96 18.46 10.55
N LEU A 403 -3.58 19.64 10.43
CA LEU A 403 -4.46 19.97 9.33
C LEU A 403 -3.68 20.32 8.07
N THR A 404 -4.12 19.76 6.94
CA THR A 404 -3.56 20.05 5.63
C THR A 404 -4.14 21.38 5.11
N LYS A 405 -3.32 22.12 4.36
CA LYS A 405 -3.73 23.35 3.69
C LYS A 405 -3.79 23.13 2.18
N LEU A 406 -4.90 23.52 1.57
CA LEU A 406 -5.06 23.47 0.11
C LEU A 406 -4.11 24.44 -0.56
N THR A 407 -3.33 23.93 -1.52
CA THR A 407 -2.52 24.80 -2.39
C THR A 407 -3.49 25.64 -3.20
N GLU A 408 -3.01 26.77 -3.70
CA GLU A 408 -3.85 27.66 -4.51
C GLU A 408 -4.40 26.93 -5.74
N LYS A 409 -3.56 26.12 -6.38
CA LYS A 409 -3.97 25.32 -7.55
C LYS A 409 -5.13 24.38 -7.22
N GLN A 410 -5.07 23.74 -6.05
CA GLN A 410 -6.13 22.83 -5.57
C GLN A 410 -7.45 23.57 -5.32
N ALA A 411 -7.36 24.70 -4.63
CA ALA A 411 -8.51 25.56 -4.36
C ALA A 411 -9.23 26.04 -5.63
N GLN A 412 -8.46 26.32 -6.68
CA GLN A 412 -9.00 26.67 -8.00
C GLN A 412 -9.78 25.51 -8.59
N TYR A 413 -9.15 24.33 -8.60
CA TYR A 413 -9.80 23.12 -9.09
C TYR A 413 -11.13 22.88 -8.37
N LEU A 414 -11.11 22.95 -7.04
CA LEU A 414 -12.32 22.74 -6.22
C LEU A 414 -13.32 23.90 -6.23
N GLY A 415 -12.91 25.07 -6.73
CA GLY A 415 -13.79 26.22 -6.84
C GLY A 415 -14.26 26.73 -5.48
N MET A 416 -13.34 26.72 -4.52
CA MET A 416 -13.57 27.26 -3.18
C MET A 416 -12.33 28.05 -2.75
N SER A 417 -12.44 28.73 -1.61
CA SER A 417 -11.32 29.44 -0.98
C SER A 417 -10.51 28.48 -0.11
N CYS A 418 -9.19 28.69 -0.06
CA CYS A 418 -8.31 27.88 0.80
C CYS A 418 -8.41 28.21 2.30
N ASP A 419 -9.19 29.24 2.64
CA ASP A 419 -9.59 29.54 4.02
C ASP A 419 -11.04 29.15 4.35
N GLY A 420 -11.81 28.75 3.35
CA GLY A 420 -13.16 28.23 3.55
C GLY A 420 -14.25 29.23 3.22
N PRO A 421 -15.53 28.83 3.32
CA PRO A 421 -15.93 27.49 3.79
C PRO A 421 -15.64 26.37 2.80
N PHE A 422 -15.49 25.15 3.33
CA PHE A 422 -15.10 23.99 2.53
C PHE A 422 -16.25 23.11 2.07
N LYS A 423 -17.42 23.24 2.70
CA LYS A 423 -18.58 22.43 2.35
C LYS A 423 -19.77 23.36 2.09
N PRO A 424 -20.70 22.94 1.20
CA PRO A 424 -21.94 23.72 1.03
C PRO A 424 -22.86 23.60 2.25
N ASP A 425 -23.85 24.49 2.32
CA ASP A 425 -24.73 24.59 3.50
C ASP A 425 -25.63 23.38 3.74
N HIS A 426 -25.92 22.60 2.69
CA HIS A 426 -26.69 21.35 2.83
C HIS A 426 -25.87 20.13 3.31
N TYR A 427 -24.54 20.26 3.37
CA TYR A 427 -23.63 19.15 3.73
C TYR A 427 -23.90 18.65 5.15
N ARG A 428 -23.94 17.33 5.28
CA ARG A 428 -24.41 16.69 6.51
C ARG A 428 -23.31 16.15 7.42
N TYR A 429 -22.08 16.05 6.91
CA TYR A 429 -20.93 15.51 7.66
C TYR A 429 -21.19 14.07 8.13
N LYS B 1 -34.98 3.22 -36.09
CA LYS B 1 -34.90 2.25 -37.23
C LYS B 1 -34.59 0.85 -36.70
N LEU B 2 -33.40 0.67 -36.10
CA LEU B 2 -33.06 -0.58 -35.40
C LEU B 2 -33.88 -0.62 -34.10
N PRO B 3 -34.55 -1.76 -33.79
CA PRO B 3 -35.38 -1.82 -32.58
C PRO B 3 -34.59 -1.79 -31.26
N TYR B 4 -33.34 -2.24 -31.33
CA TYR B 4 -32.37 -2.18 -30.23
C TYR B 4 -31.00 -2.34 -30.87
N LYS B 5 -29.94 -2.12 -30.11
CA LYS B 5 -28.60 -2.53 -30.56
C LYS B 5 -27.72 -2.90 -29.38
N VAL B 6 -27.22 -4.13 -29.43
CA VAL B 6 -26.56 -4.75 -28.30
C VAL B 6 -25.58 -5.79 -28.85
N ALA B 7 -24.53 -6.09 -28.08
CA ALA B 7 -23.45 -7.01 -28.53
C ALA B 7 -23.92 -8.39 -29.01
N ASP B 8 -24.71 -9.07 -28.18
CA ASP B 8 -25.14 -10.45 -28.43
C ASP B 8 -26.42 -10.76 -27.63
N ILE B 9 -27.56 -10.74 -28.32
CA ILE B 9 -28.86 -11.04 -27.70
C ILE B 9 -29.03 -12.50 -27.21
N GLY B 10 -28.15 -13.40 -27.65
CA GLY B 10 -28.07 -14.78 -27.11
C GLY B 10 -27.66 -14.87 -25.65
N LEU B 11 -27.04 -13.80 -25.13
CA LEU B 11 -26.69 -13.69 -23.70
C LEU B 11 -27.88 -13.30 -22.79
N ALA B 12 -29.09 -13.19 -23.36
CA ALA B 12 -30.29 -12.72 -22.64
C ALA B 12 -30.78 -13.65 -21.53
N ALA B 13 -30.61 -14.97 -21.70
CA ALA B 13 -31.02 -15.94 -20.69
C ALA B 13 -30.11 -15.89 -19.44
N TRP B 14 -28.81 -15.73 -19.67
CA TRP B 14 -27.82 -15.44 -18.61
C TRP B 14 -28.14 -14.10 -17.91
N GLY B 15 -28.54 -13.11 -18.71
CA GLY B 15 -29.03 -11.84 -18.18
C GLY B 15 -30.18 -12.00 -17.21
N ARG B 16 -31.24 -12.66 -17.66
CA ARG B 16 -32.44 -12.93 -16.84
C ARG B 16 -32.11 -13.61 -15.50
N LYS B 17 -31.15 -14.53 -15.52
CA LYS B 17 -30.67 -15.22 -14.31
C LYS B 17 -30.06 -14.21 -13.33
N ALA B 18 -29.22 -13.32 -13.84
CA ALA B 18 -28.60 -12.26 -13.02
C ALA B 18 -29.63 -11.27 -12.48
N LEU B 19 -30.60 -10.88 -13.32
CA LEU B 19 -31.69 -10.00 -12.91
C LEU B 19 -32.48 -10.60 -11.75
N ASP B 20 -32.82 -11.88 -11.87
CA ASP B 20 -33.58 -12.61 -10.84
C ASP B 20 -32.86 -12.64 -9.49
N ILE B 21 -31.54 -12.84 -9.51
CA ILE B 21 -30.71 -12.80 -8.30
C ILE B 21 -30.73 -11.39 -7.68
N ALA B 22 -30.46 -10.39 -8.51
CA ALA B 22 -30.34 -9.01 -8.05
C ALA B 22 -31.68 -8.40 -7.63
N GLU B 23 -32.79 -8.87 -8.19
CA GLU B 23 -34.12 -8.38 -7.79
C GLU B 23 -34.38 -8.55 -6.29
N ASN B 24 -33.99 -9.71 -5.75
CA ASN B 24 -34.08 -9.99 -4.30
C ASN B 24 -33.22 -9.06 -3.43
N GLU B 25 -32.09 -8.59 -3.98
CA GLU B 25 -31.23 -7.62 -3.30
C GLU B 25 -31.61 -6.15 -3.55
N MET B 26 -32.69 -5.92 -4.31
CA MET B 26 -33.15 -4.57 -4.63
C MET B 26 -34.62 -4.31 -4.24
N PRO B 27 -34.96 -4.49 -2.94
CA PRO B 27 -36.35 -4.39 -2.50
C PRO B 27 -36.97 -3.01 -2.67
N GLY B 28 -36.15 -1.96 -2.71
CA GLY B 28 -36.61 -0.62 -3.03
C GLY B 28 -37.33 -0.55 -4.37
N LEU B 29 -36.68 -1.00 -5.43
CA LEU B 29 -37.29 -1.05 -6.77
C LEU B 29 -38.46 -2.04 -6.86
N MET B 30 -38.36 -3.15 -6.14
CA MET B 30 -39.40 -4.18 -6.15
C MET B 30 -40.64 -3.78 -5.36
N ARG B 31 -40.49 -3.03 -4.28
CA ARG B 31 -41.66 -2.47 -3.59
C ARG B 31 -42.36 -1.38 -4.41
N MET B 32 -41.62 -0.70 -5.27
CA MET B 32 -42.22 0.23 -6.23
C MET B 32 -43.16 -0.52 -7.15
N ARG B 33 -42.71 -1.67 -7.65
CA ARG B 33 -43.58 -2.56 -8.45
C ARG B 33 -44.81 -3.00 -7.67
N GLU B 34 -44.63 -3.42 -6.41
CA GLU B 34 -45.74 -3.91 -5.56
C GLU B 34 -46.92 -2.94 -5.42
N ARG B 35 -46.62 -1.66 -5.19
CA ARG B 35 -47.67 -0.66 -4.88
C ARG B 35 -48.10 0.25 -6.03
N TYR B 36 -47.30 0.31 -7.10
CA TYR B 36 -47.61 1.16 -8.27
C TYR B 36 -47.83 0.42 -9.61
N SER B 37 -47.69 -0.91 -9.66
CA SER B 37 -48.00 -1.65 -10.91
C SER B 37 -49.50 -1.66 -11.23
N ALA B 38 -50.33 -1.57 -10.19
CA ALA B 38 -51.79 -1.52 -10.35
C ALA B 38 -52.25 -0.20 -10.98
N SER B 39 -51.84 0.90 -10.36
CA SER B 39 -52.26 2.25 -10.79
C SER B 39 -51.51 2.81 -12.00
N LYS B 40 -50.34 2.25 -12.32
CA LYS B 40 -49.54 2.64 -13.50
C LYS B 40 -49.35 4.18 -13.56
N PRO B 41 -48.71 4.76 -12.52
CA PRO B 41 -48.64 6.22 -12.40
C PRO B 41 -47.74 6.92 -13.43
N LEU B 42 -46.89 6.16 -14.12
CA LEU B 42 -46.09 6.68 -15.24
C LEU B 42 -46.71 6.32 -16.61
N LYS B 43 -48.03 6.16 -16.67
CA LYS B 43 -48.72 5.88 -17.94
C LYS B 43 -48.80 7.14 -18.78
N GLY B 44 -48.42 7.02 -20.05
CA GLY B 44 -48.28 8.17 -20.95
C GLY B 44 -46.92 8.83 -20.90
N ALA B 45 -46.02 8.34 -20.05
CA ALA B 45 -44.64 8.77 -20.01
C ALA B 45 -43.86 8.04 -21.09
N ARG B 46 -42.72 8.64 -21.46
CA ARG B 46 -41.84 8.14 -22.52
C ARG B 46 -40.43 8.56 -22.14
N ILE B 47 -39.79 7.72 -21.35
CA ILE B 47 -38.56 8.06 -20.64
C ILE B 47 -37.33 7.62 -21.44
N ALA B 48 -36.54 8.61 -21.88
CA ALA B 48 -35.18 8.36 -22.35
C ALA B 48 -34.26 8.35 -21.13
N GLY B 49 -33.58 7.22 -20.93
CA GLY B 49 -32.63 7.07 -19.85
C GLY B 49 -31.21 7.01 -20.38
N CYS B 50 -30.28 7.58 -19.63
CA CYS B 50 -28.85 7.48 -19.91
C CYS B 50 -28.11 7.07 -18.65
N LEU B 51 -27.84 5.77 -18.53
CA LEU B 51 -27.28 5.19 -17.31
C LEU B 51 -26.65 3.84 -17.60
N HIS B 52 -25.44 3.63 -17.08
CA HIS B 52 -24.69 2.37 -17.21
C HIS B 52 -25.62 1.17 -17.36
N MET B 53 -25.45 0.43 -18.44
CA MET B 53 -26.36 -0.64 -18.71
C MET B 53 -25.94 -1.92 -18.00
N THR B 54 -26.30 -1.99 -16.74
CA THR B 54 -25.98 -3.09 -15.84
C THR B 54 -27.20 -3.85 -15.37
N VAL B 55 -26.95 -4.97 -14.71
CA VAL B 55 -27.99 -5.80 -14.12
C VAL B 55 -28.89 -4.97 -13.21
N GLU B 56 -28.29 -4.12 -12.41
CA GLU B 56 -29.03 -3.27 -11.48
C GLU B 56 -29.92 -2.32 -12.28
N THR B 57 -29.32 -1.62 -13.23
CA THR B 57 -30.05 -0.69 -14.10
C THR B 57 -31.18 -1.39 -14.88
N ALA B 58 -30.94 -2.65 -15.26
CA ALA B 58 -31.98 -3.45 -15.91
C ALA B 58 -33.22 -3.61 -15.01
N VAL B 59 -33.00 -3.80 -13.71
CA VAL B 59 -34.09 -3.87 -12.72
C VAL B 59 -34.77 -2.50 -12.59
N LEU B 60 -33.99 -1.42 -12.62
CA LEU B 60 -34.53 -0.07 -12.68
C LEU B 60 -35.42 0.10 -13.91
N ILE B 61 -34.88 -0.26 -15.07
CA ILE B 61 -35.58 -0.13 -16.36
C ILE B 61 -36.94 -0.80 -16.35
N GLU B 62 -36.97 -2.07 -15.94
CA GLU B 62 -38.21 -2.85 -15.92
C GLU B 62 -39.24 -2.33 -14.90
N THR B 63 -38.77 -1.81 -13.76
CA THR B 63 -39.64 -1.13 -12.76
C THR B 63 -40.34 0.10 -13.36
N LEU B 64 -39.62 0.85 -14.20
CA LEU B 64 -40.20 1.98 -14.94
C LEU B 64 -41.27 1.49 -15.92
N VAL B 65 -40.98 0.39 -16.61
CA VAL B 65 -41.93 -0.23 -17.54
C VAL B 65 -43.17 -0.79 -16.81
N THR B 66 -42.95 -1.45 -15.67
CA THR B 66 -44.04 -2.00 -14.81
C THR B 66 -45.03 -0.94 -14.37
N LEU B 67 -44.53 0.25 -14.06
CA LEU B 67 -45.35 1.41 -13.66
C LEU B 67 -46.01 2.16 -14.83
N GLY B 68 -46.04 1.55 -16.01
CA GLY B 68 -46.76 2.10 -17.17
C GLY B 68 -45.96 2.94 -18.16
N ALA B 69 -44.71 3.26 -17.83
CA ALA B 69 -43.87 4.08 -18.70
C ALA B 69 -43.42 3.33 -19.94
N GLU B 70 -43.12 4.12 -20.96
CA GLU B 70 -42.45 3.65 -22.15
C GLU B 70 -41.03 4.11 -21.92
N VAL B 71 -40.07 3.26 -22.26
CA VAL B 71 -38.69 3.51 -21.91
C VAL B 71 -37.81 3.22 -23.11
N GLN B 72 -36.80 4.05 -23.32
CA GLN B 72 -35.75 3.80 -24.30
C GLN B 72 -34.43 4.18 -23.66
N TRP B 73 -33.40 3.36 -23.85
CA TRP B 73 -32.22 3.43 -23.00
C TRP B 73 -30.87 3.45 -23.73
N SER B 74 -29.93 4.22 -23.16
CA SER B 74 -28.53 4.23 -23.57
C SER B 74 -27.66 4.23 -22.32
N SER B 75 -26.43 3.75 -22.44
CA SER B 75 -25.47 3.80 -21.32
C SER B 75 -24.83 5.20 -21.24
N CYS B 76 -24.47 5.62 -20.03
CA CYS B 76 -23.78 6.91 -19.80
C CYS B 76 -22.24 6.78 -19.74
N ASN B 77 -21.73 5.59 -20.06
CA ASN B 77 -20.30 5.31 -20.16
C ASN B 77 -20.09 4.19 -21.19
N ILE B 78 -18.96 4.23 -21.89
CA ILE B 78 -18.65 3.31 -23.02
C ILE B 78 -18.27 1.87 -22.64
N PHE B 79 -17.66 1.68 -21.47
CA PHE B 79 -17.20 0.37 -21.00
C PHE B 79 -18.05 -0.26 -19.90
N SER B 80 -19.02 0.49 -19.38
CA SER B 80 -19.74 0.09 -18.17
C SER B 80 -20.97 -0.80 -18.37
N THR B 81 -21.33 -1.08 -19.63
CA THR B 81 -22.43 -1.98 -19.93
C THR B 81 -22.05 -3.42 -19.59
N GLN B 82 -23.04 -4.17 -19.12
CA GLN B 82 -22.99 -5.61 -18.99
C GLN B 82 -23.89 -6.14 -20.09
N ASP B 83 -23.28 -6.78 -21.08
CA ASP B 83 -23.94 -7.16 -22.33
C ASP B 83 -25.11 -8.12 -22.12
N HIS B 84 -24.92 -9.08 -21.20
CA HIS B 84 -25.99 -9.97 -20.78
C HIS B 84 -27.22 -9.22 -20.20
N ALA B 85 -26.98 -8.20 -19.40
CA ALA B 85 -28.08 -7.34 -18.91
C ALA B 85 -28.76 -6.55 -20.03
N ALA B 86 -27.97 -6.05 -20.97
CA ALA B 86 -28.50 -5.32 -22.13
C ALA B 86 -29.27 -6.24 -23.07
N ALA B 87 -28.78 -7.47 -23.22
CA ALA B 87 -29.46 -8.50 -24.00
C ALA B 87 -30.84 -8.83 -23.43
N ALA B 88 -30.89 -9.05 -22.11
CA ALA B 88 -32.14 -9.32 -21.37
C ALA B 88 -33.20 -8.22 -21.56
N ILE B 89 -32.75 -6.97 -21.49
CA ILE B 89 -33.59 -5.78 -21.75
C ILE B 89 -34.04 -5.72 -23.22
N ALA B 90 -33.15 -6.07 -24.14
CA ALA B 90 -33.48 -6.16 -25.56
C ALA B 90 -34.46 -7.29 -25.87
N LYS B 91 -34.31 -8.44 -25.19
CA LYS B 91 -35.24 -9.58 -25.33
C LYS B 91 -36.65 -9.26 -24.79
N ALA B 92 -36.73 -8.37 -23.79
CA ALA B 92 -38.02 -7.95 -23.20
C ALA B 92 -38.80 -6.90 -24.02
N GLY B 93 -38.32 -6.57 -25.22
CA GLY B 93 -38.98 -5.63 -26.11
C GLY B 93 -38.77 -4.15 -25.80
N ILE B 94 -37.72 -3.85 -25.05
CA ILE B 94 -37.36 -2.48 -24.68
C ILE B 94 -36.22 -2.01 -25.60
N PRO B 95 -36.37 -0.82 -26.22
CA PRO B 95 -35.25 -0.26 -27.01
C PRO B 95 -34.04 0.13 -26.17
N VAL B 96 -33.04 -0.75 -26.17
CA VAL B 96 -31.78 -0.51 -25.49
C VAL B 96 -30.70 -0.43 -26.57
N TYR B 97 -29.83 0.57 -26.45
CA TYR B 97 -28.70 0.75 -27.34
C TYR B 97 -27.45 0.87 -26.49
N ALA B 98 -26.79 -0.25 -26.23
CA ALA B 98 -25.65 -0.30 -25.32
C ALA B 98 -24.82 -1.56 -25.47
N TRP B 99 -23.50 -1.40 -25.44
CA TRP B 99 -22.57 -2.53 -25.29
C TRP B 99 -21.26 -2.10 -24.62
N LYS B 100 -20.55 -3.08 -24.07
CA LYS B 100 -19.20 -2.88 -23.55
C LYS B 100 -18.22 -2.66 -24.71
N GLY B 101 -17.41 -1.61 -24.62
CA GLY B 101 -16.36 -1.31 -25.61
C GLY B 101 -16.82 -0.43 -26.76
N GLU B 102 -17.59 0.62 -26.46
CA GLU B 102 -18.10 1.55 -27.47
C GLU B 102 -17.06 2.60 -27.87
N THR B 103 -17.16 3.06 -29.11
CA THR B 103 -16.41 4.23 -29.59
C THR B 103 -17.13 5.50 -29.13
N ASP B 104 -16.38 6.60 -29.00
CA ASP B 104 -16.97 7.92 -28.69
C ASP B 104 -18.06 8.36 -29.68
N GLU B 105 -17.96 7.91 -30.94
CA GLU B 105 -19.02 8.13 -31.94
C GLU B 105 -20.24 7.24 -31.74
N GLU B 106 -20.01 5.97 -31.40
CA GLU B 106 -21.10 5.01 -31.17
C GLU B 106 -21.90 5.38 -29.91
N TYR B 107 -21.18 5.90 -28.91
CA TYR B 107 -21.79 6.43 -27.68
C TYR B 107 -22.82 7.52 -27.96
N LEU B 108 -22.40 8.51 -28.76
CA LEU B 108 -23.29 9.61 -29.19
C LEU B 108 -24.47 9.05 -29.98
N TRP B 109 -24.20 8.13 -30.90
CA TRP B 109 -25.24 7.43 -31.68
C TRP B 109 -26.27 6.76 -30.78
N CYS B 110 -25.78 5.95 -29.84
CA CYS B 110 -26.65 5.21 -28.91
C CYS B 110 -27.67 6.12 -28.20
N ILE B 111 -27.22 7.29 -27.75
CA ILE B 111 -28.07 8.26 -27.06
C ILE B 111 -29.11 8.91 -27.99
N GLU B 112 -28.71 9.19 -29.22
CA GLU B 112 -29.60 9.75 -30.24
C GLU B 112 -30.78 8.83 -30.61
N GLN B 113 -30.58 7.51 -30.51
CA GLN B 113 -31.65 6.54 -30.80
C GLN B 113 -32.76 6.51 -29.75
N THR B 114 -32.50 7.01 -28.54
CA THR B 114 -33.47 6.99 -27.43
C THR B 114 -34.44 8.16 -27.38
N LEU B 115 -34.23 9.17 -28.23
CA LEU B 115 -34.99 10.44 -28.16
C LEU B 115 -36.39 10.36 -28.77
N TYR B 116 -36.51 9.56 -29.84
CA TYR B 116 -37.78 9.39 -30.56
C TYR B 116 -38.38 8.01 -30.36
N PHE B 117 -39.65 7.99 -29.99
CA PHE B 117 -40.44 6.77 -29.81
C PHE B 117 -41.39 6.71 -31.00
N LYS B 118 -42.19 5.65 -31.08
CA LYS B 118 -43.20 5.50 -32.14
C LYS B 118 -44.35 6.51 -31.96
N ASP B 119 -44.81 6.68 -30.72
CA ASP B 119 -45.91 7.61 -30.37
C ASP B 119 -45.52 9.11 -30.29
N GLY B 120 -44.22 9.43 -30.42
CA GLY B 120 -43.72 10.80 -30.35
C GLY B 120 -42.37 10.86 -29.64
N PRO B 121 -41.76 12.06 -29.54
CA PRO B 121 -40.47 12.20 -28.84
C PRO B 121 -40.55 12.16 -27.31
N LEU B 122 -39.39 12.02 -26.68
CA LEU B 122 -39.27 11.82 -25.21
C LEU B 122 -40.07 12.80 -24.36
N ASN B 123 -40.68 12.25 -23.31
CA ASN B 123 -41.50 12.98 -22.32
C ASN B 123 -40.70 13.39 -21.10
N MET B 124 -39.69 12.59 -20.79
CA MET B 124 -38.96 12.70 -19.54
C MET B 124 -37.50 12.35 -19.82
N ILE B 125 -36.63 12.80 -18.92
CA ILE B 125 -35.22 12.45 -18.95
C ILE B 125 -34.85 11.83 -17.61
N LEU B 126 -34.24 10.65 -17.67
CA LEU B 126 -33.56 10.05 -16.53
C LEU B 126 -32.08 10.07 -16.89
N ASP B 127 -31.26 10.74 -16.08
CA ASP B 127 -29.88 11.01 -16.44
C ASP B 127 -28.87 10.71 -15.33
N ASP B 128 -27.67 10.32 -15.75
CA ASP B 128 -26.52 10.15 -14.86
C ASP B 128 -25.34 10.81 -15.56
N GLY B 129 -24.87 11.93 -15.00
CA GLY B 129 -23.69 12.65 -15.50
C GLY B 129 -23.96 13.79 -16.47
N GLY B 130 -25.24 14.05 -16.77
CA GLY B 130 -25.63 15.22 -17.56
C GLY B 130 -25.60 15.13 -19.09
N ASP B 131 -25.04 14.07 -19.65
CA ASP B 131 -24.84 13.95 -21.12
C ASP B 131 -26.13 13.90 -21.95
N LEU B 132 -27.16 13.22 -21.45
CA LEU B 132 -28.49 13.23 -22.09
C LEU B 132 -29.14 14.62 -21.98
N THR B 133 -29.03 15.24 -20.80
CA THR B 133 -29.54 16.60 -20.58
C THR B 133 -28.81 17.62 -21.49
N ASN B 134 -27.48 17.51 -21.58
CA ASN B 134 -26.65 18.37 -22.45
C ASN B 134 -26.92 18.21 -23.95
N LEU B 135 -27.25 17.00 -24.40
CA LEU B 135 -27.53 16.75 -25.82
C LEU B 135 -28.82 17.44 -26.31
N ILE B 136 -29.88 17.37 -25.50
CA ILE B 136 -31.17 17.98 -25.86
C ILE B 136 -31.11 19.52 -25.86
N HIS B 137 -30.34 20.14 -24.97
CA HIS B 137 -30.23 21.61 -24.93
C HIS B 137 -29.32 22.18 -26.01
N THR B 138 -28.22 21.49 -26.30
CA THR B 138 -27.26 21.88 -27.35
C THR B 138 -27.85 21.65 -28.75
N LYS B 139 -28.38 20.44 -28.97
CA LYS B 139 -28.68 19.95 -30.32
C LYS B 139 -30.15 19.74 -30.68
N TYR B 140 -30.98 19.34 -29.71
CA TYR B 140 -32.41 19.14 -29.95
C TYR B 140 -33.28 20.07 -29.10
N PRO B 141 -33.05 21.41 -29.15
CA PRO B 141 -33.84 22.31 -28.30
C PRO B 141 -35.34 22.44 -28.66
N GLN B 142 -35.74 21.80 -29.77
CA GLN B 142 -37.14 21.75 -30.20
C GLN B 142 -37.99 20.94 -29.24
N LEU B 143 -37.37 19.89 -28.70
CA LEU B 143 -38.07 18.92 -27.86
C LEU B 143 -38.30 19.41 -26.42
N LEU B 144 -37.58 20.46 -26.02
CA LEU B 144 -37.59 20.99 -24.64
C LEU B 144 -38.96 21.35 -24.03
N PRO B 145 -39.87 21.98 -24.82
CA PRO B 145 -41.24 22.16 -24.31
C PRO B 145 -42.04 20.85 -24.09
N GLY B 146 -41.73 19.82 -24.86
CA GLY B 146 -42.38 18.51 -24.69
C GLY B 146 -41.96 17.74 -23.45
N ILE B 147 -40.75 18.04 -22.95
CA ILE B 147 -40.16 17.33 -21.82
C ILE B 147 -40.63 17.94 -20.48
N ARG B 148 -41.28 17.11 -19.66
CA ARG B 148 -41.85 17.54 -18.38
C ARG B 148 -40.85 17.60 -17.23
N GLY B 149 -39.95 16.61 -17.14
CA GLY B 149 -39.01 16.52 -16.01
C GLY B 149 -37.65 15.91 -16.34
N ILE B 150 -36.67 16.22 -15.50
CA ILE B 150 -35.34 15.62 -15.50
C ILE B 150 -35.06 15.05 -14.10
N SER B 151 -34.56 13.82 -14.06
CA SER B 151 -33.95 13.24 -12.86
C SER B 151 -32.43 13.18 -13.10
N GLU B 152 -31.65 13.61 -12.11
CA GLU B 152 -30.20 13.59 -12.20
C GLU B 152 -29.61 13.14 -10.85
N GLU B 153 -28.65 12.22 -10.91
CA GLU B 153 -28.10 11.58 -9.71
C GLU B 153 -26.60 11.74 -9.44
N THR B 154 -25.87 12.40 -10.34
CA THR B 154 -24.41 12.54 -10.22
C THR B 154 -24.06 13.93 -9.72
N THR B 155 -22.94 14.04 -9.00
CA THR B 155 -22.39 15.32 -8.56
C THR B 155 -22.07 16.21 -9.78
N THR B 156 -21.28 15.67 -10.70
CA THR B 156 -20.97 16.29 -12.00
C THR B 156 -22.20 16.87 -12.69
N GLY B 157 -23.23 16.05 -12.80
CA GLY B 157 -24.49 16.43 -13.44
C GLY B 157 -25.28 17.51 -12.72
N VAL B 158 -25.32 17.45 -11.39
CA VAL B 158 -26.02 18.45 -10.59
C VAL B 158 -25.31 19.80 -10.66
N HIS B 159 -23.97 19.80 -10.60
CA HIS B 159 -23.19 21.05 -10.74
C HIS B 159 -23.52 21.70 -12.08
N ASN B 160 -23.41 20.91 -13.15
CA ASN B 160 -23.80 21.30 -14.52
C ASN B 160 -25.24 21.87 -14.61
N LEU B 161 -26.19 21.24 -13.91
CA LEU B 161 -27.59 21.72 -13.85
C LEU B 161 -27.70 23.10 -13.19
N TYR B 162 -26.95 23.30 -12.10
CA TYR B 162 -26.88 24.61 -11.42
C TYR B 162 -26.19 25.69 -12.27
N LYS B 163 -25.16 25.31 -13.03
CA LYS B 163 -24.48 26.23 -13.96
C LYS B 163 -25.42 26.67 -15.10
N MET B 164 -26.21 25.74 -15.61
CA MET B 164 -27.22 26.04 -16.64
C MET B 164 -28.34 26.98 -16.17
N MET B 165 -28.72 26.89 -14.90
CA MET B 165 -29.72 27.80 -14.32
C MET B 165 -29.18 29.21 -14.12
N ALA B 166 -27.94 29.31 -13.62
CA ALA B 166 -27.24 30.58 -13.49
C ALA B 166 -27.17 31.39 -14.80
N ASN B 167 -27.00 30.70 -15.93
CA ASN B 167 -26.96 31.34 -17.26
C ASN B 167 -28.31 31.36 -18.01
N GLY B 168 -29.35 30.77 -17.42
CA GLY B 168 -30.68 30.70 -18.04
C GLY B 168 -30.85 29.72 -19.19
N ILE B 169 -29.95 28.74 -19.29
CA ILE B 169 -29.98 27.72 -20.36
C ILE B 169 -30.98 26.60 -20.07
N LEU B 170 -31.08 26.18 -18.80
CA LEU B 170 -32.00 25.10 -18.41
C LEU B 170 -33.46 25.52 -18.60
N LYS B 171 -34.17 24.79 -19.46
CA LYS B 171 -35.57 25.05 -19.82
C LYS B 171 -36.58 24.04 -19.26
N VAL B 172 -36.08 23.04 -18.53
CA VAL B 172 -36.90 21.93 -18.00
C VAL B 172 -36.74 21.87 -16.47
N PRO B 173 -37.83 21.55 -15.72
CA PRO B 173 -37.67 21.25 -14.29
C PRO B 173 -36.83 19.99 -14.03
N ALA B 174 -35.95 20.06 -13.04
CA ALA B 174 -35.07 18.94 -12.69
C ALA B 174 -35.13 18.63 -11.18
N ILE B 175 -35.05 17.34 -10.85
CA ILE B 175 -34.89 16.90 -9.47
C ILE B 175 -33.49 16.31 -9.28
N ASN B 176 -32.68 17.02 -8.50
CA ASN B 176 -31.43 16.51 -7.95
C ASN B 176 -31.74 15.45 -6.91
N VAL B 177 -31.34 14.22 -7.21
CA VAL B 177 -31.47 13.09 -6.28
C VAL B 177 -30.13 12.66 -5.65
N ASN B 178 -29.01 13.20 -6.16
CA ASN B 178 -27.67 12.93 -5.65
C ASN B 178 -27.50 13.24 -4.15
N ASP B 179 -28.12 14.33 -3.71
CA ASP B 179 -28.03 14.81 -2.32
C ASP B 179 -29.13 14.26 -1.37
N SER B 180 -29.91 13.26 -1.80
CA SER B 180 -30.75 12.47 -0.90
C SER B 180 -29.91 11.77 0.15
N VAL B 181 -30.48 11.58 1.34
CA VAL B 181 -29.79 10.86 2.40
C VAL B 181 -29.61 9.41 1.98
N THR B 182 -30.69 8.78 1.57
CA THR B 182 -30.64 7.39 1.13
C THR B 182 -29.69 7.17 -0.06
N LYS B 183 -29.57 8.16 -0.95
CA LYS B 183 -28.68 8.05 -2.11
C LYS B 183 -27.23 8.30 -1.71
N SER B 184 -26.99 9.46 -1.10
CA SER B 184 -25.63 9.89 -0.75
C SER B 184 -24.93 8.89 0.17
N LYS B 185 -25.59 8.49 1.26
CA LYS B 185 -24.99 7.56 2.22
C LYS B 185 -24.68 6.18 1.62
N PHE B 186 -25.58 5.65 0.80
CA PHE B 186 -25.33 4.36 0.16
C PHE B 186 -24.27 4.46 -0.93
N ASP B 187 -24.41 5.44 -1.81
CA ASP B 187 -23.45 5.61 -2.91
C ASP B 187 -22.07 6.06 -2.44
N ASN B 188 -22.02 6.97 -1.46
CA ASN B 188 -20.73 7.47 -0.92
C ASN B 188 -20.15 6.60 0.20
N LEU B 189 -20.90 6.38 1.27
CA LEU B 189 -20.37 5.70 2.49
C LEU B 189 -20.46 4.17 2.44
N TYR B 190 -21.67 3.62 2.46
CA TYR B 190 -21.85 2.17 2.61
C TYR B 190 -21.31 1.37 1.45
N GLY B 191 -21.51 1.88 0.24
CA GLY B 191 -20.98 1.25 -0.97
C GLY B 191 -19.46 1.12 -0.96
N CYS B 192 -18.79 2.25 -0.77
CA CYS B 192 -17.31 2.27 -0.73
C CYS B 192 -16.76 1.44 0.42
N ARG B 193 -17.48 1.42 1.53
CA ARG B 193 -17.12 0.57 2.67
C ARG B 193 -17.05 -0.90 2.29
N GLU B 194 -17.99 -1.34 1.45
CA GLU B 194 -18.08 -2.75 1.02
C GLU B 194 -17.04 -3.14 -0.04
N SER B 195 -16.76 -2.22 -0.95
CA SER B 195 -16.10 -2.56 -2.22
C SER B 195 -14.64 -2.15 -2.34
N LEU B 196 -14.19 -1.20 -1.51
CA LEU B 196 -12.80 -0.78 -1.50
C LEU B 196 -11.89 -2.00 -1.36
N ILE B 197 -12.10 -2.76 -0.30
CA ILE B 197 -11.26 -3.92 0.02
C ILE B 197 -11.42 -5.02 -1.02
N ASP B 198 -12.63 -5.18 -1.56
CA ASP B 198 -12.85 -6.13 -2.64
C ASP B 198 -11.92 -5.82 -3.83
N GLY B 199 -11.85 -4.53 -4.18
CA GLY B 199 -10.88 -4.04 -5.15
C GLY B 199 -9.42 -4.34 -4.80
N ILE B 200 -9.01 -3.95 -3.60
CA ILE B 200 -7.63 -4.15 -3.14
C ILE B 200 -7.25 -5.63 -3.14
N LYS B 201 -8.16 -6.47 -2.66
CA LYS B 201 -7.94 -7.90 -2.50
C LYS B 201 -7.79 -8.61 -3.84
N ARG B 202 -8.74 -8.39 -4.73
CA ARG B 202 -8.70 -9.00 -6.06
C ARG B 202 -7.46 -8.60 -6.84
N ALA B 203 -7.00 -7.37 -6.62
CA ALA B 203 -5.79 -6.88 -7.25
C ALA B 203 -4.49 -7.46 -6.66
N THR B 204 -4.41 -7.53 -5.33
CA THR B 204 -3.16 -7.89 -4.61
C THR B 204 -3.18 -9.14 -3.73
N ASP B 205 -4.36 -9.55 -3.25
CA ASP B 205 -4.53 -10.61 -2.25
C ASP B 205 -3.76 -10.32 -0.95
N VAL B 206 -3.52 -9.03 -0.68
CA VAL B 206 -2.61 -8.64 0.41
C VAL B 206 -3.28 -8.74 1.78
N MET B 207 -2.48 -9.07 2.79
CA MET B 207 -2.90 -8.97 4.19
C MET B 207 -3.17 -7.50 4.50
N ILE B 208 -4.38 -7.20 4.95
CA ILE B 208 -4.75 -5.84 5.36
C ILE B 208 -4.37 -5.59 6.83
N ALA B 209 -4.56 -6.61 7.68
CA ALA B 209 -4.28 -6.49 9.11
C ALA B 209 -2.82 -6.21 9.39
N GLY B 210 -2.56 -5.38 10.40
CA GLY B 210 -1.20 -4.98 10.75
C GLY B 210 -0.52 -3.98 9.82
N LYS B 211 -1.26 -3.44 8.85
CA LYS B 211 -0.75 -2.42 7.94
C LYS B 211 -1.22 -1.04 8.33
N VAL B 212 -0.38 -0.04 8.09
CA VAL B 212 -0.78 1.34 8.13
C VAL B 212 -1.45 1.67 6.79
N ALA B 213 -2.70 2.10 6.84
CA ALA B 213 -3.46 2.52 5.67
C ALA B 213 -3.69 4.03 5.74
N VAL B 214 -3.17 4.76 4.77
CA VAL B 214 -3.29 6.23 4.74
C VAL B 214 -4.46 6.63 3.86
N VAL B 215 -5.52 7.17 4.47
CA VAL B 215 -6.74 7.56 3.75
C VAL B 215 -6.80 9.08 3.60
N ALA B 216 -6.57 9.56 2.38
CA ALA B 216 -6.68 10.99 2.09
C ALA B 216 -8.15 11.38 1.93
N GLY B 217 -8.63 12.22 2.85
CA GLY B 217 -10.02 12.66 2.88
C GLY B 217 -10.86 11.89 3.91
N TYR B 218 -11.72 12.62 4.63
CA TYR B 218 -12.66 12.05 5.60
C TYR B 218 -14.08 12.59 5.38
N GLY B 219 -14.49 12.64 4.11
CA GLY B 219 -15.90 12.79 3.76
C GLY B 219 -16.58 11.44 3.93
N ASP B 220 -17.69 11.24 3.24
CA ASP B 220 -18.41 9.97 3.35
C ASP B 220 -17.65 8.78 2.77
N VAL B 221 -16.99 8.99 1.63
CA VAL B 221 -16.14 7.95 1.03
C VAL B 221 -15.02 7.60 2.00
N GLY B 222 -14.32 8.65 2.45
CA GLY B 222 -13.25 8.52 3.44
C GLY B 222 -13.67 7.78 4.69
N LYS B 223 -14.82 8.16 5.23
CA LYS B 223 -15.39 7.54 6.43
C LYS B 223 -15.63 6.05 6.24
N GLY B 224 -16.16 5.69 5.06
CA GLY B 224 -16.38 4.29 4.71
C GLY B 224 -15.10 3.51 4.54
N CYS B 225 -14.16 4.08 3.78
CA CYS B 225 -12.87 3.45 3.52
C CYS B 225 -12.14 3.17 4.82
N ALA B 226 -12.03 4.23 5.62
CA ALA B 226 -11.41 4.19 6.95
C ALA B 226 -12.00 3.12 7.86
N GLN B 227 -13.33 3.09 7.91
CA GLN B 227 -14.05 2.11 8.72
C GLN B 227 -13.81 0.67 8.24
N ALA B 228 -13.82 0.48 6.93
CA ALA B 228 -13.57 -0.82 6.35
C ALA B 228 -12.17 -1.34 6.68
N LEU B 229 -11.17 -0.48 6.50
CA LEU B 229 -9.76 -0.84 6.73
C LEU B 229 -9.51 -1.16 8.21
N ARG B 230 -10.01 -0.27 9.06
CA ARG B 230 -10.01 -0.42 10.52
C ARG B 230 -10.54 -1.75 11.01
N GLY B 231 -11.64 -2.19 10.41
CA GLY B 231 -12.30 -3.44 10.76
C GLY B 231 -11.50 -4.68 10.43
N PHE B 232 -10.64 -4.56 9.41
CA PHE B 232 -9.66 -5.61 9.09
C PHE B 232 -8.46 -5.70 10.03
N GLY B 233 -8.25 -4.68 10.88
CA GLY B 233 -7.08 -4.62 11.75
C GLY B 233 -5.95 -3.75 11.23
N ALA B 234 -6.25 -2.90 10.25
CA ALA B 234 -5.28 -1.93 9.76
C ALA B 234 -5.30 -0.70 10.66
N ARG B 235 -4.13 -0.10 10.86
CA ARG B 235 -4.00 1.20 11.51
C ARG B 235 -4.19 2.32 10.48
N VAL B 236 -5.35 2.97 10.55
CA VAL B 236 -5.75 3.95 9.56
C VAL B 236 -5.30 5.36 9.96
N ILE B 237 -4.51 6.00 9.09
CA ILE B 237 -4.13 7.41 9.24
C ILE B 237 -4.94 8.21 8.21
N ILE B 238 -5.36 9.40 8.60
CA ILE B 238 -6.23 10.25 7.77
C ILE B 238 -5.60 11.61 7.47
N THR B 239 -5.92 12.16 6.31
CA THR B 239 -5.52 13.54 5.97
C THR B 239 -6.78 14.31 5.57
N GLU B 240 -6.83 15.57 5.99
CA GLU B 240 -7.99 16.41 5.75
C GLU B 240 -7.61 17.89 5.68
N ILE B 241 -8.37 18.62 4.87
CA ILE B 241 -8.28 20.08 4.78
C ILE B 241 -9.37 20.82 5.54
N ASP B 242 -10.44 20.11 5.88
CA ASP B 242 -11.60 20.65 6.59
C ASP B 242 -11.46 20.33 8.07
N PRO B 243 -11.46 21.35 8.96
CA PRO B 243 -11.28 21.08 10.39
C PRO B 243 -12.41 20.28 11.05
N ILE B 244 -13.63 20.38 10.52
CA ILE B 244 -14.76 19.64 11.07
C ILE B 244 -14.60 18.16 10.78
N ASN B 245 -14.40 17.84 9.51
CA ASN B 245 -14.10 16.47 9.10
C ASN B 245 -12.85 15.91 9.81
N ALA B 246 -11.79 16.70 9.89
CA ALA B 246 -10.58 16.33 10.65
C ALA B 246 -10.88 16.04 12.14
N LEU B 247 -11.72 16.87 12.74
CA LEU B 247 -12.17 16.69 14.12
C LEU B 247 -13.00 15.42 14.31
N GLN B 248 -13.84 15.09 13.33
CA GLN B 248 -14.64 13.87 13.37
C GLN B 248 -13.77 12.61 13.43
N ALA B 249 -12.73 12.57 12.59
CA ALA B 249 -11.79 11.46 12.56
C ALA B 249 -11.02 11.33 13.88
N ALA B 250 -10.62 12.47 14.43
CA ALA B 250 -9.92 12.47 15.71
C ALA B 250 -10.78 11.93 16.84
N MET B 251 -12.08 12.22 16.81
CA MET B 251 -13.01 11.72 17.83
C MET B 251 -13.32 10.23 17.73
N GLU B 252 -13.03 9.61 16.58
CA GLU B 252 -13.10 8.15 16.43
C GLU B 252 -11.77 7.44 16.63
N GLY B 253 -10.72 8.18 17.02
CA GLY B 253 -9.43 7.59 17.36
C GLY B 253 -8.44 7.45 16.21
N TYR B 254 -8.73 8.02 15.05
CA TYR B 254 -7.77 8.03 13.94
C TYR B 254 -6.75 9.15 14.11
N GLU B 255 -5.49 8.82 13.83
CA GLU B 255 -4.44 9.82 13.70
C GLU B 255 -4.73 10.66 12.45
N VAL B 256 -4.63 11.98 12.59
CA VAL B 256 -4.84 12.89 11.47
C VAL B 256 -3.57 13.74 11.28
N THR B 257 -2.89 13.52 10.15
CA THR B 257 -1.67 14.26 9.81
C THR B 257 -1.67 14.54 8.29
N THR B 258 -0.53 15.00 7.77
CA THR B 258 -0.42 15.40 6.36
C THR B 258 0.11 14.25 5.51
N MET B 259 -0.14 14.33 4.20
CA MET B 259 0.46 13.40 3.25
C MET B 259 1.98 13.53 3.21
N ASP B 260 2.49 14.73 3.44
CA ASP B 260 3.94 14.99 3.53
C ASP B 260 4.60 14.15 4.63
N GLU B 261 3.88 13.93 5.73
CA GLU B 261 4.34 13.08 6.84
C GLU B 261 3.97 11.62 6.66
N ALA B 262 2.70 11.40 6.32
CA ALA B 262 2.13 10.05 6.26
C ALA B 262 2.69 9.16 5.12
N CYS B 263 3.28 9.78 4.09
CA CYS B 263 3.87 9.03 2.99
C CYS B 263 5.06 8.14 3.39
N GLN B 264 5.72 8.46 4.50
CA GLN B 264 6.77 7.60 5.07
C GLN B 264 6.25 6.40 5.87
N GLU B 265 5.02 6.49 6.38
CA GLU B 265 4.43 5.48 7.29
C GLU B 265 3.56 4.42 6.61
N GLY B 266 2.81 4.82 5.58
CA GLY B 266 1.79 3.96 4.97
C GLY B 266 2.24 2.77 4.11
N ASN B 267 1.63 1.61 4.35
CA ASN B 267 1.77 0.44 3.48
C ASN B 267 0.73 0.48 2.33
N ILE B 268 -0.43 1.08 2.62
CA ILE B 268 -1.54 1.22 1.68
C ILE B 268 -2.00 2.69 1.66
N PHE B 269 -2.22 3.22 0.46
CA PHE B 269 -2.67 4.61 0.25
C PHE B 269 -3.95 4.64 -0.59
N VAL B 270 -4.97 5.33 -0.08
CA VAL B 270 -6.31 5.38 -0.67
C VAL B 270 -6.79 6.84 -0.69
N THR B 271 -7.02 7.38 -1.89
CA THR B 271 -7.45 8.78 -2.06
C THR B 271 -8.97 8.87 -2.22
N THR B 272 -9.60 9.79 -1.47
CA THR B 272 -11.07 9.93 -1.43
C THR B 272 -11.53 11.40 -1.44
N THR B 273 -10.69 12.29 -1.94
CA THR B 273 -10.87 13.73 -1.75
C THR B 273 -11.75 14.40 -2.81
N GLY B 274 -11.67 13.91 -4.03
CA GLY B 274 -12.24 14.61 -5.19
C GLY B 274 -11.43 15.80 -5.64
N CYS B 275 -10.12 15.79 -5.32
CA CYS B 275 -9.23 16.94 -5.54
C CYS B 275 -7.92 16.50 -6.19
N ILE B 276 -7.29 17.42 -6.91
CA ILE B 276 -6.00 17.16 -7.59
C ILE B 276 -4.80 17.19 -6.65
N ASP B 277 -3.70 16.61 -7.13
CA ASP B 277 -2.38 16.71 -6.50
C ASP B 277 -2.35 16.19 -5.06
N ILE B 278 -2.94 15.02 -4.85
CA ILE B 278 -3.00 14.41 -3.52
C ILE B 278 -1.76 13.57 -3.28
N ILE B 279 -1.47 12.67 -4.21
CA ILE B 279 -0.25 11.87 -4.15
C ILE B 279 0.63 12.25 -5.34
N LEU B 280 1.91 12.45 -5.05
CA LEU B 280 2.84 13.17 -5.89
C LEU B 280 4.20 12.51 -5.86
N GLY B 281 5.08 12.96 -6.75
CA GLY B 281 6.44 12.46 -6.86
C GLY B 281 7.19 12.46 -5.54
N ARG B 282 7.14 13.59 -4.85
CA ARG B 282 7.81 13.74 -3.53
C ARG B 282 7.28 12.77 -2.46
N HIS B 283 6.01 12.38 -2.60
CA HIS B 283 5.43 11.35 -1.75
C HIS B 283 5.88 9.95 -2.14
N PHE B 284 5.83 9.64 -3.44
CA PHE B 284 6.28 8.33 -3.95
C PHE B 284 7.70 7.97 -3.54
N GLU B 285 8.61 8.94 -3.64
CA GLU B 285 10.02 8.74 -3.28
C GLU B 285 10.26 8.37 -1.81
N GLN B 286 9.33 8.77 -0.94
CA GLN B 286 9.38 8.47 0.49
C GLN B 286 8.77 7.12 0.91
N MET B 287 8.01 6.50 0.02
CA MET B 287 7.19 5.33 0.38
C MET B 287 8.00 4.07 0.61
N LYS B 288 7.42 3.19 1.42
CA LYS B 288 7.99 1.88 1.68
C LYS B 288 7.93 1.04 0.43
N ASP B 289 8.75 0.01 0.42
CA ASP B 289 8.81 -0.88 -0.74
C ASP B 289 7.47 -1.61 -0.90
N ASP B 290 7.00 -1.67 -2.15
CA ASP B 290 5.71 -2.26 -2.51
C ASP B 290 4.48 -1.61 -1.83
N ALA B 291 4.55 -0.29 -1.64
CA ALA B 291 3.40 0.48 -1.19
C ALA B 291 2.28 0.38 -2.23
N ILE B 292 1.15 -0.20 -1.81
CA ILE B 292 -0.03 -0.28 -2.65
C ILE B 292 -0.65 1.10 -2.64
N VAL B 293 -0.91 1.65 -3.83
CA VAL B 293 -1.50 2.99 -3.97
C VAL B 293 -2.69 2.93 -4.91
N CYS B 294 -3.81 3.53 -4.49
CA CYS B 294 -5.05 3.49 -5.27
C CYS B 294 -5.97 4.66 -4.98
N ASN B 295 -7.01 4.77 -5.78
CA ASN B 295 -7.96 5.88 -5.74
C ASN B 295 -9.39 5.35 -5.80
N ILE B 296 -10.27 5.94 -5.00
CA ILE B 296 -11.71 5.61 -5.02
C ILE B 296 -12.57 6.91 -5.03
N GLY B 297 -11.93 8.03 -5.34
CA GLY B 297 -12.57 9.32 -5.29
C GLY B 297 -12.96 9.78 -6.68
N HIS B 298 -12.32 10.84 -7.17
CA HIS B 298 -12.61 11.37 -8.50
C HIS B 298 -11.75 10.74 -9.59
N PHE B 299 -12.40 10.47 -10.73
CA PHE B 299 -11.84 9.77 -11.89
C PHE B 299 -10.36 9.36 -11.80
N ASP B 300 -9.42 10.19 -12.28
CA ASP B 300 -7.98 9.84 -12.23
C ASP B 300 -7.04 11.01 -11.86
N VAL B 301 -7.57 12.01 -11.15
CA VAL B 301 -6.86 13.27 -10.88
C VAL B 301 -6.06 13.34 -9.57
N GLU B 302 -6.33 12.41 -8.67
CA GLU B 302 -5.83 12.50 -7.30
C GLU B 302 -4.39 12.04 -7.19
N ILE B 303 -4.03 10.98 -7.91
CA ILE B 303 -2.68 10.45 -7.96
C ILE B 303 -1.97 10.90 -9.24
N ASP B 304 -0.72 11.34 -9.11
CA ASP B 304 0.06 11.74 -10.28
C ASP B 304 0.65 10.50 -10.95
N VAL B 305 -0.20 9.80 -11.70
CA VAL B 305 0.21 8.59 -12.42
C VAL B 305 1.19 8.95 -13.53
N LYS B 306 0.99 10.12 -14.14
CA LYS B 306 1.91 10.65 -15.16
C LYS B 306 3.34 10.74 -14.64
N TRP B 307 3.49 11.10 -13.37
CA TRP B 307 4.81 11.14 -12.73
C TRP B 307 5.49 9.76 -12.75
N LEU B 308 4.76 8.73 -12.30
CA LEU B 308 5.28 7.35 -12.24
C LEU B 308 5.76 6.86 -13.60
N ASN B 309 4.94 7.09 -14.63
CA ASN B 309 5.26 6.69 -16.00
C ASN B 309 6.52 7.36 -16.53
N GLU B 310 6.71 8.64 -16.17
CA GLU B 310 7.85 9.44 -16.63
C GLU B 310 9.13 9.26 -15.81
N ASN B 311 8.99 8.83 -14.55
CA ASN B 311 10.13 8.79 -13.62
C ASN B 311 10.59 7.41 -13.17
N ALA B 312 9.73 6.40 -13.29
CA ALA B 312 10.11 5.03 -12.94
C ALA B 312 11.08 4.48 -13.98
N VAL B 313 11.98 3.62 -13.52
CA VAL B 313 12.94 2.92 -14.40
C VAL B 313 12.39 1.59 -14.95
N GLU B 314 11.43 1.01 -14.23
CA GLU B 314 10.65 -0.16 -14.69
C GLU B 314 9.18 0.07 -14.44
N LYS B 315 8.35 -0.42 -15.36
CA LYS B 315 6.92 -0.56 -15.12
C LYS B 315 6.49 -1.93 -15.62
N VAL B 316 6.14 -2.81 -14.70
CA VAL B 316 5.73 -4.17 -15.03
C VAL B 316 4.25 -4.28 -14.72
N ASN B 317 3.48 -4.82 -15.67
CA ASN B 317 2.08 -5.18 -15.44
C ASN B 317 2.02 -6.56 -14.80
N ILE B 318 1.41 -6.65 -13.63
CA ILE B 318 1.28 -7.94 -12.92
C ILE B 318 0.06 -8.69 -13.44
N LYS B 319 -1.07 -8.01 -13.46
CA LYS B 319 -2.33 -8.53 -13.98
C LYS B 319 -3.17 -7.35 -14.49
N PRO B 320 -4.36 -7.61 -15.09
CA PRO B 320 -5.15 -6.47 -15.55
C PRO B 320 -5.43 -5.47 -14.42
N GLN B 321 -5.18 -4.19 -14.70
CA GLN B 321 -5.40 -3.08 -13.74
C GLN B 321 -4.50 -3.08 -12.50
N VAL B 322 -3.33 -3.71 -12.61
CA VAL B 322 -2.34 -3.79 -11.52
C VAL B 322 -0.96 -3.61 -12.15
N ASP B 323 -0.30 -2.50 -11.82
CA ASP B 323 1.03 -2.18 -12.36
C ASP B 323 2.05 -1.93 -11.24
N ARG B 324 3.19 -2.61 -11.33
CA ARG B 324 4.26 -2.48 -10.35
C ARG B 324 5.43 -1.69 -10.96
N TYR B 325 5.55 -0.44 -10.51
CA TYR B 325 6.64 0.45 -10.91
C TYR B 325 7.85 0.26 -10.00
N ARG B 326 9.04 0.27 -10.59
CA ARG B 326 10.30 0.38 -9.83
C ARG B 326 10.82 1.79 -10.04
N LEU B 327 11.19 2.44 -8.94
CA LEU B 327 11.69 3.81 -8.96
C LEU B 327 13.23 3.85 -8.98
N LYS B 328 13.76 5.06 -9.13
CA LYS B 328 15.22 5.27 -9.15
C LYS B 328 15.93 4.87 -7.86
N ASN B 329 15.22 4.97 -6.73
CA ASN B 329 15.73 4.47 -5.45
C ASN B 329 15.73 2.94 -5.29
N GLY B 330 15.23 2.22 -6.29
CA GLY B 330 15.23 0.75 -6.26
C GLY B 330 14.04 0.13 -5.56
N ARG B 331 13.17 0.99 -5.00
CA ARG B 331 11.94 0.58 -4.31
C ARG B 331 10.73 0.64 -5.25
N ARG B 332 9.71 -0.16 -4.91
CA ARG B 332 8.59 -0.40 -5.82
C ARG B 332 7.25 0.19 -5.35
N ILE B 333 6.39 0.49 -6.32
CA ILE B 333 5.05 1.04 -6.10
C ILE B 333 4.06 0.20 -6.90
N ILE B 334 3.07 -0.37 -6.21
CA ILE B 334 1.99 -1.11 -6.87
C ILE B 334 0.81 -0.17 -7.03
N LEU B 335 0.45 0.16 -8.26
CA LEU B 335 -0.65 1.08 -8.54
C LEU B 335 -1.85 0.32 -9.06
N LEU B 336 -3.01 0.57 -8.46
CA LEU B 336 -4.25 -0.13 -8.82
C LEU B 336 -5.07 0.70 -9.80
N ALA B 337 -5.65 0.04 -10.79
CA ALA B 337 -6.56 0.65 -11.78
C ALA B 337 -6.02 1.88 -12.54
N GLU B 338 -4.69 1.98 -12.65
CA GLU B 338 -4.03 3.12 -13.29
C GLU B 338 -4.50 4.46 -12.71
N GLY B 339 -4.65 4.50 -11.40
CA GLY B 339 -5.14 5.70 -10.72
C GLY B 339 -6.64 6.00 -10.85
N ARG B 340 -7.36 5.16 -11.59
CA ARG B 340 -8.83 5.29 -11.71
C ARG B 340 -9.52 4.68 -10.49
N LEU B 341 -10.85 4.62 -10.51
CA LEU B 341 -11.62 4.13 -9.35
C LEU B 341 -11.37 2.64 -9.10
N VAL B 342 -10.70 2.33 -8.00
CA VAL B 342 -10.26 0.96 -7.72
C VAL B 342 -11.43 -0.01 -7.58
N ASN B 343 -12.54 0.47 -7.01
CA ASN B 343 -13.71 -0.37 -6.82
C ASN B 343 -14.42 -0.72 -8.14
N LEU B 344 -14.24 0.12 -9.15
CA LEU B 344 -14.74 -0.18 -10.51
C LEU B 344 -13.69 -0.75 -11.46
N GLY B 345 -12.41 -0.53 -11.16
CA GLY B 345 -11.31 -1.04 -11.97
C GLY B 345 -10.89 -2.44 -11.60
N CYS B 346 -10.86 -2.72 -10.29
CA CYS B 346 -10.41 -4.00 -9.76
C CYS B 346 -11.50 -4.91 -9.19
N ALA B 347 -12.73 -4.40 -9.16
CA ALA B 347 -13.89 -5.15 -8.66
C ALA B 347 -15.13 -4.72 -9.44
N MET B 348 -16.31 -5.20 -9.04
CA MET B 348 -17.54 -4.97 -9.82
C MET B 348 -18.39 -3.76 -9.38
N GLY B 349 -17.84 -2.90 -8.53
CA GLY B 349 -18.52 -1.68 -8.09
C GLY B 349 -19.26 -1.92 -6.79
N HIS B 350 -20.40 -1.26 -6.61
CA HIS B 350 -21.22 -1.43 -5.41
C HIS B 350 -22.15 -2.63 -5.51
N PRO B 351 -22.56 -3.19 -4.36
CA PRO B 351 -23.59 -4.22 -4.35
C PRO B 351 -24.93 -3.74 -4.85
N SER B 352 -25.77 -4.68 -5.25
CA SER B 352 -27.13 -4.40 -5.71
C SER B 352 -27.96 -3.55 -4.71
N PHE B 353 -27.81 -3.85 -3.42
CA PHE B 353 -28.61 -3.16 -2.36
C PHE B 353 -28.31 -1.66 -2.23
N VAL B 354 -27.05 -1.29 -2.44
CA VAL B 354 -26.65 0.11 -2.55
C VAL B 354 -27.34 0.75 -3.73
N MET B 355 -27.18 0.12 -4.90
CA MET B 355 -27.76 0.62 -6.14
C MET B 355 -29.28 0.74 -6.07
N SER B 356 -29.92 -0.16 -5.30
CA SER B 356 -31.36 -0.10 -5.08
C SER B 356 -31.78 1.20 -4.43
N ASN B 357 -31.02 1.65 -3.44
CA ASN B 357 -31.32 2.92 -2.76
C ASN B 357 -31.23 4.11 -3.73
N SER B 358 -30.19 4.12 -4.55
CA SER B 358 -30.01 5.17 -5.56
C SER B 358 -31.07 5.13 -6.68
N PHE B 359 -31.34 3.94 -7.22
CA PHE B 359 -32.29 3.81 -8.33
C PHE B 359 -33.76 3.95 -7.92
N THR B 360 -34.09 3.58 -6.68
CA THR B 360 -35.42 3.85 -6.12
C THR B 360 -35.61 5.36 -6.01
N ASN B 361 -34.54 6.05 -5.62
CA ASN B 361 -34.47 7.52 -5.64
C ASN B 361 -34.84 8.12 -7.02
N GLN B 362 -34.33 7.53 -8.09
CA GLN B 362 -34.69 7.96 -9.45
C GLN B 362 -36.18 7.74 -9.77
N VAL B 363 -36.68 6.53 -9.49
CA VAL B 363 -38.10 6.18 -9.71
C VAL B 363 -39.03 7.15 -8.97
N MET B 364 -38.69 7.46 -7.72
CA MET B 364 -39.42 8.44 -6.92
C MET B 364 -39.46 9.81 -7.60
N ALA B 365 -38.31 10.25 -8.11
CA ALA B 365 -38.19 11.54 -8.79
C ALA B 365 -39.03 11.62 -10.06
N GLN B 366 -39.00 10.56 -10.87
CA GLN B 366 -39.77 10.49 -12.13
C GLN B 366 -41.27 10.61 -11.87
N ILE B 367 -41.79 9.76 -10.98
CA ILE B 367 -43.22 9.79 -10.60
C ILE B 367 -43.61 11.18 -10.13
N GLU B 368 -42.78 11.76 -9.26
CA GLU B 368 -43.02 13.08 -8.73
C GLU B 368 -43.08 14.16 -9.83
N LEU B 369 -42.16 14.12 -10.78
CA LEU B 369 -42.13 15.07 -11.91
C LEU B 369 -43.26 14.87 -12.91
N TRP B 370 -43.55 13.61 -13.25
CA TRP B 370 -44.60 13.27 -14.20
C TRP B 370 -46.01 13.49 -13.65
N THR B 371 -46.25 13.05 -12.42
CA THR B 371 -47.56 13.14 -11.78
C THR B 371 -47.91 14.58 -11.36
N HIS B 372 -46.91 15.37 -11.02
CA HIS B 372 -47.10 16.76 -10.56
C HIS B 372 -46.35 17.77 -11.44
N PRO B 373 -46.94 18.16 -12.59
CA PRO B 373 -46.30 19.12 -13.51
C PRO B 373 -46.26 20.56 -12.97
N ASP B 374 -47.37 21.02 -12.41
CA ASP B 374 -47.51 22.37 -11.86
C ASP B 374 -46.70 22.62 -10.59
N LYS B 375 -46.31 21.55 -9.90
CA LYS B 375 -45.65 21.64 -8.59
C LYS B 375 -44.19 22.10 -8.65
N TYR B 376 -43.53 21.88 -9.79
CA TYR B 376 -42.10 22.19 -9.97
C TYR B 376 -41.85 23.15 -11.15
N PRO B 377 -41.45 24.41 -10.86
CA PRO B 377 -41.02 25.30 -11.94
C PRO B 377 -39.65 24.94 -12.51
N VAL B 378 -39.20 25.68 -13.50
CA VAL B 378 -37.94 25.40 -14.18
C VAL B 378 -36.80 25.77 -13.24
N GLY B 379 -35.93 24.80 -12.99
CA GLY B 379 -34.85 24.93 -12.01
C GLY B 379 -34.49 23.61 -11.37
N VAL B 380 -33.60 23.69 -10.38
CA VAL B 380 -33.04 22.51 -9.71
C VAL B 380 -33.65 22.42 -8.31
N HIS B 381 -34.25 21.27 -8.01
CA HIS B 381 -34.84 20.99 -6.70
C HIS B 381 -34.25 19.76 -6.06
N PHE B 382 -34.24 19.75 -4.74
CA PHE B 382 -33.98 18.54 -3.98
C PHE B 382 -35.23 17.67 -4.00
N LEU B 383 -35.05 16.37 -3.84
CA LEU B 383 -36.16 15.45 -3.62
C LEU B 383 -36.77 15.77 -2.25
N PRO B 384 -38.11 15.84 -2.15
CA PRO B 384 -38.71 16.09 -0.83
C PRO B 384 -38.38 15.00 0.18
N LYS B 385 -38.22 15.41 1.44
CA LYS B 385 -37.80 14.50 2.52
C LYS B 385 -38.71 13.29 2.68
N LYS B 386 -40.00 13.50 2.49
CA LYS B 386 -40.98 12.42 2.65
C LYS B 386 -40.79 11.29 1.63
N LEU B 387 -40.34 11.65 0.43
CA LEU B 387 -39.96 10.66 -0.59
C LEU B 387 -38.63 9.98 -0.27
N ASP B 388 -37.70 10.75 0.29
CA ASP B 388 -36.41 10.22 0.77
C ASP B 388 -36.65 9.15 1.83
N GLU B 389 -37.54 9.45 2.78
CA GLU B 389 -37.96 8.50 3.82
C GLU B 389 -38.61 7.24 3.25
N ALA B 390 -39.47 7.42 2.25
CA ALA B 390 -40.13 6.29 1.58
C ALA B 390 -39.13 5.33 0.94
N VAL B 391 -38.04 5.87 0.41
CA VAL B 391 -36.95 5.05 -0.13
C VAL B 391 -36.39 4.13 0.98
N ALA B 392 -36.13 4.71 2.14
CA ALA B 392 -35.58 3.96 3.29
C ALA B 392 -36.54 2.90 3.82
N GLU B 393 -37.81 3.28 4.01
CA GLU B 393 -38.86 2.35 4.45
C GLU B 393 -39.02 1.17 3.50
N ALA B 394 -38.89 1.42 2.21
CA ALA B 394 -38.98 0.38 1.19
C ALA B 394 -37.92 -0.73 1.33
N HIS B 395 -36.81 -0.43 2.01
CA HIS B 395 -35.76 -1.43 2.28
C HIS B 395 -35.80 -2.10 3.69
N LEU B 396 -36.66 -1.64 4.59
CA LEU B 396 -36.67 -2.14 5.97
C LEU B 396 -37.14 -3.59 6.14
N GLY B 397 -38.07 -4.02 5.28
CA GLY B 397 -38.57 -5.39 5.30
C GLY B 397 -37.46 -6.39 5.05
N LYS B 398 -36.73 -6.17 3.96
CA LYS B 398 -35.57 -6.98 3.59
C LYS B 398 -34.57 -7.10 4.73
N LEU B 399 -34.34 -5.98 5.43
CA LEU B 399 -33.42 -5.89 6.56
C LEU B 399 -33.94 -6.43 7.89
N ASN B 400 -35.12 -7.04 7.87
CA ASN B 400 -35.69 -7.65 9.07
C ASN B 400 -35.92 -6.58 10.15
N VAL B 401 -36.26 -5.36 9.70
CA VAL B 401 -36.44 -4.20 10.58
C VAL B 401 -37.92 -3.92 10.82
N LYS B 402 -38.31 -3.90 12.09
CA LYS B 402 -39.67 -3.54 12.48
C LYS B 402 -39.69 -2.10 12.99
N LEU B 403 -40.34 -1.23 12.21
CA LEU B 403 -40.38 0.20 12.46
C LEU B 403 -41.55 0.56 13.38
N THR B 404 -41.29 1.36 14.40
CA THR B 404 -42.33 1.79 15.34
C THR B 404 -43.17 2.91 14.71
N LYS B 405 -44.47 2.89 14.98
CA LYS B 405 -45.38 3.95 14.52
C LYS B 405 -45.70 4.87 15.70
N LEU B 406 -45.69 6.18 15.45
CA LEU B 406 -46.07 7.15 16.47
C LEU B 406 -47.56 7.05 16.76
N THR B 407 -47.92 7.09 18.05
CA THR B 407 -49.33 7.20 18.44
C THR B 407 -49.79 8.62 18.15
N GLU B 408 -51.08 8.78 17.92
CA GLU B 408 -51.72 10.09 17.74
C GLU B 408 -51.23 11.10 18.79
N LYS B 409 -51.24 10.67 20.05
CA LYS B 409 -50.77 11.47 21.18
C LYS B 409 -49.30 11.87 21.09
N GLN B 410 -48.44 10.95 20.66
CA GLN B 410 -47.01 11.23 20.47
C GLN B 410 -46.74 12.24 19.34
N ALA B 411 -47.46 12.11 18.24
CA ALA B 411 -47.31 13.00 17.08
C ALA B 411 -47.71 14.45 17.38
N GLN B 412 -48.79 14.60 18.15
CA GLN B 412 -49.23 15.92 18.63
C GLN B 412 -48.16 16.56 19.49
N TYR B 413 -47.59 15.78 20.40
CA TYR B 413 -46.55 16.26 21.31
C TYR B 413 -45.32 16.72 20.54
N LEU B 414 -44.83 15.86 19.64
CA LEU B 414 -43.63 16.17 18.84
C LEU B 414 -43.87 17.26 17.79
N GLY B 415 -45.12 17.45 17.41
CA GLY B 415 -45.50 18.51 16.47
C GLY B 415 -45.21 18.13 15.03
N MET B 416 -45.32 16.84 14.72
CA MET B 416 -45.13 16.32 13.37
C MET B 416 -46.33 15.46 13.01
N SER B 417 -46.40 15.07 11.76
CA SER B 417 -47.38 14.10 11.29
C SER B 417 -46.84 12.70 11.60
N CYS B 418 -47.73 11.76 11.89
CA CYS B 418 -47.34 10.35 12.12
C CYS B 418 -46.82 9.65 10.86
N ASP B 419 -47.15 10.21 9.68
CA ASP B 419 -46.63 9.73 8.41
C ASP B 419 -45.42 10.51 7.89
N GLY B 420 -45.00 11.55 8.61
CA GLY B 420 -43.78 12.29 8.30
C GLY B 420 -44.02 13.58 7.52
N PRO B 421 -42.97 14.35 7.23
CA PRO B 421 -41.58 14.00 7.56
C PRO B 421 -41.23 14.19 9.03
N PHE B 422 -40.26 13.42 9.49
CA PHE B 422 -39.91 13.35 10.90
C PHE B 422 -38.79 14.29 11.33
N LYS B 423 -38.11 14.90 10.37
CA LYS B 423 -36.97 15.77 10.64
C LYS B 423 -37.10 17.05 9.82
N PRO B 424 -36.55 18.17 10.32
CA PRO B 424 -36.50 19.39 9.49
C PRO B 424 -35.44 19.28 8.40
N ASP B 425 -35.53 20.14 7.39
CA ASP B 425 -34.64 20.08 6.22
C ASP B 425 -33.15 20.25 6.55
N HIS B 426 -32.83 20.97 7.63
CA HIS B 426 -31.44 21.17 8.06
C HIS B 426 -30.80 19.97 8.80
N TYR B 427 -31.61 18.98 9.17
CA TYR B 427 -31.15 17.79 9.91
C TYR B 427 -30.13 16.96 9.12
N ARG B 428 -29.08 16.51 9.80
CA ARG B 428 -27.89 15.90 9.18
C ARG B 428 -27.73 14.38 9.36
N TYR B 429 -28.58 13.75 10.18
CA TYR B 429 -28.51 12.30 10.44
C TYR B 429 -27.10 11.85 10.86
N LEU C 2 34.91 -19.49 2.48
CA LEU C 2 34.19 -18.44 1.67
C LEU C 2 33.52 -19.09 0.44
N PRO C 3 32.18 -19.00 0.33
CA PRO C 3 31.48 -19.62 -0.81
C PRO C 3 31.68 -18.88 -2.14
N TYR C 4 32.01 -17.59 -2.05
CA TYR C 4 32.34 -16.74 -3.18
C TYR C 4 33.00 -15.46 -2.64
N LYS C 5 33.44 -14.58 -3.52
CA LYS C 5 33.83 -13.22 -3.12
C LYS C 5 33.64 -12.23 -4.28
N VAL C 6 32.74 -11.27 -4.07
CA VAL C 6 32.33 -10.32 -5.10
C VAL C 6 32.26 -8.95 -4.40
N ALA C 7 32.39 -7.88 -5.20
CA ALA C 7 32.35 -6.50 -4.68
C ALA C 7 31.04 -6.16 -3.95
N ASP C 8 29.92 -6.35 -4.64
CA ASP C 8 28.59 -6.04 -4.12
C ASP C 8 27.55 -7.00 -4.73
N ILE C 9 27.01 -7.91 -3.91
CA ILE C 9 25.97 -8.87 -4.35
C ILE C 9 24.58 -8.23 -4.59
N GLY C 10 24.38 -7.01 -4.11
CA GLY C 10 23.17 -6.22 -4.39
C GLY C 10 23.00 -5.80 -5.84
N LEU C 11 24.10 -5.83 -6.61
CA LEU C 11 24.06 -5.58 -8.06
C LEU C 11 23.58 -6.79 -8.89
N ALA C 12 23.20 -7.89 -8.24
CA ALA C 12 22.77 -9.13 -8.91
C ALA C 12 21.60 -8.98 -9.92
N ALA C 13 20.61 -8.17 -9.56
CA ALA C 13 19.43 -7.93 -10.42
C ALA C 13 19.75 -7.14 -11.69
N TRP C 14 20.74 -6.23 -11.61
CA TRP C 14 21.26 -5.50 -12.76
C TRP C 14 21.97 -6.45 -13.74
N GLY C 15 22.83 -7.31 -13.19
CA GLY C 15 23.51 -8.35 -13.95
C GLY C 15 22.62 -9.35 -14.66
N ARG C 16 21.57 -9.79 -13.97
CA ARG C 16 20.59 -10.73 -14.53
C ARG C 16 19.78 -10.12 -15.69
N LYS C 17 19.52 -8.82 -15.61
CA LYS C 17 18.88 -8.09 -16.71
C LYS C 17 19.80 -7.99 -17.92
N ALA C 18 21.03 -7.56 -17.68
CA ALA C 18 22.07 -7.51 -18.72
C ALA C 18 22.35 -8.90 -19.33
N LEU C 19 22.28 -9.93 -18.49
CA LEU C 19 22.41 -11.34 -18.93
C LEU C 19 21.27 -11.75 -19.87
N ASP C 20 20.05 -11.34 -19.53
CA ASP C 20 18.86 -11.65 -20.34
C ASP C 20 18.98 -11.06 -21.76
N ILE C 21 19.54 -9.85 -21.86
CA ILE C 21 19.80 -9.20 -23.15
C ILE C 21 20.92 -9.91 -23.90
N ALA C 22 22.02 -10.20 -23.18
CA ALA C 22 23.17 -10.89 -23.76
C ALA C 22 22.83 -12.27 -24.34
N GLU C 23 22.02 -13.04 -23.62
CA GLU C 23 21.59 -14.39 -24.05
C GLU C 23 21.11 -14.44 -25.51
N ASN C 24 20.35 -13.42 -25.93
CA ASN C 24 19.79 -13.33 -27.30
C ASN C 24 20.81 -13.06 -28.40
N GLU C 25 21.94 -12.45 -28.05
CA GLU C 25 23.04 -12.24 -28.98
C GLU C 25 24.10 -13.33 -28.85
N MET C 26 23.82 -14.36 -28.06
CA MET C 26 24.74 -15.48 -27.90
C MET C 26 24.02 -16.81 -28.17
N PRO C 27 23.45 -16.99 -29.38
CA PRO C 27 22.71 -18.22 -29.72
C PRO C 27 23.54 -19.50 -29.67
N GLY C 28 24.85 -19.37 -29.88
CA GLY C 28 25.78 -20.49 -29.77
C GLY C 28 25.68 -21.17 -28.41
N LEU C 29 25.75 -20.37 -27.36
CA LEU C 29 25.66 -20.87 -26.00
C LEU C 29 24.23 -21.35 -25.65
N MET C 30 23.22 -20.63 -26.12
CA MET C 30 21.82 -21.01 -25.90
C MET C 30 21.41 -22.27 -26.67
N ARG C 31 22.02 -22.49 -27.84
CA ARG C 31 21.83 -23.74 -28.60
C ARG C 31 22.40 -24.94 -27.86
N MET C 32 23.54 -24.77 -27.18
CA MET C 32 24.14 -25.83 -26.36
C MET C 32 23.21 -26.22 -25.20
N ARG C 33 22.57 -25.23 -24.59
CA ARG C 33 21.55 -25.48 -23.55
C ARG C 33 20.35 -26.28 -24.06
N GLU C 34 19.90 -25.99 -25.28
CA GLU C 34 18.80 -26.75 -25.89
C GLU C 34 19.18 -28.21 -26.13
N ARG C 35 20.31 -28.42 -26.80
CA ARG C 35 20.79 -29.77 -27.13
C ARG C 35 21.25 -30.61 -25.95
N TYR C 36 21.84 -29.98 -24.93
CA TYR C 36 22.55 -30.72 -23.87
C TYR C 36 22.05 -30.54 -22.42
N SER C 37 20.96 -29.80 -22.19
CA SER C 37 20.44 -29.59 -20.82
C SER C 37 19.81 -30.84 -20.20
N ALA C 38 19.32 -31.75 -21.02
CA ALA C 38 18.71 -32.99 -20.54
C ALA C 38 19.77 -34.07 -20.27
N SER C 39 20.62 -34.34 -21.26
CA SER C 39 21.60 -35.43 -21.18
C SER C 39 22.76 -35.20 -20.20
N LYS C 40 23.05 -33.92 -19.90
CA LYS C 40 24.16 -33.53 -19.01
C LYS C 40 25.50 -34.22 -19.37
N PRO C 41 26.10 -33.83 -20.52
CA PRO C 41 27.37 -34.45 -20.92
C PRO C 41 28.59 -34.07 -20.07
N LEU C 42 28.46 -33.04 -19.24
CA LEU C 42 29.51 -32.67 -18.28
C LEU C 42 29.12 -33.04 -16.85
N LYS C 43 28.42 -34.16 -16.68
CA LYS C 43 28.00 -34.65 -15.37
C LYS C 43 29.22 -35.23 -14.65
N GLY C 44 29.45 -34.76 -13.43
CA GLY C 44 30.61 -35.17 -12.64
C GLY C 44 31.89 -34.38 -12.92
N ALA C 45 31.87 -33.51 -13.93
CA ALA C 45 32.98 -32.60 -14.21
C ALA C 45 33.01 -31.47 -13.18
N ARG C 46 34.22 -31.00 -12.89
CA ARG C 46 34.48 -30.00 -11.84
C ARG C 46 35.45 -28.96 -12.42
N ILE C 47 34.88 -28.00 -13.14
CA ILE C 47 35.66 -27.09 -13.99
C ILE C 47 36.06 -25.80 -13.25
N ALA C 48 37.36 -25.64 -13.02
CA ALA C 48 37.91 -24.35 -12.59
C ALA C 48 38.16 -23.52 -13.84
N GLY C 49 37.56 -22.34 -13.88
CA GLY C 49 37.69 -21.44 -15.01
C GLY C 49 38.36 -20.15 -14.64
N CYS C 50 39.28 -19.68 -15.50
CA CYS C 50 39.95 -18.40 -15.33
C CYS C 50 39.78 -17.51 -16.58
N LEU C 51 38.77 -16.64 -16.53
CA LEU C 51 38.39 -15.81 -17.67
C LEU C 51 37.62 -14.57 -17.22
N HIS C 52 37.92 -13.45 -17.88
CA HIS C 52 37.27 -12.16 -17.65
C HIS C 52 35.85 -12.33 -17.17
N MET C 53 35.54 -11.78 -15.99
CA MET C 53 34.23 -11.99 -15.40
C MET C 53 33.23 -10.93 -15.88
N THR C 54 32.79 -11.13 -17.11
CA THR C 54 31.85 -10.24 -17.81
C THR C 54 30.47 -10.87 -17.97
N VAL C 55 29.53 -10.06 -18.44
CA VAL C 55 28.19 -10.52 -18.82
C VAL C 55 28.28 -11.76 -19.73
N GLU C 56 29.13 -11.66 -20.74
CA GLU C 56 29.27 -12.70 -21.76
C GLU C 56 29.82 -14.00 -21.15
N THR C 57 30.88 -13.87 -20.37
CA THR C 57 31.46 -15.01 -19.64
C THR C 57 30.46 -15.64 -18.68
N ALA C 58 29.63 -14.80 -18.06
CA ALA C 58 28.57 -15.27 -17.17
C ALA C 58 27.55 -16.17 -17.87
N VAL C 59 27.29 -15.91 -19.16
CA VAL C 59 26.43 -16.77 -19.98
C VAL C 59 27.14 -18.11 -20.26
N LEU C 60 28.44 -18.06 -20.51
CA LEU C 60 29.27 -19.26 -20.66
C LEU C 60 29.24 -20.13 -19.40
N ILE C 61 29.51 -19.50 -18.26
CA ILE C 61 29.50 -20.17 -16.95
C ILE C 61 28.18 -20.92 -16.72
N GLU C 62 27.06 -20.22 -16.93
CA GLU C 62 25.73 -20.82 -16.72
C GLU C 62 25.35 -21.92 -17.71
N THR C 63 25.91 -21.85 -18.92
CA THR C 63 25.79 -22.92 -19.92
C THR C 63 26.52 -24.19 -19.47
N LEU C 64 27.67 -24.02 -18.81
CA LEU C 64 28.42 -25.14 -18.23
C LEU C 64 27.65 -25.84 -17.09
N VAL C 65 26.92 -25.07 -16.29
CA VAL C 65 26.12 -25.63 -15.19
C VAL C 65 24.89 -26.38 -15.71
N THR C 66 24.19 -25.76 -16.66
CA THR C 66 23.07 -26.39 -17.39
C THR C 66 23.44 -27.75 -17.99
N LEU C 67 24.69 -27.89 -18.42
CA LEU C 67 25.21 -29.14 -18.99
C LEU C 67 25.74 -30.18 -17.96
N GLY C 68 25.47 -29.96 -16.68
CA GLY C 68 25.76 -30.94 -15.63
C GLY C 68 27.00 -30.70 -14.77
N ALA C 69 27.87 -29.79 -15.19
CA ALA C 69 29.14 -29.56 -14.49
C ALA C 69 29.01 -28.71 -13.23
N GLU C 70 30.00 -28.89 -12.36
CA GLU C 70 30.28 -28.01 -11.24
C GLU C 70 31.25 -26.98 -11.77
N VAL C 71 31.09 -25.72 -11.34
CA VAL C 71 31.94 -24.65 -11.86
C VAL C 71 32.38 -23.67 -10.78
N GLN C 72 33.69 -23.43 -10.73
CA GLN C 72 34.30 -22.43 -9.85
C GLN C 72 35.10 -21.50 -10.72
N TRP C 73 35.00 -20.19 -10.46
CA TRP C 73 35.48 -19.18 -11.41
C TRP C 73 36.25 -17.98 -10.84
N SER C 74 37.13 -17.44 -11.67
CA SER C 74 37.85 -16.20 -11.39
C SER C 74 38.14 -15.49 -12.71
N SER C 75 38.39 -14.18 -12.63
CA SER C 75 38.76 -13.38 -13.80
C SER C 75 40.24 -13.59 -14.13
N CYS C 76 40.58 -13.49 -15.41
CA CYS C 76 41.97 -13.63 -15.89
C CYS C 76 42.68 -12.27 -16.08
N ASN C 77 42.05 -11.20 -15.58
CA ASN C 77 42.62 -9.86 -15.58
C ASN C 77 42.06 -9.10 -14.37
N ILE C 78 42.87 -8.20 -13.82
CA ILE C 78 42.53 -7.50 -12.56
C ILE C 78 41.47 -6.40 -12.67
N PHE C 79 41.28 -5.84 -13.87
CA PHE C 79 40.26 -4.78 -14.13
C PHE C 79 39.08 -5.20 -15.02
N SER C 80 39.17 -6.38 -15.65
CA SER C 80 38.20 -6.78 -16.68
C SER C 80 36.85 -7.29 -16.15
N THR C 81 36.78 -7.60 -14.86
CA THR C 81 35.52 -8.01 -14.21
C THR C 81 34.46 -6.91 -14.30
N GLN C 82 33.22 -7.33 -14.57
CA GLN C 82 32.03 -6.48 -14.48
C GLN C 82 31.25 -6.92 -13.25
N ASP C 83 31.29 -6.09 -12.20
CA ASP C 83 30.83 -6.46 -10.85
C ASP C 83 29.38 -7.00 -10.83
N HIS C 84 28.49 -6.33 -11.53
CA HIS C 84 27.09 -6.78 -11.68
C HIS C 84 26.93 -8.19 -12.25
N ALA C 85 27.73 -8.55 -13.25
CA ALA C 85 27.75 -9.93 -13.78
C ALA C 85 28.26 -10.93 -12.72
N ALA C 86 29.36 -10.57 -12.06
CA ALA C 86 29.96 -11.41 -11.01
C ALA C 86 28.98 -11.69 -9.87
N ALA C 87 28.22 -10.67 -9.46
CA ALA C 87 27.17 -10.82 -8.45
C ALA C 87 26.10 -11.83 -8.87
N ALA C 88 25.56 -11.63 -10.07
CA ALA C 88 24.52 -12.50 -10.65
C ALA C 88 24.91 -13.98 -10.66
N ILE C 89 26.16 -14.26 -11.00
CA ILE C 89 26.73 -15.61 -10.93
C ILE C 89 26.81 -16.12 -9.48
N ALA C 90 27.28 -15.26 -8.57
CA ALA C 90 27.38 -15.60 -7.15
C ALA C 90 25.99 -15.89 -6.54
N LYS C 91 25.05 -14.99 -6.80
CA LYS C 91 23.62 -15.10 -6.42
C LYS C 91 22.95 -16.41 -6.86
N ALA C 92 23.43 -17.00 -7.96
CA ALA C 92 22.98 -18.31 -8.45
C ALA C 92 23.72 -19.51 -7.83
N GLY C 93 24.46 -19.29 -6.75
CA GLY C 93 25.15 -20.34 -6.00
C GLY C 93 26.40 -20.90 -6.65
N ILE C 94 27.02 -20.13 -7.54
CA ILE C 94 28.25 -20.54 -8.22
C ILE C 94 29.42 -19.84 -7.53
N PRO C 95 30.42 -20.62 -7.03
CA PRO C 95 31.60 -19.95 -6.48
C PRO C 95 32.37 -19.15 -7.52
N VAL C 96 32.25 -17.82 -7.42
CA VAL C 96 32.97 -16.89 -8.28
C VAL C 96 33.73 -15.88 -7.40
N TYR C 97 35.02 -15.73 -7.69
CA TYR C 97 35.91 -14.86 -6.91
C TYR C 97 36.48 -13.80 -7.86
N ALA C 98 35.79 -12.66 -7.95
CA ALA C 98 36.10 -11.64 -8.96
C ALA C 98 35.46 -10.29 -8.66
N TRP C 99 36.27 -9.23 -8.76
CA TRP C 99 35.79 -7.84 -8.73
C TRP C 99 36.69 -6.95 -9.58
N LYS C 100 36.20 -5.76 -9.90
CA LYS C 100 36.96 -4.78 -10.67
C LYS C 100 37.92 -4.03 -9.74
N GLY C 101 39.18 -3.92 -10.15
CA GLY C 101 40.21 -3.18 -9.40
C GLY C 101 40.97 -4.02 -8.38
N GLU C 102 41.30 -5.25 -8.74
CA GLU C 102 41.99 -6.19 -7.84
C GLU C 102 43.47 -5.85 -7.73
N THR C 103 44.09 -6.30 -6.65
CA THR C 103 45.55 -6.28 -6.49
C THR C 103 46.16 -7.57 -7.04
N ASP C 104 47.48 -7.57 -7.23
CA ASP C 104 48.20 -8.71 -7.83
C ASP C 104 48.19 -10.00 -7.00
N GLU C 105 48.06 -9.88 -5.68
CA GLU C 105 47.92 -11.06 -4.80
C GLU C 105 46.45 -11.42 -4.50
N GLU C 106 45.55 -10.46 -4.64
CA GLU C 106 44.09 -10.74 -4.67
C GLU C 106 43.70 -11.53 -5.91
N TYR C 107 44.37 -11.25 -7.03
CA TYR C 107 44.26 -12.03 -8.26
C TYR C 107 44.70 -13.47 -8.04
N LEU C 108 45.91 -13.63 -7.49
CA LEU C 108 46.47 -14.94 -7.12
C LEU C 108 45.56 -15.71 -6.17
N TRP C 109 45.02 -14.98 -5.18
CA TRP C 109 44.07 -15.53 -4.19
C TRP C 109 42.79 -16.03 -4.85
N CYS C 110 42.22 -15.21 -5.72
CA CYS C 110 40.96 -15.53 -6.41
C CYS C 110 41.04 -16.84 -7.20
N ILE C 111 42.15 -17.04 -7.91
CA ILE C 111 42.39 -18.28 -8.65
C ILE C 111 42.54 -19.47 -7.69
N GLU C 112 43.27 -19.27 -6.60
CA GLU C 112 43.47 -20.29 -5.57
C GLU C 112 42.16 -20.84 -4.97
N GLN C 113 41.16 -19.97 -4.84
CA GLN C 113 39.83 -20.37 -4.33
C GLN C 113 39.05 -21.29 -5.25
N THR C 114 39.39 -21.35 -6.54
CA THR C 114 38.69 -22.19 -7.52
C THR C 114 39.20 -23.64 -7.64
N LEU C 115 40.31 -23.95 -6.98
CA LEU C 115 40.97 -25.25 -7.14
C LEU C 115 40.19 -26.41 -6.49
N TYR C 116 39.63 -26.16 -5.31
CA TYR C 116 38.95 -27.20 -4.50
C TYR C 116 37.44 -27.01 -4.41
N PHE C 117 36.70 -28.09 -4.69
CA PHE C 117 35.23 -28.12 -4.61
C PHE C 117 34.85 -28.81 -3.28
N LYS C 118 33.56 -29.09 -3.07
CA LYS C 118 33.14 -29.92 -1.92
C LYS C 118 33.37 -31.42 -2.15
N ASP C 119 33.14 -31.87 -3.39
CA ASP C 119 33.32 -33.28 -3.75
C ASP C 119 34.75 -33.68 -4.18
N GLY C 120 35.64 -32.70 -4.35
CA GLY C 120 37.05 -32.97 -4.67
C GLY C 120 37.78 -31.81 -5.33
N PRO C 121 39.02 -32.03 -5.77
CA PRO C 121 39.73 -31.03 -6.56
C PRO C 121 39.32 -31.03 -8.04
N LEU C 122 39.60 -29.92 -8.72
CA LEU C 122 39.25 -29.72 -10.15
C LEU C 122 39.72 -30.86 -11.05
N ASN C 123 38.87 -31.26 -12.00
CA ASN C 123 39.23 -32.26 -13.01
C ASN C 123 39.25 -31.72 -14.46
N MET C 124 38.91 -30.44 -14.63
CA MET C 124 38.97 -29.76 -15.92
C MET C 124 39.42 -28.32 -15.74
N ILE C 125 40.21 -27.82 -16.70
CA ILE C 125 40.68 -26.43 -16.71
C ILE C 125 40.13 -25.74 -17.96
N LEU C 126 39.38 -24.66 -17.76
CA LEU C 126 38.95 -23.77 -18.84
C LEU C 126 39.70 -22.44 -18.66
N ASP C 127 40.65 -22.16 -19.56
CA ASP C 127 41.60 -21.07 -19.35
C ASP C 127 41.60 -20.07 -20.51
N ASP C 128 41.74 -18.78 -20.16
CA ASP C 128 42.02 -17.72 -21.12
C ASP C 128 43.26 -16.98 -20.59
N GLY C 129 44.39 -17.17 -21.26
CA GLY C 129 45.66 -16.53 -20.87
C GLY C 129 46.73 -17.47 -20.32
N GLY C 130 46.30 -18.58 -19.73
CA GLY C 130 47.21 -19.63 -19.25
C GLY C 130 47.63 -19.55 -17.79
N ASP C 131 47.10 -18.56 -17.05
CA ASP C 131 47.47 -18.35 -15.64
C ASP C 131 47.01 -19.48 -14.72
N LEU C 132 45.80 -20.00 -14.95
CA LEU C 132 45.33 -21.18 -14.22
C LEU C 132 46.14 -22.44 -14.56
N THR C 133 46.48 -22.59 -15.84
CA THR C 133 47.31 -23.72 -16.30
C THR C 133 48.71 -23.69 -15.65
N ASN C 134 49.36 -22.52 -15.69
CA ASN C 134 50.70 -22.36 -15.12
C ASN C 134 50.74 -22.44 -13.59
N LEU C 135 49.63 -22.10 -12.92
CA LEU C 135 49.56 -22.19 -11.46
C LEU C 135 49.57 -23.65 -10.95
N ILE C 136 48.89 -24.55 -11.67
CA ILE C 136 48.87 -25.97 -11.28
C ILE C 136 50.26 -26.60 -11.47
N HIS C 137 50.85 -26.41 -12.65
CA HIS C 137 52.11 -27.07 -13.00
C HIS C 137 53.33 -26.66 -12.16
N THR C 138 53.37 -25.40 -11.75
CA THR C 138 54.49 -24.86 -10.97
C THR C 138 54.28 -24.98 -9.45
N LYS C 139 53.08 -24.67 -8.99
CA LYS C 139 52.77 -24.63 -7.55
C LYS C 139 51.83 -25.72 -7.00
N TYR C 140 51.10 -26.44 -7.87
CA TYR C 140 50.30 -27.62 -7.44
C TYR C 140 50.46 -28.87 -8.35
N PRO C 141 51.71 -29.31 -8.63
CA PRO C 141 51.96 -30.49 -9.49
C PRO C 141 51.21 -31.78 -9.15
N GLN C 142 51.14 -32.15 -7.87
CA GLN C 142 50.51 -33.43 -7.48
C GLN C 142 48.96 -33.48 -7.65
N LEU C 143 48.36 -32.37 -8.09
CA LEU C 143 46.98 -32.36 -8.61
C LEU C 143 46.82 -32.66 -10.11
N LEU C 144 47.93 -32.73 -10.86
CA LEU C 144 47.90 -32.88 -12.33
C LEU C 144 47.33 -34.22 -12.85
N PRO C 145 47.69 -35.37 -12.24
CA PRO C 145 47.01 -36.62 -12.56
C PRO C 145 45.47 -36.56 -12.49
N GLY C 146 44.93 -35.79 -11.55
CA GLY C 146 43.48 -35.66 -11.37
C GLY C 146 42.72 -34.86 -12.42
N ILE C 147 43.43 -34.10 -13.25
CA ILE C 147 42.83 -33.23 -14.29
C ILE C 147 42.84 -33.93 -15.66
N ARG C 148 41.66 -34.06 -16.25
CA ARG C 148 41.46 -34.79 -17.51
C ARG C 148 41.82 -34.00 -18.77
N GLY C 149 41.67 -32.67 -18.75
CA GLY C 149 41.94 -31.85 -19.93
C GLY C 149 41.92 -30.34 -19.74
N ILE C 150 42.52 -29.63 -20.69
CA ILE C 150 42.61 -28.16 -20.68
C ILE C 150 42.06 -27.53 -21.96
N SER C 151 41.20 -26.53 -21.81
CA SER C 151 40.76 -25.67 -22.92
C SER C 151 41.48 -24.32 -22.83
N GLU C 152 42.12 -23.92 -23.93
CA GLU C 152 42.83 -22.66 -24.01
C GLU C 152 42.35 -21.90 -25.25
N GLU C 153 42.21 -20.59 -25.12
CA GLU C 153 41.67 -19.76 -26.21
C GLU C 153 42.48 -18.49 -26.54
N THR C 154 43.76 -18.46 -26.17
CA THR C 154 44.60 -17.27 -26.36
C THR C 154 45.90 -17.65 -27.09
N THR C 155 46.44 -16.70 -27.87
CA THR C 155 47.74 -16.88 -28.55
C THR C 155 48.85 -17.06 -27.50
N THR C 156 48.91 -16.12 -26.55
CA THR C 156 49.74 -16.20 -25.33
C THR C 156 49.71 -17.58 -24.67
N GLY C 157 48.51 -18.08 -24.42
CA GLY C 157 48.30 -19.35 -23.73
C GLY C 157 48.74 -20.58 -24.51
N VAL C 158 48.51 -20.58 -25.83
CA VAL C 158 48.89 -21.69 -26.69
C VAL C 158 50.40 -21.76 -26.89
N HIS C 159 51.05 -20.61 -27.10
CA HIS C 159 52.53 -20.51 -27.17
C HIS C 159 53.16 -21.09 -25.90
N ASN C 160 52.64 -20.63 -24.76
CA ASN C 160 52.99 -21.16 -23.43
C ASN C 160 52.78 -22.70 -23.32
N LEU C 161 51.67 -23.20 -23.85
CA LEU C 161 51.41 -24.66 -23.88
C LEU C 161 52.44 -25.43 -24.71
N TYR C 162 52.80 -24.92 -25.88
CA TYR C 162 53.73 -25.61 -26.80
C TYR C 162 55.12 -25.78 -26.20
N LYS C 163 55.63 -24.71 -25.59
CA LYS C 163 56.94 -24.77 -24.94
C LYS C 163 56.91 -25.53 -23.62
N MET C 164 55.75 -25.60 -22.97
CA MET C 164 55.54 -26.56 -21.87
C MET C 164 55.66 -28.01 -22.35
N MET C 165 55.06 -28.30 -23.51
CA MET C 165 55.12 -29.63 -24.11
C MET C 165 56.51 -29.99 -24.61
N ALA C 166 57.15 -29.07 -25.33
CA ALA C 166 58.50 -29.26 -25.84
C ALA C 166 59.55 -29.44 -24.73
N ASN C 167 59.30 -28.84 -23.57
CA ASN C 167 60.17 -28.99 -22.38
C ASN C 167 59.63 -30.00 -21.33
N GLY C 168 58.72 -30.89 -21.74
CA GLY C 168 58.21 -31.99 -20.90
C GLY C 168 57.45 -31.65 -19.63
N ILE C 169 57.02 -30.39 -19.50
CA ILE C 169 56.36 -29.88 -18.29
C ILE C 169 54.89 -30.30 -18.30
N LEU C 170 54.22 -30.13 -19.44
CA LEU C 170 52.79 -30.42 -19.60
C LEU C 170 52.47 -31.90 -19.37
N LYS C 171 51.53 -32.15 -18.44
CA LYS C 171 51.10 -33.48 -18.03
C LYS C 171 49.57 -33.68 -18.23
N VAL C 172 48.95 -32.79 -19.00
CA VAL C 172 47.50 -32.81 -19.28
C VAL C 172 47.27 -32.54 -20.78
N PRO C 173 46.36 -33.30 -21.43
CA PRO C 173 45.96 -32.96 -22.81
C PRO C 173 45.23 -31.61 -22.90
N ALA C 174 45.70 -30.73 -23.78
CA ALA C 174 45.08 -29.44 -24.00
C ALA C 174 44.43 -29.39 -25.39
N ILE C 175 43.28 -28.71 -25.50
CA ILE C 175 42.68 -28.37 -26.78
C ILE C 175 42.86 -26.87 -27.06
N ASN C 176 43.65 -26.57 -28.09
CA ASN C 176 43.80 -25.23 -28.65
C ASN C 176 42.55 -24.84 -29.46
N VAL C 177 41.81 -23.89 -28.92
CA VAL C 177 40.59 -23.37 -29.52
C VAL C 177 40.80 -21.97 -30.16
N ASN C 178 41.96 -21.36 -29.90
CA ASN C 178 42.34 -20.06 -30.48
C ASN C 178 42.42 -20.06 -32.02
N ASP C 179 42.83 -21.19 -32.58
CA ASP C 179 42.99 -21.35 -34.03
C ASP C 179 41.80 -22.02 -34.76
N SER C 180 40.68 -22.19 -34.06
CA SER C 180 39.41 -22.56 -34.71
C SER C 180 39.01 -21.45 -35.68
N VAL C 181 38.42 -21.82 -36.79
CA VAL C 181 37.95 -20.83 -37.77
C VAL C 181 36.93 -19.92 -37.11
N THR C 182 35.92 -20.50 -36.48
CA THR C 182 34.87 -19.70 -35.85
C THR C 182 35.41 -18.82 -34.72
N LYS C 183 36.43 -19.28 -33.99
CA LYS C 183 37.02 -18.47 -32.93
C LYS C 183 37.82 -17.33 -33.55
N SER C 184 38.86 -17.68 -34.31
CA SER C 184 39.83 -16.71 -34.83
C SER C 184 39.16 -15.60 -35.65
N LYS C 185 38.23 -16.00 -36.52
CA LYS C 185 37.53 -15.04 -37.38
C LYS C 185 36.75 -13.98 -36.60
N PHE C 186 36.02 -14.41 -35.59
CA PHE C 186 35.20 -13.48 -34.80
C PHE C 186 36.04 -12.64 -33.83
N ASP C 187 37.02 -13.26 -33.18
CA ASP C 187 37.87 -12.55 -32.23
C ASP C 187 38.82 -11.56 -32.92
N ASN C 188 39.45 -11.99 -34.02
CA ASN C 188 40.43 -11.17 -34.75
C ASN C 188 39.81 -10.22 -35.79
N LEU C 189 39.04 -10.78 -36.72
CA LEU C 189 38.55 -10.04 -37.90
C LEU C 189 37.23 -9.29 -37.69
N TYR C 190 36.15 -10.04 -37.47
CA TYR C 190 34.81 -9.44 -37.38
C TYR C 190 34.67 -8.49 -36.19
N GLY C 191 35.17 -8.92 -35.04
CA GLY C 191 35.10 -8.13 -33.81
C GLY C 191 35.79 -6.77 -33.89
N CYS C 192 37.04 -6.78 -34.34
CA CYS C 192 37.80 -5.55 -34.50
C CYS C 192 37.23 -4.64 -35.61
N ARG C 193 36.64 -5.24 -36.64
CA ARG C 193 35.91 -4.51 -37.69
C ARG C 193 34.75 -3.68 -37.12
N GLU C 194 34.18 -4.14 -36.02
CA GLU C 194 33.04 -3.48 -35.37
C GLU C 194 33.44 -2.48 -34.30
N SER C 195 34.43 -2.82 -33.48
CA SER C 195 34.79 -2.00 -32.33
C SER C 195 35.79 -0.86 -32.62
N LEU C 196 36.77 -1.09 -33.51
CA LEU C 196 37.83 -0.10 -33.80
C LEU C 196 37.32 1.32 -33.89
N ILE C 197 36.36 1.51 -34.78
CA ILE C 197 35.82 2.84 -35.08
C ILE C 197 34.96 3.36 -33.92
N ASP C 198 34.29 2.44 -33.24
CA ASP C 198 33.58 2.77 -32.01
C ASP C 198 34.53 3.38 -30.98
N GLY C 199 35.68 2.73 -30.81
CA GLY C 199 36.75 3.25 -29.95
C GLY C 199 37.26 4.63 -30.33
N ILE C 200 37.52 4.84 -31.63
CA ILE C 200 38.03 6.12 -32.14
C ILE C 200 36.97 7.22 -31.97
N LYS C 201 35.71 6.87 -32.23
CA LYS C 201 34.58 7.82 -32.15
C LYS C 201 34.28 8.31 -30.74
N ARG C 202 34.25 7.40 -29.78
CA ARG C 202 34.00 7.77 -28.38
C ARG C 202 35.10 8.68 -27.86
N ALA C 203 36.33 8.42 -28.28
CA ALA C 203 37.50 9.21 -27.87
C ALA C 203 37.56 10.60 -28.51
N THR C 204 37.39 10.66 -29.83
CA THR C 204 37.63 11.89 -30.59
C THR C 204 36.40 12.53 -31.27
N ASP C 205 35.35 11.74 -31.49
CA ASP C 205 34.17 12.16 -32.27
C ASP C 205 34.54 12.65 -33.68
N VAL C 206 35.66 12.16 -34.22
CA VAL C 206 36.25 12.70 -35.44
C VAL C 206 35.55 12.15 -36.70
N MET C 207 35.53 12.95 -37.76
CA MET C 207 35.10 12.51 -39.09
C MET C 207 36.09 11.49 -39.62
N ILE C 208 35.61 10.30 -39.97
CA ILE C 208 36.46 9.26 -40.59
C ILE C 208 36.58 9.48 -42.10
N ALA C 209 35.47 9.85 -42.73
CA ALA C 209 35.42 10.02 -44.17
C ALA C 209 36.36 11.12 -44.64
N GLY C 210 37.05 10.87 -45.76
CA GLY C 210 37.96 11.84 -46.34
C GLY C 210 39.33 11.93 -45.70
N LYS C 211 39.65 11.05 -44.77
CA LYS C 211 40.97 11.01 -44.14
C LYS C 211 41.79 9.85 -44.67
N VAL C 212 43.11 10.03 -44.67
CA VAL C 212 44.05 8.94 -44.89
C VAL C 212 44.16 8.23 -43.55
N ALA C 213 43.93 6.92 -43.55
CA ALA C 213 44.13 6.06 -42.39
C ALA C 213 45.23 5.07 -42.73
N VAL C 214 46.29 5.07 -41.92
CA VAL C 214 47.38 4.14 -42.09
C VAL C 214 47.14 2.98 -41.12
N VAL C 215 46.96 1.78 -41.66
CA VAL C 215 46.81 0.56 -40.87
C VAL C 215 48.08 -0.26 -41.00
N ALA C 216 48.82 -0.39 -39.90
CA ALA C 216 49.99 -1.24 -39.87
C ALA C 216 49.57 -2.70 -39.67
N GLY C 217 49.95 -3.55 -40.62
CA GLY C 217 49.59 -4.97 -40.62
C GLY C 217 48.29 -5.28 -41.35
N TYR C 218 48.28 -6.44 -42.02
CA TYR C 218 47.12 -6.89 -42.81
C TYR C 218 46.85 -8.38 -42.60
N GLY C 219 46.93 -8.77 -41.33
CA GLY C 219 46.43 -10.07 -40.92
C GLY C 219 44.94 -9.91 -40.68
N ASP C 220 44.38 -10.78 -39.85
CA ASP C 220 42.95 -10.75 -39.56
C ASP C 220 42.49 -9.44 -38.93
N VAL C 221 43.22 -8.96 -37.93
CA VAL C 221 42.91 -7.68 -37.28
C VAL C 221 43.04 -6.54 -38.30
N GLY C 222 44.16 -6.48 -38.99
CA GLY C 222 44.38 -5.51 -40.06
C GLY C 222 43.28 -5.49 -41.11
N LYS C 223 42.93 -6.69 -41.60
CA LYS C 223 41.87 -6.85 -42.61
C LYS C 223 40.56 -6.22 -42.13
N GLY C 224 40.18 -6.52 -40.89
CA GLY C 224 38.96 -5.99 -40.30
C GLY C 224 39.01 -4.49 -40.17
N CYS C 225 40.11 -4.00 -39.59
CA CYS C 225 40.31 -2.56 -39.38
C CYS C 225 40.29 -1.76 -40.69
N ALA C 226 41.05 -2.24 -41.68
CA ALA C 226 41.09 -1.63 -43.02
C ALA C 226 39.71 -1.60 -43.67
N GLN C 227 39.02 -2.74 -43.62
CA GLN C 227 37.66 -2.84 -44.16
C GLN C 227 36.68 -1.84 -43.51
N ALA C 228 36.70 -1.74 -42.19
CA ALA C 228 35.83 -0.82 -41.46
C ALA C 228 36.07 0.63 -41.85
N LEU C 229 37.34 1.04 -41.82
CA LEU C 229 37.74 2.42 -42.18
C LEU C 229 37.32 2.78 -43.62
N ARG C 230 37.58 1.87 -44.55
CA ARG C 230 37.18 2.01 -45.95
C ARG C 230 35.68 2.21 -46.12
N GLY C 231 34.90 1.47 -45.34
CA GLY C 231 33.44 1.56 -45.35
C GLY C 231 32.89 2.92 -44.99
N PHE C 232 33.60 3.64 -44.13
CA PHE C 232 33.25 5.03 -43.79
C PHE C 232 33.76 6.07 -44.79
N GLY C 233 34.48 5.65 -45.82
CA GLY C 233 35.02 6.57 -46.82
C GLY C 233 36.39 7.15 -46.49
N ALA C 234 37.14 6.48 -45.62
CA ALA C 234 38.56 6.76 -45.45
C ALA C 234 39.37 6.13 -46.58
N ARG C 235 40.48 6.76 -46.94
CA ARG C 235 41.48 6.20 -47.84
C ARG C 235 42.51 5.45 -46.99
N VAL C 236 42.49 4.11 -47.07
CA VAL C 236 43.28 3.25 -46.19
C VAL C 236 44.62 2.88 -46.85
N ILE C 237 45.72 3.17 -46.14
CA ILE C 237 47.06 2.73 -46.53
C ILE C 237 47.51 1.62 -45.58
N ILE C 238 48.07 0.56 -46.15
CA ILE C 238 48.52 -0.62 -45.41
C ILE C 238 50.04 -0.66 -45.38
N THR C 239 50.59 -1.17 -44.28
CA THR C 239 52.01 -1.55 -44.22
C THR C 239 52.08 -3.05 -43.90
N GLU C 240 53.06 -3.75 -44.48
CA GLU C 240 53.24 -5.19 -44.27
C GLU C 240 54.68 -5.65 -44.47
N ILE C 241 55.04 -6.70 -43.74
CA ILE C 241 56.30 -7.46 -43.89
C ILE C 241 56.12 -8.76 -44.68
N ASP C 242 54.94 -9.37 -44.59
CA ASP C 242 54.65 -10.61 -45.28
C ASP C 242 54.21 -10.30 -46.72
N PRO C 243 54.92 -10.83 -47.74
CA PRO C 243 54.54 -10.53 -49.12
C PRO C 243 53.18 -11.10 -49.57
N ILE C 244 52.73 -12.20 -48.97
CA ILE C 244 51.42 -12.74 -49.30
C ILE C 244 50.35 -11.76 -48.81
N ASN C 245 50.36 -11.46 -47.51
CA ASN C 245 49.42 -10.51 -46.91
C ASN C 245 49.42 -9.18 -47.65
N ALA C 246 50.61 -8.66 -47.93
CA ALA C 246 50.79 -7.45 -48.73
C ALA C 246 50.09 -7.56 -50.10
N LEU C 247 50.25 -8.70 -50.76
CA LEU C 247 49.57 -8.97 -52.02
C LEU C 247 48.05 -8.94 -51.87
N GLN C 248 47.53 -9.49 -50.78
CA GLN C 248 46.08 -9.45 -50.51
C GLN C 248 45.55 -8.02 -50.43
N ALA C 249 46.27 -7.16 -49.71
CA ALA C 249 45.88 -5.75 -49.58
C ALA C 249 45.85 -5.05 -50.94
N ALA C 250 46.89 -5.29 -51.75
CA ALA C 250 46.96 -4.71 -53.10
C ALA C 250 45.81 -5.19 -53.99
N MET C 251 45.47 -6.48 -53.92
CA MET C 251 44.37 -7.05 -54.72
C MET C 251 42.99 -6.49 -54.38
N GLU C 252 42.83 -5.93 -53.18
CA GLU C 252 41.60 -5.22 -52.79
C GLU C 252 41.61 -3.72 -53.10
N GLY C 253 42.75 -3.20 -53.53
CA GLY C 253 42.86 -1.79 -53.96
C GLY C 253 43.46 -0.83 -52.94
N TYR C 254 44.07 -1.38 -51.89
CA TYR C 254 44.76 -0.56 -50.91
C TYR C 254 46.18 -0.23 -51.38
N GLU C 255 46.62 0.99 -51.15
CA GLU C 255 48.03 1.32 -51.25
C GLU C 255 48.78 0.58 -50.16
N VAL C 256 49.88 -0.07 -50.54
CA VAL C 256 50.78 -0.72 -49.59
C VAL C 256 52.14 -0.04 -49.69
N THR C 257 52.52 0.68 -48.64
CA THR C 257 53.85 1.29 -48.54
C THR C 257 54.40 1.11 -47.13
N THR C 258 55.52 1.77 -46.85
CA THR C 258 56.20 1.68 -45.55
C THR C 258 55.69 2.76 -44.59
N MET C 259 55.84 2.51 -43.29
CA MET C 259 55.50 3.51 -42.29
C MET C 259 56.38 4.76 -42.43
N ASP C 260 57.65 4.56 -42.80
CA ASP C 260 58.59 5.68 -43.06
C ASP C 260 58.04 6.68 -44.10
N GLU C 261 57.39 6.16 -45.14
CA GLU C 261 56.70 6.99 -46.14
C GLU C 261 55.34 7.49 -45.63
N ALA C 262 54.53 6.54 -45.17
CA ALA C 262 53.11 6.77 -44.82
C ALA C 262 52.88 7.72 -43.67
N CYS C 263 53.87 7.84 -42.77
CA CYS C 263 53.76 8.73 -41.62
C CYS C 263 53.52 10.20 -41.98
N GLN C 264 53.92 10.60 -43.18
CA GLN C 264 53.71 11.97 -43.67
C GLN C 264 52.33 12.21 -44.28
N GLU C 265 51.59 11.14 -44.52
CA GLU C 265 50.31 11.15 -45.22
C GLU C 265 49.09 11.02 -44.32
N GLY C 266 49.22 10.22 -43.27
CA GLY C 266 48.07 9.80 -42.49
C GLY C 266 47.48 10.82 -41.53
N ASN C 267 46.15 10.82 -41.44
CA ASN C 267 45.40 11.51 -40.40
C ASN C 267 45.06 10.59 -39.22
N ILE C 268 44.96 9.27 -39.47
CA ILE C 268 44.68 8.25 -38.46
C ILE C 268 45.72 7.14 -38.59
N PHE C 269 46.21 6.63 -37.46
CA PHE C 269 47.17 5.54 -37.44
C PHE C 269 46.67 4.43 -36.53
N VAL C 270 46.56 3.21 -37.08
CA VAL C 270 46.09 2.03 -36.35
C VAL C 270 47.13 0.92 -36.48
N THR C 271 47.64 0.43 -35.35
CA THR C 271 48.62 -0.66 -35.37
C THR C 271 47.92 -1.99 -35.08
N THR C 272 48.27 -3.02 -35.86
CA THR C 272 47.65 -4.35 -35.76
C THR C 272 48.67 -5.51 -35.87
N THR C 273 49.95 -5.22 -35.70
CA THR C 273 51.01 -6.15 -36.10
C THR C 273 51.30 -7.27 -35.09
N GLY C 274 51.13 -6.97 -33.81
CA GLY C 274 51.63 -7.84 -32.73
C GLY C 274 53.13 -7.74 -32.49
N CYS C 275 53.76 -6.72 -33.07
CA CYS C 275 55.22 -6.60 -33.14
C CYS C 275 55.65 -5.25 -32.57
N ILE C 276 56.90 -5.16 -32.15
CA ILE C 276 57.43 -3.94 -31.53
C ILE C 276 57.93 -2.93 -32.57
N ASP C 277 58.13 -1.70 -32.10
CA ASP C 277 58.79 -0.62 -32.84
C ASP C 277 58.10 -0.26 -34.15
N ILE C 278 56.78 -0.11 -34.10
CA ILE C 278 55.98 0.15 -35.30
C ILE C 278 55.85 1.65 -35.55
N ILE C 279 55.46 2.40 -34.51
CA ILE C 279 55.38 3.86 -34.61
C ILE C 279 56.31 4.51 -33.57
N LEU C 280 57.29 5.24 -34.09
CA LEU C 280 58.48 5.67 -33.37
C LEU C 280 58.62 7.17 -33.46
N GLY C 281 59.56 7.70 -32.69
CA GLY C 281 59.88 9.13 -32.70
C GLY C 281 60.01 9.78 -34.06
N ARG C 282 60.77 9.15 -34.96
CA ARG C 282 60.98 9.68 -36.32
C ARG C 282 59.68 9.76 -37.14
N HIS C 283 58.74 8.86 -36.86
CA HIS C 283 57.41 8.89 -37.48
C HIS C 283 56.55 10.01 -36.90
N PHE C 284 56.55 10.13 -35.57
CA PHE C 284 55.80 11.21 -34.87
C PHE C 284 56.16 12.60 -35.37
N GLU C 285 57.47 12.89 -35.45
CA GLU C 285 57.99 14.17 -35.95
C GLU C 285 57.49 14.57 -37.35
N GLN C 286 57.17 13.57 -38.18
CA GLN C 286 56.67 13.80 -39.55
C GLN C 286 55.15 13.98 -39.69
N MET C 287 54.40 13.73 -38.63
CA MET C 287 52.93 13.61 -38.72
C MET C 287 52.24 14.94 -38.87
N LYS C 288 51.04 14.89 -39.46
CA LYS C 288 50.20 16.06 -39.63
C LYS C 288 49.63 16.49 -38.30
N ASP C 289 49.29 17.76 -38.19
CA ASP C 289 48.77 18.30 -36.93
C ASP C 289 47.49 17.56 -36.54
N ASP C 290 47.45 17.13 -35.28
CA ASP C 290 46.35 16.32 -34.72
C ASP C 290 46.12 14.96 -35.39
N ALA C 291 47.21 14.30 -35.79
CA ALA C 291 47.14 12.90 -36.16
C ALA C 291 46.65 12.09 -34.96
N ILE C 292 45.75 11.14 -35.21
CA ILE C 292 45.24 10.25 -34.18
C ILE C 292 46.02 8.94 -34.28
N VAL C 293 46.57 8.49 -33.15
CA VAL C 293 47.39 7.29 -33.09
C VAL C 293 46.81 6.34 -32.03
N CYS C 294 46.51 5.12 -32.46
CA CYS C 294 45.98 4.10 -31.57
C CYS C 294 46.48 2.74 -31.96
N ASN C 295 46.35 1.81 -31.01
CA ASN C 295 46.78 0.43 -31.16
C ASN C 295 45.58 -0.46 -30.89
N ILE C 296 45.44 -1.51 -31.69
CA ILE C 296 44.41 -2.54 -31.48
C ILE C 296 45.03 -3.94 -31.62
N GLY C 297 46.34 -4.01 -31.46
CA GLY C 297 47.10 -5.22 -31.71
C GLY C 297 47.56 -5.84 -30.41
N HIS C 298 48.85 -5.75 -30.14
CA HIS C 298 49.39 -6.34 -28.92
C HIS C 298 49.64 -5.32 -27.82
N PHE C 299 49.12 -5.66 -26.64
CA PHE C 299 49.16 -4.83 -25.45
C PHE C 299 49.60 -3.37 -25.67
N ASP C 300 50.86 -3.00 -25.40
CA ASP C 300 51.31 -1.60 -25.58
C ASP C 300 52.70 -1.46 -26.21
N VAL C 301 53.10 -2.47 -26.96
CA VAL C 301 54.46 -2.57 -27.49
C VAL C 301 54.65 -1.91 -28.86
N GLU C 302 53.56 -1.62 -29.56
CA GLU C 302 53.62 -1.25 -30.98
C GLU C 302 53.95 0.23 -31.20
N ILE C 303 53.43 1.08 -30.33
CA ILE C 303 53.65 2.53 -30.40
C ILE C 303 54.64 2.94 -29.30
N ASP C 304 55.66 3.71 -29.67
CA ASP C 304 56.65 4.20 -28.70
C ASP C 304 56.03 5.36 -27.91
N VAL C 305 55.20 5.00 -26.94
CA VAL C 305 54.52 5.97 -26.10
C VAL C 305 55.51 6.69 -25.18
N LYS C 306 56.54 5.97 -24.75
CA LYS C 306 57.62 6.55 -23.94
C LYS C 306 58.26 7.76 -24.62
N TRP C 307 58.42 7.70 -25.93
CA TRP C 307 59.00 8.81 -26.70
C TRP C 307 58.17 10.08 -26.58
N LEU C 308 56.85 9.94 -26.73
CA LEU C 308 55.94 11.08 -26.61
C LEU C 308 56.05 11.74 -25.25
N ASN C 309 56.10 10.91 -24.19
CA ASN C 309 56.20 11.41 -22.82
C ASN C 309 57.50 12.18 -22.59
N GLU C 310 58.58 11.67 -23.15
CA GLU C 310 59.92 12.21 -22.92
C GLU C 310 60.27 13.42 -23.79
N ASN C 311 59.68 13.51 -24.98
CA ASN C 311 60.08 14.53 -25.96
C ASN C 311 59.08 15.66 -26.22
N ALA C 312 57.83 15.49 -25.81
CA ALA C 312 56.80 16.52 -26.04
C ALA C 312 56.93 17.68 -25.04
N VAL C 313 56.54 18.88 -25.50
CA VAL C 313 56.59 20.08 -24.67
C VAL C 313 55.28 20.31 -23.90
N GLU C 314 54.15 19.85 -24.44
CA GLU C 314 52.88 19.77 -23.71
C GLU C 314 52.32 18.36 -23.72
N LYS C 315 51.70 17.97 -22.60
CA LYS C 315 50.84 16.80 -22.53
C LYS C 315 49.54 17.21 -21.83
N VAL C 316 48.43 17.11 -22.55
CA VAL C 316 47.11 17.48 -22.04
C VAL C 316 46.14 16.32 -22.16
N ASN C 317 45.57 15.92 -21.03
CA ASN C 317 44.46 14.96 -21.02
C ASN C 317 43.21 15.67 -21.52
N ILE C 318 42.51 15.06 -22.48
CA ILE C 318 41.27 15.61 -23.05
C ILE C 318 40.07 15.03 -22.30
N LYS C 319 40.05 13.69 -22.19
CA LYS C 319 39.09 12.94 -21.39
C LYS C 319 39.74 11.56 -21.06
N PRO C 320 39.07 10.68 -20.28
CA PRO C 320 39.71 9.40 -19.97
C PRO C 320 40.21 8.64 -21.19
N GLN C 321 41.47 8.22 -21.14
CA GLN C 321 42.12 7.44 -22.19
C GLN C 321 42.33 8.20 -23.52
N VAL C 322 42.37 9.54 -23.45
CA VAL C 322 42.65 10.40 -24.60
C VAL C 322 43.64 11.50 -24.19
N ASP C 323 44.84 11.46 -24.77
CA ASP C 323 45.92 12.39 -24.42
C ASP C 323 46.40 13.08 -25.67
N ARG C 324 46.61 14.39 -25.56
CA ARG C 324 47.00 15.25 -26.68
C ARG C 324 48.37 15.89 -26.39
N TYR C 325 49.40 15.34 -27.04
CA TYR C 325 50.77 15.83 -26.89
C TYR C 325 51.06 16.94 -27.88
N ARG C 326 51.93 17.87 -27.50
CA ARG C 326 52.45 18.89 -28.41
C ARG C 326 53.96 18.74 -28.49
N LEU C 327 54.47 18.57 -29.70
CA LEU C 327 55.88 18.31 -29.93
C LEU C 327 56.68 19.61 -30.09
N LYS C 328 58.00 19.49 -30.11
CA LYS C 328 58.89 20.64 -30.28
C LYS C 328 58.62 21.42 -31.58
N ASN C 329 58.20 20.71 -32.62
CA ASN C 329 57.86 21.32 -33.91
C ASN C 329 56.56 22.15 -33.96
N GLY C 330 55.80 22.15 -32.86
CA GLY C 330 54.54 22.91 -32.77
C GLY C 330 53.26 22.16 -33.13
N ARG C 331 53.40 20.92 -33.59
CA ARG C 331 52.26 20.09 -33.99
C ARG C 331 51.84 19.12 -32.88
N ARG C 332 50.60 18.66 -32.97
CA ARG C 332 49.97 17.86 -31.92
C ARG C 332 49.71 16.41 -32.35
N ILE C 333 49.83 15.50 -31.38
CA ILE C 333 49.51 14.09 -31.56
C ILE C 333 48.41 13.75 -30.56
N ILE C 334 47.35 13.09 -31.03
CA ILE C 334 46.28 12.59 -30.17
C ILE C 334 46.48 11.09 -30.01
N LEU C 335 46.99 10.68 -28.84
CA LEU C 335 47.22 9.26 -28.53
C LEU C 335 46.04 8.73 -27.76
N LEU C 336 45.55 7.56 -28.15
CA LEU C 336 44.41 6.90 -27.52
C LEU C 336 44.85 5.78 -26.60
N ALA C 337 44.11 5.61 -25.49
CA ALA C 337 44.30 4.53 -24.51
C ALA C 337 45.75 4.27 -24.07
N GLU C 338 46.58 5.31 -24.07
CA GLU C 338 48.00 5.20 -23.73
C GLU C 338 48.78 4.16 -24.57
N GLY C 339 48.36 4.00 -25.82
CA GLY C 339 48.94 3.00 -26.72
C GLY C 339 48.48 1.57 -26.49
N ARG C 340 47.46 1.39 -25.64
CA ARG C 340 46.90 0.08 -25.33
C ARG C 340 45.75 -0.20 -26.28
N LEU C 341 45.08 -1.33 -26.11
CA LEU C 341 44.00 -1.75 -27.01
C LEU C 341 42.88 -0.71 -26.99
N VAL C 342 42.71 -0.03 -28.12
CA VAL C 342 41.73 1.05 -28.29
C VAL C 342 40.27 0.60 -28.18
N ASN C 343 39.98 -0.60 -28.69
CA ASN C 343 38.63 -1.18 -28.56
C ASN C 343 38.25 -1.49 -27.10
N LEU C 344 39.23 -1.85 -26.27
CA LEU C 344 38.96 -2.12 -24.86
C LEU C 344 39.11 -0.86 -24.00
N GLY C 345 40.10 -0.03 -24.31
CA GLY C 345 40.39 1.19 -23.56
C GLY C 345 39.42 2.33 -23.80
N CYS C 346 39.01 2.53 -25.05
CA CYS C 346 38.08 3.61 -25.41
C CYS C 346 36.65 3.19 -25.74
N ALA C 347 36.39 1.87 -25.77
CA ALA C 347 35.05 1.33 -26.07
C ALA C 347 34.74 0.14 -25.14
N MET C 348 33.81 -0.74 -25.53
CA MET C 348 33.41 -1.89 -24.70
C MET C 348 33.85 -3.26 -25.25
N GLY C 349 34.90 -3.27 -26.07
CA GLY C 349 35.46 -4.51 -26.59
C GLY C 349 34.59 -5.06 -27.70
N HIS C 350 34.65 -6.37 -27.91
CA HIS C 350 33.84 -7.02 -28.93
C HIS C 350 32.37 -7.09 -28.50
N PRO C 351 31.42 -7.07 -29.45
CA PRO C 351 30.03 -7.35 -29.11
C PRO C 351 29.77 -8.77 -28.63
N SER C 352 28.61 -8.95 -28.01
CA SER C 352 28.20 -10.24 -27.46
C SER C 352 28.26 -11.40 -28.45
N PHE C 353 27.82 -11.15 -29.69
CA PHE C 353 27.79 -12.15 -30.76
C PHE C 353 29.17 -12.74 -31.09
N VAL C 354 30.22 -11.92 -31.04
CA VAL C 354 31.61 -12.40 -31.20
C VAL C 354 31.99 -13.36 -30.09
N MET C 355 31.71 -12.97 -28.85
CA MET C 355 32.08 -13.75 -27.67
C MET C 355 31.36 -15.09 -27.64
N SER C 356 30.14 -15.13 -28.16
CA SER C 356 29.39 -16.36 -28.32
C SER C 356 30.13 -17.41 -29.16
N ASN C 357 30.82 -16.95 -30.20
CA ASN C 357 31.59 -17.84 -31.06
C ASN C 357 32.85 -18.35 -30.37
N SER C 358 33.53 -17.48 -29.64
CA SER C 358 34.70 -17.89 -28.86
C SER C 358 34.34 -18.88 -27.76
N PHE C 359 33.30 -18.54 -26.99
CA PHE C 359 32.91 -19.34 -25.83
C PHE C 359 32.20 -20.64 -26.18
N THR C 360 31.48 -20.67 -27.29
CA THR C 360 30.89 -21.92 -27.78
C THR C 360 32.02 -22.88 -28.16
N ASN C 361 33.09 -22.37 -28.76
CA ASN C 361 34.33 -23.15 -28.98
C ASN C 361 34.87 -23.77 -27.67
N GLN C 362 34.86 -22.98 -26.59
CA GLN C 362 35.24 -23.46 -25.24
C GLN C 362 34.36 -24.58 -24.70
N VAL C 363 33.05 -24.40 -24.81
CA VAL C 363 32.09 -25.43 -24.41
C VAL C 363 32.36 -26.75 -25.14
N MET C 364 32.45 -26.68 -26.47
CA MET C 364 32.77 -27.84 -27.33
C MET C 364 34.02 -28.58 -26.84
N ALA C 365 35.05 -27.81 -26.51
CA ALA C 365 36.31 -28.33 -26.02
C ALA C 365 36.17 -29.06 -24.67
N GLN C 366 35.37 -28.49 -23.77
CA GLN C 366 35.10 -29.11 -22.47
C GLN C 366 34.37 -30.45 -22.62
N ILE C 367 33.31 -30.47 -23.43
CA ILE C 367 32.57 -31.70 -23.73
C ILE C 367 33.49 -32.76 -24.35
N GLU C 368 34.33 -32.36 -25.30
CA GLU C 368 35.18 -33.29 -26.04
C GLU C 368 36.23 -33.99 -25.16
N LEU C 369 36.93 -33.23 -24.33
CA LEU C 369 37.97 -33.78 -23.44
C LEU C 369 37.41 -34.64 -22.29
N TRP C 370 36.29 -34.21 -21.72
CA TRP C 370 35.64 -34.92 -20.62
C TRP C 370 34.91 -36.19 -21.08
N THR C 371 34.25 -36.14 -22.24
CA THR C 371 33.47 -37.27 -22.78
C THR C 371 34.35 -38.36 -23.45
N HIS C 372 35.55 -37.97 -23.90
CA HIS C 372 36.48 -38.91 -24.55
C HIS C 372 37.87 -38.89 -23.86
N PRO C 373 37.97 -39.43 -22.63
CA PRO C 373 39.23 -39.43 -21.86
C PRO C 373 40.45 -40.03 -22.59
N ASP C 374 40.25 -41.16 -23.27
CA ASP C 374 41.33 -41.91 -23.93
C ASP C 374 41.58 -41.54 -25.40
N LYS C 375 40.85 -40.57 -25.92
CA LYS C 375 41.00 -40.09 -27.30
C LYS C 375 42.17 -39.10 -27.46
N TYR C 376 42.47 -38.35 -26.40
CA TYR C 376 43.51 -37.30 -26.44
C TYR C 376 44.69 -37.62 -25.51
N PRO C 377 45.86 -37.93 -26.09
CA PRO C 377 47.06 -38.07 -25.26
C PRO C 377 47.59 -36.71 -24.82
N VAL C 378 48.55 -36.71 -23.91
CA VAL C 378 49.17 -35.48 -23.40
C VAL C 378 49.79 -34.74 -24.59
N GLY C 379 49.50 -33.44 -24.68
CA GLY C 379 49.89 -32.61 -25.82
C GLY C 379 48.87 -31.54 -26.15
N VAL C 380 49.21 -30.70 -27.14
CA VAL C 380 48.38 -29.58 -27.58
C VAL C 380 47.69 -29.92 -28.91
N HIS C 381 46.36 -30.07 -28.88
CA HIS C 381 45.58 -30.49 -30.04
C HIS C 381 44.64 -29.37 -30.51
N PHE C 382 44.43 -29.29 -31.82
CA PHE C 382 43.40 -28.40 -32.38
C PHE C 382 42.01 -28.98 -32.12
N LEU C 383 41.00 -28.13 -32.13
CA LEU C 383 39.61 -28.58 -32.01
C LEU C 383 39.22 -29.30 -33.29
N PRO C 384 38.57 -30.48 -33.21
CA PRO C 384 38.16 -31.11 -34.46
C PRO C 384 37.27 -30.21 -35.31
N LYS C 385 37.44 -30.31 -36.62
CA LYS C 385 36.73 -29.47 -37.57
C LYS C 385 35.20 -29.59 -37.46
N LYS C 386 34.72 -30.81 -37.22
CA LYS C 386 33.27 -31.06 -37.09
C LYS C 386 32.63 -30.22 -35.97
N LEU C 387 33.38 -30.03 -34.88
CA LEU C 387 32.92 -29.20 -33.77
C LEU C 387 33.03 -27.71 -34.11
N ASP C 388 34.09 -27.34 -34.83
CA ASP C 388 34.25 -25.98 -35.37
C ASP C 388 33.08 -25.62 -36.29
N GLU C 389 32.71 -26.56 -37.16
CA GLU C 389 31.51 -26.43 -38.00
C GLU C 389 30.24 -26.33 -37.17
N ALA C 390 30.15 -27.11 -36.10
CA ALA C 390 28.99 -27.09 -35.19
C ALA C 390 28.82 -25.77 -34.44
N VAL C 391 29.94 -25.11 -34.11
CA VAL C 391 29.90 -23.75 -33.54
C VAL C 391 29.19 -22.80 -34.50
N ALA C 392 29.61 -22.82 -35.77
CA ALA C 392 29.01 -22.00 -36.82
C ALA C 392 27.54 -22.30 -37.03
N GLU C 393 27.23 -23.60 -37.17
CA GLU C 393 25.86 -24.11 -37.38
C GLU C 393 24.92 -23.52 -36.32
N ALA C 394 25.37 -23.57 -35.06
CA ALA C 394 24.61 -23.08 -33.90
C ALA C 394 24.22 -21.60 -33.98
N HIS C 395 25.01 -20.80 -34.70
CA HIS C 395 24.73 -19.36 -34.88
C HIS C 395 23.90 -19.01 -36.11
N LEU C 396 23.64 -19.97 -36.99
CA LEU C 396 22.99 -19.70 -38.28
C LEU C 396 21.54 -19.28 -38.16
N GLY C 397 20.82 -19.85 -37.19
CA GLY C 397 19.39 -19.56 -36.99
C GLY C 397 19.16 -18.10 -36.71
N LYS C 398 19.86 -17.61 -35.69
CA LYS C 398 19.91 -16.20 -35.32
C LYS C 398 20.28 -15.28 -36.51
N LEU C 399 21.18 -15.76 -37.36
CA LEU C 399 21.61 -15.03 -38.58
C LEU C 399 20.63 -15.00 -39.75
N ASN C 400 19.46 -15.64 -39.58
CA ASN C 400 18.43 -15.70 -40.62
C ASN C 400 18.89 -16.55 -41.82
N VAL C 401 19.74 -17.53 -41.55
CA VAL C 401 20.37 -18.37 -42.56
C VAL C 401 19.61 -19.68 -42.67
N LYS C 402 19.45 -20.16 -43.90
CA LYS C 402 18.90 -21.48 -44.19
C LYS C 402 19.98 -22.30 -44.88
N LEU C 403 20.54 -23.25 -44.15
CA LEU C 403 21.60 -24.12 -44.67
C LEU C 403 21.01 -25.23 -45.55
N THR C 404 21.64 -25.47 -46.69
CA THR C 404 21.29 -26.59 -47.56
C THR C 404 21.93 -27.87 -47.03
N LYS C 405 21.21 -28.99 -47.16
CA LYS C 405 21.74 -30.31 -46.81
C LYS C 405 22.04 -31.09 -48.09
N LEU C 406 23.22 -31.72 -48.13
CA LEU C 406 23.62 -32.58 -49.23
C LEU C 406 22.73 -33.82 -49.27
N THR C 407 22.24 -34.16 -50.46
CA THR C 407 21.55 -35.43 -50.69
C THR C 407 22.58 -36.56 -50.64
N GLU C 408 22.12 -37.78 -50.38
CA GLU C 408 23.01 -38.94 -50.31
C GLU C 408 23.84 -39.09 -51.58
N LYS C 409 23.22 -38.86 -52.72
CA LYS C 409 23.88 -38.91 -54.03
C LYS C 409 25.03 -37.88 -54.17
N GLN C 410 24.79 -36.67 -53.68
CA GLN C 410 25.79 -35.59 -53.70
C GLN C 410 26.99 -35.86 -52.80
N ALA C 411 26.71 -36.32 -51.59
CA ALA C 411 27.72 -36.68 -50.60
C ALA C 411 28.65 -37.77 -51.10
N GLN C 412 28.05 -38.78 -51.74
CA GLN C 412 28.81 -39.91 -52.29
C GLN C 412 29.70 -39.43 -53.44
N TYR C 413 29.18 -38.51 -54.25
CA TYR C 413 29.95 -37.86 -55.32
C TYR C 413 31.16 -37.09 -54.81
N LEU C 414 30.96 -36.30 -53.75
CA LEU C 414 32.04 -35.48 -53.18
C LEU C 414 33.01 -36.26 -52.28
N GLY C 415 32.65 -37.48 -51.91
CA GLY C 415 33.48 -38.33 -51.06
C GLY C 415 33.55 -37.83 -49.62
N MET C 416 32.41 -37.36 -49.12
CA MET C 416 32.29 -36.84 -47.75
C MET C 416 30.95 -37.25 -47.15
N SER C 417 30.87 -37.22 -45.82
CA SER C 417 29.62 -37.45 -45.10
C SER C 417 28.74 -36.21 -45.22
N CYS C 418 27.42 -36.42 -45.28
CA CYS C 418 26.46 -35.31 -45.33
C CYS C 418 26.31 -34.54 -44.00
N ASP C 419 26.87 -35.09 -42.92
CA ASP C 419 27.00 -34.39 -41.63
C ASP C 419 28.35 -33.70 -41.43
N GLY C 420 29.27 -33.83 -42.38
CA GLY C 420 30.59 -33.24 -42.32
C GLY C 420 31.67 -34.15 -41.73
N PRO C 421 32.93 -33.74 -41.72
CA PRO C 421 33.35 -32.40 -42.17
C PRO C 421 33.36 -32.23 -43.69
N PHE C 422 33.15 -30.99 -44.13
CA PHE C 422 33.03 -30.68 -45.55
C PHE C 422 34.32 -30.17 -46.19
N LYS C 423 35.37 -29.98 -45.38
CA LYS C 423 36.64 -29.41 -45.84
C LYS C 423 37.80 -30.22 -45.27
N PRO C 424 38.91 -30.33 -46.04
CA PRO C 424 40.11 -30.95 -45.50
C PRO C 424 40.80 -30.05 -44.47
N ASP C 425 41.68 -30.62 -43.66
CA ASP C 425 42.29 -29.88 -42.57
C ASP C 425 43.08 -28.63 -43.02
N HIS C 426 43.77 -28.72 -44.15
CA HIS C 426 44.53 -27.57 -44.69
C HIS C 426 43.70 -26.39 -45.23
N TYR C 427 42.39 -26.60 -45.41
CA TYR C 427 41.49 -25.59 -46.00
C TYR C 427 41.44 -24.27 -45.24
N ARG C 428 41.55 -23.17 -45.99
CA ARG C 428 41.80 -21.83 -45.44
C ARG C 428 40.56 -20.93 -45.26
N TYR C 429 39.48 -21.25 -45.96
CA TYR C 429 38.23 -20.46 -45.93
C TYR C 429 38.45 -19.01 -46.40
N LYS D 1 21.23 44.35 -19.85
CA LYS D 1 21.80 44.62 -18.49
C LYS D 1 22.86 43.58 -18.13
N LEU D 2 22.47 42.31 -18.22
CA LEU D 2 23.41 41.19 -18.02
C LEU D 2 24.32 41.07 -19.26
N PRO D 3 25.65 41.04 -19.06
CA PRO D 3 26.56 40.94 -20.20
C PRO D 3 26.53 39.57 -20.88
N TYR D 4 26.20 38.53 -20.12
CA TYR D 4 25.98 37.16 -20.60
C TYR D 4 25.17 36.38 -19.58
N LYS D 5 24.70 35.19 -19.97
CA LYS D 5 24.02 34.29 -19.05
C LYS D 5 24.38 32.82 -19.37
N VAL D 6 25.27 32.26 -18.57
CA VAL D 6 25.75 30.89 -18.74
C VAL D 6 25.65 30.14 -17.42
N ALA D 7 25.72 28.81 -17.50
CA ALA D 7 25.65 27.94 -16.32
C ALA D 7 26.84 28.15 -15.36
N ASP D 8 28.05 28.18 -15.93
CA ASP D 8 29.29 28.24 -15.15
C ASP D 8 30.44 28.70 -16.06
N ILE D 9 30.87 29.95 -15.87
CA ILE D 9 32.00 30.52 -16.65
C ILE D 9 33.37 29.90 -16.32
N GLY D 10 33.48 29.24 -15.16
CA GLY D 10 34.68 28.45 -14.80
C GLY D 10 35.01 27.29 -15.73
N LEU D 11 34.04 26.85 -16.55
CA LEU D 11 34.25 25.81 -17.56
C LEU D 11 34.86 26.32 -18.89
N ALA D 12 35.30 27.59 -18.91
CA ALA D 12 35.80 28.24 -20.12
C ALA D 12 37.10 27.64 -20.65
N ALA D 13 38.02 27.31 -19.75
CA ALA D 13 39.29 26.68 -20.12
C ALA D 13 39.06 25.34 -20.84
N TRP D 14 38.14 24.55 -20.29
CA TRP D 14 37.72 23.27 -20.91
C TRP D 14 37.08 23.52 -22.28
N GLY D 15 36.21 24.53 -22.37
CA GLY D 15 35.70 25.00 -23.65
C GLY D 15 36.79 25.35 -24.67
N ARG D 16 37.77 26.12 -24.22
CA ARG D 16 38.89 26.56 -25.07
C ARG D 16 39.72 25.37 -25.60
N LYS D 17 39.92 24.37 -24.74
CA LYS D 17 40.56 23.12 -25.13
C LYS D 17 39.74 22.42 -26.23
N ALA D 18 38.41 22.36 -26.05
CA ALA D 18 37.51 21.75 -27.06
C ALA D 18 37.46 22.52 -28.38
N LEU D 19 37.53 23.84 -28.29
CA LEU D 19 37.58 24.72 -29.47
C LEU D 19 38.86 24.52 -30.29
N ASP D 20 39.99 24.46 -29.61
CA ASP D 20 41.30 24.24 -30.26
C ASP D 20 41.34 22.94 -31.06
N ILE D 21 40.78 21.88 -30.49
CA ILE D 21 40.63 20.59 -31.18
C ILE D 21 39.69 20.72 -32.39
N ALA D 22 38.54 21.36 -32.19
CA ALA D 22 37.52 21.45 -33.25
C ALA D 22 37.93 22.38 -34.40
N GLU D 23 38.66 23.45 -34.09
CA GLU D 23 39.17 24.37 -35.11
C GLU D 23 39.91 23.64 -36.25
N ASN D 24 40.78 22.71 -35.91
CA ASN D 24 41.49 21.88 -36.90
C ASN D 24 40.60 21.01 -37.81
N GLU D 25 39.44 20.61 -37.30
CA GLU D 25 38.44 19.85 -38.08
C GLU D 25 37.41 20.76 -38.76
N MET D 26 37.57 22.07 -38.65
CA MET D 26 36.68 23.01 -39.31
C MET D 26 37.48 24.02 -40.15
N PRO D 27 38.17 23.54 -41.19
CA PRO D 27 38.98 24.43 -42.02
C PRO D 27 38.16 25.43 -42.82
N GLY D 28 36.92 25.09 -43.13
CA GLY D 28 35.99 26.01 -43.78
C GLY D 28 35.88 27.33 -43.04
N LEU D 29 35.69 27.26 -41.72
CA LEU D 29 35.66 28.45 -40.86
C LEU D 29 37.05 29.09 -40.68
N MET D 30 38.09 28.26 -40.52
CA MET D 30 39.46 28.77 -40.31
C MET D 30 40.06 29.43 -41.56
N ARG D 31 39.69 28.93 -42.73
CA ARG D 31 40.03 29.56 -44.02
C ARG D 31 39.32 30.91 -44.18
N MET D 32 38.06 31.00 -43.74
CA MET D 32 37.32 32.27 -43.75
C MET D 32 38.06 33.34 -42.96
N ARG D 33 38.53 32.97 -41.78
CA ARG D 33 39.35 33.86 -40.96
C ARG D 33 40.64 34.25 -41.70
N GLU D 34 41.42 33.26 -42.15
CA GLU D 34 42.66 33.49 -42.95
C GLU D 34 42.47 34.56 -44.04
N ARG D 35 41.42 34.40 -44.83
CA ARG D 35 41.14 35.23 -46.00
C ARG D 35 40.52 36.60 -45.69
N TYR D 36 39.59 36.65 -44.75
CA TYR D 36 38.80 37.86 -44.47
C TYR D 36 39.12 38.60 -43.16
N SER D 37 40.20 38.23 -42.46
CA SER D 37 40.53 38.87 -41.19
C SER D 37 41.10 40.29 -41.33
N ALA D 38 41.65 40.62 -42.50
CA ALA D 38 42.26 41.92 -42.75
C ALA D 38 41.24 42.94 -43.24
N SER D 39 40.48 42.57 -44.28
CA SER D 39 39.44 43.46 -44.84
C SER D 39 38.23 43.59 -43.91
N LYS D 40 37.97 42.56 -43.10
CA LYS D 40 36.87 42.56 -42.14
C LYS D 40 35.54 42.94 -42.80
N PRO D 41 35.06 42.11 -43.76
CA PRO D 41 33.86 42.43 -44.54
C PRO D 41 32.61 42.75 -43.71
N LEU D 42 32.49 42.13 -42.54
CA LEU D 42 31.35 42.35 -41.62
C LEU D 42 31.55 43.50 -40.61
N LYS D 43 32.48 44.43 -40.87
CA LYS D 43 32.62 45.62 -40.02
C LYS D 43 31.37 46.49 -40.15
N GLY D 44 30.76 46.77 -39.00
CA GLY D 44 29.48 47.46 -38.94
C GLY D 44 28.28 46.54 -38.73
N ALA D 45 28.45 45.25 -38.98
CA ALA D 45 27.39 44.27 -38.75
C ALA D 45 27.18 44.03 -37.24
N ARG D 46 25.91 43.91 -36.87
CA ARG D 46 25.48 43.61 -35.50
C ARG D 46 24.57 42.40 -35.58
N ILE D 47 25.19 41.22 -35.53
CA ILE D 47 24.52 39.96 -35.81
C ILE D 47 23.89 39.36 -34.55
N ALA D 48 22.58 39.12 -34.60
CA ALA D 48 21.89 38.30 -33.61
C ALA D 48 21.83 36.87 -34.13
N GLY D 49 22.45 35.94 -33.42
CA GLY D 49 22.43 34.53 -33.77
C GLY D 49 21.44 33.77 -32.93
N CYS D 50 20.80 32.77 -33.53
CA CYS D 50 19.98 31.81 -32.80
C CYS D 50 20.31 30.40 -33.31
N LEU D 51 21.27 29.76 -32.64
CA LEU D 51 21.77 28.45 -33.04
C LEU D 51 22.41 27.70 -31.88
N HIS D 52 22.13 26.40 -31.81
CA HIS D 52 22.65 25.47 -30.79
C HIS D 52 24.04 25.88 -30.32
N MET D 53 24.17 26.17 -29.02
CA MET D 53 25.41 26.73 -28.48
C MET D 53 26.42 25.63 -28.14
N THR D 54 26.99 25.07 -29.20
CA THR D 54 28.00 24.01 -29.15
C THR D 54 29.41 24.52 -29.46
N VAL D 55 30.38 23.63 -29.27
CA VAL D 55 31.79 23.88 -29.63
C VAL D 55 31.85 24.36 -31.09
N GLU D 56 31.23 23.57 -31.97
CA GLU D 56 31.21 23.86 -33.40
C GLU D 56 30.66 25.27 -33.65
N THR D 57 29.55 25.57 -33.00
CA THR D 57 28.91 26.89 -33.12
C THR D 57 29.77 28.01 -32.55
N ALA D 58 30.48 27.73 -31.47
CA ALA D 58 31.40 28.69 -30.88
C ALA D 58 32.51 29.10 -31.88
N VAL D 59 32.98 28.14 -32.69
CA VAL D 59 33.96 28.40 -33.75
C VAL D 59 33.34 29.32 -34.80
N LEU D 60 32.09 29.07 -35.17
CA LEU D 60 31.33 29.97 -36.03
C LEU D 60 31.31 31.40 -35.46
N ILE D 61 30.92 31.51 -34.19
CA ILE D 61 30.80 32.80 -33.52
C ILE D 61 32.09 33.61 -33.57
N GLU D 62 33.19 33.00 -33.17
CA GLU D 62 34.50 33.67 -33.19
C GLU D 62 35.00 34.04 -34.59
N THR D 63 34.65 33.23 -35.60
CA THR D 63 34.90 33.55 -37.03
C THR D 63 34.17 34.83 -37.47
N LEU D 64 32.93 35.00 -37.01
CA LEU D 64 32.15 36.22 -37.30
C LEU D 64 32.79 37.46 -36.66
N VAL D 65 33.35 37.28 -35.45
CA VAL D 65 34.05 38.34 -34.74
C VAL D 65 35.38 38.70 -35.41
N THR D 66 36.14 37.70 -35.85
CA THR D 66 37.39 37.90 -36.63
C THR D 66 37.12 38.73 -37.90
N LEU D 67 35.97 38.50 -38.52
CA LEU D 67 35.56 39.18 -39.76
C LEU D 67 34.97 40.58 -39.54
N GLY D 68 35.05 41.10 -38.31
CA GLY D 68 34.64 42.48 -38.01
C GLY D 68 33.27 42.66 -37.39
N ALA D 69 32.46 41.61 -37.37
CA ALA D 69 31.10 41.69 -36.83
C ALA D 69 31.07 41.82 -35.33
N GLU D 70 29.95 42.36 -34.84
CA GLU D 70 29.58 42.33 -33.44
C GLU D 70 28.45 41.33 -33.35
N VAL D 71 28.58 40.39 -32.43
CA VAL D 71 27.69 39.26 -32.37
C VAL D 71 27.08 39.13 -30.98
N GLN D 72 25.80 38.78 -30.95
CA GLN D 72 25.11 38.43 -29.71
C GLN D 72 24.32 37.14 -29.96
N TRP D 73 24.42 36.18 -29.04
CA TRP D 73 23.99 34.82 -29.33
C TRP D 73 23.00 34.25 -28.33
N SER D 74 22.22 33.29 -28.82
CA SER D 74 21.39 32.43 -27.99
C SER D 74 21.24 31.08 -28.70
N SER D 75 20.91 30.03 -27.94
CA SER D 75 20.66 28.72 -28.54
C SER D 75 19.24 28.64 -29.10
N CYS D 76 19.09 27.89 -30.19
CA CYS D 76 17.78 27.61 -30.81
C CYS D 76 17.12 26.32 -30.31
N ASN D 77 17.71 25.69 -29.29
CA ASN D 77 17.12 24.56 -28.59
C ASN D 77 17.53 24.59 -27.11
N ILE D 78 16.59 24.25 -26.23
CA ILE D 78 16.77 24.34 -24.77
C ILE D 78 17.79 23.36 -24.14
N PHE D 79 18.02 22.21 -24.78
CA PHE D 79 18.98 21.20 -24.28
C PHE D 79 20.31 21.12 -25.05
N SER D 80 20.38 21.75 -26.23
CA SER D 80 21.50 21.56 -27.15
C SER D 80 22.80 22.28 -26.79
N THR D 81 22.73 23.21 -25.85
CA THR D 81 23.92 23.93 -25.39
C THR D 81 24.92 22.97 -24.73
N GLN D 82 26.20 23.23 -25.02
CA GLN D 82 27.31 22.67 -24.27
C GLN D 82 27.86 23.83 -23.45
N ASP D 83 27.70 23.73 -22.13
CA ASP D 83 27.97 24.85 -21.20
C ASP D 83 29.42 25.33 -21.23
N HIS D 84 30.36 24.39 -21.29
CA HIS D 84 31.79 24.72 -21.48
C HIS D 84 32.04 25.57 -22.74
N ALA D 85 31.39 25.23 -23.85
CA ALA D 85 31.45 26.05 -25.07
C ALA D 85 30.80 27.43 -24.89
N ALA D 86 29.69 27.48 -24.16
CA ALA D 86 29.02 28.74 -23.84
C ALA D 86 29.87 29.60 -22.91
N ALA D 87 30.57 28.93 -21.98
CA ALA D 87 31.46 29.59 -21.03
C ALA D 87 32.64 30.26 -21.74
N ALA D 88 33.28 29.51 -22.65
CA ALA D 88 34.41 30.02 -23.46
C ALA D 88 34.04 31.29 -24.22
N ILE D 89 32.86 31.29 -24.83
CA ILE D 89 32.31 32.44 -25.56
C ILE D 89 31.95 33.60 -24.62
N ALA D 90 31.41 33.30 -23.44
CA ALA D 90 31.17 34.31 -22.41
C ALA D 90 32.48 34.93 -21.95
N LYS D 91 33.48 34.09 -21.73
CA LYS D 91 34.84 34.52 -21.32
C LYS D 91 35.52 35.42 -22.37
N ALA D 92 35.26 35.16 -23.65
CA ALA D 92 35.90 35.88 -24.77
C ALA D 92 35.32 37.28 -25.05
N GLY D 93 34.29 37.67 -24.31
CA GLY D 93 33.69 39.01 -24.43
C GLY D 93 32.37 39.08 -25.19
N ILE D 94 31.99 37.97 -25.84
CA ILE D 94 30.81 37.92 -26.70
C ILE D 94 29.56 37.69 -25.83
N PRO D 95 28.53 38.56 -25.94
CA PRO D 95 27.29 38.31 -25.19
C PRO D 95 26.58 37.03 -25.62
N VAL D 96 26.52 36.08 -24.69
CA VAL D 96 25.94 34.76 -24.97
C VAL D 96 24.96 34.43 -23.83
N TYR D 97 23.79 33.92 -24.21
CA TYR D 97 22.70 33.63 -23.29
C TYR D 97 22.22 32.21 -23.59
N ALA D 98 22.85 31.23 -22.95
CA ALA D 98 22.63 29.83 -23.31
C ALA D 98 23.12 28.89 -22.22
N TRP D 99 22.30 27.89 -21.91
CA TRP D 99 22.74 26.77 -21.06
C TRP D 99 21.88 25.53 -21.29
N LYS D 100 22.46 24.37 -21.01
CA LYS D 100 21.76 23.09 -21.07
C LYS D 100 20.68 23.06 -19.99
N GLY D 101 19.45 22.71 -20.37
CA GLY D 101 18.33 22.55 -19.43
C GLY D 101 17.54 23.82 -19.18
N GLU D 102 17.30 24.60 -20.24
CA GLU D 102 16.50 25.83 -20.18
C GLU D 102 15.00 25.52 -20.06
N THR D 103 14.26 26.44 -19.45
CA THR D 103 12.78 26.45 -19.51
C THR D 103 12.34 27.23 -20.74
N ASP D 104 11.09 27.03 -21.14
CA ASP D 104 10.50 27.70 -22.31
C ASP D 104 10.44 29.23 -22.15
N GLU D 105 10.29 29.69 -20.90
CA GLU D 105 10.34 31.12 -20.57
C GLU D 105 11.76 31.66 -20.69
N GLU D 106 12.72 30.96 -20.08
CA GLU D 106 14.14 31.29 -20.19
C GLU D 106 14.62 31.32 -21.65
N TYR D 107 14.13 30.36 -22.45
CA TYR D 107 14.45 30.26 -23.88
C TYR D 107 14.07 31.53 -24.64
N LEU D 108 12.81 31.93 -24.49
CA LEU D 108 12.30 33.17 -25.06
C LEU D 108 13.10 34.38 -24.56
N TRP D 109 13.38 34.40 -23.25
CA TRP D 109 14.16 35.47 -22.61
C TRP D 109 15.56 35.61 -23.20
N CYS D 110 16.23 34.47 -23.38
CA CYS D 110 17.59 34.44 -23.96
C CYS D 110 17.68 35.09 -25.34
N ILE D 111 16.66 34.85 -26.18
CA ILE D 111 16.63 35.39 -27.55
C ILE D 111 16.45 36.90 -27.53
N GLU D 112 15.65 37.40 -26.62
CA GLU D 112 15.40 38.84 -26.47
C GLU D 112 16.60 39.65 -25.93
N GLN D 113 17.54 38.99 -25.28
CA GLN D 113 18.81 39.64 -24.88
C GLN D 113 19.78 39.87 -26.04
N THR D 114 19.57 39.19 -27.17
CA THR D 114 20.40 39.35 -28.37
C THR D 114 19.97 40.49 -29.30
N LEU D 115 18.76 41.00 -29.11
CA LEU D 115 18.14 41.94 -30.06
C LEU D 115 18.69 43.36 -30.01
N TYR D 116 19.13 43.80 -28.82
CA TYR D 116 19.64 45.17 -28.60
C TYR D 116 21.10 45.20 -28.19
N PHE D 117 21.92 45.83 -29.03
CA PHE D 117 23.37 45.99 -28.81
C PHE D 117 23.61 47.32 -28.08
N LYS D 118 24.88 47.64 -27.83
CA LYS D 118 25.28 48.93 -27.24
C LYS D 118 25.09 50.09 -28.23
N ASP D 119 25.51 49.88 -29.48
CA ASP D 119 25.43 50.90 -30.55
C ASP D 119 24.04 51.02 -31.22
N GLY D 120 23.10 50.16 -30.87
CA GLY D 120 21.76 50.13 -31.49
C GLY D 120 21.14 48.75 -31.41
N PRO D 121 20.15 48.44 -32.26
CA PRO D 121 19.65 47.08 -32.41
C PRO D 121 20.24 46.33 -33.60
N LEU D 122 20.01 45.02 -33.61
CA LEU D 122 20.54 44.11 -34.65
C LEU D 122 20.29 44.62 -36.07
N ASN D 123 21.31 44.51 -36.93
CA ASN D 123 21.14 44.78 -38.36
C ASN D 123 21.30 43.53 -39.23
N MET D 124 21.48 42.37 -38.60
CA MET D 124 21.56 41.09 -39.31
C MET D 124 20.98 39.97 -38.43
N ILE D 125 20.50 38.92 -39.10
CA ILE D 125 19.98 37.72 -38.44
C ILE D 125 20.69 36.48 -38.99
N LEU D 126 21.23 35.67 -38.09
CA LEU D 126 21.69 34.32 -38.39
C LEU D 126 20.76 33.40 -37.59
N ASP D 127 20.10 32.47 -38.28
CA ASP D 127 18.99 31.71 -37.68
C ASP D 127 19.01 30.21 -38.05
N ASP D 128 18.51 29.39 -37.14
CA ASP D 128 18.36 27.93 -37.34
C ASP D 128 17.02 27.52 -36.75
N GLY D 129 16.00 27.47 -37.60
CA GLY D 129 14.66 27.02 -37.22
C GLY D 129 13.57 28.09 -37.37
N GLY D 130 13.98 29.35 -37.51
CA GLY D 130 13.03 30.46 -37.71
C GLY D 130 12.56 31.24 -36.49
N ASP D 131 12.82 30.74 -35.27
CA ASP D 131 12.35 31.37 -34.03
C ASP D 131 12.77 32.83 -33.84
N LEU D 132 14.03 33.13 -34.17
CA LEU D 132 14.53 34.51 -34.11
C LEU D 132 13.83 35.39 -35.12
N THR D 133 13.79 34.93 -36.38
CA THR D 133 13.04 35.57 -37.46
C THR D 133 11.55 35.79 -37.12
N ASN D 134 10.91 34.75 -36.54
CA ASN D 134 9.50 34.80 -36.13
C ASN D 134 9.24 35.77 -34.97
N LEU D 135 10.19 35.87 -34.05
CA LEU D 135 10.05 36.80 -32.91
C LEU D 135 10.15 38.27 -33.32
N ILE D 136 10.99 38.57 -34.31
CA ILE D 136 11.14 39.96 -34.81
C ILE D 136 9.84 40.44 -35.47
N HIS D 137 9.31 39.65 -36.38
CA HIS D 137 8.12 40.04 -37.15
C HIS D 137 6.84 40.17 -36.32
N THR D 138 6.61 39.20 -35.44
CA THR D 138 5.42 39.20 -34.58
C THR D 138 5.52 40.26 -33.46
N LYS D 139 6.66 40.31 -32.76
CA LYS D 139 6.80 41.13 -31.53
C LYS D 139 7.63 42.42 -31.66
N TYR D 140 8.62 42.45 -32.55
CA TYR D 140 9.54 43.60 -32.67
C TYR D 140 9.62 44.23 -34.09
N PRO D 141 8.48 44.39 -34.80
CA PRO D 141 8.51 44.84 -36.22
C PRO D 141 9.12 46.22 -36.49
N GLN D 142 9.26 47.04 -35.45
CA GLN D 142 10.07 48.29 -35.48
C GLN D 142 11.46 48.08 -36.07
N LEU D 143 12.08 46.97 -35.67
CA LEU D 143 13.48 46.67 -35.99
C LEU D 143 13.70 46.17 -37.43
N LEU D 144 12.64 45.68 -38.08
CA LEU D 144 12.73 45.03 -39.41
C LEU D 144 13.49 45.81 -40.51
N PRO D 145 13.19 47.11 -40.69
CA PRO D 145 13.97 47.94 -41.65
C PRO D 145 15.43 48.27 -41.27
N GLY D 146 15.81 48.07 -40.01
CA GLY D 146 17.22 48.13 -39.59
C GLY D 146 18.02 46.90 -40.00
N ILE D 147 17.31 45.78 -40.21
CA ILE D 147 17.90 44.48 -40.55
C ILE D 147 18.15 44.40 -42.06
N ARG D 148 19.42 44.24 -42.43
CA ARG D 148 19.83 44.13 -43.84
C ARG D 148 19.63 42.72 -44.44
N GLY D 149 19.64 41.67 -43.60
CA GLY D 149 19.44 40.31 -44.09
C GLY D 149 19.25 39.18 -43.06
N ILE D 150 18.76 38.04 -43.56
CA ILE D 150 18.53 36.81 -42.78
C ILE D 150 19.33 35.66 -43.39
N SER D 151 19.96 34.85 -42.53
CA SER D 151 20.61 33.60 -42.90
C SER D 151 19.86 32.45 -42.22
N GLU D 152 19.42 31.48 -43.03
CA GLU D 152 18.62 30.35 -42.56
C GLU D 152 19.13 29.03 -43.13
N GLU D 153 19.31 28.04 -42.26
CA GLU D 153 19.94 26.75 -42.61
C GLU D 153 19.11 25.50 -42.31
N THR D 154 17.84 25.68 -41.96
CA THR D 154 16.97 24.58 -41.52
C THR D 154 15.86 24.42 -42.53
N THR D 155 15.39 23.18 -42.74
CA THR D 155 14.26 22.93 -43.66
C THR D 155 13.00 23.62 -43.11
N THR D 156 12.67 23.32 -41.86
CA THR D 156 11.56 23.99 -41.12
C THR D 156 11.61 25.50 -41.28
N GLY D 157 12.77 26.09 -40.99
CA GLY D 157 13.00 27.52 -41.12
C GLY D 157 12.79 28.08 -42.51
N VAL D 158 13.28 27.37 -43.53
CA VAL D 158 13.10 27.78 -44.93
C VAL D 158 11.64 27.63 -45.37
N HIS D 159 10.99 26.51 -45.05
CA HIS D 159 9.55 26.31 -45.31
C HIS D 159 8.75 27.50 -44.79
N ASN D 160 9.09 27.92 -43.57
CA ASN D 160 8.48 29.08 -42.91
C ASN D 160 8.71 30.40 -43.68
N LEU D 161 9.93 30.62 -44.18
CA LEU D 161 10.26 31.82 -44.98
C LEU D 161 9.49 31.91 -46.30
N TYR D 162 9.25 30.77 -46.95
CA TYR D 162 8.44 30.70 -48.18
C TYR D 162 6.97 31.07 -47.92
N LYS D 163 6.40 30.52 -46.84
CA LYS D 163 5.02 30.83 -46.42
C LYS D 163 4.85 32.25 -45.86
N MET D 164 5.94 32.82 -45.32
CA MET D 164 5.95 34.24 -44.92
C MET D 164 5.97 35.17 -46.14
N MET D 165 6.74 34.81 -47.16
CA MET D 165 6.82 35.59 -48.40
C MET D 165 5.56 35.46 -49.25
N ALA D 166 5.01 34.25 -49.35
CA ALA D 166 3.74 34.00 -50.04
C ALA D 166 2.59 34.82 -49.45
N ASN D 167 2.54 34.89 -48.11
CA ASN D 167 1.52 35.67 -47.38
C ASN D 167 1.91 37.13 -47.06
N GLY D 168 2.94 37.65 -47.73
CA GLY D 168 3.36 39.06 -47.60
C GLY D 168 3.76 39.55 -46.22
N ILE D 169 4.27 38.65 -45.38
CA ILE D 169 4.71 38.99 -44.01
C ILE D 169 6.20 39.38 -43.98
N LEU D 170 7.02 38.68 -44.77
CA LEU D 170 8.47 38.92 -44.81
C LEU D 170 8.83 40.33 -45.31
N LYS D 171 9.73 41.00 -44.60
CA LYS D 171 10.18 42.37 -44.91
C LYS D 171 11.71 42.52 -44.97
N VAL D 172 12.42 41.38 -45.00
CA VAL D 172 13.88 41.32 -44.98
C VAL D 172 14.34 40.32 -46.05
N PRO D 173 15.42 40.64 -46.80
CA PRO D 173 15.97 39.66 -47.75
C PRO D 173 16.68 38.47 -47.07
N ALA D 174 16.25 37.25 -47.39
CA ALA D 174 16.77 36.02 -46.78
C ALA D 174 17.55 35.17 -47.78
N ILE D 175 18.68 34.62 -47.34
CA ILE D 175 19.41 33.58 -48.08
C ILE D 175 19.15 32.23 -47.40
N ASN D 176 18.55 31.31 -48.15
CA ASN D 176 18.43 29.90 -47.79
C ASN D 176 19.76 29.19 -48.05
N VAL D 177 20.34 28.66 -46.99
CA VAL D 177 21.59 27.88 -47.03
C VAL D 177 21.32 26.36 -46.91
N ASN D 178 20.12 25.98 -46.49
CA ASN D 178 19.74 24.57 -46.32
C ASN D 178 19.89 23.73 -47.60
N ASP D 179 19.57 24.34 -48.74
CA ASP D 179 19.61 23.66 -50.04
C ASP D 179 20.92 23.87 -50.85
N SER D 180 21.96 24.41 -50.21
CA SER D 180 23.32 24.36 -50.76
C SER D 180 23.78 22.90 -50.84
N VAL D 181 24.52 22.58 -51.90
CA VAL D 181 25.05 21.23 -52.10
C VAL D 181 25.97 20.86 -50.94
N THR D 182 26.89 21.77 -50.59
CA THR D 182 27.83 21.55 -49.49
C THR D 182 27.17 21.44 -48.11
N LYS D 183 26.01 22.04 -47.93
CA LYS D 183 25.24 21.94 -46.69
C LYS D 183 24.42 20.65 -46.70
N SER D 184 23.65 20.45 -47.76
CA SER D 184 22.72 19.32 -47.83
C SER D 184 23.45 17.99 -47.69
N LYS D 185 24.46 17.76 -48.54
CA LYS D 185 25.23 16.52 -48.49
C LYS D 185 25.85 16.24 -47.11
N PHE D 186 26.38 17.28 -46.46
CA PHE D 186 27.07 17.06 -45.19
C PHE D 186 26.08 16.84 -44.05
N ASP D 187 25.13 17.76 -43.89
CA ASP D 187 24.13 17.65 -42.82
C ASP D 187 23.22 16.43 -42.98
N ASN D 188 22.80 16.14 -44.21
CA ASN D 188 21.89 15.03 -44.49
C ASN D 188 22.59 13.67 -44.67
N LEU D 189 23.53 13.58 -45.61
CA LEU D 189 24.10 12.29 -46.05
C LEU D 189 25.35 11.88 -45.25
N TYR D 190 26.43 12.63 -45.40
CA TYR D 190 27.73 12.26 -44.82
C TYR D 190 27.71 12.21 -43.31
N GLY D 191 27.06 13.21 -42.71
CA GLY D 191 26.95 13.31 -41.26
C GLY D 191 26.20 12.14 -40.64
N CYS D 192 25.02 11.86 -41.18
CA CYS D 192 24.22 10.73 -40.71
C CYS D 192 24.89 9.37 -40.97
N ARG D 193 25.61 9.28 -42.08
CA ARG D 193 26.43 8.09 -42.38
C ARG D 193 27.46 7.77 -41.28
N GLU D 194 27.98 8.82 -40.63
CA GLU D 194 28.97 8.63 -39.56
C GLU D 194 28.31 8.37 -38.20
N SER D 195 27.28 9.15 -37.88
CA SER D 195 26.77 9.22 -36.51
C SER D 195 25.68 8.18 -36.18
N LEU D 196 24.97 7.67 -37.17
CA LEU D 196 23.92 6.67 -36.93
C LEU D 196 24.47 5.52 -36.11
N ILE D 197 25.54 4.92 -36.62
CA ILE D 197 26.11 3.72 -36.01
C ILE D 197 26.66 4.06 -34.61
N ASP D 198 27.16 5.28 -34.46
CA ASP D 198 27.60 5.81 -33.16
C ASP D 198 26.48 5.68 -32.10
N GLY D 199 25.29 6.13 -32.48
CA GLY D 199 24.12 6.08 -31.62
C GLY D 199 23.65 4.67 -31.27
N ILE D 200 23.56 3.81 -32.28
CA ILE D 200 23.16 2.41 -32.10
C ILE D 200 24.16 1.67 -31.21
N LYS D 201 25.45 1.90 -31.45
CA LYS D 201 26.51 1.20 -30.74
C LYS D 201 26.59 1.62 -29.29
N ARG D 202 26.63 2.92 -29.05
CA ARG D 202 26.64 3.46 -27.69
C ARG D 202 25.39 3.08 -26.89
N ALA D 203 24.27 2.93 -27.58
CA ALA D 203 23.03 2.51 -26.94
C ALA D 203 23.01 1.02 -26.60
N THR D 204 23.47 0.18 -27.53
CA THR D 204 23.31 -1.29 -27.44
C THR D 204 24.59 -2.14 -27.39
N ASP D 205 25.69 -1.62 -27.93
CA ASP D 205 26.94 -2.39 -28.19
C ASP D 205 26.69 -3.63 -29.06
N VAL D 206 25.67 -3.59 -29.90
CA VAL D 206 25.22 -4.77 -30.64
C VAL D 206 26.10 -5.00 -31.86
N MET D 207 26.27 -6.26 -32.26
CA MET D 207 26.91 -6.58 -33.53
C MET D 207 25.95 -6.17 -34.66
N ILE D 208 26.50 -5.46 -35.66
CA ILE D 208 25.76 -5.02 -36.85
C ILE D 208 25.86 -6.06 -37.98
N ALA D 209 27.03 -6.66 -38.13
CA ALA D 209 27.28 -7.63 -39.20
C ALA D 209 26.36 -8.82 -39.09
N GLY D 210 25.83 -9.25 -40.23
CA GLY D 210 24.90 -10.37 -40.28
C GLY D 210 23.45 -10.05 -39.95
N LYS D 211 23.17 -8.84 -39.47
CA LYS D 211 21.80 -8.43 -39.15
C LYS D 211 21.11 -7.84 -40.37
N VAL D 212 19.80 -8.04 -40.43
CA VAL D 212 18.93 -7.40 -41.43
C VAL D 212 18.52 -6.04 -40.87
N ALA D 213 18.81 -4.99 -41.61
CA ALA D 213 18.48 -3.62 -41.20
C ALA D 213 17.48 -3.03 -42.19
N VAL D 214 16.33 -2.59 -41.68
CA VAL D 214 15.28 -2.01 -42.51
C VAL D 214 15.34 -0.49 -42.38
N VAL D 215 15.75 0.16 -43.46
CA VAL D 215 15.86 1.62 -43.50
C VAL D 215 14.68 2.20 -44.24
N ALA D 216 13.84 2.93 -43.52
CA ALA D 216 12.67 3.60 -44.12
C ALA D 216 13.08 4.94 -44.70
N GLY D 217 12.92 5.06 -46.02
CA GLY D 217 13.37 6.23 -46.76
C GLY D 217 14.75 6.06 -47.38
N TYR D 218 14.89 6.45 -48.65
CA TYR D 218 16.16 6.45 -49.37
C TYR D 218 16.44 7.83 -49.99
N GLY D 219 16.19 8.87 -49.20
CA GLY D 219 16.71 10.21 -49.50
C GLY D 219 18.16 10.32 -49.03
N ASP D 220 18.62 11.55 -48.82
CA ASP D 220 20.02 11.78 -48.43
C ASP D 220 20.39 11.09 -47.09
N VAL D 221 19.51 11.18 -46.10
CA VAL D 221 19.74 10.53 -44.80
C VAL D 221 19.71 9.02 -44.93
N GLY D 222 18.65 8.52 -45.58
CA GLY D 222 18.50 7.09 -45.87
C GLY D 222 19.64 6.49 -46.65
N LYS D 223 20.10 7.22 -47.67
CA LYS D 223 21.27 6.80 -48.46
C LYS D 223 22.50 6.64 -47.59
N GLY D 224 22.70 7.61 -46.71
CA GLY D 224 23.82 7.61 -45.77
C GLY D 224 23.74 6.46 -44.80
N CYS D 225 22.56 6.28 -44.20
CA CYS D 225 22.34 5.21 -43.22
C CYS D 225 22.55 3.82 -43.82
N ALA D 226 21.99 3.63 -45.01
CA ALA D 226 22.05 2.36 -45.73
C ALA D 226 23.48 2.00 -46.05
N GLN D 227 24.20 2.96 -46.60
CA GLN D 227 25.62 2.80 -46.90
C GLN D 227 26.42 2.45 -45.64
N ALA D 228 26.18 3.16 -44.55
CA ALA D 228 26.86 2.90 -43.27
C ALA D 228 26.62 1.48 -42.76
N LEU D 229 25.36 1.06 -42.75
CA LEU D 229 24.98 -0.30 -42.33
C LEU D 229 25.57 -1.38 -43.24
N ARG D 230 25.42 -1.17 -44.55
CA ARG D 230 26.02 -2.04 -45.57
C ARG D 230 27.51 -2.26 -45.36
N GLY D 231 28.20 -1.19 -44.95
CA GLY D 231 29.64 -1.22 -44.68
C GLY D 231 30.08 -2.11 -43.53
N PHE D 232 29.21 -2.28 -42.53
CA PHE D 232 29.48 -3.21 -41.41
C PHE D 232 29.23 -4.69 -41.73
N GLY D 233 28.49 -4.98 -42.81
CA GLY D 233 28.06 -6.35 -43.15
C GLY D 233 26.61 -6.65 -42.78
N ALA D 234 25.79 -5.61 -42.65
CA ALA D 234 24.35 -5.79 -42.46
C ALA D 234 23.69 -5.87 -43.82
N ARG D 235 22.65 -6.69 -43.90
CA ARG D 235 21.81 -6.79 -45.10
C ARG D 235 20.71 -5.74 -45.00
N VAL D 236 20.79 -4.74 -45.88
CA VAL D 236 19.95 -3.55 -45.78
C VAL D 236 18.76 -3.65 -46.72
N ILE D 237 17.56 -3.47 -46.15
CA ILE D 237 16.31 -3.43 -46.90
C ILE D 237 15.78 -2.01 -46.83
N ILE D 238 15.40 -1.47 -47.99
CA ILE D 238 14.87 -0.10 -48.07
C ILE D 238 13.35 -0.16 -48.21
N THR D 239 12.69 0.91 -47.78
CA THR D 239 11.29 1.15 -48.10
C THR D 239 11.20 2.57 -48.64
N GLU D 240 10.37 2.77 -49.66
CA GLU D 240 10.23 4.07 -50.32
C GLU D 240 8.84 4.26 -50.96
N ILE D 241 8.44 5.52 -51.03
CA ILE D 241 7.24 5.98 -51.74
C ILE D 241 7.57 6.65 -53.09
N ASP D 242 8.74 7.26 -53.19
CA ASP D 242 9.22 7.86 -54.44
C ASP D 242 9.86 6.80 -55.35
N PRO D 243 9.34 6.61 -56.58
CA PRO D 243 9.88 5.55 -57.44
C PRO D 243 11.27 5.83 -57.98
N ILE D 244 11.68 7.09 -58.04
CA ILE D 244 13.04 7.44 -58.43
C ILE D 244 14.01 6.98 -57.34
N ASN D 245 13.77 7.42 -56.12
CA ASN D 245 14.57 6.99 -54.97
C ASN D 245 14.59 5.46 -54.80
N ALA D 246 13.43 4.81 -54.96
CA ALA D 246 13.35 3.35 -54.92
C ALA D 246 14.23 2.71 -55.99
N LEU D 247 14.16 3.26 -57.21
CA LEU D 247 14.99 2.83 -58.33
C LEU D 247 16.49 2.94 -58.02
N GLN D 248 16.89 4.08 -57.48
CA GLN D 248 18.28 4.31 -57.06
C GLN D 248 18.78 3.24 -56.08
N ALA D 249 17.97 2.95 -55.07
CA ALA D 249 18.28 1.89 -54.10
C ALA D 249 18.49 0.54 -54.78
N ALA D 250 17.54 0.17 -55.62
CA ALA D 250 17.61 -1.08 -56.37
C ALA D 250 18.85 -1.17 -57.26
N MET D 251 19.27 -0.05 -57.85
CA MET D 251 20.47 -0.01 -58.70
C MET D 251 21.78 -0.20 -57.91
N GLU D 252 21.73 -0.05 -56.59
CA GLU D 252 22.85 -0.37 -55.70
C GLU D 252 22.76 -1.76 -55.07
N GLY D 253 21.70 -2.49 -55.39
CA GLY D 253 21.52 -3.87 -54.93
C GLY D 253 20.83 -4.03 -53.59
N TYR D 254 20.13 -2.98 -53.12
CA TYR D 254 19.29 -3.10 -51.93
C TYR D 254 17.92 -3.67 -52.29
N GLU D 255 17.41 -4.61 -51.49
CA GLU D 255 16.03 -5.03 -51.60
C GLU D 255 15.15 -3.85 -51.24
N VAL D 256 14.13 -3.59 -52.06
CA VAL D 256 13.18 -2.51 -51.79
C VAL D 256 11.79 -3.13 -51.64
N THR D 257 11.22 -2.98 -50.46
CA THR D 257 9.88 -3.50 -50.18
C THR D 257 9.12 -2.61 -49.19
N THR D 258 7.94 -3.06 -48.78
CA THR D 258 7.08 -2.31 -47.87
C THR D 258 7.42 -2.64 -46.42
N MET D 259 7.15 -1.70 -45.52
CA MET D 259 7.33 -1.94 -44.08
C MET D 259 6.43 -3.06 -43.56
N ASP D 260 5.24 -3.21 -44.16
CA ASP D 260 4.32 -4.33 -43.86
C ASP D 260 4.98 -5.70 -44.06
N GLU D 261 5.77 -5.82 -45.14
CA GLU D 261 6.56 -7.03 -45.38
C GLU D 261 7.80 -7.07 -44.49
N ALA D 262 8.55 -5.98 -44.50
CA ALA D 262 9.89 -5.93 -43.90
C ALA D 262 9.92 -6.01 -42.38
N CYS D 263 8.79 -5.75 -41.72
CA CYS D 263 8.72 -5.81 -40.26
C CYS D 263 8.93 -7.23 -39.69
N GLN D 264 8.71 -8.26 -40.50
CA GLN D 264 9.02 -9.66 -40.11
C GLN D 264 10.48 -10.06 -40.31
N GLU D 265 11.21 -9.32 -41.15
CA GLU D 265 12.60 -9.61 -41.51
C GLU D 265 13.64 -8.92 -40.62
N GLY D 266 13.36 -7.69 -40.20
CA GLY D 266 14.39 -6.81 -39.62
C GLY D 266 14.85 -7.10 -38.20
N ASN D 267 16.17 -7.11 -38.01
CA ASN D 267 16.77 -7.08 -36.68
C ASN D 267 16.93 -5.64 -36.16
N ILE D 268 17.16 -4.71 -37.08
CA ILE D 268 17.35 -3.28 -36.78
C ILE D 268 16.45 -2.46 -37.70
N PHE D 269 15.80 -1.45 -37.13
CA PHE D 269 14.83 -0.60 -37.84
C PHE D 269 15.21 0.88 -37.67
N VAL D 270 15.34 1.58 -38.80
CA VAL D 270 15.84 2.97 -38.83
C VAL D 270 14.94 3.78 -39.77
N THR D 271 14.38 4.89 -39.25
CA THR D 271 13.42 5.70 -40.00
C THR D 271 14.04 7.06 -40.37
N THR D 272 13.95 7.41 -41.66
CA THR D 272 14.63 8.59 -42.22
C THR D 272 13.75 9.40 -43.19
N THR D 273 12.43 9.27 -43.07
CA THR D 273 11.48 9.76 -44.09
C THR D 273 11.05 11.22 -43.94
N GLY D 274 11.06 11.70 -42.70
CA GLY D 274 10.42 12.96 -42.36
C GLY D 274 8.90 12.93 -42.33
N CYS D 275 8.33 11.72 -42.31
CA CYS D 275 6.88 11.50 -42.42
C CYS D 275 6.33 10.73 -41.22
N ILE D 276 5.04 10.92 -40.96
CA ILE D 276 4.32 10.22 -39.88
C ILE D 276 3.98 8.77 -40.21
N ASP D 277 3.75 7.98 -39.16
CA ASP D 277 3.17 6.64 -39.25
C ASP D 277 3.97 5.68 -40.15
N ILE D 278 5.24 5.50 -39.81
CA ILE D 278 6.13 4.60 -40.54
C ILE D 278 6.19 3.25 -39.81
N ILE D 279 6.49 3.28 -38.51
CA ILE D 279 6.47 2.09 -37.68
C ILE D 279 5.32 2.21 -36.68
N LEU D 280 4.50 1.15 -36.63
CA LEU D 280 3.18 1.14 -36.01
C LEU D 280 2.99 -0.14 -35.24
N GLY D 281 1.94 -0.18 -34.43
CA GLY D 281 1.62 -1.33 -33.61
C GLY D 281 1.65 -2.67 -34.32
N ARG D 282 0.98 -2.73 -35.46
CA ARG D 282 0.93 -3.96 -36.26
C ARG D 282 2.28 -4.36 -36.86
N HIS D 283 3.17 -3.38 -37.04
CA HIS D 283 4.55 -3.67 -37.41
C HIS D 283 5.30 -4.28 -36.22
N PHE D 284 5.23 -3.62 -35.06
CA PHE D 284 5.85 -4.12 -33.81
C PHE D 284 5.47 -5.57 -33.46
N GLU D 285 4.19 -5.89 -33.59
CA GLU D 285 3.68 -7.22 -33.25
C GLU D 285 4.31 -8.36 -34.08
N GLN D 286 4.82 -8.03 -35.27
CA GLN D 286 5.51 -8.98 -36.16
C GLN D 286 7.02 -9.10 -35.93
N MET D 287 7.61 -8.20 -35.15
CA MET D 287 9.06 -8.09 -35.06
C MET D 287 9.71 -9.20 -34.28
N LYS D 288 10.95 -9.50 -34.64
CA LYS D 288 11.74 -10.53 -33.95
C LYS D 288 12.07 -10.08 -32.54
N ASP D 289 12.40 -11.04 -31.69
CA ASP D 289 12.71 -10.75 -30.30
C ASP D 289 13.92 -9.82 -30.22
N ASP D 290 13.77 -8.76 -29.42
CA ASP D 290 14.80 -7.73 -29.20
C ASP D 290 15.20 -6.93 -30.45
N ALA D 291 14.24 -6.74 -31.36
CA ALA D 291 14.45 -5.85 -32.50
C ALA D 291 14.77 -4.44 -31.98
N ILE D 292 15.79 -3.82 -32.56
CA ILE D 292 16.20 -2.47 -32.21
C ILE D 292 15.50 -1.51 -33.18
N VAL D 293 14.80 -0.52 -32.63
CA VAL D 293 13.99 0.41 -33.42
C VAL D 293 14.37 1.82 -33.04
N CYS D 294 14.74 2.62 -34.03
CA CYS D 294 15.24 3.98 -33.80
C CYS D 294 14.90 4.89 -34.96
N ASN D 295 15.17 6.17 -34.77
CA ASN D 295 14.80 7.22 -35.71
C ASN D 295 15.94 8.22 -35.83
N ILE D 296 16.28 8.56 -37.07
CA ILE D 296 17.32 9.54 -37.38
C ILE D 296 16.79 10.63 -38.32
N GLY D 297 15.47 10.64 -38.51
CA GLY D 297 14.83 11.51 -39.49
C GLY D 297 14.20 12.71 -38.82
N HIS D 298 12.86 12.72 -38.76
CA HIS D 298 12.12 13.85 -38.18
C HIS D 298 11.62 13.65 -36.74
N PHE D 299 12.10 14.52 -35.86
CA PHE D 299 11.79 14.56 -34.41
C PHE D 299 11.25 13.26 -33.78
N ASP D 300 9.94 13.16 -33.50
CA ASP D 300 9.38 11.97 -32.84
C ASP D 300 8.13 11.42 -33.55
N VAL D 301 7.97 11.75 -34.83
CA VAL D 301 6.71 11.47 -35.55
C VAL D 301 6.66 10.13 -36.31
N GLU D 302 7.83 9.53 -36.55
CA GLU D 302 7.94 8.41 -37.51
C GLU D 302 7.56 7.07 -36.87
N ILE D 303 7.92 6.90 -35.60
CA ILE D 303 7.57 5.70 -34.83
C ILE D 303 6.43 6.02 -33.86
N ASP D 304 5.46 5.11 -33.76
CA ASP D 304 4.38 5.25 -32.80
C ASP D 304 4.83 4.73 -31.43
N VAL D 305 5.59 5.56 -30.73
CA VAL D 305 6.11 5.27 -29.38
C VAL D 305 4.96 5.17 -28.38
N LYS D 306 4.03 6.10 -28.51
CA LYS D 306 2.76 6.08 -27.79
C LYS D 306 2.04 4.73 -27.81
N TRP D 307 2.11 4.00 -28.92
CA TRP D 307 1.56 2.63 -28.98
C TRP D 307 2.25 1.71 -27.98
N LEU D 308 3.59 1.70 -27.99
CA LEU D 308 4.40 0.85 -27.09
C LEU D 308 4.11 1.12 -25.62
N ASN D 309 4.06 2.40 -25.26
CA ASN D 309 3.76 2.82 -23.88
C ASN D 309 2.39 2.35 -23.39
N GLU D 310 1.42 2.27 -24.31
CA GLU D 310 0.04 1.90 -24.00
C GLU D 310 -0.28 0.41 -24.15
N ASN D 311 0.50 -0.33 -24.95
CA ASN D 311 0.22 -1.74 -25.24
C ASN D 311 1.21 -2.76 -24.70
N ALA D 312 2.38 -2.30 -24.29
CA ALA D 312 3.39 -3.20 -23.73
C ALA D 312 2.99 -3.61 -22.31
N VAL D 313 3.33 -4.84 -21.95
CA VAL D 313 3.09 -5.36 -20.60
C VAL D 313 4.24 -5.01 -19.63
N GLU D 314 5.45 -4.85 -20.16
CA GLU D 314 6.59 -4.32 -19.42
C GLU D 314 7.24 -3.19 -20.18
N LYS D 315 7.83 -2.26 -19.43
CA LYS D 315 8.76 -1.28 -19.98
C LYS D 315 9.90 -1.07 -19.00
N VAL D 316 11.08 -1.54 -19.37
CA VAL D 316 12.27 -1.44 -18.55
C VAL D 316 13.21 -0.46 -19.20
N ASN D 317 13.84 0.38 -18.39
CA ASN D 317 14.88 1.29 -18.83
C ASN D 317 16.24 0.65 -18.60
N ILE D 318 16.96 0.35 -19.67
CA ILE D 318 18.27 -0.32 -19.56
C ILE D 318 19.32 0.71 -19.16
N LYS D 319 19.38 1.82 -19.89
CA LYS D 319 20.28 2.94 -19.60
C LYS D 319 19.63 4.24 -20.11
N PRO D 320 20.30 5.40 -19.93
CA PRO D 320 19.70 6.61 -20.48
C PRO D 320 19.46 6.51 -21.99
N GLN D 321 18.24 6.86 -22.39
CA GLN D 321 17.78 6.85 -23.80
C GLN D 321 17.72 5.47 -24.47
N VAL D 322 17.59 4.40 -23.66
CA VAL D 322 17.44 3.02 -24.16
C VAL D 322 16.34 2.34 -23.34
N ASP D 323 15.23 2.04 -24.00
CA ASP D 323 14.08 1.40 -23.35
C ASP D 323 13.75 0.06 -24.00
N ARG D 324 13.55 -0.96 -23.16
CA ARG D 324 13.20 -2.30 -23.61
C ARG D 324 11.77 -2.59 -23.20
N TYR D 325 10.90 -2.73 -24.20
CA TYR D 325 9.49 -3.07 -24.01
C TYR D 325 9.24 -4.56 -24.17
N ARG D 326 8.37 -5.12 -23.32
CA ARG D 326 7.83 -6.46 -23.53
C ARG D 326 6.40 -6.30 -23.97
N LEU D 327 6.04 -6.98 -25.07
CA LEU D 327 4.68 -6.96 -25.61
C LEU D 327 3.90 -8.19 -25.16
N LYS D 328 2.61 -8.20 -25.48
CA LYS D 328 1.71 -9.30 -25.09
C LYS D 328 2.10 -10.65 -25.68
N ASN D 329 2.69 -10.64 -26.88
CA ASN D 329 3.22 -11.88 -27.49
C ASN D 329 4.46 -12.46 -26.81
N GLY D 330 5.02 -11.74 -25.83
CA GLY D 330 6.16 -12.21 -25.04
C GLY D 330 7.51 -11.81 -25.60
N ARG D 331 7.51 -11.16 -26.76
CA ARG D 331 8.72 -10.72 -27.42
C ARG D 331 9.03 -9.27 -27.05
N ARG D 332 10.30 -8.89 -27.19
CA ARG D 332 10.80 -7.59 -26.76
C ARG D 332 11.16 -6.64 -27.90
N ILE D 333 10.98 -5.35 -27.67
CA ILE D 333 11.36 -4.28 -28.60
C ILE D 333 12.30 -3.34 -27.87
N ILE D 334 13.48 -3.10 -28.43
CA ILE D 334 14.46 -2.16 -27.84
C ILE D 334 14.32 -0.85 -28.61
N LEU D 335 13.75 0.17 -27.97
CA LEU D 335 13.54 1.49 -28.59
C LEU D 335 14.63 2.44 -28.14
N LEU D 336 15.23 3.14 -29.10
CA LEU D 336 16.33 4.06 -28.83
C LEU D 336 15.84 5.51 -28.82
N ALA D 337 16.32 6.28 -27.84
CA ALA D 337 16.06 7.72 -27.72
C ALA D 337 14.58 8.12 -27.69
N GLU D 338 13.74 7.23 -27.16
CA GLU D 338 12.29 7.45 -27.07
C GLU D 338 11.69 7.88 -28.42
N GLY D 339 12.20 7.29 -29.50
CA GLY D 339 11.80 7.64 -30.85
C GLY D 339 12.27 8.98 -31.41
N ARG D 340 13.07 9.72 -30.65
CA ARG D 340 13.68 10.97 -31.10
C ARG D 340 14.94 10.67 -31.94
N LEU D 341 15.73 11.70 -32.28
CA LEU D 341 16.88 11.51 -33.17
C LEU D 341 18.01 10.76 -32.48
N VAL D 342 18.23 9.51 -32.91
CA VAL D 342 19.19 8.62 -32.24
C VAL D 342 20.62 9.15 -32.22
N ASN D 343 21.02 9.83 -33.28
CA ASN D 343 22.38 10.37 -33.37
C ASN D 343 22.63 11.51 -32.37
N LEU D 344 21.57 12.23 -32.00
CA LEU D 344 21.66 13.30 -30.97
C LEU D 344 21.17 12.86 -29.58
N GLY D 345 20.31 11.86 -29.53
CA GLY D 345 19.87 11.26 -28.28
C GLY D 345 20.92 10.36 -27.66
N CYS D 346 21.50 9.47 -28.46
CA CYS D 346 22.40 8.42 -27.97
C CYS D 346 23.88 8.67 -28.23
N ALA D 347 24.20 9.73 -28.96
CA ALA D 347 25.58 10.09 -29.29
C ALA D 347 25.69 11.61 -29.39
N MET D 348 26.81 12.13 -29.89
CA MET D 348 27.04 13.58 -29.86
C MET D 348 26.68 14.36 -31.13
N GLY D 349 26.08 13.68 -32.11
CA GLY D 349 25.61 14.33 -33.33
C GLY D 349 26.67 14.23 -34.41
N HIS D 350 26.67 15.19 -35.34
CA HIS D 350 27.61 15.16 -36.45
C HIS D 350 29.02 15.57 -36.02
N PRO D 351 30.04 15.05 -36.72
CA PRO D 351 31.40 15.49 -36.42
C PRO D 351 31.64 16.96 -36.76
N SER D 352 32.69 17.52 -36.20
CA SER D 352 33.06 18.92 -36.43
C SER D 352 33.16 19.29 -37.93
N PHE D 353 33.76 18.42 -38.73
CA PHE D 353 33.95 18.65 -40.18
C PHE D 353 32.63 18.82 -40.96
N VAL D 354 31.60 18.08 -40.57
CA VAL D 354 30.28 18.21 -41.20
C VAL D 354 29.70 19.60 -40.93
N MET D 355 29.66 19.96 -39.65
CA MET D 355 29.18 21.27 -39.23
C MET D 355 29.98 22.42 -39.88
N SER D 356 31.27 22.20 -40.09
CA SER D 356 32.13 23.17 -40.78
C SER D 356 31.54 23.60 -42.12
N ASN D 357 31.08 22.63 -42.90
CA ASN D 357 30.44 22.93 -44.19
C ASN D 357 29.16 23.71 -44.04
N SER D 358 28.33 23.31 -43.09
CA SER D 358 27.07 24.00 -42.84
C SER D 358 27.28 25.44 -42.35
N PHE D 359 28.17 25.64 -41.38
CA PHE D 359 28.37 26.98 -40.80
C PHE D 359 29.21 27.91 -41.67
N THR D 360 30.08 27.36 -42.51
CA THR D 360 30.81 28.14 -43.52
C THR D 360 29.80 28.72 -44.52
N ASN D 361 28.79 27.90 -44.86
CA ASN D 361 27.65 28.34 -45.67
C ASN D 361 26.98 29.58 -45.07
N GLN D 362 26.72 29.53 -43.76
CA GLN D 362 26.16 30.68 -43.02
C GLN D 362 27.01 31.94 -43.09
N VAL D 363 28.33 31.76 -42.97
CA VAL D 363 29.27 32.89 -43.07
C VAL D 363 29.20 33.54 -44.47
N MET D 364 29.18 32.71 -45.52
CA MET D 364 29.04 33.21 -46.91
C MET D 364 27.79 34.06 -47.06
N ALA D 365 26.66 33.52 -46.60
CA ALA D 365 25.36 34.20 -46.64
C ALA D 365 25.38 35.56 -45.93
N GLN D 366 26.01 35.61 -44.76
CA GLN D 366 26.15 36.86 -43.99
C GLN D 366 26.98 37.91 -44.71
N ILE D 367 28.19 37.52 -45.15
CA ILE D 367 29.07 38.40 -45.95
C ILE D 367 28.35 38.89 -47.22
N GLU D 368 27.72 37.96 -47.93
CA GLU D 368 27.03 38.28 -49.18
C GLU D 368 25.84 39.25 -49.01
N LEU D 369 25.05 39.05 -47.94
CA LEU D 369 23.92 39.96 -47.63
C LEU D 369 24.37 41.33 -47.12
N TRP D 370 25.35 41.33 -46.22
CA TRP D 370 25.84 42.55 -45.59
C TRP D 370 26.57 43.46 -46.57
N THR D 371 27.41 42.89 -47.42
CA THR D 371 28.22 43.68 -48.38
C THR D 371 27.45 44.09 -49.64
N HIS D 372 26.43 43.31 -50.03
CA HIS D 372 25.60 43.62 -51.21
C HIS D 372 24.11 43.77 -50.86
N PRO D 373 23.70 44.94 -50.35
CA PRO D 373 22.26 45.19 -50.09
C PRO D 373 21.39 45.28 -51.34
N ASP D 374 21.99 45.65 -52.47
CA ASP D 374 21.28 45.81 -53.74
C ASP D 374 20.83 44.46 -54.31
N LYS D 375 21.80 43.56 -54.47
CA LYS D 375 21.57 42.19 -55.01
C LYS D 375 20.26 41.54 -54.56
N TYR D 376 19.95 41.64 -53.27
CA TYR D 376 18.85 40.89 -52.65
C TYR D 376 17.68 41.77 -52.27
N PRO D 377 16.56 41.67 -53.03
CA PRO D 377 15.30 42.26 -52.60
C PRO D 377 14.57 41.33 -51.62
N VAL D 378 13.61 41.89 -50.88
CA VAL D 378 12.75 41.10 -49.98
C VAL D 378 12.35 39.78 -50.65
N GLY D 379 12.74 38.66 -50.05
CA GLY D 379 12.52 37.36 -50.67
C GLY D 379 13.44 36.27 -50.16
N VAL D 380 13.13 35.04 -50.58
CA VAL D 380 13.89 33.85 -50.25
C VAL D 380 14.78 33.54 -51.45
N HIS D 381 16.09 33.44 -51.21
CA HIS D 381 17.07 33.13 -52.26
C HIS D 381 17.94 31.95 -51.93
N PHE D 382 18.36 31.23 -52.97
CA PHE D 382 19.43 30.27 -52.83
C PHE D 382 20.76 31.02 -52.73
N LEU D 383 21.70 30.42 -52.02
CA LEU D 383 23.09 30.88 -52.03
C LEU D 383 23.62 30.69 -53.46
N PRO D 384 24.32 31.70 -54.03
CA PRO D 384 24.83 31.49 -55.40
C PRO D 384 25.88 30.40 -55.49
N LYS D 385 25.95 29.74 -56.64
CA LYS D 385 26.76 28.53 -56.81
C LYS D 385 28.23 28.74 -56.53
N LYS D 386 28.75 29.90 -56.95
CA LYS D 386 30.18 30.20 -56.79
C LYS D 386 30.62 30.24 -55.32
N LEU D 387 29.70 30.68 -54.46
CA LEU D 387 29.90 30.65 -53.00
C LEU D 387 29.75 29.23 -52.42
N ASP D 388 28.82 28.45 -52.97
CA ASP D 388 28.70 27.01 -52.64
C ASP D 388 30.03 26.30 -52.95
N GLU D 389 30.53 26.52 -54.16
CA GLU D 389 31.84 26.02 -54.57
C GLU D 389 32.97 26.47 -53.64
N ALA D 390 32.92 27.73 -53.21
CA ALA D 390 33.94 28.30 -52.34
C ALA D 390 33.99 27.63 -50.97
N VAL D 391 32.82 27.29 -50.42
CA VAL D 391 32.75 26.49 -49.18
C VAL D 391 33.51 25.17 -49.39
N ALA D 392 33.18 24.46 -50.47
CA ALA D 392 33.84 23.20 -50.82
C ALA D 392 35.35 23.35 -51.00
N GLU D 393 35.78 24.41 -51.67
CA GLU D 393 37.21 24.67 -51.89
C GLU D 393 37.98 24.85 -50.58
N ALA D 394 37.38 25.56 -49.63
CA ALA D 394 37.98 25.80 -48.32
C ALA D 394 38.36 24.52 -47.55
N HIS D 395 37.63 23.43 -47.79
CA HIS D 395 37.88 22.17 -47.11
C HIS D 395 38.87 21.23 -47.80
N LEU D 396 39.25 21.54 -49.03
CA LEU D 396 40.06 20.61 -49.83
C LEU D 396 41.47 20.42 -49.29
N GLY D 397 42.09 21.49 -48.81
CA GLY D 397 43.40 21.42 -48.16
C GLY D 397 43.46 20.38 -47.04
N LYS D 398 42.48 20.43 -46.15
CA LYS D 398 42.37 19.47 -45.04
C LYS D 398 42.25 18.03 -45.55
N LEU D 399 41.46 17.86 -46.62
CA LEU D 399 41.24 16.55 -47.25
C LEU D 399 42.39 16.02 -48.14
N ASN D 400 43.50 16.76 -48.20
CA ASN D 400 44.70 16.32 -48.92
C ASN D 400 44.39 16.22 -50.41
N VAL D 401 43.63 17.19 -50.91
CA VAL D 401 43.13 17.21 -52.29
C VAL D 401 43.81 18.31 -53.11
N LYS D 402 44.50 17.89 -54.17
CA LYS D 402 45.05 18.81 -55.16
C LYS D 402 44.07 18.99 -56.32
N LEU D 403 43.42 20.15 -56.34
CA LEU D 403 42.45 20.52 -57.38
C LEU D 403 43.17 20.98 -58.66
N THR D 404 42.66 20.54 -59.80
CA THR D 404 43.19 20.95 -61.11
C THR D 404 42.60 22.30 -61.50
N LYS D 405 43.40 23.10 -62.21
CA LYS D 405 42.97 24.41 -62.70
C LYS D 405 42.80 24.38 -64.22
N LEU D 406 41.64 24.83 -64.71
CA LEU D 406 41.39 24.93 -66.14
C LEU D 406 42.34 25.91 -66.81
N THR D 407 42.98 25.48 -67.89
CA THR D 407 43.77 26.40 -68.73
C THR D 407 42.82 27.35 -69.46
N GLU D 408 43.37 28.46 -69.93
CA GLU D 408 42.60 29.47 -70.67
C GLU D 408 41.87 28.85 -71.87
N LYS D 409 42.61 28.04 -72.62
CA LYS D 409 42.08 27.29 -73.77
C LYS D 409 40.93 26.35 -73.37
N GLN D 410 41.10 25.63 -72.26
CA GLN D 410 40.08 24.69 -71.76
C GLN D 410 38.79 25.40 -71.33
N ALA D 411 38.95 26.52 -70.62
CA ALA D 411 37.82 27.33 -70.17
C ALA D 411 37.00 27.88 -71.33
N GLN D 412 37.67 28.29 -72.41
CA GLN D 412 36.98 28.78 -73.60
C GLN D 412 36.27 27.68 -74.37
N TYR D 413 36.87 26.50 -74.43
CA TYR D 413 36.22 25.33 -75.03
C TYR D 413 34.89 25.04 -74.32
N LEU D 414 34.97 24.93 -72.99
CA LEU D 414 33.80 24.61 -72.17
C LEU D 414 32.77 25.74 -72.01
N GLY D 415 33.17 26.97 -72.36
CA GLY D 415 32.27 28.12 -72.28
C GLY D 415 31.91 28.49 -70.85
N MET D 416 32.87 28.31 -69.95
CA MET D 416 32.75 28.74 -68.56
C MET D 416 33.98 29.55 -68.21
N SER D 417 33.92 30.21 -67.05
CA SER D 417 35.08 30.87 -66.49
C SER D 417 35.94 29.83 -65.81
N CYS D 418 37.26 30.05 -65.81
CA CYS D 418 38.20 29.17 -65.10
C CYS D 418 38.11 29.29 -63.56
N ASP D 419 37.42 30.33 -63.09
CA ASP D 419 37.11 30.50 -61.67
C ASP D 419 35.70 30.05 -61.27
N GLY D 420 34.86 29.74 -62.25
CA GLY D 420 33.50 29.23 -62.01
C GLY D 420 32.40 30.26 -62.24
N PRO D 421 31.13 29.86 -62.13
CA PRO D 421 30.72 28.52 -61.69
C PRO D 421 30.86 27.45 -62.77
N PHE D 422 31.10 26.22 -62.32
CA PHE D 422 31.44 25.13 -63.22
C PHE D 422 30.24 24.32 -63.70
N LYS D 423 29.10 24.47 -63.03
CA LYS D 423 27.91 23.71 -63.35
C LYS D 423 26.70 24.65 -63.45
N PRO D 424 25.70 24.29 -64.28
CA PRO D 424 24.45 25.05 -64.32
C PRO D 424 23.59 24.79 -63.06
N ASP D 425 22.54 25.57 -62.91
CA ASP D 425 21.71 25.54 -61.69
C ASP D 425 20.92 24.27 -61.48
N HIS D 426 20.55 23.59 -62.57
CA HIS D 426 19.84 22.30 -62.49
C HIS D 426 20.73 21.09 -62.17
N TYR D 427 22.06 21.27 -62.20
CA TYR D 427 23.01 20.17 -62.00
C TYR D 427 22.81 19.54 -60.62
N ARG D 428 22.71 18.21 -60.58
CA ARG D 428 22.33 17.49 -59.37
C ARG D 428 23.50 16.85 -58.60
N TYR D 429 24.71 16.86 -59.19
CA TYR D 429 25.90 16.23 -58.60
C TYR D 429 25.62 14.78 -58.19
N LEU E 2 14.83 -38.60 -14.25
CA LEU E 2 13.99 -37.35 -14.14
C LEU E 2 14.48 -36.44 -13.00
N PRO E 3 15.13 -35.31 -13.33
CA PRO E 3 15.62 -34.40 -12.29
C PRO E 3 14.50 -33.57 -11.63
N TYR E 4 13.39 -33.43 -12.34
CA TYR E 4 12.17 -32.81 -11.82
C TYR E 4 10.98 -33.24 -12.69
N LYS E 5 9.77 -32.78 -12.36
CA LYS E 5 8.62 -32.90 -13.26
C LYS E 5 7.57 -31.83 -12.98
N VAL E 6 7.37 -30.96 -13.97
CA VAL E 6 6.52 -29.79 -13.89
C VAL E 6 5.67 -29.75 -15.17
N ALA E 7 4.49 -29.11 -15.10
CA ALA E 7 3.60 -28.95 -16.25
C ALA E 7 4.24 -28.17 -17.42
N ASP E 8 4.75 -26.98 -17.10
CA ASP E 8 5.43 -26.11 -18.08
C ASP E 8 6.57 -25.33 -17.40
N ILE E 9 7.81 -25.71 -17.73
CA ILE E 9 9.01 -24.99 -17.25
C ILE E 9 9.08 -23.53 -17.75
N GLY E 10 8.51 -23.28 -18.93
CA GLY E 10 8.44 -21.95 -19.51
C GLY E 10 7.72 -20.89 -18.68
N LEU E 11 6.92 -21.32 -17.72
CA LEU E 11 6.25 -20.43 -16.75
C LEU E 11 7.15 -19.93 -15.61
N ALA E 12 8.44 -20.29 -15.60
CA ALA E 12 9.37 -19.95 -14.53
C ALA E 12 9.54 -18.44 -14.30
N ALA E 13 9.52 -17.66 -15.38
CA ALA E 13 9.73 -16.20 -15.31
C ALA E 13 8.57 -15.49 -14.62
N TRP E 14 7.36 -15.84 -15.04
CA TRP E 14 6.11 -15.41 -14.39
C TRP E 14 6.10 -15.82 -12.89
N GLY E 15 6.61 -17.01 -12.59
CA GLY E 15 6.77 -17.49 -11.21
C GLY E 15 7.73 -16.65 -10.36
N ARG E 16 8.90 -16.34 -10.92
CA ARG E 16 9.91 -15.52 -10.25
C ARG E 16 9.40 -14.11 -9.89
N LYS E 17 8.57 -13.54 -10.76
CA LYS E 17 7.93 -12.25 -10.52
C LYS E 17 6.95 -12.33 -9.35
N ALA E 18 6.18 -13.41 -9.30
CA ALA E 18 5.26 -13.68 -8.19
C ALA E 18 6.04 -13.92 -6.89
N LEU E 19 7.08 -14.75 -6.96
CA LEU E 19 7.98 -14.96 -5.81
C LEU E 19 8.50 -13.63 -5.26
N ASP E 20 9.02 -12.79 -6.16
CA ASP E 20 9.60 -11.48 -5.78
C ASP E 20 8.62 -10.60 -4.99
N ILE E 21 7.35 -10.64 -5.39
CA ILE E 21 6.26 -9.94 -4.69
C ILE E 21 5.93 -10.59 -3.34
N ALA E 22 5.84 -11.92 -3.31
CA ALA E 22 5.57 -12.65 -2.07
C ALA E 22 6.67 -12.48 -1.00
N GLU E 23 7.94 -12.47 -1.42
CA GLU E 23 9.07 -12.30 -0.48
C GLU E 23 8.86 -11.09 0.45
N ASN E 24 8.34 -10.00 -0.11
CA ASN E 24 8.07 -8.79 0.67
C ASN E 24 6.92 -8.88 1.67
N GLU E 25 6.01 -9.84 1.47
CA GLU E 25 4.96 -10.15 2.45
C GLU E 25 5.29 -11.35 3.34
N MET E 26 6.50 -11.90 3.22
CA MET E 26 6.91 -13.04 4.03
C MET E 26 8.25 -12.74 4.71
N PRO E 27 8.27 -11.69 5.57
CA PRO E 27 9.50 -11.23 6.21
C PRO E 27 10.13 -12.23 7.16
N GLY E 28 9.31 -13.14 7.70
CA GLY E 28 9.76 -14.21 8.57
C GLY E 28 10.73 -15.17 7.91
N LEU E 29 10.39 -15.60 6.70
CA LEU E 29 11.31 -16.40 5.90
C LEU E 29 12.54 -15.59 5.46
N MET E 30 12.33 -14.34 5.08
CA MET E 30 13.45 -13.47 4.64
C MET E 30 14.40 -13.10 5.78
N ARG E 31 13.86 -12.99 6.98
CA ARG E 31 14.66 -12.84 8.20
C ARG E 31 15.60 -14.03 8.43
N MET E 32 15.09 -15.25 8.19
CA MET E 32 15.89 -16.46 8.33
C MET E 32 17.05 -16.51 7.32
N ARG E 33 16.81 -16.00 6.12
CA ARG E 33 17.88 -15.84 5.12
C ARG E 33 18.92 -14.81 5.56
N GLU E 34 18.46 -13.66 6.07
CA GLU E 34 19.35 -12.64 6.64
C GLU E 34 20.23 -13.18 7.78
N ARG E 35 19.63 -13.96 8.67
CA ARG E 35 20.32 -14.48 9.85
C ARG E 35 21.24 -15.65 9.54
N TYR E 36 20.76 -16.62 8.75
CA TYR E 36 21.40 -17.94 8.60
C TYR E 36 22.03 -18.29 7.23
N SER E 37 22.10 -17.35 6.28
CA SER E 37 22.70 -17.64 4.96
C SER E 37 24.21 -17.88 5.02
N ALA E 38 24.90 -17.21 5.94
CA ALA E 38 26.34 -17.37 6.12
C ALA E 38 26.68 -18.66 6.87
N SER E 39 26.08 -18.83 8.04
CA SER E 39 26.39 -19.99 8.91
C SER E 39 25.90 -21.34 8.37
N LYS E 40 24.89 -21.33 7.50
CA LYS E 40 24.28 -22.53 6.90
C LYS E 40 24.08 -23.69 7.88
N PRO E 41 23.14 -23.54 8.83
CA PRO E 41 22.91 -24.54 9.88
C PRO E 41 22.29 -25.85 9.39
N LEU E 42 21.80 -25.89 8.15
CA LEU E 42 21.26 -27.09 7.54
C LEU E 42 22.20 -27.73 6.49
N LYS E 43 23.49 -27.41 6.52
CA LYS E 43 24.45 -28.09 5.64
C LYS E 43 24.56 -29.54 6.11
N GLY E 44 24.49 -30.46 5.16
CA GLY E 44 24.39 -31.91 5.45
C GLY E 44 22.97 -32.47 5.32
N ALA E 45 21.96 -31.64 5.59
CA ALA E 45 20.56 -32.08 5.60
C ALA E 45 20.04 -32.35 4.20
N ARG E 46 19.20 -33.39 4.10
CA ARG E 46 18.59 -33.84 2.85
C ARG E 46 17.08 -33.96 3.11
N ILE E 47 16.39 -32.84 2.89
CA ILE E 47 15.01 -32.64 3.31
C ILE E 47 14.01 -32.96 2.20
N ALA E 48 13.17 -33.97 2.45
CA ALA E 48 12.02 -34.25 1.61
C ALA E 48 10.79 -33.51 2.14
N GLY E 49 10.20 -32.66 1.30
CA GLY E 49 9.04 -31.86 1.66
C GLY E 49 7.79 -32.30 0.91
N CYS E 50 6.68 -32.49 1.64
CA CYS E 50 5.37 -32.76 1.03
C CYS E 50 4.37 -31.68 1.46
N LEU E 51 4.17 -30.70 0.58
CA LEU E 51 3.45 -29.47 0.91
C LEU E 51 2.99 -28.77 -0.37
N HIS E 52 1.75 -28.26 -0.35
CA HIS E 52 1.17 -27.49 -1.45
C HIS E 52 2.24 -26.70 -2.16
N MET E 53 2.36 -26.91 -3.46
CA MET E 53 3.44 -26.30 -4.23
C MET E 53 2.94 -24.97 -4.78
N THR E 54 2.85 -24.00 -3.87
CA THR E 54 2.43 -22.63 -4.17
C THR E 54 3.61 -21.66 -4.18
N VAL E 55 3.32 -20.44 -4.61
CA VAL E 55 4.27 -19.30 -4.59
C VAL E 55 4.90 -19.16 -3.20
N GLU E 56 4.04 -19.18 -2.19
CA GLU E 56 4.44 -19.04 -0.79
C GLU E 56 5.41 -20.17 -0.37
N THR E 57 5.11 -21.39 -0.80
CA THR E 57 5.93 -22.57 -0.52
C THR E 57 7.28 -22.50 -1.24
N ALA E 58 7.30 -21.89 -2.42
CA ALA E 58 8.54 -21.66 -3.15
C ALA E 58 9.51 -20.80 -2.35
N VAL E 59 8.95 -19.84 -1.60
CA VAL E 59 9.74 -19.00 -0.69
C VAL E 59 10.32 -19.85 0.45
N LEU E 60 9.52 -20.75 1.00
CA LEU E 60 9.99 -21.70 2.00
C LEU E 60 11.15 -22.53 1.47
N ILE E 61 10.94 -23.16 0.32
CA ILE E 61 11.94 -24.06 -0.30
C ILE E 61 13.29 -23.36 -0.51
N GLU E 62 13.26 -22.20 -1.15
CA GLU E 62 14.46 -21.38 -1.37
C GLU E 62 15.11 -20.83 -0.09
N THR E 63 14.33 -20.65 0.98
CA THR E 63 14.88 -20.32 2.31
C THR E 63 15.69 -21.48 2.88
N LEU E 64 15.14 -22.69 2.81
CA LEU E 64 15.82 -23.90 3.28
C LEU E 64 17.15 -24.14 2.53
N VAL E 65 17.14 -23.92 1.21
CA VAL E 65 18.34 -24.04 0.37
C VAL E 65 19.40 -22.99 0.75
N THR E 66 18.95 -21.75 0.96
CA THR E 66 19.80 -20.65 1.43
C THR E 66 20.47 -20.99 2.77
N LEU E 67 19.77 -21.75 3.61
CA LEU E 67 20.33 -22.28 4.86
C LEU E 67 21.21 -23.56 4.70
N GLY E 68 21.50 -23.95 3.47
CA GLY E 68 22.46 -25.02 3.17
C GLY E 68 21.91 -26.39 2.89
N ALA E 69 20.60 -26.59 3.10
CA ALA E 69 19.99 -27.90 2.92
C ALA E 69 19.85 -28.32 1.45
N GLU E 70 19.88 -29.64 1.25
CA GLU E 70 19.45 -30.25 0.01
C GLU E 70 17.96 -30.44 0.15
N VAL E 71 17.21 -30.01 -0.86
CA VAL E 71 15.76 -30.06 -0.79
C VAL E 71 15.19 -30.68 -2.06
N GLN E 72 14.24 -31.59 -1.86
CA GLN E 72 13.48 -32.21 -2.94
C GLN E 72 12.02 -32.16 -2.53
N TRP E 73 11.13 -31.81 -3.46
CA TRP E 73 9.76 -31.41 -3.11
C TRP E 73 8.65 -32.06 -3.93
N SER E 74 7.50 -32.24 -3.26
CA SER E 74 6.26 -32.65 -3.92
C SER E 74 5.07 -31.98 -3.21
N SER E 75 3.95 -31.84 -3.91
CA SER E 75 2.75 -31.25 -3.35
C SER E 75 1.97 -32.28 -2.50
N CYS E 76 1.32 -31.80 -1.45
CA CYS E 76 0.47 -32.62 -0.57
C CYS E 76 -1.01 -32.61 -0.99
N ASN E 77 -1.30 -32.03 -2.16
CA ASN E 77 -2.64 -32.07 -2.74
C ASN E 77 -2.53 -32.12 -4.27
N ILE E 78 -3.47 -32.82 -4.90
CA ILE E 78 -3.47 -33.00 -6.36
C ILE E 78 -3.86 -31.75 -7.19
N PHE E 79 -4.58 -30.82 -6.57
CA PHE E 79 -5.03 -29.58 -7.24
C PHE E 79 -4.38 -28.27 -6.75
N SER E 80 -3.73 -28.29 -5.58
CA SER E 80 -3.27 -27.05 -4.94
C SER E 80 -1.99 -26.40 -5.53
N THR E 81 -1.24 -27.16 -6.33
CA THR E 81 -0.03 -26.67 -6.98
C THR E 81 -0.33 -25.46 -7.90
N GLN E 82 0.55 -24.46 -7.83
CA GLN E 82 0.57 -23.35 -8.77
C GLN E 82 1.73 -23.59 -9.74
N ASP E 83 1.39 -23.94 -10.99
CA ASP E 83 2.35 -24.48 -11.96
C ASP E 83 3.58 -23.58 -12.18
N HIS E 84 3.34 -22.27 -12.29
CA HIS E 84 4.42 -21.27 -12.38
C HIS E 84 5.36 -21.20 -11.17
N ALA E 85 4.84 -21.42 -9.96
CA ALA E 85 5.68 -21.54 -8.76
C ALA E 85 6.58 -22.78 -8.84
N ALA E 86 5.98 -23.92 -9.19
CA ALA E 86 6.72 -25.18 -9.41
C ALA E 86 7.80 -25.04 -10.48
N ALA E 87 7.48 -24.36 -11.57
CA ALA E 87 8.42 -24.13 -12.69
C ALA E 87 9.65 -23.34 -12.25
N ALA E 88 9.40 -22.22 -11.57
CA ALA E 88 10.46 -21.37 -10.98
C ALA E 88 11.41 -22.14 -10.06
N ILE E 89 10.86 -23.06 -9.27
CA ILE E 89 11.66 -23.92 -8.38
C ILE E 89 12.49 -24.94 -9.16
N ALA E 90 11.90 -25.52 -10.21
CA ALA E 90 12.60 -26.46 -11.09
C ALA E 90 13.76 -25.78 -11.84
N LYS E 91 13.52 -24.58 -12.35
CA LYS E 91 14.55 -23.80 -13.06
C LYS E 91 15.74 -23.44 -12.14
N ALA E 92 15.47 -23.25 -10.85
CA ALA E 92 16.52 -22.97 -9.84
C ALA E 92 17.34 -24.21 -9.42
N GLY E 93 17.10 -25.36 -10.06
CA GLY E 93 17.91 -26.57 -9.86
C GLY E 93 17.30 -27.61 -8.93
N ILE E 94 16.29 -27.21 -8.16
CA ILE E 94 15.74 -28.04 -7.10
C ILE E 94 14.80 -29.10 -7.68
N PRO E 95 14.99 -30.38 -7.31
CA PRO E 95 14.04 -31.40 -7.75
C PRO E 95 12.64 -31.19 -7.16
N VAL E 96 11.69 -30.83 -8.03
CA VAL E 96 10.30 -30.58 -7.63
C VAL E 96 9.37 -31.37 -8.55
N TYR E 97 8.48 -32.15 -7.95
CA TYR E 97 7.57 -33.04 -8.66
C TYR E 97 6.15 -32.65 -8.28
N ALA E 98 5.56 -31.74 -9.06
CA ALA E 98 4.24 -31.19 -8.73
C ALA E 98 3.60 -30.43 -9.90
N TRP E 99 2.32 -30.69 -10.13
CA TRP E 99 1.50 -29.92 -11.07
C TRP E 99 0.01 -29.96 -10.73
N LYS E 100 -0.72 -29.00 -11.30
CA LYS E 100 -2.15 -28.83 -11.04
C LYS E 100 -2.95 -29.90 -11.79
N GLY E 101 -3.68 -30.72 -11.04
CA GLY E 101 -4.57 -31.74 -11.61
C GLY E 101 -3.92 -33.09 -11.84
N GLU E 102 -3.14 -33.54 -10.86
CA GLU E 102 -2.54 -34.88 -10.87
C GLU E 102 -3.61 -35.94 -10.66
N THR E 103 -3.36 -37.15 -11.17
CA THR E 103 -4.16 -38.31 -10.84
C THR E 103 -3.65 -38.87 -9.52
N ASP E 104 -4.45 -39.73 -8.89
CA ASP E 104 -4.09 -40.33 -7.60
C ASP E 104 -2.82 -41.21 -7.67
N GLU E 105 -2.60 -41.85 -8.82
CA GLU E 105 -1.38 -42.62 -9.07
C GLU E 105 -0.14 -41.71 -9.20
N GLU E 106 -0.30 -40.60 -9.92
CA GLU E 106 0.78 -39.62 -10.11
C GLU E 106 1.17 -38.87 -8.84
N TYR E 107 0.21 -38.69 -7.94
CA TYR E 107 0.45 -38.10 -6.63
C TYR E 107 1.45 -38.93 -5.82
N LEU E 108 1.17 -40.22 -5.71
CA LEU E 108 2.06 -41.18 -5.03
C LEU E 108 3.45 -41.20 -5.66
N TRP E 109 3.48 -41.27 -7.00
CA TRP E 109 4.72 -41.24 -7.77
C TRP E 109 5.56 -39.97 -7.51
N CYS E 110 4.88 -38.82 -7.42
CA CYS E 110 5.56 -37.53 -7.15
C CYS E 110 6.33 -37.52 -5.82
N ILE E 111 5.71 -38.08 -4.78
CA ILE E 111 6.36 -38.25 -3.47
C ILE E 111 7.56 -39.20 -3.58
N GLU E 112 7.39 -40.30 -4.32
CA GLU E 112 8.43 -41.33 -4.50
C GLU E 112 9.75 -40.77 -5.03
N GLN E 113 9.67 -39.78 -5.92
CA GLN E 113 10.86 -39.17 -6.52
C GLN E 113 11.68 -38.29 -5.57
N THR E 114 11.17 -38.01 -4.37
CA THR E 114 11.82 -37.12 -3.39
C THR E 114 12.61 -37.85 -2.27
N LEU E 115 12.57 -39.17 -2.24
CA LEU E 115 13.15 -39.95 -1.14
C LEU E 115 14.68 -40.03 -1.19
N TYR E 116 15.22 -40.44 -2.35
CA TYR E 116 16.67 -40.55 -2.56
C TYR E 116 17.21 -39.32 -3.31
N PHE E 117 18.38 -38.87 -2.88
CA PHE E 117 19.00 -37.63 -3.36
C PHE E 117 20.23 -37.96 -4.20
N LYS E 118 20.94 -36.91 -4.59
CA LYS E 118 22.31 -36.99 -5.11
C LYS E 118 23.22 -37.85 -4.22
N ASP E 119 23.23 -37.53 -2.93
CA ASP E 119 24.12 -38.15 -1.93
C ASP E 119 23.38 -39.06 -0.93
N GLY E 120 22.54 -39.96 -1.44
CA GLY E 120 21.86 -40.98 -0.61
C GLY E 120 20.44 -40.60 -0.17
N PRO E 121 19.82 -41.40 0.72
CA PRO E 121 18.42 -41.20 1.11
C PRO E 121 18.20 -39.99 2.02
N LEU E 122 16.94 -39.56 2.09
CA LEU E 122 16.51 -38.45 2.95
C LEU E 122 16.93 -38.66 4.40
N ASN E 123 17.27 -37.57 5.08
CA ASN E 123 17.50 -37.58 6.53
C ASN E 123 16.61 -36.61 7.32
N MET E 124 15.66 -35.95 6.64
CA MET E 124 14.69 -35.05 7.27
C MET E 124 13.36 -35.07 6.50
N ILE E 125 12.25 -35.02 7.22
CA ILE E 125 10.91 -34.94 6.63
C ILE E 125 10.25 -33.62 7.04
N LEU E 126 9.77 -32.87 6.05
CA LEU E 126 8.96 -31.66 6.25
C LEU E 126 7.59 -31.96 5.66
N ASP E 127 6.55 -31.94 6.48
CA ASP E 127 5.27 -32.56 6.12
C ASP E 127 4.04 -31.68 6.39
N ASP E 128 2.98 -31.95 5.64
CA ASP E 128 1.71 -31.23 5.74
C ASP E 128 0.58 -32.19 5.34
N GLY E 129 0.08 -32.93 6.31
CA GLY E 129 -0.97 -33.94 6.11
C GLY E 129 -0.58 -35.35 6.50
N GLY E 130 0.73 -35.59 6.65
CA GLY E 130 1.26 -36.89 7.08
C GLY E 130 1.50 -37.93 5.99
N ASP E 131 1.35 -37.56 4.72
CA ASP E 131 1.46 -38.51 3.60
C ASP E 131 2.89 -38.99 3.34
N LEU E 132 3.86 -38.09 3.50
CA LEU E 132 5.28 -38.46 3.40
C LEU E 132 5.71 -39.30 4.60
N THR E 133 5.27 -38.92 5.80
CA THR E 133 5.55 -39.68 7.03
C THR E 133 5.00 -41.13 6.97
N ASN E 134 3.74 -41.29 6.54
CA ASN E 134 3.11 -42.62 6.41
C ASN E 134 3.69 -43.49 5.30
N LEU E 135 4.18 -42.86 4.23
CA LEU E 135 4.81 -43.60 3.13
C LEU E 135 6.12 -44.27 3.55
N ILE E 136 6.95 -43.55 4.31
CA ILE E 136 8.20 -44.11 4.83
C ILE E 136 7.88 -45.28 5.78
N HIS E 137 7.04 -45.03 6.78
CA HIS E 137 6.79 -46.03 7.82
C HIS E 137 6.20 -47.35 7.31
N THR E 138 5.18 -47.26 6.44
CA THR E 138 4.47 -48.45 5.95
C THR E 138 5.18 -49.14 4.77
N LYS E 139 5.76 -48.37 3.86
CA LYS E 139 6.42 -48.92 2.65
C LYS E 139 7.96 -48.97 2.72
N TYR E 140 8.59 -47.94 3.28
CA TYR E 140 10.07 -47.86 3.37
C TYR E 140 10.61 -47.79 4.81
N PRO E 141 10.25 -48.75 5.69
CA PRO E 141 10.77 -48.70 7.07
C PRO E 141 12.28 -48.93 7.21
N GLN E 142 12.92 -49.51 6.19
CA GLN E 142 14.38 -49.62 6.13
C GLN E 142 15.12 -48.26 6.23
N LEU E 143 14.47 -47.20 5.77
CA LEU E 143 15.04 -45.83 5.78
C LEU E 143 14.88 -45.05 7.09
N LEU E 144 14.09 -45.55 8.03
CA LEU E 144 13.75 -44.82 9.26
C LEU E 144 14.93 -44.46 10.16
N PRO E 145 15.87 -45.41 10.39
CA PRO E 145 17.06 -45.08 11.20
C PRO E 145 17.93 -43.96 10.62
N GLY E 146 17.93 -43.81 9.29
CA GLY E 146 18.66 -42.73 8.61
C GLY E 146 18.01 -41.36 8.62
N ILE E 147 16.83 -41.23 9.23
CA ILE E 147 16.07 -39.98 9.30
C ILE E 147 16.16 -39.38 10.71
N ARG E 148 16.67 -38.15 10.78
CA ARG E 148 16.92 -37.49 12.06
C ARG E 148 15.66 -36.88 12.70
N GLY E 149 14.76 -36.35 11.88
CA GLY E 149 13.58 -35.66 12.40
C GLY E 149 12.45 -35.37 11.41
N ILE E 150 11.27 -35.08 11.97
CA ILE E 150 10.04 -34.80 11.22
C ILE E 150 9.43 -33.47 11.69
N SER E 151 8.95 -32.68 10.73
CA SER E 151 8.13 -31.50 10.99
C SER E 151 6.74 -31.69 10.40
N GLU E 152 5.71 -31.33 11.17
CA GLU E 152 4.32 -31.50 10.74
C GLU E 152 3.48 -30.31 11.23
N GLU E 153 2.66 -29.77 10.33
CA GLU E 153 1.89 -28.54 10.60
C GLU E 153 0.36 -28.63 10.44
N THR E 154 -0.17 -29.84 10.30
CA THR E 154 -1.60 -30.06 10.05
C THR E 154 -2.24 -30.77 11.25
N THR E 155 -3.53 -30.53 11.49
CA THR E 155 -4.25 -31.18 12.60
C THR E 155 -4.38 -32.70 12.37
N THR E 156 -4.78 -33.08 11.15
CA THR E 156 -4.82 -34.49 10.73
C THR E 156 -3.47 -35.19 10.91
N GLY E 157 -2.41 -34.52 10.48
CA GLY E 157 -1.05 -35.06 10.57
C GLY E 157 -0.52 -35.26 11.97
N VAL E 158 -0.90 -34.37 12.90
CA VAL E 158 -0.45 -34.48 14.30
C VAL E 158 -1.23 -35.56 15.06
N HIS E 159 -2.55 -35.64 14.85
CA HIS E 159 -3.37 -36.74 15.39
C HIS E 159 -2.83 -38.10 14.96
N ASN E 160 -2.45 -38.18 13.69
CA ASN E 160 -1.80 -39.36 13.09
C ASN E 160 -0.42 -39.68 13.72
N LEU E 161 0.36 -38.65 14.02
CA LEU E 161 1.65 -38.84 14.72
C LEU E 161 1.47 -39.39 16.16
N TYR E 162 0.47 -38.89 16.88
CA TYR E 162 0.15 -39.40 18.23
C TYR E 162 -0.32 -40.85 18.20
N LYS E 163 -1.07 -41.19 17.17
CA LYS E 163 -1.57 -42.55 16.91
C LYS E 163 -0.41 -43.53 16.69
N MET E 164 0.51 -43.15 15.79
CA MET E 164 1.71 -43.94 15.53
C MET E 164 2.60 -44.14 16.76
N MET E 165 2.63 -43.15 17.67
CA MET E 165 3.39 -43.26 18.92
C MET E 165 2.73 -44.21 19.92
N ALA E 166 1.41 -44.09 20.06
CA ALA E 166 0.64 -44.99 20.93
C ALA E 166 0.66 -46.45 20.47
N ASN E 167 0.70 -46.66 19.15
CA ASN E 167 0.82 -48.00 18.55
C ASN E 167 2.27 -48.51 18.43
N GLY E 168 3.25 -47.72 18.88
CA GLY E 168 4.68 -48.09 18.82
C GLY E 168 5.29 -48.09 17.43
N ILE E 169 4.60 -47.51 16.45
CA ILE E 169 4.99 -47.56 15.04
C ILE E 169 6.02 -46.48 14.71
N LEU E 170 5.85 -45.29 15.30
CA LEU E 170 6.76 -44.16 15.08
C LEU E 170 8.18 -44.48 15.57
N LYS E 171 9.16 -44.15 14.74
CA LYS E 171 10.59 -44.42 14.99
C LYS E 171 11.49 -43.20 14.77
N VAL E 172 10.90 -42.01 14.68
CA VAL E 172 11.60 -40.74 14.40
C VAL E 172 11.01 -39.63 15.28
N PRO E 173 11.87 -38.79 15.89
CA PRO E 173 11.30 -37.68 16.68
C PRO E 173 10.61 -36.66 15.77
N ALA E 174 9.47 -36.14 16.24
CA ALA E 174 8.62 -35.29 15.42
C ALA E 174 8.28 -34.00 16.16
N ILE E 175 8.41 -32.85 15.48
CA ILE E 175 7.97 -31.55 16.04
C ILE E 175 6.66 -31.09 15.42
N ASN E 176 5.65 -30.96 16.27
CA ASN E 176 4.33 -30.42 15.92
C ASN E 176 4.39 -28.88 15.97
N VAL E 177 4.27 -28.25 14.81
CA VAL E 177 4.21 -26.79 14.72
C VAL E 177 2.78 -26.26 14.50
N ASN E 178 1.81 -27.17 14.38
CA ASN E 178 0.40 -26.80 14.21
C ASN E 178 -0.15 -26.06 15.43
N ASP E 179 0.34 -26.45 16.61
CA ASP E 179 -0.09 -25.88 17.88
C ASP E 179 0.83 -24.77 18.42
N SER E 180 1.68 -24.21 17.57
CA SER E 180 2.36 -22.94 17.89
C SER E 180 1.33 -21.84 17.96
N VAL E 181 1.61 -20.82 18.76
CA VAL E 181 0.74 -19.64 18.81
C VAL E 181 0.77 -18.90 17.46
N THR E 182 1.98 -18.73 16.91
CA THR E 182 2.16 -18.03 15.65
C THR E 182 1.55 -18.76 14.44
N LYS E 183 1.65 -20.10 14.42
CA LYS E 183 1.05 -20.88 13.33
C LYS E 183 -0.47 -20.84 13.45
N SER E 184 -0.97 -21.29 14.60
CA SER E 184 -2.41 -21.49 14.82
C SER E 184 -3.23 -20.21 14.68
N LYS E 185 -2.74 -19.11 15.26
CA LYS E 185 -3.48 -17.84 15.18
C LYS E 185 -3.56 -17.28 13.77
N PHE E 186 -2.51 -17.44 12.97
CA PHE E 186 -2.53 -16.96 11.59
C PHE E 186 -3.28 -17.89 10.66
N ASP E 187 -3.11 -19.20 10.85
CA ASP E 187 -3.81 -20.19 10.01
C ASP E 187 -5.31 -20.23 10.32
N ASN E 188 -5.66 -20.26 11.60
CA ASN E 188 -7.06 -20.40 12.01
C ASN E 188 -7.80 -19.05 12.05
N LEU E 189 -7.27 -18.08 12.80
CA LEU E 189 -8.01 -16.84 13.09
C LEU E 189 -7.81 -15.70 12.08
N TYR E 190 -6.59 -15.18 12.03
CA TYR E 190 -6.27 -14.02 11.19
C TYR E 190 -6.48 -14.31 9.72
N GLY E 191 -6.08 -15.51 9.31
CA GLY E 191 -6.21 -15.95 7.92
C GLY E 191 -7.65 -15.97 7.45
N CYS E 192 -8.50 -16.69 8.17
CA CYS E 192 -9.92 -16.78 7.84
C CYS E 192 -10.67 -15.45 7.96
N ARG E 193 -10.21 -14.61 8.90
CA ARG E 193 -10.73 -13.23 9.01
C ARG E 193 -10.49 -12.39 7.75
N GLU E 194 -9.39 -12.63 7.05
CA GLU E 194 -9.08 -11.89 5.83
C GLU E 194 -9.85 -12.42 4.62
N SER E 195 -9.91 -13.75 4.50
CA SER E 195 -10.34 -14.39 3.25
C SER E 195 -11.84 -14.75 3.17
N LEU E 196 -12.53 -14.86 4.30
CA LEU E 196 -13.94 -15.33 4.31
C LEU E 196 -14.81 -14.51 3.38
N ILE E 197 -14.87 -13.21 3.68
CA ILE E 197 -15.76 -12.30 2.96
C ILE E 197 -15.30 -12.11 1.51
N ASP E 198 -14.01 -12.26 1.28
CA ASP E 198 -13.47 -12.25 -0.07
C ASP E 198 -14.08 -13.37 -0.93
N GLY E 199 -14.16 -14.57 -0.36
CA GLY E 199 -14.84 -15.70 -0.99
C GLY E 199 -16.31 -15.42 -1.27
N ILE E 200 -17.01 -14.92 -0.26
CA ILE E 200 -18.44 -14.61 -0.36
C ILE E 200 -18.68 -13.56 -1.47
N LYS E 201 -17.81 -12.55 -1.50
CA LYS E 201 -17.94 -11.43 -2.44
C LYS E 201 -17.67 -11.80 -3.89
N ARG E 202 -16.61 -12.56 -4.12
CA ARG E 202 -16.29 -13.02 -5.47
C ARG E 202 -17.43 -13.90 -5.98
N ALA E 203 -17.92 -14.78 -5.12
CA ALA E 203 -19.03 -15.68 -5.43
C ALA E 203 -20.37 -14.98 -5.72
N THR E 204 -20.73 -14.00 -4.88
CA THR E 204 -22.08 -13.40 -4.89
C THR E 204 -22.17 -11.86 -5.07
N ASP E 205 -21.07 -11.15 -4.84
CA ASP E 205 -21.05 -9.66 -4.79
C ASP E 205 -22.12 -9.06 -3.85
N VAL E 206 -22.52 -9.81 -2.82
CA VAL E 206 -23.66 -9.46 -1.99
C VAL E 206 -23.30 -8.38 -0.97
N MET E 207 -24.28 -7.53 -0.65
CA MET E 207 -24.18 -6.57 0.46
C MET E 207 -24.05 -7.33 1.78
N ILE E 208 -22.97 -7.13 2.52
CA ILE E 208 -22.79 -7.75 3.84
C ILE E 208 -23.52 -6.98 4.92
N ALA E 209 -23.39 -5.65 4.88
CA ALA E 209 -24.01 -4.77 5.88
C ALA E 209 -25.51 -4.93 5.91
N GLY E 210 -26.09 -4.91 7.11
CA GLY E 210 -27.54 -5.03 7.28
C GLY E 210 -28.12 -6.42 7.25
N LYS E 211 -27.27 -7.45 7.10
CA LYS E 211 -27.70 -8.83 7.10
C LYS E 211 -27.46 -9.46 8.46
N VAL E 212 -28.27 -10.49 8.75
CA VAL E 212 -28.00 -11.42 9.83
C VAL E 212 -27.07 -12.47 9.25
N ALA E 213 -25.95 -12.71 9.93
CA ALA E 213 -25.01 -13.77 9.56
C ALA E 213 -24.92 -14.75 10.70
N VAL E 214 -25.10 -16.03 10.41
CA VAL E 214 -25.03 -17.10 11.39
C VAL E 214 -23.69 -17.80 11.22
N VAL E 215 -22.87 -17.78 12.26
CA VAL E 215 -21.58 -18.46 12.28
C VAL E 215 -21.69 -19.62 13.26
N ALA E 216 -21.66 -20.85 12.73
CA ALA E 216 -21.62 -22.04 13.58
C ALA E 216 -20.19 -22.26 14.05
N GLY E 217 -20.02 -22.23 15.38
CA GLY E 217 -18.71 -22.38 16.01
C GLY E 217 -18.06 -21.06 16.34
N TYR E 218 -17.43 -20.99 17.51
CA TYR E 218 -16.72 -19.81 17.96
C TYR E 218 -15.36 -20.22 18.54
N GLY E 219 -14.64 -21.05 17.79
CA GLY E 219 -13.23 -21.31 18.03
C GLY E 219 -12.43 -20.23 17.35
N ASP E 220 -11.18 -20.51 17.04
CA ASP E 220 -10.33 -19.53 16.37
C ASP E 220 -10.87 -19.13 15.00
N VAL E 221 -11.35 -20.10 14.23
CA VAL E 221 -11.93 -19.82 12.90
C VAL E 221 -13.24 -19.03 13.02
N GLY E 222 -14.09 -19.42 13.96
CA GLY E 222 -15.36 -18.73 14.19
C GLY E 222 -15.17 -17.30 14.69
N LYS E 223 -14.31 -17.14 15.68
CA LYS E 223 -13.93 -15.82 16.19
C LYS E 223 -13.53 -14.89 15.07
N GLY E 224 -12.66 -15.38 14.19
CA GLY E 224 -12.19 -14.64 13.04
C GLY E 224 -13.30 -14.23 12.09
N CYS E 225 -14.08 -15.23 11.66
CA CYS E 225 -15.22 -15.00 10.76
C CYS E 225 -16.25 -14.03 11.32
N ALA E 226 -16.61 -14.25 12.58
CA ALA E 226 -17.55 -13.37 13.31
C ALA E 226 -17.05 -11.92 13.36
N GLN E 227 -15.76 -11.75 13.65
CA GLN E 227 -15.16 -10.42 13.68
C GLN E 227 -15.18 -9.73 12.30
N ALA E 228 -14.90 -10.49 11.24
CA ALA E 228 -14.92 -9.94 9.87
C ALA E 228 -16.32 -9.47 9.46
N LEU E 229 -17.31 -10.34 9.65
CA LEU E 229 -18.72 -10.04 9.34
C LEU E 229 -19.24 -8.82 10.10
N ARG E 230 -19.04 -8.83 11.43
CA ARG E 230 -19.37 -7.68 12.29
C ARG E 230 -18.73 -6.37 11.80
N GLY E 231 -17.48 -6.45 11.36
CA GLY E 231 -16.75 -5.29 10.83
C GLY E 231 -17.42 -4.63 9.65
N PHE E 232 -18.03 -5.44 8.78
CA PHE E 232 -18.82 -4.93 7.63
C PHE E 232 -20.21 -4.39 8.00
N GLY E 233 -20.65 -4.58 9.24
CA GLY E 233 -21.96 -4.12 9.69
C GLY E 233 -23.07 -5.14 9.62
N ALA E 234 -22.70 -6.43 9.59
CA ALA E 234 -23.66 -7.50 9.69
C ALA E 234 -23.94 -7.79 11.16
N ARG E 235 -25.17 -8.21 11.46
CA ARG E 235 -25.54 -8.73 12.77
C ARG E 235 -25.20 -10.23 12.82
N VAL E 236 -24.27 -10.59 13.69
CA VAL E 236 -23.72 -11.94 13.75
C VAL E 236 -24.34 -12.73 14.89
N ILE E 237 -24.83 -13.92 14.58
CA ILE E 237 -25.36 -14.87 15.56
C ILE E 237 -24.42 -16.06 15.63
N ILE E 238 -24.05 -16.46 16.84
CA ILE E 238 -23.16 -17.61 17.03
C ILE E 238 -23.96 -18.83 17.48
N THR E 239 -23.48 -20.02 17.09
CA THR E 239 -23.94 -21.27 17.72
C THR E 239 -22.70 -21.97 18.25
N GLU E 240 -22.82 -22.56 19.44
CA GLU E 240 -21.72 -23.26 20.09
C GLU E 240 -22.20 -24.42 20.97
N ILE E 241 -21.34 -25.43 21.10
CA ILE E 241 -21.52 -26.54 22.05
C ILE E 241 -20.72 -26.32 23.33
N ASP E 242 -19.56 -25.68 23.20
CA ASP E 242 -18.69 -25.41 24.33
C ASP E 242 -19.19 -24.19 25.11
N PRO E 243 -19.52 -24.36 26.40
CA PRO E 243 -20.01 -23.21 27.16
C PRO E 243 -18.96 -22.12 27.42
N ILE E 244 -17.66 -22.47 27.38
CA ILE E 244 -16.61 -21.47 27.53
C ILE E 244 -16.61 -20.59 26.26
N ASN E 245 -16.43 -21.22 25.10
CA ASN E 245 -16.50 -20.48 23.83
C ASN E 245 -17.82 -19.71 23.68
N ALA E 246 -18.93 -20.35 24.04
CA ALA E 246 -20.24 -19.67 24.04
C ALA E 246 -20.24 -18.42 24.94
N LEU E 247 -19.61 -18.53 26.11
CA LEU E 247 -19.48 -17.39 27.02
C LEU E 247 -18.63 -16.27 26.44
N GLN E 248 -17.51 -16.62 25.81
CA GLN E 248 -16.67 -15.63 25.13
C GLN E 248 -17.49 -14.81 24.13
N ALA E 249 -18.26 -15.51 23.29
CA ALA E 249 -19.13 -14.86 22.30
C ALA E 249 -20.11 -13.86 22.93
N ALA E 250 -20.78 -14.31 23.99
CA ALA E 250 -21.74 -13.46 24.72
C ALA E 250 -21.07 -12.20 25.27
N MET E 251 -19.86 -12.36 25.80
CA MET E 251 -19.08 -11.24 26.34
C MET E 251 -18.62 -10.20 25.31
N GLU E 252 -18.54 -10.56 24.03
CA GLU E 252 -18.35 -9.59 22.92
C GLU E 252 -19.64 -8.97 22.39
N GLY E 253 -20.79 -9.46 22.83
CA GLY E 253 -22.09 -8.89 22.47
C GLY E 253 -22.79 -9.59 21.32
N TYR E 254 -22.32 -10.80 20.97
CA TYR E 254 -22.97 -11.64 19.98
C TYR E 254 -24.17 -12.37 20.60
N GLU E 255 -25.27 -12.46 19.86
CA GLU E 255 -26.36 -13.37 20.21
C GLU E 255 -25.86 -14.81 20.02
N VAL E 256 -26.07 -15.65 21.03
CA VAL E 256 -25.70 -17.06 20.99
C VAL E 256 -26.97 -17.92 21.14
N THR E 257 -27.28 -18.70 20.11
CA THR E 257 -28.44 -19.58 20.10
C THR E 257 -28.17 -20.83 19.23
N THR E 258 -29.20 -21.66 19.07
CA THR E 258 -29.09 -22.91 18.32
C THR E 258 -29.30 -22.68 16.81
N MET E 259 -28.78 -23.60 16.00
CA MET E 259 -29.06 -23.56 14.56
C MET E 259 -30.55 -23.82 14.27
N ASP E 260 -31.20 -24.61 15.13
CA ASP E 260 -32.65 -24.85 15.03
C ASP E 260 -33.47 -23.56 15.08
N GLU E 261 -33.00 -22.60 15.89
CA GLU E 261 -33.59 -21.27 15.97
C GLU E 261 -33.09 -20.36 14.86
N ALA E 262 -31.76 -20.25 14.75
CA ALA E 262 -31.10 -19.29 13.85
C ALA E 262 -31.34 -19.51 12.35
N CYS E 263 -31.79 -20.70 11.94
CA CYS E 263 -32.05 -20.96 10.52
C CYS E 263 -33.17 -20.11 9.92
N GLN E 264 -34.11 -19.67 10.75
CA GLN E 264 -35.18 -18.73 10.32
C GLN E 264 -34.71 -17.28 10.19
N GLU E 265 -33.56 -16.97 10.80
CA GLU E 265 -33.05 -15.61 10.90
C GLU E 265 -32.04 -15.24 9.81
N GLY E 266 -31.15 -16.16 9.49
CA GLY E 266 -29.95 -15.86 8.72
C GLY E 266 -30.16 -15.53 7.25
N ASN E 267 -29.42 -14.52 6.80
CA ASN E 267 -29.21 -14.26 5.38
C ASN E 267 -27.94 -14.95 4.84
N ILE E 268 -26.96 -15.16 5.73
CA ILE E 268 -25.69 -15.84 5.43
C ILE E 268 -25.44 -16.86 6.53
N PHE E 269 -24.95 -18.04 6.15
CA PHE E 269 -24.59 -19.09 7.09
C PHE E 269 -23.15 -19.52 6.81
N VAL E 270 -22.33 -19.53 7.86
CA VAL E 270 -20.93 -19.93 7.77
C VAL E 270 -20.68 -20.97 8.85
N THR E 271 -20.19 -22.14 8.44
CA THR E 271 -19.84 -23.22 9.35
C THR E 271 -18.34 -23.25 9.56
N THR E 272 -17.94 -23.42 10.83
CA THR E 272 -16.53 -23.39 11.25
C THR E 272 -16.21 -24.42 12.34
N THR E 273 -17.03 -25.48 12.44
CA THR E 273 -17.03 -26.35 13.63
C THR E 273 -16.05 -27.51 13.62
N GLY E 274 -15.68 -27.98 12.43
CA GLY E 274 -14.95 -29.23 12.29
C GLY E 274 -15.76 -30.49 12.52
N CYS E 275 -17.09 -30.34 12.53
CA CYS E 275 -18.01 -31.37 13.00
C CYS E 275 -19.10 -31.62 11.97
N ILE E 276 -19.59 -32.85 11.91
CA ILE E 276 -20.65 -33.25 10.98
C ILE E 276 -22.03 -32.69 11.36
N ASP E 277 -22.94 -32.67 10.39
CA ASP E 277 -24.37 -32.41 10.62
C ASP E 277 -24.70 -31.06 11.27
N ILE E 278 -24.17 -29.99 10.70
CA ILE E 278 -24.39 -28.63 11.23
C ILE E 278 -25.56 -27.95 10.54
N ILE E 279 -25.58 -28.00 9.22
CA ILE E 279 -26.71 -27.50 8.44
C ILE E 279 -27.35 -28.64 7.65
N LEU E 280 -28.64 -28.84 7.89
CA LEU E 280 -29.37 -30.03 7.51
C LEU E 280 -30.61 -29.62 6.75
N GLY E 281 -31.31 -30.61 6.20
CA GLY E 281 -32.55 -30.41 5.44
C GLY E 281 -33.55 -29.54 6.16
N ARG E 282 -33.82 -29.89 7.42
CA ARG E 282 -34.79 -29.15 8.23
C ARG E 282 -34.40 -27.68 8.44
N HIS E 283 -33.11 -27.39 8.43
CA HIS E 283 -32.62 -26.00 8.50
C HIS E 283 -32.83 -25.29 7.16
N PHE E 284 -32.44 -25.94 6.07
CA PHE E 284 -32.66 -25.43 4.70
C PHE E 284 -34.13 -25.06 4.44
N GLU E 285 -35.06 -25.90 4.90
CA GLU E 285 -36.49 -25.68 4.65
C GLU E 285 -37.09 -24.44 5.34
N GLN E 286 -36.42 -23.92 6.39
CA GLN E 286 -36.82 -22.74 7.14
CA GLN E 286 -36.93 -22.70 7.06
C GLN E 286 -36.16 -21.43 6.67
N MET E 287 -35.14 -21.56 5.82
CA MET E 287 -34.30 -20.43 5.44
C MET E 287 -35.01 -19.42 4.57
N LYS E 288 -34.57 -18.17 4.67
CA LYS E 288 -35.08 -17.09 3.85
C LYS E 288 -34.63 -17.27 2.41
N ASP E 289 -35.38 -16.67 1.50
CA ASP E 289 -35.12 -16.78 0.08
C ASP E 289 -33.73 -16.22 -0.24
N ASP E 290 -32.98 -16.99 -1.04
CA ASP E 290 -31.60 -16.68 -1.40
C ASP E 290 -30.61 -16.56 -0.21
N ALA E 291 -30.86 -17.33 0.85
CA ALA E 291 -29.88 -17.43 1.94
C ALA E 291 -28.58 -18.02 1.36
N ILE E 292 -27.46 -17.45 1.74
CA ILE E 292 -26.15 -17.92 1.28
C ILE E 292 -25.59 -18.86 2.36
N VAL E 293 -25.17 -20.04 1.94
CA VAL E 293 -24.66 -21.06 2.86
C VAL E 293 -23.28 -21.48 2.38
N CYS E 294 -22.29 -21.40 3.27
CA CYS E 294 -20.92 -21.75 2.96
C CYS E 294 -20.19 -22.31 4.17
N ASN E 295 -19.09 -23.00 3.90
CA ASN E 295 -18.28 -23.67 4.91
C ASN E 295 -16.85 -23.16 4.80
N ILE E 296 -16.24 -22.92 5.96
CA ILE E 296 -14.82 -22.57 6.03
C ILE E 296 -14.08 -23.45 7.06
N GLY E 297 -14.76 -24.47 7.58
CA GLY E 297 -14.19 -25.31 8.63
C GLY E 297 -13.55 -26.56 8.08
N HIS E 298 -14.23 -27.68 8.23
CA HIS E 298 -13.65 -28.96 7.88
C HIS E 298 -14.18 -29.48 6.55
N PHE E 299 -13.25 -29.69 5.63
CA PHE E 299 -13.51 -30.25 4.30
C PHE E 299 -14.94 -30.01 3.81
N ASP E 300 -15.82 -31.02 3.78
CA ASP E 300 -17.18 -30.88 3.21
C ASP E 300 -18.31 -31.55 4.02
N VAL E 301 -18.03 -31.84 5.28
CA VAL E 301 -18.91 -32.66 6.11
C VAL E 301 -20.00 -31.85 6.84
N GLU E 302 -19.79 -30.54 6.97
CA GLU E 302 -20.56 -29.70 7.90
C GLU E 302 -21.95 -29.35 7.38
N ILE E 303 -22.04 -29.08 6.08
CA ILE E 303 -23.31 -28.80 5.41
C ILE E 303 -23.80 -30.04 4.69
N ASP E 304 -25.07 -30.42 4.90
CA ASP E 304 -25.65 -31.57 4.22
C ASP E 304 -25.98 -31.21 2.76
N VAL E 305 -24.94 -31.22 1.93
CA VAL E 305 -25.05 -30.90 0.51
C VAL E 305 -25.85 -31.97 -0.25
N LYS E 306 -25.62 -33.22 0.10
CA LYS E 306 -26.37 -34.35 -0.47
C LYS E 306 -27.88 -34.11 -0.40
N TRP E 307 -28.36 -33.53 0.71
CA TRP E 307 -29.78 -33.25 0.88
C TRP E 307 -30.34 -32.30 -0.18
N LEU E 308 -29.58 -31.24 -0.47
CA LEU E 308 -29.97 -30.24 -1.48
C LEU E 308 -30.05 -30.84 -2.87
N ASN E 309 -29.04 -31.61 -3.24
CA ASN E 309 -29.02 -32.32 -4.51
C ASN E 309 -30.24 -33.24 -4.63
N GLU E 310 -30.53 -33.98 -3.56
CA GLU E 310 -31.60 -34.99 -3.57
C GLU E 310 -33.01 -34.45 -3.38
N ASN E 311 -33.18 -33.27 -2.79
CA ASN E 311 -34.52 -32.73 -2.46
C ASN E 311 -34.96 -31.45 -3.18
N ALA E 312 -34.04 -30.73 -3.81
CA ALA E 312 -34.38 -29.51 -4.55
C ALA E 312 -35.06 -29.82 -5.88
N VAL E 313 -35.86 -28.87 -6.37
CA VAL E 313 -36.55 -29.00 -7.66
C VAL E 313 -35.73 -28.39 -8.81
N GLU E 314 -34.94 -27.36 -8.51
CA GLU E 314 -33.97 -26.81 -9.47
C GLU E 314 -32.60 -26.76 -8.86
N LYS E 315 -31.58 -27.10 -9.65
CA LYS E 315 -30.17 -26.80 -9.36
C LYS E 315 -29.58 -26.06 -10.55
N VAL E 316 -29.18 -24.81 -10.33
CA VAL E 316 -28.66 -23.95 -11.38
C VAL E 316 -27.27 -23.47 -11.00
N ASN E 317 -26.29 -23.75 -11.85
CA ASN E 317 -24.94 -23.20 -11.71
C ASN E 317 -24.97 -21.72 -12.12
N ILE E 318 -24.43 -20.85 -11.26
CA ILE E 318 -24.38 -19.41 -11.52
C ILE E 318 -23.04 -19.02 -12.14
N LYS E 319 -21.97 -19.47 -11.50
CA LYS E 319 -20.59 -19.35 -12.00
C LYS E 319 -19.81 -20.44 -11.26
N PRO E 320 -18.51 -20.64 -11.58
CA PRO E 320 -17.79 -21.72 -10.90
C PRO E 320 -17.86 -21.65 -9.37
N GLN E 321 -18.16 -22.79 -8.75
CA GLN E 321 -18.28 -22.91 -7.29
C GLN E 321 -19.42 -22.09 -6.66
N VAL E 322 -20.45 -21.79 -7.45
CA VAL E 322 -21.65 -21.06 -6.98
C VAL E 322 -22.90 -21.69 -7.60
N ASP E 323 -23.69 -22.36 -6.75
CA ASP E 323 -24.90 -23.07 -7.18
C ASP E 323 -26.12 -22.54 -6.46
N ARG E 324 -27.19 -22.37 -7.22
CA ARG E 324 -28.46 -21.84 -6.70
C ARG E 324 -29.56 -22.90 -6.83
N TYR E 325 -29.96 -23.45 -5.68
CA TYR E 325 -30.98 -24.49 -5.62
C TYR E 325 -32.33 -23.89 -5.30
N ARG E 326 -33.37 -24.31 -6.02
CA ARG E 326 -34.75 -23.99 -5.69
C ARG E 326 -35.38 -25.18 -4.97
N LEU E 327 -36.10 -24.91 -3.89
CA LEU E 327 -36.70 -25.98 -3.06
C LEU E 327 -38.19 -26.15 -3.33
N LYS E 328 -38.76 -27.24 -2.79
CA LYS E 328 -40.19 -27.54 -2.95
C LYS E 328 -41.11 -26.40 -2.45
N ASN E 329 -40.66 -25.67 -1.43
CA ASN E 329 -41.41 -24.51 -0.89
C ASN E 329 -41.34 -23.23 -1.73
N GLY E 330 -40.57 -23.25 -2.82
CA GLY E 330 -40.43 -22.11 -3.74
C GLY E 330 -39.24 -21.18 -3.48
N ARG E 331 -38.59 -21.34 -2.33
CA ARG E 331 -37.46 -20.49 -1.95
C ARG E 331 -36.12 -21.07 -2.42
N ARG E 332 -35.13 -20.19 -2.52
CA ARG E 332 -33.82 -20.53 -3.07
C ARG E 332 -32.72 -20.55 -1.99
N ILE E 333 -31.76 -21.45 -2.17
CA ILE E 333 -30.54 -21.50 -1.38
C ILE E 333 -29.40 -21.26 -2.36
N ILE E 334 -28.45 -20.42 -1.96
CA ILE E 334 -27.18 -20.26 -2.69
C ILE E 334 -26.08 -20.98 -1.91
N LEU E 335 -25.57 -22.08 -2.48
CA LEU E 335 -24.47 -22.84 -1.88
C LEU E 335 -23.16 -22.44 -2.55
N LEU E 336 -22.12 -22.24 -1.74
CA LEU E 336 -20.79 -21.88 -2.24
C LEU E 336 -19.84 -23.07 -2.12
N ALA E 337 -18.96 -23.19 -3.11
CA ALA E 337 -17.90 -24.22 -3.17
C ALA E 337 -18.36 -25.66 -2.92
N GLU E 338 -19.63 -25.94 -3.21
CA GLU E 338 -20.24 -27.26 -3.02
C GLU E 338 -20.08 -27.78 -1.58
N GLY E 339 -20.12 -26.87 -0.61
CA GLY E 339 -19.91 -27.20 0.80
C GLY E 339 -18.46 -27.30 1.26
N ARG E 340 -17.51 -27.18 0.34
CA ARG E 340 -16.09 -27.22 0.67
C ARG E 340 -15.62 -25.86 1.20
N LEU E 341 -14.32 -25.73 1.47
CA LEU E 341 -13.76 -24.51 2.05
C LEU E 341 -13.92 -23.34 1.08
N VAL E 342 -14.78 -22.40 1.48
CA VAL E 342 -15.12 -21.22 0.67
C VAL E 342 -13.92 -20.29 0.39
N ASN E 343 -13.01 -20.19 1.36
CA ASN E 343 -11.81 -19.35 1.18
C ASN E 343 -10.82 -19.91 0.16
N LEU E 344 -10.85 -21.20 -0.09
CA LEU E 344 -10.02 -21.81 -1.15
C LEU E 344 -10.79 -22.06 -2.46
N GLY E 345 -12.09 -22.31 -2.35
CA GLY E 345 -12.93 -22.58 -3.52
C GLY E 345 -13.40 -21.34 -4.26
N CYS E 346 -13.70 -20.28 -3.52
CA CYS E 346 -14.19 -19.02 -4.10
C CYS E 346 -13.22 -17.85 -4.04
N ALA E 347 -12.03 -18.09 -3.47
CA ALA E 347 -10.99 -17.07 -3.33
C ALA E 347 -9.60 -17.73 -3.41
N MET E 348 -8.55 -17.01 -3.01
CA MET E 348 -7.17 -17.48 -3.12
C MET E 348 -6.57 -18.07 -1.84
N GLY E 349 -7.41 -18.42 -0.87
CA GLY E 349 -6.94 -18.95 0.40
C GLY E 349 -6.35 -17.85 1.25
N HIS E 350 -5.35 -18.19 2.05
CA HIS E 350 -4.73 -17.22 2.94
C HIS E 350 -3.79 -16.26 2.20
N PRO E 351 -3.64 -15.03 2.71
CA PRO E 351 -2.57 -14.14 2.24
C PRO E 351 -1.17 -14.65 2.53
N SER E 352 -0.20 -14.09 1.82
CA SER E 352 1.19 -14.50 1.94
C SER E 352 1.74 -14.31 3.37
N PHE E 353 1.33 -13.23 4.03
CA PHE E 353 1.78 -12.92 5.37
C PHE E 353 1.40 -13.97 6.42
N VAL E 354 0.21 -14.55 6.26
CA VAL E 354 -0.20 -15.70 7.08
C VAL E 354 0.73 -16.89 6.86
N MET E 355 0.94 -17.24 5.60
CA MET E 355 1.78 -18.41 5.24
C MET E 355 3.22 -18.26 5.75
N SER E 356 3.71 -17.02 5.80
CA SER E 356 5.02 -16.70 6.35
C SER E 356 5.17 -17.15 7.80
N ASN E 357 4.12 -16.96 8.60
CA ASN E 357 4.14 -17.38 10.01
C ASN E 357 4.17 -18.89 10.15
N SER E 358 3.33 -19.57 9.37
CA SER E 358 3.31 -21.03 9.34
C SER E 358 4.65 -21.63 8.88
N PHE E 359 5.15 -21.15 7.73
CA PHE E 359 6.38 -21.72 7.15
C PHE E 359 7.66 -21.36 7.90
N THR E 360 7.67 -20.19 8.56
CA THR E 360 8.76 -19.83 9.46
C THR E 360 8.82 -20.82 10.63
N ASN E 361 7.65 -21.21 11.15
CA ASN E 361 7.56 -22.30 12.15
C ASN E 361 8.19 -23.61 11.66
N GLN E 362 7.94 -23.96 10.40
CA GLN E 362 8.55 -25.14 9.76
C GLN E 362 10.07 -25.07 9.69
N VAL E 363 10.58 -23.90 9.31
CA VAL E 363 12.02 -23.69 9.22
C VAL E 363 12.69 -23.83 10.59
N MET E 364 12.07 -23.26 11.61
CA MET E 364 12.54 -23.38 13.01
C MET E 364 12.66 -24.83 13.46
N ALA E 365 11.61 -25.59 13.17
CA ALA E 365 11.54 -27.02 13.53
C ALA E 365 12.64 -27.84 12.86
N GLN E 366 12.87 -27.58 11.57
CA GLN E 366 13.94 -28.24 10.81
C GLN E 366 15.32 -28.00 11.41
N ILE E 367 15.64 -26.73 11.66
CA ILE E 367 16.91 -26.35 12.29
C ILE E 367 17.05 -27.00 13.67
N GLU E 368 16.02 -26.87 14.50
CA GLU E 368 16.02 -27.44 15.85
C GLU E 368 16.30 -28.95 15.91
N LEU E 369 15.63 -29.73 15.06
CA LEU E 369 15.83 -31.19 14.98
C LEU E 369 17.19 -31.59 14.43
N TRP E 370 17.59 -30.91 13.35
CA TRP E 370 18.84 -31.17 12.66
C TRP E 370 20.07 -30.74 13.48
N THR E 371 20.02 -29.54 14.06
CA THR E 371 21.14 -28.99 14.83
C THR E 371 21.28 -29.63 16.23
N HIS E 372 20.19 -30.16 16.77
CA HIS E 372 20.20 -30.82 18.08
C HIS E 372 19.63 -32.25 17.99
N PRO E 373 20.47 -33.22 17.55
CA PRO E 373 20.00 -34.60 17.31
C PRO E 373 19.59 -35.37 18.57
N ASP E 374 20.42 -35.30 19.62
CA ASP E 374 20.21 -36.03 20.86
C ASP E 374 19.44 -35.23 21.93
N LYS E 375 18.62 -34.27 21.48
CA LYS E 375 17.77 -33.45 22.34
C LYS E 375 16.28 -33.86 22.31
N TYR E 376 15.88 -34.64 21.30
CA TYR E 376 14.51 -35.12 21.14
C TYR E 376 14.48 -36.63 20.93
N PRO E 377 13.99 -37.39 21.92
CA PRO E 377 13.75 -38.82 21.67
C PRO E 377 12.52 -39.03 20.82
N VAL E 378 12.40 -40.24 20.26
CA VAL E 378 11.25 -40.59 19.40
C VAL E 378 9.96 -40.30 20.16
N GLY E 379 9.07 -39.56 19.52
CA GLY E 379 7.90 -38.98 20.17
C GLY E 379 7.50 -37.68 19.51
N VAL E 380 6.28 -37.23 19.82
CA VAL E 380 5.72 -35.99 19.27
C VAL E 380 5.96 -34.87 20.27
N HIS E 381 6.60 -33.79 19.80
CA HIS E 381 7.01 -32.67 20.65
C HIS E 381 6.45 -31.35 20.13
N PHE E 382 6.00 -30.49 21.05
CA PHE E 382 5.64 -29.12 20.71
C PHE E 382 6.91 -28.34 20.39
N LEU E 383 6.77 -27.33 19.54
CA LEU E 383 7.87 -26.41 19.27
C LEU E 383 8.14 -25.64 20.56
N PRO E 384 9.42 -25.54 20.98
CA PRO E 384 9.74 -24.70 22.13
C PRO E 384 9.23 -23.25 21.97
N LYS E 385 8.76 -22.69 23.07
CA LYS E 385 8.18 -21.36 23.10
C LYS E 385 9.13 -20.28 22.59
N LYS E 386 10.40 -20.39 22.97
CA LYS E 386 11.42 -19.43 22.54
C LYS E 386 11.49 -19.31 21.01
N LEU E 387 11.36 -20.45 20.31
CA LEU E 387 11.33 -20.47 18.85
C LEU E 387 10.01 -19.89 18.31
N ASP E 388 8.91 -20.21 18.99
CA ASP E 388 7.60 -19.63 18.67
C ASP E 388 7.60 -18.10 18.77
N GLU E 389 8.16 -17.59 19.87
CA GLU E 389 8.40 -16.16 20.05
C GLU E 389 9.29 -15.60 18.94
N ALA E 390 10.35 -16.32 18.61
CA ALA E 390 11.27 -15.92 17.52
C ALA E 390 10.54 -15.72 16.19
N VAL E 391 9.58 -16.61 15.90
CA VAL E 391 8.76 -16.50 14.68
C VAL E 391 8.03 -15.16 14.64
N ALA E 392 7.39 -14.83 15.76
CA ALA E 392 6.70 -13.55 15.91
C ALA E 392 7.66 -12.36 15.73
N GLU E 393 8.79 -12.43 16.44
CA GLU E 393 9.85 -11.40 16.38
CA GLU E 393 9.82 -11.37 16.38
C GLU E 393 10.27 -11.10 14.94
N ALA E 394 10.47 -12.15 14.16
CA ALA E 394 10.87 -12.05 12.75
C ALA E 394 9.94 -11.18 11.88
N HIS E 395 8.66 -11.17 12.23
CA HIS E 395 7.63 -10.40 11.49
C HIS E 395 7.37 -8.99 12.00
N LEU E 396 7.98 -8.60 13.12
CA LEU E 396 7.67 -7.30 13.74
C LEU E 396 8.18 -6.11 12.94
N GLY E 397 9.36 -6.25 12.33
CA GLY E 397 9.94 -5.20 11.48
C GLY E 397 8.99 -4.73 10.39
N LYS E 398 8.51 -5.70 9.61
CA LYS E 398 7.51 -5.46 8.56
C LYS E 398 6.22 -4.82 9.09
N LEU E 399 5.82 -5.18 10.32
CA LEU E 399 4.64 -4.62 10.99
C LEU E 399 4.81 -3.25 11.65
N ASN E 400 5.98 -2.62 11.47
CA ASN E 400 6.24 -1.27 12.02
C ASN E 400 6.22 -1.27 13.55
N VAL E 401 6.73 -2.35 14.15
CA VAL E 401 6.67 -2.56 15.59
C VAL E 401 8.06 -2.41 16.21
N LYS E 402 8.16 -1.52 17.19
CA LYS E 402 9.36 -1.42 18.03
C LYS E 402 9.15 -2.16 19.34
N LEU E 403 9.90 -3.25 19.53
CA LEU E 403 9.79 -4.08 20.71
C LEU E 403 10.65 -3.49 21.81
N THR E 404 10.11 -3.43 23.03
CA THR E 404 10.87 -3.00 24.21
C THR E 404 11.71 -4.17 24.74
N LYS E 405 12.92 -3.86 25.21
CA LYS E 405 13.80 -4.85 25.83
C LYS E 405 13.75 -4.67 27.34
N LEU E 406 13.64 -5.78 28.06
CA LEU E 406 13.74 -5.74 29.52
C LEU E 406 15.15 -5.32 29.92
N THR E 407 15.25 -4.50 30.95
CA THR E 407 16.53 -4.18 31.57
C THR E 407 16.94 -5.37 32.42
N GLU E 408 18.25 -5.50 32.71
CA GLU E 408 18.74 -6.60 33.55
C GLU E 408 17.99 -6.66 34.89
N LYS E 409 17.70 -5.49 35.45
CA LYS E 409 16.94 -5.36 36.70
C LYS E 409 15.48 -5.85 36.61
N GLN E 410 14.81 -5.55 35.49
CA GLN E 410 13.42 -5.97 35.26
C GLN E 410 13.30 -7.49 35.09
N ALA E 411 14.25 -8.07 34.36
CA ALA E 411 14.35 -9.52 34.19
C ALA E 411 14.48 -10.24 35.53
N GLN E 412 15.31 -9.68 36.41
CA GLN E 412 15.60 -10.28 37.73
C GLN E 412 14.35 -10.24 38.62
N TYR E 413 13.64 -9.12 38.58
CA TYR E 413 12.35 -8.96 39.24
C TYR E 413 11.28 -9.93 38.73
N LEU E 414 11.22 -10.12 37.41
CA LEU E 414 10.25 -11.03 36.79
C LEU E 414 10.66 -12.52 36.81
N GLY E 415 11.91 -12.81 37.18
CA GLY E 415 12.40 -14.19 37.27
C GLY E 415 12.46 -14.91 35.92
N MET E 416 12.74 -14.15 34.87
CA MET E 416 12.90 -14.68 33.52
C MET E 416 14.12 -14.07 32.87
N SER E 417 14.58 -14.69 31.79
CA SER E 417 15.70 -14.20 31.00
C SER E 417 15.18 -13.09 30.09
N CYS E 418 15.98 -12.05 29.91
CA CYS E 418 15.63 -10.93 29.00
C CYS E 418 15.53 -11.34 27.52
N ASP E 419 16.08 -12.50 27.17
CA ASP E 419 15.95 -13.08 25.82
C ASP E 419 14.76 -14.02 25.61
N GLY E 420 14.06 -14.38 26.70
CA GLY E 420 12.91 -15.29 26.66
C GLY E 420 13.19 -16.67 27.25
N PRO E 421 12.18 -17.52 27.39
CA PRO E 421 10.79 -17.18 27.07
C PRO E 421 10.14 -16.35 28.16
N PHE E 422 9.15 -15.55 27.75
CA PHE E 422 8.52 -14.59 28.65
C PHE E 422 7.21 -15.11 29.25
N LYS E 423 6.79 -16.30 28.85
CA LYS E 423 5.53 -16.88 29.32
C LYS E 423 5.66 -18.36 29.71
N PRO E 424 4.88 -18.80 30.70
CA PRO E 424 4.84 -20.23 31.04
C PRO E 424 4.11 -21.04 29.97
N ASP E 425 4.37 -22.34 29.90
CA ASP E 425 3.84 -23.22 28.82
C ASP E 425 2.31 -23.28 28.74
N HIS E 426 1.64 -23.11 29.88
CA HIS E 426 0.18 -23.09 29.95
C HIS E 426 -0.48 -21.73 29.59
N TYR E 427 0.34 -20.71 29.27
CA TYR E 427 -0.19 -19.36 28.96
C TYR E 427 -0.95 -19.34 27.64
N ARG E 428 -2.14 -18.75 27.69
CA ARG E 428 -3.12 -18.84 26.62
C ARG E 428 -3.16 -17.67 25.62
N TYR E 429 -2.53 -16.55 25.98
CA TYR E 429 -2.45 -15.36 25.11
C TYR E 429 -3.83 -14.79 24.78
N LEU F 2 -15.96 -15.21 71.52
CA LEU F 2 -16.44 -14.15 70.57
C LEU F 2 -17.02 -14.77 69.28
N PRO F 3 -18.33 -14.58 69.01
CA PRO F 3 -18.95 -15.18 67.83
C PRO F 3 -18.60 -14.48 66.51
N TYR F 4 -18.36 -13.18 66.56
CA TYR F 4 -18.01 -12.38 65.38
C TYR F 4 -17.45 -11.03 65.85
N LYS F 5 -16.65 -10.38 65.00
CA LYS F 5 -16.24 -8.99 65.24
C LYS F 5 -16.34 -8.18 63.94
N VAL F 6 -17.28 -7.24 63.94
CA VAL F 6 -17.60 -6.38 62.80
C VAL F 6 -17.68 -4.96 63.37
N ALA F 7 -17.47 -3.97 62.50
CA ALA F 7 -17.50 -2.54 62.89
C ALA F 7 -18.84 -2.09 63.48
N ASP F 8 -19.93 -2.48 62.81
CA ASP F 8 -21.27 -2.09 63.21
C ASP F 8 -22.31 -3.08 62.63
N ILE F 9 -22.94 -3.86 63.52
CA ILE F 9 -23.99 -4.82 63.11
C ILE F 9 -25.28 -4.16 62.59
N GLY F 10 -25.51 -2.89 62.95
CA GLY F 10 -26.66 -2.11 62.48
C GLY F 10 -26.70 -1.72 61.01
N LEU F 11 -25.61 -1.97 60.27
CA LEU F 11 -25.56 -1.80 58.81
C LEU F 11 -26.04 -3.05 58.02
N ALA F 12 -26.63 -4.05 58.69
CA ALA F 12 -26.98 -5.35 58.08
C ALA F 12 -28.23 -5.33 57.19
N ALA F 13 -29.15 -4.39 57.44
CA ALA F 13 -30.32 -4.18 56.57
C ALA F 13 -29.92 -3.61 55.21
N TRP F 14 -28.97 -2.67 55.24
CA TRP F 14 -28.29 -2.12 54.06
C TRP F 14 -27.48 -3.20 53.31
N GLY F 15 -26.74 -4.00 54.06
CA GLY F 15 -25.96 -5.12 53.52
C GLY F 15 -26.77 -6.18 52.81
N ARG F 16 -27.86 -6.61 53.46
CA ARG F 16 -28.84 -7.55 52.89
C ARG F 16 -29.45 -7.03 51.57
N LYS F 17 -29.74 -5.74 51.53
CA LYS F 17 -30.24 -5.04 50.34
C LYS F 17 -29.26 -5.08 49.16
N ALA F 18 -27.97 -4.82 49.45
CA ALA F 18 -26.90 -4.94 48.45
C ALA F 18 -26.71 -6.40 48.03
N LEU F 19 -26.62 -7.28 49.03
CA LEU F 19 -26.60 -8.74 48.82
C LEU F 19 -27.68 -9.24 47.85
N ASP F 20 -28.90 -8.73 48.02
CA ASP F 20 -30.02 -9.13 47.17
C ASP F 20 -29.82 -8.68 45.71
N ILE F 21 -29.24 -7.51 45.52
CA ILE F 21 -28.89 -7.00 44.17
C ILE F 21 -27.76 -7.83 43.55
N ALA F 22 -26.71 -8.10 44.33
CA ALA F 22 -25.56 -8.87 43.86
C ALA F 22 -25.94 -10.29 43.42
N GLU F 23 -26.83 -10.94 44.18
CA GLU F 23 -27.30 -12.30 43.88
C GLU F 23 -27.79 -12.45 42.45
N ASN F 24 -28.59 -11.49 42.01
CA ASN F 24 -29.10 -11.48 40.64
C ASN F 24 -28.06 -11.28 39.55
N GLU F 25 -26.90 -10.74 39.91
CA GLU F 25 -25.73 -10.62 39.00
C GLU F 25 -24.67 -11.72 39.20
N MET F 26 -24.94 -12.69 40.08
CA MET F 26 -24.02 -13.79 40.33
C MET F 26 -24.73 -15.12 40.09
N PRO F 27 -25.13 -15.39 38.82
CA PRO F 27 -25.88 -16.60 38.52
C PRO F 27 -25.09 -17.90 38.75
N GLY F 28 -23.77 -17.83 38.64
CA GLY F 28 -22.90 -18.96 38.97
C GLY F 28 -23.14 -19.48 40.38
N LEU F 29 -23.17 -18.58 41.34
CA LEU F 29 -23.39 -18.96 42.75
C LEU F 29 -24.84 -19.30 43.06
N MET F 30 -25.78 -18.64 42.40
CA MET F 30 -27.21 -18.97 42.51
C MET F 30 -27.58 -20.28 41.81
N ARG F 31 -26.82 -20.66 40.79
CA ARG F 31 -26.98 -21.96 40.12
C ARG F 31 -26.42 -23.11 40.98
N MET F 32 -25.34 -22.84 41.73
CA MET F 32 -24.81 -23.80 42.69
C MET F 32 -25.78 -24.03 43.85
N ARG F 33 -26.45 -22.95 44.28
CA ARG F 33 -27.58 -23.04 45.22
C ARG F 33 -28.77 -23.83 44.66
N GLU F 34 -29.07 -23.65 43.38
CA GLU F 34 -30.16 -24.41 42.73
C GLU F 34 -29.87 -25.93 42.63
N ARG F 35 -28.68 -26.29 42.19
CA ARG F 35 -28.31 -27.71 41.97
C ARG F 35 -28.11 -28.49 43.26
N TYR F 36 -27.35 -27.90 44.19
CA TYR F 36 -26.76 -28.64 45.31
C TYR F 36 -27.38 -28.37 46.70
N SER F 37 -28.40 -27.50 46.77
CA SER F 37 -29.04 -27.17 48.06
C SER F 37 -29.78 -28.35 48.70
N ALA F 38 -30.27 -29.27 47.88
CA ALA F 38 -30.94 -30.49 48.36
C ALA F 38 -29.93 -31.58 48.74
N SER F 39 -28.95 -31.81 47.88
CA SER F 39 -27.95 -32.89 48.05
C SER F 39 -26.91 -32.63 49.17
N LYS F 40 -26.65 -31.37 49.47
CA LYS F 40 -25.73 -30.96 50.56
C LYS F 40 -24.33 -31.58 50.41
N PRO F 41 -23.59 -31.24 49.33
CA PRO F 41 -22.29 -31.89 49.08
C PRO F 41 -21.18 -31.49 50.05
N LEU F 42 -21.23 -30.26 50.56
CA LEU F 42 -20.29 -29.78 51.58
C LEU F 42 -20.72 -30.10 53.03
N LYS F 43 -21.74 -30.96 53.19
CA LYS F 43 -22.15 -31.56 54.48
C LYS F 43 -20.96 -32.13 55.24
N GLY F 44 -20.72 -31.58 56.44
CA GLY F 44 -19.57 -31.94 57.27
C GLY F 44 -18.39 -30.99 57.18
N ALA F 45 -18.29 -30.24 56.07
CA ALA F 45 -17.13 -29.39 55.79
C ALA F 45 -17.07 -28.17 56.71
N ARG F 46 -15.95 -28.05 57.43
CA ARG F 46 -15.66 -26.88 58.25
C ARG F 46 -14.67 -26.01 57.46
N ILE F 47 -15.23 -25.10 56.67
CA ILE F 47 -14.45 -24.23 55.77
C ILE F 47 -14.02 -22.94 56.47
N ALA F 48 -12.70 -22.71 56.55
CA ALA F 48 -12.14 -21.40 56.91
C ALA F 48 -11.73 -20.64 55.63
N GLY F 49 -12.44 -19.55 55.35
CA GLY F 49 -12.14 -18.69 54.20
C GLY F 49 -11.41 -17.40 54.58
N CYS F 50 -10.33 -17.11 53.87
CA CYS F 50 -9.63 -15.81 53.96
C CYS F 50 -9.72 -15.10 52.61
N LEU F 51 -10.63 -14.13 52.54
CA LEU F 51 -10.92 -13.44 51.29
C LEU F 51 -11.69 -12.17 51.58
N HIS F 52 -11.33 -11.09 50.87
CA HIS F 52 -12.00 -9.79 50.97
C HIS F 52 -13.48 -9.93 51.31
N MET F 53 -13.88 -9.28 52.40
CA MET F 53 -15.24 -9.39 52.91
C MET F 53 -16.14 -8.33 52.25
N THR F 54 -16.49 -8.61 51.01
CA THR F 54 -17.32 -7.74 50.19
C THR F 54 -18.72 -8.32 50.07
N VAL F 55 -19.61 -7.54 49.46
CA VAL F 55 -20.97 -7.98 49.12
C VAL F 55 -20.90 -9.26 48.25
N GLU F 56 -19.94 -9.27 47.33
CA GLU F 56 -19.75 -10.37 46.38
C GLU F 56 -19.36 -11.65 47.12
N THR F 57 -18.35 -11.52 47.96
CA THR F 57 -17.86 -12.61 48.80
C THR F 57 -18.95 -13.13 49.74
N ALA F 58 -19.77 -12.21 50.26
CA ALA F 58 -20.91 -12.56 51.12
C ALA F 58 -21.90 -13.52 50.45
N VAL F 59 -22.05 -13.43 49.14
CA VAL F 59 -22.85 -14.38 48.37
C VAL F 59 -22.15 -15.73 48.32
N LEU F 60 -20.83 -15.73 48.05
CA LEU F 60 -20.02 -16.95 48.05
C LEU F 60 -20.17 -17.68 49.37
N ILE F 61 -20.13 -16.93 50.48
CA ILE F 61 -20.28 -17.46 51.84
C ILE F 61 -21.62 -18.17 52.04
N GLU F 62 -22.71 -17.44 51.78
CA GLU F 62 -24.07 -17.99 51.92
C GLU F 62 -24.40 -19.11 50.91
N THR F 63 -23.68 -19.17 49.79
CA THR F 63 -23.73 -20.32 48.87
C THR F 63 -23.09 -21.57 49.48
N LEU F 64 -21.94 -21.41 50.12
CA LEU F 64 -21.25 -22.51 50.82
C LEU F 64 -22.08 -23.07 51.99
N VAL F 65 -22.73 -22.18 52.73
CA VAL F 65 -23.66 -22.55 53.80
C VAL F 65 -24.86 -23.33 53.24
N THR F 66 -25.45 -22.80 52.17
CA THR F 66 -26.56 -23.46 51.46
C THR F 66 -26.21 -24.89 50.99
N LEU F 67 -24.95 -25.10 50.61
CA LEU F 67 -24.43 -26.43 50.26
C LEU F 67 -24.09 -27.34 51.46
N GLY F 68 -24.41 -26.90 52.68
CA GLY F 68 -24.23 -27.69 53.90
C GLY F 68 -22.85 -27.60 54.54
N ALA F 69 -22.30 -26.40 54.61
CA ALA F 69 -20.99 -26.20 55.20
C ALA F 69 -21.12 -25.29 56.40
N GLU F 70 -20.17 -25.44 57.31
CA GLU F 70 -19.96 -24.46 58.37
C GLU F 70 -18.79 -23.65 57.86
N VAL F 71 -18.94 -22.33 57.91
CA VAL F 71 -17.94 -21.41 57.37
C VAL F 71 -17.60 -20.35 58.41
N GLN F 72 -16.30 -20.15 58.62
CA GLN F 72 -15.77 -19.06 59.44
C GLN F 72 -14.89 -18.22 58.55
N TRP F 73 -15.01 -16.90 58.66
CA TRP F 73 -14.46 -16.02 57.65
C TRP F 73 -13.65 -14.86 58.20
N SER F 74 -12.63 -14.47 57.42
CA SER F 74 -11.88 -13.24 57.61
C SER F 74 -11.55 -12.64 56.22
N SER F 75 -11.13 -11.38 56.22
CA SER F 75 -10.69 -10.74 54.98
C SER F 75 -9.21 -11.06 54.72
N CYS F 76 -8.78 -10.89 53.47
CA CYS F 76 -7.37 -11.08 53.06
C CYS F 76 -6.65 -9.74 52.86
N ASN F 77 -7.35 -8.64 53.16
CA ASN F 77 -6.80 -7.29 53.06
C ASN F 77 -7.47 -6.43 54.12
N ILE F 78 -6.67 -5.57 54.75
CA ILE F 78 -7.10 -4.71 55.87
C ILE F 78 -8.18 -3.66 55.52
N PHE F 79 -8.21 -3.20 54.27
CA PHE F 79 -9.13 -2.14 53.81
C PHE F 79 -10.30 -2.59 52.93
N SER F 80 -10.25 -3.82 52.40
CA SER F 80 -11.21 -4.27 51.38
C SER F 80 -12.60 -4.65 51.86
N THR F 81 -12.76 -4.89 53.17
CA THR F 81 -14.06 -5.20 53.75
C THR F 81 -15.07 -4.07 53.50
N GLN F 82 -16.26 -4.46 53.04
CA GLN F 82 -17.42 -3.59 53.05
C GLN F 82 -18.19 -3.92 54.33
N ASP F 83 -18.09 -3.04 55.32
CA ASP F 83 -18.62 -3.27 56.68
C ASP F 83 -20.09 -3.67 56.70
N HIS F 84 -20.89 -2.99 55.89
CA HIS F 84 -22.32 -3.33 55.74
C HIS F 84 -22.54 -4.77 55.24
N ALA F 85 -21.68 -5.26 54.36
CA ALA F 85 -21.70 -6.67 53.91
C ALA F 85 -21.27 -7.63 55.03
N ALA F 86 -20.28 -7.23 55.82
CA ALA F 86 -19.80 -8.04 56.95
C ALA F 86 -20.85 -8.17 58.06
N ALA F 87 -21.68 -7.13 58.20
CA ALA F 87 -22.77 -7.11 59.18
C ALA F 87 -23.93 -8.03 58.80
N ALA F 88 -24.23 -8.11 57.51
CA ALA F 88 -25.24 -9.04 56.99
C ALA F 88 -24.86 -10.51 57.23
N ILE F 89 -23.60 -10.85 56.96
CA ILE F 89 -23.04 -12.19 57.24
C ILE F 89 -22.98 -12.47 58.76
N ALA F 90 -22.66 -11.44 59.55
CA ALA F 90 -22.70 -11.55 61.01
C ALA F 90 -24.12 -11.84 61.57
N LYS F 91 -25.12 -11.12 61.05
CA LYS F 91 -26.53 -11.30 61.46
C LYS F 91 -27.17 -12.62 61.00
N ALA F 92 -26.72 -13.14 59.86
CA ALA F 92 -27.11 -14.50 59.40
C ALA F 92 -26.56 -15.62 60.30
N GLY F 93 -25.73 -15.24 61.28
CA GLY F 93 -25.24 -16.15 62.31
C GLY F 93 -23.97 -16.87 61.91
N ILE F 94 -23.18 -16.26 61.02
CA ILE F 94 -22.00 -16.88 60.45
C ILE F 94 -20.79 -16.16 61.08
N PRO F 95 -19.88 -16.91 61.75
CA PRO F 95 -18.74 -16.23 62.40
C PRO F 95 -17.80 -15.54 61.40
N VAL F 96 -17.94 -14.21 61.30
CA VAL F 96 -17.12 -13.38 60.39
C VAL F 96 -16.38 -12.32 61.20
N TYR F 97 -15.07 -12.27 61.00
CA TYR F 97 -14.17 -11.39 61.74
C TYR F 97 -13.44 -10.51 60.72
N ALA F 98 -13.98 -9.32 60.46
CA ALA F 98 -13.41 -8.41 59.46
C ALA F 98 -14.07 -7.04 59.51
N TRP F 99 -13.27 -5.99 59.34
CA TRP F 99 -13.78 -4.62 59.12
C TRP F 99 -12.83 -3.73 58.33
N LYS F 100 -13.38 -2.63 57.84
CA LYS F 100 -12.65 -1.66 57.03
C LYS F 100 -11.70 -0.86 57.91
N GLY F 101 -10.39 -0.98 57.63
CA GLY F 101 -9.34 -0.25 58.37
C GLY F 101 -8.70 -0.98 59.53
N GLU F 102 -8.48 -2.29 59.38
CA GLU F 102 -7.79 -3.13 60.38
C GLU F 102 -6.30 -2.81 60.51
N THR F 103 -5.76 -3.07 61.70
CA THR F 103 -4.29 -3.07 61.92
C THR F 103 -3.72 -4.44 61.59
N ASP F 104 -2.40 -4.50 61.42
CA ASP F 104 -1.71 -5.74 61.04
C ASP F 104 -1.78 -6.83 62.12
N GLU F 105 -1.84 -6.41 63.38
CA GLU F 105 -2.04 -7.32 64.52
C GLU F 105 -3.49 -7.79 64.62
N GLU F 106 -4.43 -6.89 64.33
CA GLU F 106 -5.86 -7.24 64.19
C GLU F 106 -6.15 -8.18 63.01
N TYR F 107 -5.47 -7.93 61.88
CA TYR F 107 -5.59 -8.75 60.66
C TYR F 107 -5.25 -10.21 60.95
N LEU F 108 -4.09 -10.40 61.58
CA LEU F 108 -3.65 -11.72 62.03
C LEU F 108 -4.69 -12.35 62.96
N TRP F 109 -5.05 -11.60 64.00
CA TRP F 109 -6.05 -12.02 65.01
C TRP F 109 -7.33 -12.57 64.38
N CYS F 110 -7.87 -11.80 63.43
CA CYS F 110 -9.08 -12.17 62.70
C CYS F 110 -8.98 -13.52 61.96
N ILE F 111 -7.81 -13.81 61.38
CA ILE F 111 -7.56 -15.08 60.70
C ILE F 111 -7.46 -16.24 61.71
N GLU F 112 -6.87 -15.97 62.87
CA GLU F 112 -6.74 -16.97 63.96
C GLU F 112 -8.09 -17.38 64.58
N GLN F 113 -9.04 -16.43 64.61
CA GLN F 113 -10.41 -16.72 65.05
C GLN F 113 -11.19 -17.67 64.13
N THR F 114 -10.79 -17.77 62.86
CA THR F 114 -11.44 -18.65 61.88
C THR F 114 -11.01 -20.12 61.95
N LEU F 115 -9.86 -20.40 62.56
CA LEU F 115 -9.31 -21.75 62.58
C LEU F 115 -10.14 -22.76 63.40
N TYR F 116 -10.80 -22.27 64.45
CA TYR F 116 -11.53 -23.11 65.43
C TYR F 116 -13.04 -22.85 65.46
N PHE F 117 -13.81 -23.93 65.29
CA PHE F 117 -15.28 -23.89 65.23
C PHE F 117 -15.84 -24.42 66.57
N LYS F 118 -17.16 -24.65 66.63
CA LYS F 118 -17.79 -25.29 67.79
C LYS F 118 -17.44 -26.78 67.84
N ASP F 119 -17.72 -27.49 66.76
CA ASP F 119 -17.50 -28.94 66.67
C ASP F 119 -16.03 -29.35 66.70
N GLY F 120 -15.14 -28.49 66.20
CA GLY F 120 -13.70 -28.79 66.15
C GLY F 120 -12.91 -27.83 65.29
N PRO F 121 -11.73 -28.26 64.79
CA PRO F 121 -10.93 -27.45 63.85
C PRO F 121 -11.33 -27.62 62.37
N LEU F 122 -10.98 -26.63 61.53
CA LEU F 122 -11.30 -26.62 60.09
C LEU F 122 -10.88 -27.88 59.29
N ASN F 123 -11.69 -28.27 58.30
CA ASN F 123 -11.34 -29.33 57.35
C ASN F 123 -10.79 -28.79 56.03
N MET F 124 -11.13 -27.55 55.71
CA MET F 124 -10.91 -27.01 54.37
C MET F 124 -10.47 -25.55 54.45
N ILE F 125 -9.65 -25.14 53.48
CA ILE F 125 -9.11 -23.78 53.39
C ILE F 125 -9.51 -23.18 52.04
N LEU F 126 -10.28 -22.09 52.09
CA LEU F 126 -10.61 -21.28 50.92
C LEU F 126 -9.81 -19.99 51.06
N ASP F 127 -8.98 -19.67 50.08
CA ASP F 127 -7.92 -18.68 50.28
C ASP F 127 -7.74 -17.73 49.10
N ASP F 128 -7.21 -16.55 49.41
CA ASP F 128 -6.91 -15.51 48.42
C ASP F 128 -5.64 -14.80 48.89
N GLY F 129 -4.53 -15.10 48.23
CA GLY F 129 -3.22 -14.51 48.57
C GLY F 129 -2.33 -15.35 49.47
N GLY F 130 -2.80 -16.55 49.84
CA GLY F 130 -2.00 -17.53 50.57
C GLY F 130 -1.75 -17.32 52.06
N ASP F 131 -2.37 -16.30 52.65
CA ASP F 131 -2.10 -15.92 54.05
C ASP F 131 -2.75 -16.85 55.09
N LEU F 132 -3.89 -17.43 54.76
CA LEU F 132 -4.48 -18.50 55.58
C LEU F 132 -3.63 -19.78 55.47
N THR F 133 -3.25 -20.13 54.23
CA THR F 133 -2.41 -21.31 53.96
C THR F 133 -1.02 -21.21 54.59
N ASN F 134 -0.40 -20.03 54.51
CA ASN F 134 0.91 -19.76 55.14
C ASN F 134 0.88 -19.80 56.67
N LEU F 135 -0.23 -19.38 57.26
CA LEU F 135 -0.38 -19.33 58.72
C LEU F 135 -0.40 -20.72 59.35
N ILE F 136 -1.20 -21.62 58.77
CA ILE F 136 -1.41 -22.96 59.33
C ILE F 136 -0.16 -23.84 59.23
N HIS F 137 0.56 -23.80 58.11
CA HIS F 137 1.74 -24.65 57.92
C HIS F 137 2.89 -24.22 58.85
N THR F 138 3.06 -22.91 59.02
CA THR F 138 4.09 -22.33 59.89
C THR F 138 3.69 -22.38 61.35
N LYS F 139 2.48 -21.89 61.66
CA LYS F 139 2.07 -21.60 63.05
C LYS F 139 1.04 -22.56 63.68
N TYR F 140 0.36 -23.37 62.87
CA TYR F 140 -0.60 -24.38 63.37
C TYR F 140 -0.45 -25.75 62.67
N PRO F 141 0.78 -26.28 62.54
CA PRO F 141 1.00 -27.55 61.82
C PRO F 141 0.31 -28.79 62.43
N GLN F 142 -0.05 -28.70 63.71
CA GLN F 142 -0.96 -29.65 64.37
C GLN F 142 -2.27 -29.92 63.60
N LEU F 143 -2.81 -28.88 62.95
CA LEU F 143 -4.08 -29.00 62.20
C LEU F 143 -3.98 -29.53 60.76
N LEU F 144 -2.76 -29.67 60.24
CA LEU F 144 -2.51 -30.15 58.86
C LEU F 144 -3.16 -31.49 58.46
N PRO F 145 -2.98 -32.56 59.27
CA PRO F 145 -3.58 -33.85 58.90
C PRO F 145 -5.12 -33.85 58.81
N GLY F 146 -5.78 -33.01 59.62
CA GLY F 146 -7.24 -32.89 59.61
C GLY F 146 -7.85 -32.07 58.48
N ILE F 147 -7.01 -31.51 57.61
CA ILE F 147 -7.45 -30.63 56.50
C ILE F 147 -7.39 -31.36 55.16
N ARG F 148 -8.55 -31.54 54.54
CA ARG F 148 -8.69 -32.35 53.31
C ARG F 148 -8.21 -31.64 52.04
N GLY F 149 -8.48 -30.34 51.93
CA GLY F 149 -8.16 -29.59 50.71
C GLY F 149 -8.02 -28.08 50.86
N ILE F 150 -7.30 -27.48 49.92
CA ILE F 150 -7.06 -26.04 49.83
C ILE F 150 -7.53 -25.54 48.46
N SER F 151 -8.31 -24.46 48.43
CA SER F 151 -8.60 -23.70 47.21
C SER F 151 -7.88 -22.36 47.26
N GLU F 152 -7.40 -21.92 46.10
CA GLU F 152 -6.57 -20.72 46.00
C GLU F 152 -6.70 -20.09 44.60
N GLU F 153 -6.93 -18.77 44.57
CA GLU F 153 -7.28 -18.04 43.34
C GLU F 153 -6.43 -16.78 43.06
N THR F 154 -5.15 -16.82 43.43
CA THR F 154 -4.28 -15.63 43.34
C THR F 154 -2.92 -16.03 42.77
N THR F 155 -2.34 -15.17 41.94
CA THR F 155 -1.00 -15.40 41.34
C THR F 155 0.07 -15.49 42.44
N THR F 156 0.08 -14.51 43.33
CA THR F 156 0.85 -14.55 44.60
C THR F 156 0.64 -15.87 45.34
N GLY F 157 -0.62 -16.19 45.60
CA GLY F 157 -1.01 -17.39 46.33
C GLY F 157 -0.64 -18.72 45.67
N VAL F 158 -0.67 -18.77 44.34
CA VAL F 158 -0.33 -19.98 43.58
C VAL F 158 1.19 -20.11 43.40
N HIS F 159 1.89 -19.03 43.09
CA HIS F 159 3.37 -19.02 43.07
C HIS F 159 3.95 -19.51 44.40
N ASN F 160 3.25 -19.16 45.48
CA ASN F 160 3.58 -19.58 46.84
C ASN F 160 3.45 -21.09 47.08
N LEU F 161 2.40 -21.72 46.52
CA LEU F 161 2.20 -23.18 46.63
C LEU F 161 3.31 -24.00 45.94
N TYR F 162 3.77 -23.54 44.78
CA TYR F 162 4.90 -24.17 44.06
C TYR F 162 6.26 -23.97 44.76
N LYS F 163 6.39 -22.89 45.53
CA LYS F 163 7.57 -22.63 46.35
C LYS F 163 7.58 -23.57 47.56
N MET F 164 6.41 -23.73 48.19
CA MET F 164 6.20 -24.69 49.27
C MET F 164 6.38 -26.15 48.83
N MET F 165 5.76 -26.52 47.71
CA MET F 165 5.81 -27.89 47.19
C MET F 165 7.22 -28.30 46.75
N ALA F 166 7.94 -27.39 46.10
CA ALA F 166 9.34 -27.61 45.73
C ALA F 166 10.23 -27.94 46.94
N ASN F 167 9.96 -27.29 48.08
CA ASN F 167 10.71 -27.48 49.34
C ASN F 167 10.08 -28.47 50.35
N GLY F 168 9.12 -29.29 49.90
CA GLY F 168 8.52 -30.35 50.72
C GLY F 168 7.78 -29.95 51.99
N ILE F 169 7.32 -28.69 52.07
CA ILE F 169 6.63 -28.17 53.26
C ILE F 169 5.09 -28.22 53.15
N LEU F 170 4.56 -28.11 51.93
CA LEU F 170 3.13 -28.28 51.68
C LEU F 170 2.72 -29.72 52.04
N LYS F 171 1.81 -29.85 53.00
CA LYS F 171 1.26 -31.15 53.43
C LYS F 171 -0.28 -31.18 53.39
N VAL F 172 -0.85 -30.52 52.39
CA VAL F 172 -2.31 -30.51 52.13
C VAL F 172 -2.54 -30.41 50.60
N PRO F 173 -3.43 -31.26 50.02
CA PRO F 173 -3.72 -31.16 48.57
C PRO F 173 -4.39 -29.84 48.21
N ALA F 174 -4.00 -29.23 47.09
CA ALA F 174 -4.47 -27.89 46.72
C ALA F 174 -4.89 -27.80 45.26
N ILE F 175 -5.94 -27.02 44.98
CA ILE F 175 -6.38 -26.71 43.63
C ILE F 175 -6.09 -25.25 43.28
N ASN F 176 -5.35 -25.06 42.19
CA ASN F 176 -5.13 -23.76 41.56
C ASN F 176 -6.32 -23.40 40.68
N VAL F 177 -7.07 -22.40 41.11
CA VAL F 177 -8.23 -21.87 40.37
C VAL F 177 -7.91 -20.56 39.60
N ASN F 178 -6.77 -19.94 39.90
CA ASN F 178 -6.34 -18.70 39.25
C ASN F 178 -6.13 -18.80 37.73
N ASP F 179 -5.68 -19.97 37.26
CA ASP F 179 -5.35 -20.19 35.85
C ASP F 179 -6.48 -20.84 35.04
N SER F 180 -7.67 -20.99 35.63
CA SER F 180 -8.89 -21.38 34.90
C SER F 180 -9.22 -20.35 33.84
N VAL F 181 -9.81 -20.80 32.74
CA VAL F 181 -10.21 -19.91 31.65
C VAL F 181 -11.28 -18.95 32.19
N THR F 182 -12.29 -19.50 32.87
CA THR F 182 -13.39 -18.69 33.37
C THR F 182 -12.95 -17.72 34.46
N LYS F 183 -11.92 -18.07 35.23
CA LYS F 183 -11.38 -17.14 36.24
C LYS F 183 -10.49 -16.10 35.58
N SER F 184 -9.50 -16.57 34.81
CA SER F 184 -8.50 -15.68 34.23
C SER F 184 -9.13 -14.60 33.36
N LYS F 185 -10.01 -15.00 32.44
CA LYS F 185 -10.63 -14.05 31.51
C LYS F 185 -11.50 -13.00 32.21
N PHE F 186 -12.22 -13.39 33.25
CA PHE F 186 -13.09 -12.45 33.95
C PHE F 186 -12.31 -11.54 34.91
N ASP F 187 -11.44 -12.12 35.72
CA ASP F 187 -10.64 -11.33 36.64
C ASP F 187 -9.69 -10.38 35.89
N ASN F 188 -9.06 -10.87 34.82
CA ASN F 188 -7.99 -10.10 34.13
C ASN F 188 -8.52 -9.22 33.00
N LEU F 189 -9.11 -9.84 31.97
CA LEU F 189 -9.52 -9.13 30.75
C LEU F 189 -10.84 -8.37 30.90
N TYR F 190 -11.93 -9.11 31.08
CA TYR F 190 -13.29 -8.54 31.04
C TYR F 190 -13.52 -7.56 32.20
N GLY F 191 -13.01 -7.94 33.37
CA GLY F 191 -13.06 -7.08 34.56
C GLY F 191 -12.43 -5.72 34.35
N CYS F 192 -11.17 -5.71 33.94
CA CYS F 192 -10.48 -4.45 33.71
C CYS F 192 -11.06 -3.65 32.53
N ARG F 193 -11.57 -4.35 31.51
CA ARG F 193 -12.28 -3.70 30.40
C ARG F 193 -13.43 -2.82 30.88
N GLU F 194 -14.14 -3.29 31.91
CA GLU F 194 -15.28 -2.57 32.48
C GLU F 194 -14.86 -1.45 33.44
N SER F 195 -13.85 -1.72 34.26
CA SER F 195 -13.56 -0.90 35.45
C SER F 195 -12.42 0.11 35.31
N LEU F 196 -11.53 -0.05 34.32
CA LEU F 196 -10.42 0.91 34.11
C LEU F 196 -10.95 2.32 33.97
N ILE F 197 -11.79 2.49 32.96
CA ILE F 197 -12.29 3.81 32.55
C ILE F 197 -13.22 4.40 33.61
N ASP F 198 -13.92 3.52 34.31
CA ASP F 198 -14.71 3.93 35.46
C ASP F 198 -13.80 4.64 36.48
N GLY F 199 -12.66 4.02 36.78
CA GLY F 199 -11.63 4.62 37.62
C GLY F 199 -11.15 5.99 37.15
N ILE F 200 -10.75 6.08 35.88
CA ILE F 200 -10.24 7.34 35.30
C ILE F 200 -11.32 8.44 35.34
N LYS F 201 -12.57 8.07 35.10
CA LYS F 201 -13.68 9.02 35.03
C LYS F 201 -14.06 9.62 36.38
N ARG F 202 -14.19 8.77 37.38
CA ARG F 202 -14.50 9.22 38.74
C ARG F 202 -13.42 10.15 39.27
N ALA F 203 -12.16 9.83 38.95
CA ALA F 203 -11.03 10.64 39.34
C ALA F 203 -10.99 12.00 38.63
N THR F 204 -11.11 11.98 37.31
CA THR F 204 -10.82 13.16 36.48
C THR F 204 -12.01 13.77 35.73
N ASP F 205 -13.00 12.95 35.39
CA ASP F 205 -14.11 13.31 34.47
C ASP F 205 -13.62 13.73 33.08
N VAL F 206 -12.45 13.24 32.68
CA VAL F 206 -11.81 13.69 31.45
C VAL F 206 -12.43 13.06 30.21
N MET F 207 -12.41 13.79 29.10
CA MET F 207 -12.78 13.23 27.79
C MET F 207 -11.73 12.21 27.36
N ILE F 208 -12.17 10.98 27.08
CA ILE F 208 -11.33 9.90 26.56
C ILE F 208 -11.19 10.03 25.04
N ALA F 209 -12.28 10.36 24.37
CA ALA F 209 -12.30 10.49 22.91
C ALA F 209 -11.36 11.60 22.45
N GLY F 210 -10.60 11.32 21.40
CA GLY F 210 -9.63 12.28 20.84
C GLY F 210 -8.22 12.24 21.42
N LYS F 211 -8.00 11.39 22.42
CA LYS F 211 -6.74 11.35 23.14
C LYS F 211 -5.88 10.17 22.72
N VAL F 212 -4.57 10.36 22.83
CA VAL F 212 -3.61 9.27 22.72
C VAL F 212 -3.49 8.62 24.11
N ALA F 213 -3.75 7.32 24.17
CA ALA F 213 -3.63 6.56 25.41
C ALA F 213 -2.53 5.51 25.23
N VAL F 214 -1.56 5.49 26.14
CA VAL F 214 -0.45 4.56 26.09
C VAL F 214 -0.74 3.45 27.11
N VAL F 215 -0.92 2.23 26.64
CA VAL F 215 -1.11 1.07 27.51
C VAL F 215 0.18 0.26 27.48
N ALA F 216 0.83 0.13 28.63
CA ALA F 216 2.02 -0.68 28.75
C ALA F 216 1.62 -2.09 29.12
N GLY F 217 2.02 -3.04 28.28
CA GLY F 217 1.59 -4.44 28.38
C GLY F 217 0.39 -4.74 27.50
N TYR F 218 0.42 -5.90 26.84
CA TYR F 218 -0.72 -6.38 26.05
C TYR F 218 -1.00 -7.84 26.41
N GLY F 219 -0.99 -8.12 27.71
CA GLY F 219 -1.53 -9.38 28.24
C GLY F 219 -3.03 -9.24 28.41
N ASP F 220 -3.64 -10.13 29.18
CA ASP F 220 -5.10 -10.10 29.37
C ASP F 220 -5.57 -8.73 29.88
N VAL F 221 -4.88 -8.17 30.87
CA VAL F 221 -5.23 -6.85 31.43
C VAL F 221 -5.09 -5.76 30.37
N GLY F 222 -3.92 -5.69 29.75
CA GLY F 222 -3.66 -4.76 28.67
C GLY F 222 -4.64 -4.85 27.50
N LYS F 223 -4.94 -6.10 27.10
CA LYS F 223 -5.91 -6.37 26.03
C LYS F 223 -7.25 -5.75 26.36
N GLY F 224 -7.71 -5.96 27.58
CA GLY F 224 -8.96 -5.37 28.06
C GLY F 224 -8.92 -3.85 28.15
N CYS F 225 -7.84 -3.33 28.72
CA CYS F 225 -7.68 -1.86 28.87
C CYS F 225 -7.62 -1.14 27.53
N ALA F 226 -6.91 -1.73 26.57
CA ALA F 226 -6.80 -1.18 25.22
C ALA F 226 -8.13 -1.18 24.48
N GLN F 227 -8.85 -2.30 24.58
CA GLN F 227 -10.16 -2.44 23.96
C GLN F 227 -11.17 -1.43 24.50
N ALA F 228 -11.14 -1.21 25.82
CA ALA F 228 -12.01 -0.21 26.47
C ALA F 228 -11.72 1.19 25.99
N LEU F 229 -10.45 1.58 26.02
CA LEU F 229 -10.02 2.90 25.52
C LEU F 229 -10.35 3.14 24.04
N ARG F 230 -10.07 2.14 23.20
CA ARG F 230 -10.40 2.19 21.77
C ARG F 230 -11.91 2.37 21.54
N GLY F 231 -12.72 1.70 22.36
CA GLY F 231 -14.18 1.80 22.29
C GLY F 231 -14.74 3.19 22.52
N PHE F 232 -14.03 4.01 23.30
CA PHE F 232 -14.40 5.41 23.56
C PHE F 232 -13.95 6.43 22.50
N GLY F 233 -13.12 6.00 21.54
CA GLY F 233 -12.57 6.89 20.53
C GLY F 233 -11.18 7.43 20.85
N ALA F 234 -10.45 6.74 21.72
CA ALA F 234 -9.04 7.06 21.96
C ALA F 234 -8.15 6.28 21.01
N ARG F 235 -7.06 6.92 20.57
CA ARG F 235 -5.99 6.27 19.81
C ARG F 235 -5.02 5.61 20.78
N VAL F 236 -4.98 4.28 20.77
CA VAL F 236 -4.22 3.51 21.76
C VAL F 236 -2.86 3.09 21.19
N ILE F 237 -1.81 3.23 22.02
CA ILE F 237 -0.45 2.80 21.70
C ILE F 237 -0.03 1.74 22.72
N ILE F 238 0.50 0.62 22.23
CA ILE F 238 0.94 -0.50 23.10
C ILE F 238 2.47 -0.47 23.24
N THR F 239 2.95 -0.86 24.42
CA THR F 239 4.36 -1.19 24.63
C THR F 239 4.40 -2.64 25.06
N GLU F 240 5.41 -3.38 24.61
CA GLU F 240 5.55 -4.81 24.96
C GLU F 240 6.99 -5.32 24.88
N ILE F 241 7.27 -6.30 25.73
CA ILE F 241 8.51 -7.08 25.70
C ILE F 241 8.36 -8.43 24.99
N ASP F 242 7.15 -8.98 25.00
CA ASP F 242 6.87 -10.25 24.35
C ASP F 242 6.58 -9.99 22.87
N PRO F 243 7.35 -10.63 21.95
CA PRO F 243 7.03 -10.47 20.53
C PRO F 243 5.68 -11.04 20.08
N ILE F 244 5.21 -12.08 20.77
CA ILE F 244 3.90 -12.68 20.44
C ILE F 244 2.77 -11.71 20.78
N ASN F 245 2.80 -11.17 22.00
CA ASN F 245 1.80 -10.19 22.42
C ASN F 245 1.92 -8.88 21.61
N ALA F 246 3.15 -8.45 21.34
CA ALA F 246 3.41 -7.32 20.43
C ALA F 246 2.75 -7.54 19.08
N LEU F 247 2.97 -8.74 18.52
CA LEU F 247 2.33 -9.18 17.26
C LEU F 247 0.78 -9.15 17.34
N GLN F 248 0.23 -9.62 18.44
CA GLN F 248 -1.22 -9.62 18.65
C GLN F 248 -1.83 -8.22 18.62
N ALA F 249 -1.15 -7.28 19.29
CA ALA F 249 -1.57 -5.86 19.28
C ALA F 249 -1.53 -5.27 17.87
N ALA F 250 -0.42 -5.51 17.18
CA ALA F 250 -0.26 -5.04 15.81
C ALA F 250 -1.37 -5.53 14.89
N MET F 251 -1.75 -6.80 15.04
CA MET F 251 -2.79 -7.40 14.18
C MET F 251 -4.19 -6.85 14.39
N GLU F 252 -4.42 -6.18 15.52
CA GLU F 252 -5.66 -5.41 15.76
C GLU F 252 -5.51 -3.92 15.45
N GLY F 253 -4.46 -3.53 14.74
CA GLY F 253 -4.28 -2.13 14.33
C GLY F 253 -3.83 -1.14 15.40
N TYR F 254 -3.34 -1.63 16.54
CA TYR F 254 -2.70 -0.77 17.53
C TYR F 254 -1.26 -0.47 17.10
N GLU F 255 -0.81 0.74 17.33
CA GLU F 255 0.60 1.07 17.19
C GLU F 255 1.35 0.41 18.33
N VAL F 256 2.49 -0.20 18.03
CA VAL F 256 3.34 -0.80 19.06
C VAL F 256 4.73 -0.17 19.00
N THR F 257 5.02 0.70 19.97
CA THR F 257 6.34 1.34 20.11
C THR F 257 6.81 1.28 21.57
N THR F 258 7.95 1.93 21.84
CA THR F 258 8.56 1.94 23.16
C THR F 258 7.99 3.06 24.01
N MET F 259 8.10 2.91 25.34
CA MET F 259 7.74 3.99 26.26
C MET F 259 8.65 5.21 26.07
N ASP F 260 9.92 4.97 25.71
CA ASP F 260 10.86 6.08 25.46
C ASP F 260 10.37 7.03 24.37
N GLU F 261 9.73 6.49 23.34
CA GLU F 261 9.10 7.29 22.29
C GLU F 261 7.66 7.68 22.62
N ALA F 262 6.90 6.73 23.17
CA ALA F 262 5.48 6.93 23.47
C ALA F 262 5.19 7.99 24.53
N CYS F 263 6.16 8.25 25.40
CA CYS F 263 5.97 9.23 26.49
C CYS F 263 5.74 10.67 26.00
N GLN F 264 6.22 10.99 24.80
CA GLN F 264 5.98 12.30 24.17
C GLN F 264 4.62 12.43 23.49
N GLU F 265 3.92 11.31 23.30
CA GLU F 265 2.66 11.24 22.56
C GLU F 265 1.41 11.25 23.45
N GLY F 266 1.49 10.55 24.58
CA GLY F 266 0.31 10.21 25.37
C GLY F 266 -0.34 11.33 26.17
N ASN F 267 -1.67 11.39 26.11
CA ASN F 267 -2.50 12.18 27.01
C ASN F 267 -2.90 11.39 28.28
N ILE F 268 -3.02 10.07 28.12
CA ILE F 268 -3.35 9.14 29.21
C ILE F 268 -2.31 8.02 29.17
N PHE F 269 -1.91 7.54 30.35
CA PHE F 269 -0.95 6.43 30.49
C PHE F 269 -1.51 5.42 31.46
N VAL F 270 -1.48 4.14 31.08
CA VAL F 270 -2.00 3.02 31.87
C VAL F 270 -0.97 1.89 31.84
N THR F 271 -0.60 1.38 33.01
CA THR F 271 0.41 0.33 33.12
C THR F 271 -0.22 -0.97 33.58
N THR F 272 0.11 -2.06 32.87
CA THR F 272 -0.54 -3.37 33.05
C THR F 272 0.45 -4.53 32.99
N THR F 273 1.73 -4.25 33.25
CA THR F 273 2.82 -5.18 32.98
C THR F 273 3.06 -6.20 34.09
N GLY F 274 2.80 -5.79 35.33
CA GLY F 274 3.21 -6.56 36.50
C GLY F 274 4.68 -6.43 36.82
N CYS F 275 5.30 -5.36 36.30
CA CYS F 275 6.75 -5.22 36.27
C CYS F 275 7.19 -3.84 36.76
N ILE F 276 8.39 -3.79 37.32
CA ILE F 276 8.99 -2.54 37.83
C ILE F 276 9.45 -1.63 36.71
N ASP F 277 9.66 -0.35 37.05
CA ASP F 277 10.37 0.63 36.21
C ASP F 277 9.77 0.82 34.81
N ILE F 278 8.45 0.99 34.75
CA ILE F 278 7.74 1.18 33.48
C ILE F 278 7.64 2.65 33.14
N ILE F 279 7.21 3.46 34.12
CA ILE F 279 7.18 4.91 33.97
C ILE F 279 8.11 5.55 34.99
N LEU F 280 8.99 6.41 34.48
CA LEU F 280 10.17 6.91 35.17
C LEU F 280 10.25 8.40 34.97
N GLY F 281 11.17 9.03 35.70
CA GLY F 281 11.43 10.47 35.59
C GLY F 281 11.78 10.93 34.19
N ARG F 282 12.60 10.14 33.50
CA ARG F 282 12.98 10.42 32.11
C ARG F 282 11.71 10.54 31.25
N HIS F 283 10.73 9.68 31.51
CA HIS F 283 9.45 9.68 30.79
C HIS F 283 8.57 10.87 31.24
N PHE F 284 8.43 11.06 32.54
CA PHE F 284 7.62 12.17 33.09
C PHE F 284 8.01 13.54 32.52
N GLU F 285 9.32 13.81 32.49
CA GLU F 285 9.85 15.07 31.92
C GLU F 285 9.41 15.38 30.47
N GLN F 286 9.12 14.34 29.69
CA GLN F 286 8.67 14.46 28.30
C GLN F 286 7.15 14.59 28.10
N MET F 287 6.38 14.32 29.15
CA MET F 287 4.93 14.22 29.02
C MET F 287 4.26 15.55 28.77
N LYS F 288 3.12 15.48 28.09
CA LYS F 288 2.30 16.65 27.81
C LYS F 288 1.63 17.16 29.06
N ASP F 289 1.28 18.43 29.04
CA ASP F 289 0.72 19.10 30.21
C ASP F 289 -0.59 18.42 30.63
N ASP F 290 -0.67 18.07 31.90
CA ASP F 290 -1.81 17.33 32.48
C ASP F 290 -2.02 15.91 31.95
N ALA F 291 -0.93 15.25 31.59
CA ALA F 291 -0.98 13.81 31.34
C ALA F 291 -1.52 13.09 32.58
N ILE F 292 -2.51 12.23 32.37
CA ILE F 292 -3.09 11.40 33.41
C ILE F 292 -2.32 10.07 33.42
N VAL F 293 -1.72 9.75 34.56
CA VAL F 293 -0.91 8.54 34.73
C VAL F 293 -1.52 7.67 35.81
N CYS F 294 -1.75 6.40 35.49
CA CYS F 294 -2.30 5.45 36.44
C CYS F 294 -1.84 4.04 36.18
N ASN F 295 -2.13 3.17 37.13
CA ASN F 295 -1.71 1.78 37.11
C ASN F 295 -2.94 0.91 37.42
N ILE F 296 -3.03 -0.21 36.71
CA ILE F 296 -4.05 -1.23 36.97
C ILE F 296 -3.42 -2.63 37.04
N GLY F 297 -2.09 -2.68 37.05
CA GLY F 297 -1.36 -3.92 36.97
C GLY F 297 -0.96 -4.35 38.35
N HIS F 298 0.32 -4.24 38.67
CA HIS F 298 0.86 -4.72 39.93
C HIS F 298 1.05 -3.63 40.94
N PHE F 299 0.35 -3.77 42.07
CA PHE F 299 0.42 -2.89 43.24
C PHE F 299 0.91 -1.45 42.94
N ASP F 300 2.16 -1.09 43.30
CA ASP F 300 2.69 0.26 43.08
C ASP F 300 4.14 0.31 42.57
N VAL F 301 4.55 -0.75 41.87
CA VAL F 301 5.93 -0.89 41.39
C VAL F 301 6.17 -0.29 40.00
N GLU F 302 5.10 -0.15 39.22
CA GLU F 302 5.22 0.12 37.78
C GLU F 302 5.55 1.57 37.46
N ILE F 303 4.99 2.48 38.24
CA ILE F 303 5.23 3.91 38.08
C ILE F 303 6.15 4.40 39.20
N ASP F 304 7.19 5.15 38.85
CA ASP F 304 8.12 5.71 39.83
C ASP F 304 7.47 6.92 40.51
N VAL F 305 6.56 6.64 41.43
CA VAL F 305 5.83 7.67 42.17
C VAL F 305 6.75 8.42 43.12
N LYS F 306 7.74 7.70 43.67
CA LYS F 306 8.76 8.30 44.53
C LYS F 306 9.49 9.43 43.83
N TRP F 307 9.79 9.23 42.54
CA TRP F 307 10.44 10.25 41.74
C TRP F 307 9.64 11.57 41.76
N LEU F 308 8.34 11.47 41.48
CA LEU F 308 7.45 12.63 41.48
C LEU F 308 7.46 13.39 42.81
N ASN F 309 7.32 12.64 43.91
CA ASN F 309 7.39 13.24 45.26
C ASN F 309 8.73 13.95 45.51
N GLU F 310 9.83 13.33 45.08
CA GLU F 310 11.18 13.89 45.28
C GLU F 310 11.58 15.04 44.33
N ASN F 311 11.12 15.00 43.07
CA ASN F 311 11.60 15.93 42.03
C ASN F 311 10.63 17.03 41.56
N ALA F 312 9.36 16.93 41.93
CA ALA F 312 8.34 17.92 41.52
C ALA F 312 8.41 19.16 42.41
N VAL F 313 8.08 20.32 41.85
CA VAL F 313 8.07 21.58 42.61
C VAL F 313 6.77 21.79 43.38
N GLU F 314 5.64 21.37 42.80
CA GLU F 314 4.35 21.31 43.50
C GLU F 314 3.83 19.88 43.58
N LYS F 315 3.06 19.61 44.64
CA LYS F 315 2.19 18.44 44.72
C LYS F 315 0.88 18.88 45.35
N VAL F 316 -0.21 18.77 44.60
CA VAL F 316 -1.51 19.25 45.06
C VAL F 316 -2.53 18.14 44.97
N ASN F 317 -3.13 17.79 46.11
CA ASN F 317 -4.28 16.90 46.16
C ASN F 317 -5.51 17.62 45.58
N ILE F 318 -6.19 16.96 44.64
CA ILE F 318 -7.40 17.47 44.01
C ILE F 318 -8.63 16.94 44.75
N LYS F 319 -8.67 15.62 44.91
CA LYS F 319 -9.71 14.91 45.66
C LYS F 319 -9.04 13.61 46.14
N PRO F 320 -9.75 12.76 46.92
CA PRO F 320 -9.09 11.52 47.33
C PRO F 320 -8.54 10.71 46.16
N GLN F 321 -7.31 10.24 46.28
CA GLN F 321 -6.65 9.39 45.26
C GLN F 321 -6.39 10.10 43.91
N VAL F 322 -6.34 11.43 43.92
CA VAL F 322 -6.06 12.23 42.73
C VAL F 322 -5.07 13.32 43.11
N ASP F 323 -3.83 13.17 42.65
CA ASP F 323 -2.76 14.11 42.95
C ASP F 323 -2.26 14.75 41.66
N ARG F 324 -2.03 16.06 41.70
CA ARG F 324 -1.55 16.85 40.56
C ARG F 324 -0.21 17.52 40.86
N TYR F 325 0.85 16.98 40.25
CA TYR F 325 2.20 17.48 40.43
C TYR F 325 2.54 18.52 39.37
N ARG F 326 3.32 19.53 39.76
CA ARG F 326 3.96 20.44 38.83
C ARG F 326 5.44 20.15 38.86
N LEU F 327 6.04 19.98 37.68
CA LEU F 327 7.46 19.62 37.56
C LEU F 327 8.34 20.84 37.31
N LYS F 328 9.65 20.63 37.38
CA LYS F 328 10.63 21.71 37.14
C LYS F 328 10.44 22.43 35.80
N ASN F 329 9.96 21.72 34.78
CA ASN F 329 9.66 22.34 33.48
C ASN F 329 8.36 23.16 33.39
N GLY F 330 7.59 23.21 34.48
CA GLY F 330 6.34 24.00 34.51
C GLY F 330 5.09 23.29 34.00
N ARG F 331 5.23 22.04 33.57
CA ARG F 331 4.11 21.23 33.12
C ARG F 331 3.60 20.36 34.27
N ARG F 332 2.33 19.94 34.14
CA ARG F 332 1.67 19.20 35.20
C ARG F 332 1.48 17.71 34.86
N ILE F 333 1.47 16.89 35.91
CA ILE F 333 1.16 15.46 35.81
C ILE F 333 0.02 15.18 36.78
N ILE F 334 -0.97 14.41 36.34
CA ILE F 334 -2.05 13.95 37.20
C ILE F 334 -1.87 12.46 37.49
N LEU F 335 -1.45 12.15 38.70
CA LEU F 335 -1.31 10.77 39.15
C LEU F 335 -2.62 10.32 39.78
N LEU F 336 -2.99 9.07 39.55
CA LEU F 336 -4.21 8.50 40.10
C LEU F 336 -3.85 7.41 41.09
N ALA F 337 -4.54 7.44 42.25
CA ALA F 337 -4.37 6.46 43.32
C ALA F 337 -2.93 6.22 43.79
N GLU F 338 -2.08 7.24 43.68
CA GLU F 338 -0.67 7.15 44.10
C GLU F 338 0.08 5.98 43.45
N GLY F 339 -0.26 5.70 42.20
CA GLY F 339 0.31 4.58 41.46
C GLY F 339 -0.17 3.19 41.85
N ARG F 340 -1.18 3.12 42.73
CA ARG F 340 -1.82 1.85 43.09
C ARG F 340 -2.92 1.51 42.08
N LEU F 341 -3.58 0.37 42.25
CA LEU F 341 -4.60 -0.09 41.32
C LEU F 341 -5.72 0.95 41.20
N VAL F 342 -5.83 1.56 40.02
CA VAL F 342 -6.81 2.61 39.76
C VAL F 342 -8.24 2.10 39.85
N ASN F 343 -8.49 0.88 39.38
CA ASN F 343 -9.86 0.33 39.39
C ASN F 343 -10.40 0.11 40.81
N LEU F 344 -9.52 -0.21 41.76
CA LEU F 344 -9.89 -0.32 43.18
C LEU F 344 -9.65 0.97 43.99
N GLY F 345 -8.72 1.81 43.54
CA GLY F 345 -8.41 3.08 44.21
C GLY F 345 -9.41 4.19 43.94
N CYS F 346 -9.85 4.29 42.68
CA CYS F 346 -10.78 5.36 42.24
C CYS F 346 -12.18 4.90 41.85
N ALA F 347 -12.44 3.59 41.94
CA ALA F 347 -13.77 3.02 41.67
C ALA F 347 -13.99 1.80 42.60
N MET F 348 -14.89 0.88 42.22
CA MET F 348 -15.24 -0.27 43.07
C MET F 348 -14.62 -1.60 42.65
N GLY F 349 -13.81 -1.58 41.60
CA GLY F 349 -13.19 -2.80 41.10
C GLY F 349 -14.09 -3.47 40.08
N HIS F 350 -14.04 -4.79 40.02
CA HIS F 350 -14.80 -5.56 39.04
C HIS F 350 -16.28 -5.60 39.40
N PRO F 351 -17.17 -5.62 38.40
CA PRO F 351 -18.58 -5.84 38.66
C PRO F 351 -18.88 -7.21 39.24
N SER F 352 -20.04 -7.32 39.87
CA SER F 352 -20.52 -8.56 40.49
C SER F 352 -20.41 -9.79 39.59
N PHE F 353 -20.76 -9.62 38.31
CA PHE F 353 -20.78 -10.73 37.33
C PHE F 353 -19.41 -11.36 37.10
N VAL F 354 -18.37 -10.54 37.02
CA VAL F 354 -16.98 -11.00 36.99
C VAL F 354 -16.66 -11.87 38.21
N MET F 355 -16.97 -11.34 39.38
CA MET F 355 -16.66 -12.00 40.64
C MET F 355 -17.37 -13.34 40.78
N SER F 356 -18.57 -13.44 40.20
CA SER F 356 -19.33 -14.69 40.13
C SER F 356 -18.53 -15.82 39.50
N ASN F 357 -17.77 -15.49 38.46
CA ASN F 357 -16.94 -16.48 37.76
C ASN F 357 -15.76 -16.96 38.58
N SER F 358 -15.12 -16.04 39.30
CA SER F 358 -13.99 -16.39 40.15
C SER F 358 -14.42 -17.17 41.38
N PHE F 359 -15.52 -16.77 42.02
CA PHE F 359 -15.99 -17.44 43.24
C PHE F 359 -16.75 -18.74 42.98
N THR F 360 -17.36 -18.87 41.81
CA THR F 360 -17.97 -20.15 41.40
C THR F 360 -16.88 -21.17 41.13
N ASN F 361 -15.74 -20.74 40.58
CA ASN F 361 -14.52 -21.56 40.54
C ASN F 361 -14.17 -22.07 41.94
N GLN F 362 -14.20 -21.15 42.91
CA GLN F 362 -13.95 -21.47 44.32
C GLN F 362 -14.89 -22.51 44.94
N VAL F 363 -16.19 -22.40 44.62
CA VAL F 363 -17.18 -23.40 45.00
C VAL F 363 -16.85 -24.76 44.39
N MET F 364 -16.57 -24.77 43.08
CA MET F 364 -16.25 -25.99 42.35
C MET F 364 -15.02 -26.68 42.95
N ALA F 365 -14.00 -25.89 43.27
CA ALA F 365 -12.78 -26.37 43.92
C ALA F 365 -13.03 -27.10 45.25
N GLN F 366 -13.89 -26.52 46.08
CA GLN F 366 -14.23 -27.06 47.41
C GLN F 366 -14.96 -28.41 47.36
N ILE F 367 -16.01 -28.49 46.52
CA ILE F 367 -16.79 -29.73 46.31
C ILE F 367 -15.88 -30.85 45.81
N GLU F 368 -15.12 -30.54 44.77
CA GLU F 368 -14.18 -31.49 44.15
C GLU F 368 -13.15 -32.04 45.14
N LEU F 369 -12.64 -31.18 46.02
CA LEU F 369 -11.70 -31.60 47.07
C LEU F 369 -12.35 -32.38 48.22
N TRP F 370 -13.49 -31.88 48.69
CA TRP F 370 -14.19 -32.44 49.85
C TRP F 370 -14.87 -33.79 49.56
N THR F 371 -15.42 -33.95 48.36
CA THR F 371 -16.11 -35.18 47.96
C THR F 371 -15.16 -36.23 47.35
N HIS F 372 -14.00 -35.79 46.82
CA HIS F 372 -12.94 -36.70 46.32
C HIS F 372 -11.59 -36.43 46.99
N PRO F 373 -11.37 -36.99 48.20
CA PRO F 373 -10.06 -36.87 48.86
C PRO F 373 -8.97 -37.74 48.21
N ASP F 374 -9.34 -38.96 47.82
CA ASP F 374 -8.42 -39.93 47.21
C ASP F 374 -7.81 -39.46 45.90
N LYS F 375 -8.62 -38.73 45.11
CA LYS F 375 -8.24 -38.30 43.76
C LYS F 375 -7.04 -37.34 43.70
N TYR F 376 -6.88 -36.53 44.76
CA TYR F 376 -5.85 -35.49 44.81
C TYR F 376 -4.75 -35.79 45.83
N PRO F 377 -3.59 -36.29 45.37
CA PRO F 377 -2.41 -36.30 46.24
C PRO F 377 -1.95 -34.88 46.61
N VAL F 378 -1.11 -34.81 47.64
CA VAL F 378 -0.53 -33.54 48.09
C VAL F 378 0.28 -32.96 46.93
N GLY F 379 -0.07 -31.73 46.57
CA GLY F 379 0.47 -31.09 45.37
C GLY F 379 -0.38 -29.94 44.92
N VAL F 380 0.00 -29.33 43.81
CA VAL F 380 -0.73 -28.19 43.23
C VAL F 380 -1.32 -28.63 41.89
N HIS F 381 -2.64 -28.65 41.81
CA HIS F 381 -3.37 -29.18 40.67
C HIS F 381 -4.18 -28.07 40.04
N PHE F 382 -4.28 -28.08 38.71
CA PHE F 382 -5.22 -27.20 38.00
C PHE F 382 -6.64 -27.69 38.28
N LEU F 383 -7.60 -26.79 38.17
CA LEU F 383 -9.01 -27.19 38.24
C LEU F 383 -9.32 -27.95 36.95
N PRO F 384 -9.86 -29.18 37.06
CA PRO F 384 -10.19 -29.95 35.86
C PRO F 384 -11.07 -29.17 34.87
N LYS F 385 -10.86 -29.42 33.58
CA LYS F 385 -11.50 -28.63 32.53
C LYS F 385 -13.02 -28.72 32.58
N LYS F 386 -13.55 -29.92 32.81
CA LYS F 386 -15.00 -30.14 32.86
C LYS F 386 -15.70 -29.27 33.93
N LEU F 387 -14.99 -28.97 35.02
CA LEU F 387 -15.49 -28.03 36.03
C LEU F 387 -15.37 -26.57 35.56
N ASP F 388 -14.26 -26.24 34.91
CA ASP F 388 -14.09 -24.92 34.30
C ASP F 388 -15.24 -24.63 33.33
N GLU F 389 -15.55 -25.62 32.50
CA GLU F 389 -16.70 -25.57 31.61
C GLU F 389 -18.00 -25.35 32.41
N ALA F 390 -18.21 -26.17 33.42
CA ALA F 390 -19.39 -26.06 34.31
C ALA F 390 -19.60 -24.65 34.87
N VAL F 391 -18.49 -23.97 35.23
CA VAL F 391 -18.55 -22.58 35.70
C VAL F 391 -19.18 -21.72 34.60
N ALA F 392 -18.64 -21.80 33.39
CA ALA F 392 -19.15 -21.04 32.25
C ALA F 392 -20.62 -21.34 31.94
N GLU F 393 -20.97 -22.63 31.93
CA GLU F 393 -22.36 -23.07 31.69
C GLU F 393 -23.34 -22.47 32.69
N ALA F 394 -22.91 -22.34 33.94
CA ALA F 394 -23.75 -21.77 35.01
C ALA F 394 -24.15 -20.32 34.79
N HIS F 395 -23.41 -19.59 33.96
CA HIS F 395 -23.66 -18.18 33.67
C HIS F 395 -24.41 -17.92 32.37
N LEU F 396 -24.59 -18.94 31.54
CA LEU F 396 -25.17 -18.77 30.21
C LEU F 396 -26.64 -18.39 30.27
N GLY F 397 -27.37 -18.97 31.23
CA GLY F 397 -28.79 -18.67 31.41
C GLY F 397 -29.05 -17.19 31.59
N LYS F 398 -28.35 -16.59 32.53
CA LYS F 398 -28.40 -15.16 32.78
C LYS F 398 -28.09 -14.34 31.53
N LEU F 399 -27.12 -14.80 30.73
CA LEU F 399 -26.69 -14.14 29.49
C LEU F 399 -27.61 -14.27 28.27
N ASN F 400 -28.77 -14.93 28.42
CA ASN F 400 -29.71 -15.14 27.31
C ASN F 400 -29.10 -16.05 26.22
N VAL F 401 -28.22 -16.96 26.62
CA VAL F 401 -27.49 -17.83 25.71
C VAL F 401 -28.18 -19.18 25.70
N LYS F 402 -28.37 -19.72 24.48
CA LYS F 402 -28.83 -21.09 24.32
C LYS F 402 -27.69 -21.94 23.74
N LEU F 403 -27.19 -22.86 24.57
CA LEU F 403 -26.10 -23.74 24.18
C LEU F 403 -26.65 -24.88 23.35
N THR F 404 -25.94 -25.21 22.27
CA THR F 404 -26.26 -26.40 21.46
C THR F 404 -25.73 -27.65 22.16
N LYS F 405 -26.49 -28.74 22.07
CA LYS F 405 -26.05 -30.04 22.57
C LYS F 405 -25.66 -30.91 21.38
N LEU F 406 -24.49 -31.56 21.45
CA LEU F 406 -24.08 -32.53 20.44
C LEU F 406 -25.02 -33.73 20.44
N THR F 407 -25.29 -34.27 19.25
CA THR F 407 -25.95 -35.57 19.11
C THR F 407 -24.92 -36.66 19.39
N GLU F 408 -25.41 -37.88 19.62
CA GLU F 408 -24.54 -39.04 19.84
C GLU F 408 -23.61 -39.26 18.65
N LYS F 409 -24.17 -39.16 17.45
CA LYS F 409 -23.41 -39.32 16.20
C LYS F 409 -22.28 -38.30 16.06
N GLN F 410 -22.59 -37.04 16.37
CA GLN F 410 -21.60 -35.94 16.32
C GLN F 410 -20.46 -36.11 17.32
N ALA F 411 -20.83 -36.47 18.55
CA ALA F 411 -19.88 -36.79 19.62
C ALA F 411 -18.89 -37.88 19.20
N GLN F 412 -19.44 -38.97 18.62
CA GLN F 412 -18.63 -40.08 18.10
C GLN F 412 -17.65 -39.60 17.03
N TYR F 413 -18.15 -38.85 16.06
CA TYR F 413 -17.30 -38.25 15.02
C TYR F 413 -16.14 -37.43 15.59
N LEU F 414 -16.41 -36.67 16.64
CA LEU F 414 -15.41 -35.79 17.26
C LEU F 414 -14.53 -36.45 18.34
N GLY F 415 -14.82 -37.71 18.67
CA GLY F 415 -14.02 -38.45 19.67
C GLY F 415 -14.07 -37.83 21.05
N MET F 416 -15.23 -37.31 21.42
CA MET F 416 -15.44 -36.69 22.72
C MET F 416 -16.82 -37.03 23.26
N SER F 417 -16.96 -36.91 24.59
CA SER F 417 -18.26 -37.04 25.25
C SER F 417 -19.08 -35.79 24.99
N CYS F 418 -20.39 -35.97 24.90
CA CYS F 418 -21.31 -34.83 24.71
C CYS F 418 -21.48 -33.96 25.97
N ASP F 419 -21.06 -34.47 27.12
CA ASP F 419 -21.00 -33.69 28.35
C ASP F 419 -19.65 -33.00 28.58
N GLY F 420 -18.63 -33.37 27.79
CA GLY F 420 -17.31 -32.75 27.85
C GLY F 420 -16.27 -33.60 28.57
N PRO F 421 -15.00 -33.18 28.60
CA PRO F 421 -14.53 -31.89 28.04
C PRO F 421 -14.53 -31.82 26.52
N PHE F 422 -14.57 -30.59 26.02
CA PHE F 422 -14.67 -30.33 24.59
C PHE F 422 -13.36 -29.88 23.96
N LYS F 423 -12.34 -29.61 24.78
CA LYS F 423 -11.05 -29.13 24.29
C LYS F 423 -9.93 -29.84 25.03
N PRO F 424 -8.77 -30.05 24.36
CA PRO F 424 -7.61 -30.59 25.07
C PRO F 424 -6.99 -29.57 26.03
N ASP F 425 -6.10 -30.05 26.89
CA ASP F 425 -5.52 -29.21 27.96
C ASP F 425 -4.68 -28.04 27.46
N HIS F 426 -4.07 -28.19 26.28
CA HIS F 426 -3.27 -27.13 25.66
C HIS F 426 -4.09 -26.06 24.90
N TYR F 427 -5.41 -26.22 24.80
CA TYR F 427 -6.27 -25.33 24.02
C TYR F 427 -6.35 -23.93 24.67
N ARG F 428 -6.11 -22.91 23.86
CA ARG F 428 -5.88 -21.54 24.35
C ARG F 428 -7.08 -20.58 24.31
N TYR F 429 -8.20 -21.04 23.74
CA TYR F 429 -9.45 -20.25 23.63
C TYR F 429 -9.19 -18.85 23.02
PA NAD G . -32.83 13.71 17.26
O1A NAD G . -31.54 13.77 16.48
O2A NAD G . -34.10 14.29 16.68
O5B NAD G . -33.10 12.16 17.68
C5B NAD G . -34.28 11.70 18.31
C4B NAD G . -34.73 10.44 17.59
O4B NAD G . -35.79 9.82 18.30
C3B NAD G . -35.24 10.71 16.18
O3B NAD G . -34.39 10.09 15.20
C2B NAD G . -36.65 10.15 16.15
O2B NAD G . -36.96 9.45 14.93
C1B NAD G . -36.67 9.22 17.36
N9A NAD G . -38.00 9.01 17.99
C8A NAD G . -38.94 9.93 18.27
N7A NAD G . -40.02 9.35 18.87
C5A NAD G . -39.76 8.03 18.98
C6A NAD G . -40.46 6.84 19.52
N6A NAD G . -41.68 6.94 20.06
N1A NAD G . -39.82 5.64 19.43
C2A NAD G . -38.58 5.52 18.89
N3A NAD G . -37.90 6.56 18.39
C4A NAD G . -38.42 7.82 18.41
O3 NAD G . -32.59 14.36 18.71
PN NAD G . -31.22 14.09 19.51
O1N NAD G . -30.85 12.63 19.39
O2N NAD G . -30.22 15.14 19.12
O5D NAD G . -31.67 14.41 21.01
C5D NAD G . -32.57 13.53 21.69
C4D NAD G . -33.04 14.17 23.00
O4D NAD G . -31.95 14.24 23.93
C3D NAD G . -33.55 15.60 22.82
O3D NAD G . -34.71 15.81 23.63
C2D NAD G . -32.41 16.47 23.29
O2D NAD G . -32.85 17.72 23.84
C1D NAD G . -31.75 15.60 24.35
N1N NAD G . -30.32 15.81 24.65
C2N NAD G . -29.92 15.44 25.88
C3N NAD G . -28.59 15.57 26.29
C7N NAD G . -28.15 15.17 27.66
O7N NAD G . -27.38 15.87 28.29
N7N NAD G . -28.61 14.04 28.19
C4N NAD G . -27.67 16.10 25.40
C5N NAD G . -28.10 16.48 24.13
C6N NAD G . -29.43 16.33 23.77
N3 9W4 H . -28.10 20.16 35.75
C4 9W4 H . -29.12 19.81 36.66
C5 9W4 H . -30.30 20.56 36.76
C6 9W4 H . -31.29 20.23 37.65
C7 9W4 H . -31.13 19.11 38.50
C15 9W4 H . -32.51 16.09 43.43
C17 9W4 H . -34.57 16.82 42.34
C20 9W4 H . -25.82 21.20 34.22
C21 9W4 H . -24.72 21.50 33.41
C22 9W4 H . -24.86 21.57 32.02
O1 9W4 H . -29.38 20.87 34.04
C2 9W4 H . -28.26 20.67 34.50
N8 9W4 H . -31.98 18.64 39.43
C9 9W4 H . -31.64 17.60 40.12
S10 9W4 H . -30.04 17.05 39.59
C11 9W4 H . -29.93 18.36 38.41
C12 9W4 H . -28.93 18.71 37.50
N13 9W4 H . -32.41 17.00 41.11
C14 9W4 H . -31.66 16.86 42.39
O16 9W4 H . -33.81 16.70 43.54
C18 9W4 H . -33.76 17.59 41.27
C19 9W4 H . -27.08 20.99 33.64
C23 9W4 H . -23.69 21.88 31.12
N24 9W4 H . -22.43 21.30 31.66
C25 9W4 H . -22.12 19.99 31.65
O26 9W4 H . -22.76 19.06 31.21
C27 9W4 H . -20.75 19.89 32.32
N28 9W4 H . -20.43 21.29 32.66
C29 9W4 H . -21.46 22.04 32.24
O30 9W4 H . -21.50 23.25 32.38
C31 9W4 H . -26.12 21.36 31.45
C32 9W4 H . -27.22 21.08 32.24
PA NAD I . -17.09 14.79 0.48
O1A NAD I . -18.06 14.16 1.45
O2A NAD I . -17.21 16.26 0.14
O5B NAD I . -15.60 14.51 1.01
C5B NAD I . -14.42 14.86 0.30
C4B NAD I . -13.42 15.25 1.39
O4B NAD I . -12.10 15.43 0.88
C3B NAD I . -13.82 16.56 2.07
O3B NAD I . -14.15 16.34 3.44
C2B NAD I . -12.61 17.47 1.91
O2B NAD I . -12.36 18.25 3.09
C1B NAD I . -11.49 16.49 1.61
N9A NAD I . -10.36 17.05 0.83
C8A NAD I . -10.42 17.83 -0.26
N7A NAD I . -9.17 18.15 -0.71
C5A NAD I . -8.30 17.54 0.12
C6A NAD I . -6.82 17.46 0.23
N6A NAD I . -6.03 18.09 -0.66
N1A NAD I . -6.32 16.73 1.25
C2A NAD I . -7.09 16.08 2.15
N3A NAD I . -8.44 16.13 2.10
C4A NAD I . -9.08 16.82 1.13
O3 NAD I . -17.11 13.95 -0.89
PN NAD I . -17.43 12.37 -0.90
O1N NAD I . -16.63 11.68 0.19
O2N NAD I . -18.94 12.23 -0.94
O5D NAD I . -16.85 11.95 -2.34
C5D NAD I . -15.45 11.95 -2.61
C4D NAD I . -15.21 11.58 -4.07
O4D NAD I . -15.57 10.23 -4.29
C3D NAD I . -16.03 12.42 -5.04
O3D NAD I . -15.23 12.78 -6.17
C2D NAD I . -17.17 11.50 -5.44
O2D NAD I . -17.72 11.83 -6.71
C1D NAD I . -16.48 10.14 -5.41
N1N NAD I . -17.31 8.90 -5.31
C2N NAD I . -16.77 7.77 -5.83
C3N NAD I . -17.47 6.55 -5.80
C7N NAD I . -16.90 5.28 -6.38
O7N NAD I . -17.65 4.49 -6.91
N7N NAD I . -15.59 5.04 -6.29
C4N NAD I . -18.72 6.51 -5.23
C5N NAD I . -19.26 7.69 -4.70
C6N NAD I . -18.54 8.87 -4.75
N3 9W4 J . -17.52 1.51 -14.88
C4 9W4 J . -16.35 1.60 -15.67
C4 9W4 J . -16.34 1.47 -15.65
C5 9W4 J . -15.55 0.46 -15.87
C5 9W4 J . -16.04 2.41 -16.64
C6 9W4 J . -14.42 0.53 -16.62
C6 9W4 J . -14.87 2.32 -17.35
C7 9W4 J . -14.01 1.73 -17.25
C7 9W4 J . -13.95 1.28 -17.12
C15 9W4 J . -10.49 5.40 -20.31
C15 9W4 J . -9.52 -2.18 -18.84
C17 9W4 J . -9.59 3.16 -20.33
C17 9W4 J . -9.01 0.10 -19.35
C20 9W4 J . -20.19 1.14 -13.65
C21 9W4 J . -21.33 0.95 -12.87
C22 9W4 J . -21.77 1.96 -12.01
O1 9W4 J . -17.92 3.74 -14.61
C2 9W4 J . -18.24 2.58 -14.40
N8 9W4 J . -12.93 1.98 -18.03
N8 9W4 J . -12.76 1.04 -17.72
C9 9W4 J . -12.77 3.18 -18.47
C9 9W4 J . -12.08 0.01 -17.32
S10 9W4 J . -14.08 4.22 -17.93
S10 9W4 J . -12.94 -0.83 -16.03
C11 9W4 J . -14.81 2.86 -17.06
C11 9W4 J . -14.25 0.35 -16.12
C12 9W4 J . -15.95 2.79 -16.28
C12 9W4 J . -15.45 0.45 -15.40
N13 9W4 J . -11.73 3.60 -19.29
N13 9W4 J . -10.85 -0.37 -17.83
C14 9W4 J . -11.43 5.02 -19.15
C14 9W4 J . -10.89 -1.77 -18.31
O16 9W4 J . -9.33 4.56 -20.29
O16 9W4 J . -9.08 -1.24 -19.82
C18 9W4 J . -10.53 2.76 -19.19
C18 9W4 J . -10.40 0.54 -18.89
C19 9W4 J . -19.47 2.34 -13.59
C23 9W4 J . -23.01 1.80 -11.16
N24 9W4 J . -23.17 0.41 -10.65
C25 9W4 J . -22.41 -0.14 -9.67
O26 9W4 J . -21.50 0.35 -9.05
C27 9W4 J . -22.92 -1.55 -9.49
N28 9W4 J . -24.02 -1.65 -10.47
C29 9W4 J . -24.08 -0.46 -11.09
O30 9W4 J . -24.90 -0.23 -11.97
C31 9W4 J . -21.06 3.17 -11.95
C32 9W4 J . -19.93 3.36 -12.72
PA NAD K . 48.12 -11.98 -37.78
O1A NAD K . 46.94 -12.53 -38.54
O2A NAD K . 49.41 -12.77 -37.69
O5B NAD K . 48.47 -10.53 -38.38
C5B NAD K . 49.62 -9.80 -37.97
C4B NAD K . 50.22 -9.21 -39.23
O4B NAD K . 51.15 -8.19 -38.89
C3B NAD K . 50.95 -10.22 -40.09
O3B NAD K . 50.33 -10.32 -41.37
C2B NAD K . 52.38 -9.71 -40.19
O2B NAD K . 52.95 -9.88 -41.50
C1B NAD K . 52.22 -8.25 -39.81
N9A NAD K . 53.43 -7.62 -39.23
C8A NAD K . 54.23 -8.10 -38.25
N7A NAD K . 55.22 -7.22 -37.98
C5A NAD K . 55.05 -6.15 -38.78
C6A NAD K . 55.74 -4.85 -39.01
N6A NAD K . 56.84 -4.51 -38.31
N1A NAD K . 55.21 -4.02 -39.94
C2A NAD K . 54.11 -4.33 -40.66
N3A NAD K . 53.45 -5.49 -40.50
C4A NAD K . 53.86 -6.42 -39.60
O3 NAD K . 47.65 -11.60 -36.30
PN NAD K . 46.19 -10.97 -36.06
O1N NAD K . 45.94 -9.90 -37.08
O2N NAD K . 45.18 -12.08 -35.86
O5D NAD K . 46.41 -10.27 -34.62
C5D NAD K . 47.24 -9.13 -34.49
C4D NAD K . 47.43 -8.77 -33.02
O4D NAD K . 46.19 -8.31 -32.47
C3D NAD K . 47.85 -9.96 -32.17
O3D NAD K . 48.78 -9.51 -31.17
C2D NAD K . 46.57 -10.45 -31.55
O2D NAD K . 46.76 -11.17 -30.33
C1D NAD K . 45.82 -9.13 -31.35
N1N NAD K . 44.36 -9.17 -31.24
C2N NAD K . 43.77 -8.10 -30.65
C3N NAD K . 42.39 -8.01 -30.49
C7N NAD K . 41.73 -6.83 -29.83
O7N NAD K . 40.69 -6.99 -29.20
N7N NAD K . 42.27 -5.62 -29.91
C4N NAD K . 41.61 -9.06 -30.94
C5N NAD K . 42.20 -10.15 -31.54
C6N NAD K . 43.59 -10.19 -31.69
N3 9W4 L . 39.74 -5.55 -20.34
C4 9W4 L . 40.63 -4.65 -19.74
C5 9W4 L . 41.75 -5.13 -19.01
C6 9W4 L . 42.64 -4.29 -18.42
C7 9W4 L . 42.45 -2.89 -18.51
C15 9W4 L . 43.48 2.62 -16.57
C17 9W4 L . 45.59 1.38 -16.61
C20 9W4 L . 37.77 -7.52 -21.31
C21 9W4 L . 36.88 -8.41 -21.91
C22 9W4 L . 37.33 -9.32 -22.89
O1 9W4 L . 41.31 -6.88 -21.27
C2 9W4 L . 40.12 -6.63 -21.08
N8 9W4 L . 43.22 -1.92 -17.99
C9 9W4 L . 42.88 -0.69 -18.18
S10 9W4 L . 41.40 -0.64 -19.16
C11 9W4 L . 41.34 -2.39 -19.23
C12 9W4 L . 40.44 -3.28 -19.85
N13 9W4 L . 43.57 0.42 -17.69
C14 9W4 L . 42.70 1.34 -16.93
O16 9W4 L . 44.70 2.27 -15.91
C18 9W4 L . 44.85 0.09 -17.00
C19 9W4 L . 39.13 -7.55 -21.69
C23 9W4 L . 36.40 -10.29 -23.55
N24 9W4 L . 35.06 -9.70 -23.72
C25 9W4 L . 34.74 -8.73 -24.62
O26 9W4 L . 35.47 -8.17 -25.42
C27 9W4 L . 33.27 -8.46 -24.41
N28 9W4 L . 32.88 -9.39 -23.34
C29 9W4 L . 33.98 -10.07 -23.00
O30 9W4 L . 33.99 -10.93 -22.13
C31 9W4 L . 38.68 -9.35 -23.25
C32 9W4 L . 39.57 -8.47 -22.66
PA NAD M . 14.62 13.66 -48.41
O1A NAD M . 15.88 13.73 -49.23
O2A NAD M . 13.35 14.26 -48.95
O5B NAD M . 14.35 12.11 -48.03
C5B NAD M . 13.14 11.65 -47.43
C4B NAD M . 12.66 10.43 -48.22
O4B NAD M . 11.65 9.73 -47.49
C3B NAD M . 12.05 10.79 -49.57
O3B NAD M . 12.85 10.27 -50.65
C2B NAD M . 10.66 10.17 -49.56
O2B NAD M . 10.29 9.54 -50.80
C1B NAD M . 10.72 9.17 -48.41
N9A NAD M . 9.42 8.88 -47.74
C8A NAD M . 8.46 9.77 -47.39
N7A NAD M . 7.42 9.13 -46.79
C5A NAD M . 7.70 7.82 -46.75
C6A NAD M . 7.03 6.60 -46.26
N6A NAD M . 5.82 6.66 -45.67
N1A NAD M . 7.67 5.42 -46.40
C2A NAD M . 8.89 5.33 -46.98
N3A NAD M . 9.55 6.41 -47.46
C4A NAD M . 9.02 7.67 -47.37
O3 NAD M . 14.93 14.31 -46.96
PN NAD M . 16.32 14.04 -46.18
O1N NAD M . 16.77 12.60 -46.38
O2N NAD M . 17.24 15.20 -46.47
O5D NAD M . 15.86 14.19 -44.66
C5D NAD M . 15.03 13.21 -44.04
C4D NAD M . 14.68 13.68 -42.63
O4D NAD M . 15.85 13.65 -41.82
C3D NAD M . 14.16 15.10 -42.60
O3D NAD M . 13.02 15.18 -41.75
C2D NAD M . 15.31 15.93 -42.06
O2D NAD M . 14.86 17.06 -41.31
C1D NAD M . 16.04 14.91 -41.17
N1N NAD M . 17.47 15.15 -40.87
C2N NAD M . 17.94 14.68 -39.68
C3N NAD M . 19.28 14.85 -39.30
C7N NAD M . 19.79 14.34 -37.98
O7N NAD M . 20.72 14.95 -37.45
N7N NAD M . 19.28 13.25 -37.41
C4N NAD M . 20.14 15.50 -40.17
C5N NAD M . 19.65 15.96 -41.38
C6N NAD M . 18.32 15.78 -41.72
N3 9W4 N . 20.20 18.50 -29.58
C4 9W4 N . 19.26 18.01 -28.64
C4 9W4 N . 19.22 18.05 -28.65
C5 9W4 N . 18.00 18.60 -28.44
C5 9W4 N . 19.61 17.26 -27.57
C6 9W4 N . 17.12 18.09 -27.53
C6 9W4 N . 18.70 16.82 -26.66
C7 9W4 N . 17.46 16.94 -26.76
C7 9W4 N . 17.33 17.16 -26.77
C15 9W4 N . 16.88 13.42 -22.01
C15 9W4 N . 11.54 16.87 -25.55
C17 9W4 N . 14.66 14.13 -22.74
C17 9W4 N . 12.81 15.74 -23.85
C20 9W4 N . 22.35 19.63 -31.24
C21 9W4 N . 23.35 20.03 -32.10
C22 9W4 N . 23.10 20.18 -33.47
O1 9W4 N . 18.82 18.93 -31.35
C2 9W4 N . 19.94 18.92 -30.86
N8 9W4 N . 16.73 16.31 -25.82
N8 9W4 N . 16.29 16.81 -25.97
C9 9W4 N . 17.24 15.26 -25.23
C9 9W4 N . 15.12 17.24 -26.29
S10 9W4 N . 18.85 14.97 -25.88
S10 9W4 N . 15.19 18.21 -27.75
C11 9W4 N . 18.72 16.35 -26.96
C11 9W4 N . 16.94 17.94 -27.84
C12 9W4 N . 19.61 16.88 -27.90
C12 9W4 N . 17.88 18.39 -28.77
N13 9W4 N . 16.62 14.50 -24.24
N13 9W4 N . 13.96 16.99 -25.58
C14 9W4 N . 17.53 14.31 -23.07
C14 9W4 N . 12.78 16.93 -26.44
O16 9W4 N . 15.59 13.94 -21.66
O16 9W4 N . 11.64 15.74 -24.68
C18 9W4 N . 15.28 15.01 -23.85
C18 9W4 N . 14.06 15.80 -24.73
C19 9W4 N . 21.06 19.37 -31.74
C23 9W4 N . 24.18 20.62 -34.44
N24 9W4 N . 25.50 20.06 -34.08
C25 9W4 N . 25.85 18.75 -34.23
O26 9W4 N . 25.19 17.84 -34.67
C27 9W4 N . 27.28 18.67 -33.72
N28 9W4 N . 27.61 20.04 -33.32
C29 9W4 N . 26.51 20.78 -33.56
O30 9W4 N . 26.45 21.98 -33.33
C31 9W4 N . 21.84 19.93 -33.97
C32 9W4 N . 20.82 19.52 -33.12
PA NAD O . -11.56 -24.94 17.33
O1A NAD O . -10.76 -23.76 17.82
O2A NAD O . -11.51 -26.25 18.09
O5B NAD O . -13.09 -24.47 17.20
C5B NAD O . -14.14 -25.30 16.74
C4B NAD O . -15.37 -24.93 17.56
O4B NAD O . -16.55 -25.53 17.04
C3B NAD O . -15.25 -25.39 19.01
O3B NAD O . -15.24 -24.26 19.88
C2B NAD O . -16.45 -26.28 19.25
O2B NAD O . -17.04 -26.06 20.54
C1B NAD O . -17.40 -25.91 18.12
N9A NAD O . -18.32 -26.99 17.69
C8A NAD O . -18.05 -28.30 17.48
N7A NAD O . -19.16 -28.98 17.08
C5A NAD O . -20.17 -28.10 17.01
C6A NAD O . -21.60 -28.14 16.65
N6A NAD O . -22.19 -29.30 16.28
N1A NAD O . -22.30 -26.98 16.71
C2A NAD O . -21.74 -25.80 17.10
N3A NAD O . -20.43 -25.70 17.43
C4A NAD O . -19.62 -26.79 17.41
O3 NAD O . -11.17 -25.26 15.79
PN NAD O . -10.74 -24.08 14.80
O1N NAD O . -11.75 -22.98 14.89
O2N NAD O . -9.27 -23.75 15.05
O5D NAD O . -10.89 -24.80 13.37
C5D NAD O . -12.19 -25.18 12.91
C4D NAD O . -12.08 -25.99 11.63
O4D NAD O . -11.58 -25.17 10.57
C3D NAD O . -11.13 -27.17 11.75
O3D NAD O . -11.67 -28.31 11.07
C2D NAD O . -9.86 -26.73 11.06
O2D NAD O . -9.14 -27.81 10.49
C1D NAD O . -10.41 -25.77 9.99
N1N NAD O . -9.52 -24.72 9.48
C2N NAD O . -9.83 -24.27 8.24
C3N NAD O . -9.10 -23.27 7.60
C7N NAD O . -9.46 -22.79 6.22
O7N NAD O . -8.60 -22.31 5.51
N7N NAD O . -10.71 -22.88 5.77
C4N NAD O . -8.02 -22.72 8.26
C5N NAD O . -7.69 -23.18 9.53
C6N NAD O . -8.46 -24.19 10.13
N3 9W4 P . -6.40 -26.11 -2.13
C4 9W4 P . -7.35 -26.78 -2.93
C4 9W4 P . -7.33 -26.94 -2.82
C5 9W4 P . -7.48 -28.18 -3.03
C5 9W4 P . -7.81 -26.57 -4.07
C6 9W4 P . -8.44 -28.73 -3.83
C6 9W4 P . -8.71 -27.35 -4.75
C7 9W4 P . -9.33 -27.91 -4.58
C7 9W4 P . -9.18 -28.58 -4.21
C15 9W4 P . -12.98 -26.98 -9.11
C15 9W4 P . -13.07 -32.25 -5.77
C17 9W4 P . -13.90 -28.86 -7.84
C17 9W4 P . -11.40 -33.86 -5.16
C20 9W4 P . -4.04 -24.66 -1.03
C21 9W4 P . -3.13 -23.83 -0.39
C22 9W4 P . -3.01 -23.85 1.01
O1 9W4 P . -6.06 -27.51 -0.35
C2 9W4 P . -5.82 -26.47 -0.94
N8 9W4 P . -10.33 -28.26 -5.41
N8 9W4 P . -10.05 -29.47 -4.72
C9 9W4 P . -11.02 -27.32 -5.98
C9 9W4 P . -10.32 -30.52 -4.02
S10 9W4 P . -10.42 -25.74 -5.48
S10 9W4 P . -9.43 -30.49 -2.50
C11 9W4 P . -9.20 -26.51 -4.48
C11 9W4 P . -8.70 -28.95 -2.96
C12 9W4 P . -8.21 -25.96 -3.65
C12 9W4 P . -7.79 -28.14 -2.29
N13 9W4 P . -12.08 -27.49 -6.87
N13 9W4 P . -11.18 -31.53 -4.39
C14 9W4 P . -11.73 -26.96 -8.21
C14 9W4 P . -12.11 -31.10 -5.44
O16 9W4 P . -13.53 -28.31 -9.11
O16 9W4 P . -12.31 -33.40 -6.16
C18 9W4 P . -12.68 -28.85 -6.90
C18 9W4 P . -10.43 -32.72 -4.82
C19 9W4 P . -4.84 -25.55 -0.29
C23 9W4 P . -2.04 -22.95 1.75
N24 9W4 P . -1.82 -21.68 1.05
C25 9W4 P . -2.71 -20.65 1.03
O26 9W4 P . -3.80 -20.60 1.57
C27 9W4 P . -2.07 -19.56 0.19
N28 9W4 P . -0.78 -20.13 -0.21
C29 9W4 P . -0.72 -21.37 0.34
O30 9W4 P . 0.25 -22.10 0.19
C31 9W4 P . -3.80 -24.73 1.76
C32 9W4 P . -4.71 -25.56 1.11
C1 EDO Q . -11.83 -26.69 -2.02
O1 EDO Q . -13.02 -25.91 -1.83
C2 EDO Q . -11.17 -27.03 -0.69
O2 EDO Q . -11.75 -28.16 -0.01
PA NAD R . 0.02 -11.13 31.58
O1A NAD R . -1.12 -11.72 30.77
O2A NAD R . 1.30 -11.90 31.77
O5B NAD R . 0.36 -9.68 30.98
C5B NAD R . 1.50 -8.91 31.36
C4B NAD R . 2.16 -8.44 30.07
O4B NAD R . 3.05 -7.35 30.34
C3B NAD R . 2.97 -9.55 29.40
O3B NAD R . 2.39 -9.88 28.13
C2B NAD R . 4.38 -8.99 29.27
O2B NAD R . 4.94 -9.23 27.98
C1B NAD R . 4.21 -7.49 29.51
N9A NAD R . 5.40 -6.86 30.13
C8A NAD R . 6.19 -7.34 31.13
N7A NAD R . 7.19 -6.46 31.41
C5A NAD R . 7.05 -5.40 30.59
C6A NAD R . 7.76 -4.12 30.37
N6A NAD R . 8.85 -3.79 31.10
N1A NAD R . 7.26 -3.28 29.43
C2A NAD R . 6.17 -3.59 28.69
N3A NAD R . 5.49 -4.74 28.84
C4A NAD R . 5.87 -5.66 29.77
O3 NAD R . -0.56 -10.71 33.02
PN NAD R . -2.00 -10.00 33.19
O1N NAD R . -2.21 -8.98 32.10
O2N NAD R . -3.05 -11.07 33.44
O5D NAD R . -1.78 -9.20 34.55
C5D NAD R . -0.86 -8.12 34.59
C4D NAD R . -0.81 -7.54 35.99
O4D NAD R . -2.11 -7.09 36.36
C3D NAD R . -0.40 -8.57 37.03
O3D NAD R . 0.52 -7.97 37.94
C2D NAD R . -1.70 -8.98 37.70
O2D NAD R . -1.55 -9.36 39.07
C1D NAD R . -2.53 -7.71 37.59
N1N NAD R . -4.01 -7.81 37.63
C2N NAD R . -4.67 -6.73 38.11
C3N NAD R . -6.06 -6.69 38.21
C7N NAD R . -6.79 -5.48 38.76
O7N NAD R . -7.92 -5.61 39.21
N7N NAD R . -6.23 -4.27 38.78
C4N NAD R . -6.77 -7.80 37.78
C5N NAD R . -6.10 -8.90 37.27
C6N NAD R . -4.70 -8.89 37.20
N3 9W4 S . -9.28 -3.27 47.57
N3 9W4 S . -9.30 -3.20 47.73
C4 9W4 S . -8.56 -2.20 48.15
C4 9W4 S . -8.63 -2.09 48.29
C5 9W4 S . -7.46 -2.46 48.96
C5 9W4 S . -9.22 -0.83 48.10
C6 9W4 S . -6.75 -1.45 49.55
C6 9W4 S . -8.66 0.31 48.59
C7 9W4 S . -7.12 -0.09 49.35
C7 9W4 S . -7.46 0.25 49.32
C15 9W4 S . -7.13 5.69 50.85
C15 9W4 S . -2.64 2.54 51.97
C17 9W4 S . -4.83 4.84 50.77
C17 9W4 S . -4.52 4.06 52.24
C20 9W4 S . -11.12 -5.42 46.93
C20 9W4 S . -11.16 -5.34 47.10
C21 9W4 S . -11.99 -6.32 46.35
C21 9W4 S . -12.04 -6.22 46.51
C22 9W4 S . -11.52 -7.32 45.52
C22 9W4 S . -11.57 -7.24 45.69
O1 9W4 S . -7.69 -4.87 47.67
O1 9W4 S . -7.72 -4.80 47.83
C2 9W4 S . -8.82 -4.53 47.35
C2 9W4 S . -8.85 -4.47 47.51
N8 9W4 S . -6.55 1.03 49.84
N8 9W4 S . -6.76 1.28 49.88
C9 9W4 S . -7.06 2.18 49.52
C9 9W4 S . -5.66 1.00 50.51
S10 9W4 S . -8.45 1.92 48.46
S10 9W4 S . -5.38 -0.74 50.45
C11 9W4 S . -8.23 0.17 48.53
C11 9W4 S . -6.85 -1.00 49.51
C12 9W4 S . -8.95 -0.87 47.94
C12 9W4 S . -7.43 -2.16 49.00
N13 9W4 S . -6.61 3.43 49.93
N13 9W4 S . -4.85 1.92 51.15
C14 9W4 S . -7.65 4.26 50.59
C14 9W4 S . -3.41 1.78 50.87
O16 9W4 S . -5.79 5.71 51.38
O16 9W4 S . -3.11 3.90 52.04
C18 9W4 S . -5.36 3.40 50.70
C18 9W4 S . -5.30 3.31 51.15
C19 9W4 S . -9.74 -5.52 46.71
C19 9W4 S . -9.78 -5.44 46.88
C23 9W4 S . -12.49 -8.28 44.88
C23 9W4 S . -12.54 -8.20 45.04
N24 9W4 S . -13.72 -7.58 44.48
N24 9W4 S . -13.77 -7.49 44.64
C25 9W4 S . -13.78 -6.66 43.50
C25 9W4 S . -13.83 -6.56 43.66
O26 9W4 S . -12.87 -6.27 42.81
O26 9W4 S . -12.91 -6.17 42.97
C27 9W4 S . -15.22 -6.19 43.43
C27 9W4 S . -15.27 -6.11 43.59
N28 9W4 S . -15.88 -6.98 44.48
N28 9W4 S . -15.94 -6.91 44.64
C29 9W4 S . -14.94 -7.76 45.04
C29 9W4 S . -14.99 -7.68 45.19
O30 9W4 S . -15.16 -8.53 45.94
O30 9W4 S . -15.20 -8.46 46.09
C31 9W4 S . -10.16 -7.43 45.27
C31 9W4 S . -10.20 -7.35 45.45
C32 9W4 S . -9.26 -6.54 45.86
C32 9W4 S . -9.31 -6.46 46.03
#